data_9LQ8
#
_entry.id   9LQ8
#
_cell.length_a   1.00
_cell.length_b   1.00
_cell.length_c   1.00
_cell.angle_alpha   90.00
_cell.angle_beta   90.00
_cell.angle_gamma   90.00
#
_symmetry.space_group_name_H-M   'P 1'
#
loop_
_entity.id
_entity.type
_entity.pdbx_description
1 polymer Cmr1
2 polymer 'CRISPR-associated protein Cmr3'
3 polymer 'Type III-B CRISPR module RAMP protein Cmr4'
4 polymer 'CRISPR type III-B/RAMP module-associated protein Cmr5'
5 polymer 'RAMP superfamily protein'
6 polymer CTR
7 polymer 'RNA (49-MER)'
8 polymer 'Type III-B CRISPR-associated protein Cas10/Cmr2'
9 non-polymer "ADENOSINE-5'-TRIPHOSPHATE"
10 non-polymer S-ADENOSYLMETHIONINE
11 non-polymer 'MANGANESE (II) ION'
#
loop_
_entity_poly.entity_id
_entity_poly.type
_entity_poly.pdbx_seq_one_letter_code
_entity_poly.pdbx_strand_id
1 'polypeptide(L)'
;MNQLTAILKQHTPMIHFQHNESGATLRASEVKPLLDKFILTKLGNGDIREGRLYAKKNNWLIDNEKNYALNYKLSISLQK
KSRLEYLITSSTFPLPTERPSNFFTIQNSPYFAQEKCVGINTNSTIILKKSNSDPRKKEAEFKEKNWSQIDKKGLEWQDF
TIKIFSLKGDLINKIQTYLPAFFICHNFGTRNNKGFGSFTVEYINNQKNICNVEDTLKENFAFVYKKKIALSRQSTLDFI
YIYNQIFSTIKKDYQILKSGYNFRNEYIKSLLFCYFVSKYPNYRWEKRKMKQLIKARGYELKGDHSPISGIRENDNSWND
PNPNGYNYAYIRAILGLAEQYEFQLETPYQKAIVKIKSANNCISRYKSPLLFKIINNSIYLVGNEINTEILNKPFQYSYI
EQTKNKNMRTGKSEITERTMHINEIEMNYKNRINYHYTPTSFSLIDFMQYAMSYKKNGKNILNYIPLKQ
;
A
2 'polypeptide(L)'
;MSHHHHHHHHDGKPIPNPLLGLDSTGSDQTENSGENLYFQGANAMNRHYLITLTPMDWFFFGGERTLDDGKSADYISHSN
KFPQQSALLGMIRYQLLKQHNLLSQFPYTENKPTEKEIMKTLIGEQSFRMTERKAKSLGLGVIKQISPLMLIECKDDTSS
RSIYFPLPLDDGYKVSFNETSNEDKVFYNGIECPIPNVYPASEEQDSGNQKRKFFDHKTYNNYLFWCTQGNNQIKKLLSD
EIWISKMQIGITKHVEEGEDNDKSFYKQEFLQLKKSFIYAFYITLSGESELSSDIIQLGGQRSVFRMEVESIEENSDIQE
KYQTAAQFLTQSDRLLILSPTYVDNLKELSALCNFMWSDSIVFRNIQTTNASNFYGKPIKSSSKYHFLKPGSVLYFKQGK
RKEVEKLLMDYTYLRLSGYNIYI
;
C
3 'polypeptide(L)'
;MTTRMYVINTLSNMHVGSGEVNYGVIANLIQRDSVTNLPNINSSGLKGAIREYFKENEDLVRELFGSAPRDEKTLPGKVR
FFEANLLSMPVRSDKVPFLMAISDEVLQELITKMKFFNCEEATQYISHLSTLLDNIKTQAQGTDFAYVFDPLLQGAIIEE
VSIRATCPSHIPLQPSLKKLLGDRLVILSHKYFSILSDDNHLPVLSRNNLENGQSANLWYEQVLPRYSRLYFMLMDGNAQ
SEYLKKFRDTLCTPSTIIQIGANASIGYGYCQISELSPF
;
D,E,F
4 'polypeptide(L)'
;MKISKKQIEYAIEALRANNIITNDNQYPKVFKGYISSFGAAVIQSGLIPAIIFFENEDNDANADRHKIIGVLKDIINAMR
QQYTVTDATILVSSQIPANYSMAQYIIEHGNTDQLLKEITEAAVAMKLALRMYKSE
;
G,H
5 'polypeptide(L)'
;MPKNYTLQNASNLGWLFYKDYYRQEPNVDFISTQGKESDTTADFFRKTNQRITAYQLNSESPLVAAFNNHFGTPLQLKTI
YPGLITGSGLPHQTGSKGEFKLGFQFDYTTGLPYIPGSSIKGTLRSMFPFSLKDKGSTKRILPEYRKERMEYIRDLIIEV
TNINEISDTEIQALEYAIFTNSTPSGKTIEFSLEEKDVFYDAFVADSKDGVMLSDDYITPHGENPLKDPKPILFLKIRPD
VTINFYFKLCTTHLYKEKVCSSKQIEEIKKQNDFSSSDYKMITAHQKRNLFEKILLCIGIGAKTNIGYGQLKKL
;
I
6 'polyribonucleotide' CACAAGGGACGCCACUUCAUGGAAAUAAAUCACUCACGAAUAGACACGA K
7 'polyribonucleotide' AUUAAGACAUUCGUGAGUGAUUUAUUUCCAUGAAGUGGCGUCCCUUGUG J
8 'polypeptide(L)'
;MKYIAITLGPITRTIEMAESTKELWAASYFFSYLAKKIVEPFVKKNRTFQLPLINEEMQKPHCGAGLFPDRYIFKSEPGD
LELLKQHSDQVLIEIAGHIASPSLPGTAKDVSQIYHYLKSYIKIYFIERTLESDDPHVVIPACEKYLNIIENQETFPEQE
ETMISHQKSDFLKFLITNVNGKIYRKDKNSIPRFTGSFLTRDAFGDMNGERLFESILEISASELNINIQQKALEVITANE
KNKGEKYSDQIWDAEEIILNDNKAQLRPYHKYIAIIKSDGDSMGETIKSMGAYNIPITQLSKALLSFNIESINEIVAYGG
KPIFIGGDDLLCFAPVCCNGNNVFNLVEKLSTCFDQCINQHLQQYINACSEAQRPLPSLSFGISITYHKYPMFEALHTTD
YLLEMVAKDNLFKYTLSNKNILNENMKRFILKNKLAFSLQKHSGQIYHTAMSKKGKSYVKFNMLLQKYILKNKDMSKTQE
SEKFLSSVIQMIRAHAEILQIILQNEDKRTEMLKNYFDNNFNESCHLGYTGLFEDIQTLLCLRYQENIQDYQNRNEIIQQ
NTILTSDEKEILIVSPAMDAIHTIFTALQFIHFINYNKDE
;
B
#
loop_
_chem_comp.id
_chem_comp.type
_chem_comp.name
_chem_comp.formula
A RNA linking ADENOSINE-5'-MONOPHOSPHATE 'C10 H14 N5 O7 P'
ATP non-polymer ADENOSINE-5'-TRIPHOSPHATE 'C10 H16 N5 O13 P3'
C RNA linking CYTIDINE-5'-MONOPHOSPHATE 'C9 H14 N3 O8 P'
G RNA linking GUANOSINE-5'-MONOPHOSPHATE 'C10 H14 N5 O8 P'
MN non-polymer 'MANGANESE (II) ION' 'Mn 2'
SAM non-polymer S-ADENOSYLMETHIONINE 'C15 H22 N6 O5 S'
U RNA linking URIDINE-5'-MONOPHOSPHATE 'C9 H13 N2 O9 P'
#
# COMPACT_ATOMS: atom_id res chain seq x y z
N MET A 1 -44.22 -28.77 -22.16
CA MET A 1 -43.67 -27.97 -23.24
C MET A 1 -43.48 -26.53 -22.79
N ASN A 2 -42.49 -25.85 -23.37
CA ASN A 2 -42.19 -24.48 -23.02
C ASN A 2 -42.66 -23.47 -24.05
N GLN A 3 -43.23 -23.92 -25.16
CA GLN A 3 -43.65 -23.01 -26.23
C GLN A 3 -45.10 -23.28 -26.61
N LEU A 4 -45.83 -22.20 -26.92
CA LEU A 4 -47.18 -22.28 -27.43
C LEU A 4 -47.24 -21.50 -28.74
N THR A 5 -47.54 -22.21 -29.83
CA THR A 5 -47.51 -21.63 -31.18
C THR A 5 -48.91 -21.75 -31.77
N ALA A 6 -49.72 -20.71 -31.57
CA ALA A 6 -51.13 -20.74 -31.94
C ALA A 6 -51.35 -20.01 -33.26
N ILE A 7 -52.28 -20.55 -34.06
CA ILE A 7 -52.69 -19.95 -35.32
C ILE A 7 -54.12 -19.45 -35.16
N LEU A 8 -54.33 -18.16 -35.43
CA LEU A 8 -55.61 -17.52 -35.14
C LEU A 8 -56.16 -16.88 -36.40
N LYS A 9 -57.49 -16.80 -36.44
CA LYS A 9 -58.22 -16.33 -37.61
C LYS A 9 -58.76 -14.92 -37.36
N GLN A 10 -58.75 -14.11 -38.41
CA GLN A 10 -59.28 -12.75 -38.36
C GLN A 10 -60.73 -12.75 -38.84
N HIS A 11 -61.63 -12.19 -38.03
CA HIS A 11 -63.03 -12.11 -38.38
C HIS A 11 -63.45 -10.73 -38.86
N THR A 12 -63.00 -9.67 -38.20
CA THR A 12 -63.26 -8.30 -38.60
C THR A 12 -61.94 -7.54 -38.72
N PRO A 13 -61.87 -6.55 -39.61
CA PRO A 13 -60.60 -5.86 -39.83
C PRO A 13 -60.13 -5.11 -38.60
N MET A 14 -58.81 -5.01 -38.47
CA MET A 14 -58.18 -4.29 -37.37
C MET A 14 -57.73 -2.92 -37.84
N ILE A 15 -58.06 -1.89 -37.07
CA ILE A 15 -57.57 -0.55 -37.33
C ILE A 15 -56.19 -0.42 -36.70
N HIS A 16 -55.18 -0.17 -37.53
CA HIS A 16 -53.79 -0.17 -37.10
C HIS A 16 -53.13 1.17 -37.40
N PHE A 17 -52.53 1.76 -36.37
CA PHE A 17 -51.85 3.04 -36.56
C PHE A 17 -50.50 2.89 -37.24
N GLN A 18 -49.78 1.78 -36.99
CA GLN A 18 -48.52 1.50 -37.64
C GLN A 18 -48.71 0.54 -38.82
N HIS A 19 -49.46 1.00 -39.81
CA HIS A 19 -49.76 0.20 -40.99
C HIS A 19 -48.74 0.33 -42.10
N ASN A 20 -47.76 1.23 -41.96
CA ASN A 20 -46.81 1.47 -43.05
C ASN A 20 -45.86 0.31 -43.26
N GLU A 21 -45.76 -0.60 -42.29
CA GLU A 21 -44.96 -1.81 -42.45
C GLU A 21 -45.81 -2.93 -43.03
N SER A 22 -45.25 -3.68 -43.97
CA SER A 22 -45.95 -4.83 -44.53
C SER A 22 -46.13 -5.94 -43.51
N GLY A 23 -45.32 -5.95 -42.45
CA GLY A 23 -45.43 -6.90 -41.37
C GLY A 23 -46.38 -6.50 -40.27
N ALA A 24 -47.23 -5.51 -40.53
CA ALA A 24 -48.16 -5.05 -39.50
C ALA A 24 -49.17 -6.13 -39.16
N THR A 25 -49.30 -6.44 -37.88
CA THR A 25 -50.21 -7.47 -37.41
C THR A 25 -50.66 -7.09 -36.01
N LEU A 26 -51.22 -8.06 -35.29
CA LEU A 26 -51.65 -7.83 -33.92
C LEU A 26 -50.47 -7.40 -33.05
N ARG A 27 -50.66 -6.33 -32.30
CA ARG A 27 -49.63 -5.84 -31.39
C ARG A 27 -49.77 -6.56 -30.06
N ALA A 28 -48.69 -7.22 -29.62
CA ALA A 28 -48.73 -7.88 -28.32
C ALA A 28 -48.75 -6.90 -27.17
N SER A 29 -48.54 -5.61 -27.43
CA SER A 29 -48.65 -4.61 -26.37
C SER A 29 -50.07 -4.50 -25.85
N GLU A 30 -51.06 -4.84 -26.67
CA GLU A 30 -52.43 -4.93 -26.22
C GLU A 30 -52.76 -6.32 -25.68
N VAL A 31 -52.23 -7.36 -26.32
CA VAL A 31 -52.60 -8.72 -25.97
C VAL A 31 -52.06 -9.10 -24.59
N LYS A 32 -50.77 -8.86 -24.36
CA LYS A 32 -50.14 -9.37 -23.14
C LYS A 32 -50.75 -8.80 -21.86
N PRO A 33 -50.94 -7.49 -21.69
CA PRO A 33 -51.57 -7.01 -20.45
C PRO A 33 -52.99 -7.49 -20.28
N LEU A 34 -53.80 -7.43 -21.34
CA LEU A 34 -55.18 -7.89 -21.25
C LEU A 34 -55.23 -9.38 -21.00
N LEU A 35 -54.35 -10.15 -21.64
CA LEU A 35 -54.31 -11.59 -21.39
C LEU A 35 -53.90 -11.89 -19.96
N ASP A 36 -52.95 -11.13 -19.41
CA ASP A 36 -52.56 -11.32 -18.02
C ASP A 36 -53.73 -11.04 -17.08
N LYS A 37 -54.45 -9.94 -17.33
CA LYS A 37 -55.60 -9.60 -16.51
C LYS A 37 -56.66 -10.70 -16.58
N PHE A 38 -56.95 -11.17 -17.81
CA PHE A 38 -57.94 -12.23 -18.00
C PHE A 38 -57.51 -13.51 -17.30
N ILE A 39 -56.24 -13.89 -17.44
CA ILE A 39 -55.76 -15.13 -16.85
C ILE A 39 -55.84 -15.08 -15.34
N LEU A 40 -55.42 -13.96 -14.74
CA LEU A 40 -55.52 -13.84 -13.29
C LEU A 40 -56.97 -13.79 -12.82
N THR A 41 -57.86 -13.17 -13.61
CA THR A 41 -59.27 -13.17 -13.25
C THR A 41 -59.85 -14.59 -13.26
N LYS A 42 -59.45 -15.39 -14.25
CA LYS A 42 -59.90 -16.78 -14.28
C LYS A 42 -59.28 -17.60 -13.16
N LEU A 43 -58.03 -17.29 -12.78
CA LEU A 43 -57.37 -18.05 -11.73
C LEU A 43 -58.09 -17.90 -10.40
N GLY A 44 -58.51 -16.68 -10.07
CA GLY A 44 -59.23 -16.42 -8.84
C GLY A 44 -60.71 -16.73 -8.90
N ASN A 45 -61.17 -17.37 -9.98
CA ASN A 45 -62.58 -17.68 -10.18
C ASN A 45 -63.43 -16.41 -10.14
N GLY A 46 -63.06 -15.44 -10.98
CA GLY A 46 -63.78 -14.20 -11.09
C GLY A 46 -63.16 -13.01 -10.38
N ASP A 47 -62.24 -13.25 -9.45
CA ASP A 47 -61.62 -12.18 -8.68
C ASP A 47 -60.16 -12.03 -9.09
N ILE A 48 -59.76 -10.78 -9.36
CA ILE A 48 -58.40 -10.52 -9.80
C ILE A 48 -57.41 -10.70 -8.65
N ARG A 49 -57.80 -10.29 -7.44
CA ARG A 49 -56.89 -10.39 -6.29
C ARG A 49 -56.59 -11.85 -5.95
N GLU A 50 -57.62 -12.70 -5.95
CA GLU A 50 -57.40 -14.12 -5.66
C GLU A 50 -56.50 -14.76 -6.71
N GLY A 51 -56.71 -14.42 -7.98
CA GLY A 51 -55.81 -14.92 -9.01
C GLY A 51 -54.39 -14.41 -8.84
N ARG A 52 -54.24 -13.17 -8.37
CA ARG A 52 -52.90 -12.65 -8.12
C ARG A 52 -52.22 -13.42 -7.00
N LEU A 53 -52.96 -13.74 -5.94
CA LEU A 53 -52.40 -14.61 -4.89
C LEU A 53 -52.06 -15.99 -5.43
N TYR A 54 -52.90 -16.53 -6.33
CA TYR A 54 -52.62 -17.81 -6.95
C TYR A 54 -51.30 -17.77 -7.72
N ALA A 55 -51.14 -16.77 -8.58
CA ALA A 55 -49.89 -16.63 -9.33
C ALA A 55 -48.71 -16.33 -8.41
N LYS A 56 -48.96 -15.66 -7.30
CA LYS A 56 -47.92 -15.39 -6.30
C LYS A 56 -47.43 -16.68 -5.68
N LYS A 57 -48.34 -17.61 -5.36
CA LYS A 57 -47.95 -18.87 -4.76
C LYS A 57 -47.19 -19.76 -5.74
N ASN A 58 -47.59 -19.76 -7.01
CA ASN A 58 -46.99 -20.61 -8.02
C ASN A 58 -45.79 -19.98 -8.71
N ASN A 59 -45.39 -18.77 -8.30
CA ASN A 59 -44.21 -18.08 -8.81
C ASN A 59 -44.34 -17.71 -10.29
N TRP A 60 -45.55 -17.41 -10.73
CA TRP A 60 -45.80 -17.03 -12.13
C TRP A 60 -45.70 -15.53 -12.37
N LEU A 61 -45.46 -14.74 -11.33
CA LEU A 61 -45.46 -13.29 -11.44
C LEU A 61 -44.04 -12.78 -11.65
N ILE A 62 -43.91 -11.77 -12.51
CA ILE A 62 -42.62 -11.07 -12.65
C ILE A 62 -42.26 -10.38 -11.35
N ASP A 63 -43.24 -9.75 -10.71
CA ASP A 63 -43.08 -9.10 -9.42
C ASP A 63 -44.22 -9.52 -8.51
N ASN A 64 -43.90 -9.83 -7.25
CA ASN A 64 -44.89 -10.33 -6.31
C ASN A 64 -45.54 -9.24 -5.47
N GLU A 65 -45.21 -7.98 -5.71
CA GLU A 65 -45.73 -6.90 -4.87
C GLU A 65 -46.34 -5.75 -5.65
N LYS A 66 -45.89 -5.48 -6.88
CA LYS A 66 -46.26 -4.25 -7.57
C LYS A 66 -47.36 -4.44 -8.61
N ASN A 67 -47.15 -5.29 -9.60
CA ASN A 67 -47.95 -5.25 -10.82
C ASN A 67 -48.63 -6.60 -11.09
N TYR A 68 -49.44 -6.61 -12.15
CA TYR A 68 -50.23 -7.75 -12.56
C TYR A 68 -49.53 -8.65 -13.57
N ALA A 69 -48.33 -8.28 -14.02
CA ALA A 69 -47.72 -8.94 -15.16
C ALA A 69 -47.31 -10.38 -14.83
N LEU A 70 -47.54 -11.27 -15.80
CA LEU A 70 -47.11 -12.66 -15.70
C LEU A 70 -45.85 -12.87 -16.52
N ASN A 71 -45.08 -13.89 -16.15
CA ASN A 71 -43.78 -14.16 -16.77
C ASN A 71 -43.98 -15.08 -17.96
N TYR A 72 -44.08 -14.49 -19.15
CA TYR A 72 -44.01 -15.22 -20.40
C TYR A 72 -43.71 -14.23 -21.52
N LYS A 73 -43.36 -14.78 -22.69
CA LYS A 73 -42.98 -13.97 -23.84
C LYS A 73 -44.03 -14.11 -24.93
N LEU A 74 -44.55 -12.98 -25.39
CA LEU A 74 -45.58 -12.94 -26.43
C LEU A 74 -44.98 -12.46 -27.74
N SER A 75 -45.22 -13.19 -28.81
CA SER A 75 -44.76 -12.81 -30.15
C SER A 75 -45.86 -13.09 -31.15
N ILE A 76 -46.14 -12.10 -32.00
CA ILE A 76 -47.18 -12.20 -33.02
C ILE A 76 -46.54 -11.85 -34.35
N SER A 77 -46.52 -12.81 -35.27
CA SER A 77 -45.88 -12.64 -36.56
C SER A 77 -46.81 -13.07 -37.69
N LEU A 78 -46.68 -12.39 -38.83
CA LEU A 78 -47.47 -12.71 -40.01
C LEU A 78 -46.81 -13.86 -40.76
N GLN A 79 -47.62 -14.83 -41.18
CA GLN A 79 -47.10 -15.91 -42.00
C GLN A 79 -47.04 -15.50 -43.47
N LYS A 80 -48.19 -15.11 -44.02
CA LYS A 80 -48.28 -14.55 -45.37
C LYS A 80 -48.50 -13.05 -45.25
N LYS A 81 -47.70 -12.27 -45.99
CA LYS A 81 -47.64 -10.83 -45.82
C LYS A 81 -48.73 -10.07 -46.55
N SER A 82 -49.57 -10.76 -47.32
CA SER A 82 -50.62 -10.07 -48.06
C SER A 82 -51.66 -9.51 -47.11
N ARG A 83 -52.02 -8.25 -47.29
CA ARG A 83 -52.98 -7.57 -46.43
C ARG A 83 -54.10 -6.99 -47.27
N LEU A 84 -55.32 -7.07 -46.75
CA LEU A 84 -56.47 -6.39 -47.32
C LEU A 84 -56.70 -5.13 -46.51
N GLU A 85 -56.43 -3.98 -47.12
CA GLU A 85 -56.46 -2.70 -46.44
C GLU A 85 -57.80 -2.02 -46.65
N TYR A 86 -58.41 -1.55 -45.58
CA TYR A 86 -59.74 -0.97 -45.61
C TYR A 86 -59.69 0.50 -45.23
N LEU A 87 -60.58 1.28 -45.83
CA LEU A 87 -60.83 2.65 -45.41
C LEU A 87 -62.10 2.66 -44.56
N ILE A 88 -62.02 3.24 -43.38
CA ILE A 88 -63.10 3.21 -42.41
C ILE A 88 -63.54 4.64 -42.15
N THR A 89 -64.82 4.92 -42.39
CA THR A 89 -65.38 6.25 -42.18
C THR A 89 -66.71 6.16 -41.45
N SER A 90 -67.44 7.27 -41.40
CA SER A 90 -68.76 7.28 -40.78
C SER A 90 -69.91 7.49 -41.77
N SER A 91 -69.62 8.00 -42.97
CA SER A 91 -70.64 8.26 -43.97
C SER A 91 -70.38 7.39 -45.20
N THR A 92 -71.36 7.36 -46.10
CA THR A 92 -71.31 6.57 -47.32
C THR A 92 -71.04 7.50 -48.50
N PHE A 93 -70.09 7.14 -49.33
CA PHE A 93 -69.64 7.96 -50.45
C PHE A 93 -69.53 7.11 -51.70
N PRO A 94 -69.59 7.72 -52.88
CA PRO A 94 -69.41 6.96 -54.12
C PRO A 94 -68.04 6.31 -54.18
N LEU A 95 -68.01 5.08 -54.67
CA LEU A 95 -66.77 4.32 -54.76
C LEU A 95 -65.92 4.82 -55.93
N PRO A 96 -64.59 4.78 -55.80
CA PRO A 96 -63.74 5.12 -56.94
C PRO A 96 -63.81 4.06 -58.03
N THR A 97 -63.50 4.49 -59.25
CA THR A 97 -63.42 3.56 -60.37
C THR A 97 -62.01 2.98 -60.51
N GLU A 98 -60.99 3.82 -60.49
CA GLU A 98 -59.61 3.35 -60.41
C GLU A 98 -59.29 3.08 -58.94
N ARG A 99 -58.88 1.85 -58.65
CA ARG A 99 -58.79 1.42 -57.26
C ARG A 99 -57.90 0.20 -57.13
N PRO A 100 -56.90 0.21 -56.24
CA PRO A 100 -56.08 -0.99 -56.03
C PRO A 100 -56.94 -2.13 -55.48
N SER A 101 -56.51 -3.35 -55.78
CA SER A 101 -57.28 -4.53 -55.37
C SER A 101 -57.34 -4.66 -53.85
N ASN A 102 -56.28 -4.26 -53.15
CA ASN A 102 -56.26 -4.35 -51.70
C ASN A 102 -57.23 -3.41 -51.03
N PHE A 103 -57.68 -2.37 -51.74
CA PHE A 103 -58.46 -1.29 -51.14
C PHE A 103 -59.94 -1.62 -51.18
N PHE A 104 -60.58 -1.65 -50.02
CA PHE A 104 -62.02 -1.74 -49.90
C PHE A 104 -62.50 -0.72 -48.87
N THR A 105 -63.77 -0.34 -48.98
CA THR A 105 -64.32 0.74 -48.17
C THR A 105 -65.43 0.18 -47.27
N ILE A 106 -65.24 0.33 -45.97
CA ILE A 106 -66.33 0.14 -45.01
C ILE A 106 -66.80 1.53 -44.60
N GLN A 107 -67.77 2.06 -45.34
CA GLN A 107 -68.11 3.47 -45.25
C GLN A 107 -68.96 3.78 -44.03
N ASN A 108 -70.06 3.05 -43.84
CA ASN A 108 -70.95 3.31 -42.71
C ASN A 108 -70.52 2.42 -41.55
N SER A 109 -69.65 2.95 -40.71
CA SER A 109 -69.06 2.23 -39.60
C SER A 109 -69.18 3.04 -38.32
N PRO A 110 -69.15 2.38 -37.16
CA PRO A 110 -69.07 3.14 -35.90
C PRO A 110 -67.84 4.01 -35.79
N TYR A 111 -66.71 3.58 -36.36
CA TYR A 111 -65.48 4.36 -36.30
C TYR A 111 -65.66 5.64 -37.12
N PHE A 112 -65.83 6.76 -36.42
CA PHE A 112 -66.10 8.04 -37.06
C PHE A 112 -64.87 8.93 -37.15
N ALA A 113 -63.71 8.47 -36.67
CA ALA A 113 -62.49 9.24 -36.82
C ALA A 113 -62.03 9.22 -38.28
N GLN A 114 -61.19 10.20 -38.61
CA GLN A 114 -60.66 10.36 -39.97
C GLN A 114 -61.78 10.48 -40.99
N GLU A 115 -62.85 11.19 -40.62
CA GLU A 115 -63.96 11.40 -41.54
C GLU A 115 -63.63 12.40 -42.63
N LYS A 116 -62.59 13.21 -42.44
CA LYS A 116 -62.24 14.27 -43.38
C LYS A 116 -61.42 13.78 -44.56
N CYS A 117 -61.01 12.52 -44.57
CA CYS A 117 -60.25 11.97 -45.68
C CYS A 117 -61.12 11.59 -46.86
N VAL A 118 -62.43 11.80 -46.77
CA VAL A 118 -63.34 11.55 -47.88
C VAL A 118 -64.02 12.88 -48.17
N GLY A 119 -63.28 13.97 -47.94
CA GLY A 119 -63.76 15.29 -48.24
C GLY A 119 -63.21 15.82 -49.56
N ILE A 120 -63.49 17.09 -49.82
CA ILE A 120 -62.94 17.77 -51.00
C ILE A 120 -61.56 18.33 -50.76
N ASN A 121 -61.01 18.16 -49.56
CA ASN A 121 -59.69 18.68 -49.25
C ASN A 121 -58.63 17.96 -50.06
N THR A 122 -57.54 18.68 -50.33
CA THR A 122 -56.42 18.09 -51.07
C THR A 122 -55.68 17.05 -50.25
N ASN A 123 -55.92 16.97 -48.94
CA ASN A 123 -55.34 15.95 -48.09
C ASN A 123 -56.26 14.76 -47.89
N SER A 124 -57.39 14.71 -48.61
CA SER A 124 -58.32 13.60 -48.49
C SER A 124 -57.88 12.44 -49.38
N THR A 125 -57.95 11.23 -48.82
CA THR A 125 -57.53 10.05 -49.57
C THR A 125 -58.35 9.89 -50.85
N ILE A 126 -59.67 9.94 -50.72
CA ILE A 126 -60.57 9.92 -51.86
C ILE A 126 -61.13 11.33 -52.03
N ILE A 127 -60.68 12.02 -53.06
CA ILE A 127 -61.11 13.39 -53.30
C ILE A 127 -62.45 13.36 -54.04
N LEU A 128 -63.45 13.98 -53.45
CA LEU A 128 -64.77 14.04 -54.08
C LEU A 128 -64.78 15.10 -55.16
N LYS A 129 -65.55 14.86 -56.22
CA LYS A 129 -65.56 15.74 -57.38
C LYS A 129 -66.95 15.78 -57.98
N LYS A 130 -67.32 16.95 -58.50
CA LYS A 130 -68.59 17.11 -59.18
C LYS A 130 -68.64 16.27 -60.44
N SER A 131 -69.83 15.76 -60.75
CA SER A 131 -70.06 15.00 -61.97
C SER A 131 -70.50 15.93 -63.08
N ASN A 132 -70.13 15.57 -64.31
CA ASN A 132 -70.39 16.42 -65.47
C ASN A 132 -71.76 16.13 -66.10
N SER A 133 -72.09 14.84 -66.29
CA SER A 133 -73.37 14.50 -66.88
C SER A 133 -74.54 14.96 -65.99
N ASP A 134 -74.39 14.80 -64.68
CA ASP A 134 -75.40 15.18 -63.72
C ASP A 134 -74.75 16.12 -62.69
N PRO A 135 -75.33 17.29 -62.43
CA PRO A 135 -74.77 18.14 -61.36
C PRO A 135 -75.15 17.64 -59.98
N ARG A 136 -75.10 16.32 -59.81
CA ARG A 136 -75.23 15.61 -58.56
C ARG A 136 -74.38 14.35 -58.69
N LYS A 137 -74.59 13.39 -57.78
CA LYS A 137 -73.95 12.08 -57.88
C LYS A 137 -72.42 12.23 -57.96
N LYS A 138 -71.87 12.70 -56.84
CA LYS A 138 -70.47 13.08 -56.75
C LYS A 138 -69.56 12.01 -57.34
N GLU A 139 -68.46 12.45 -57.93
CA GLU A 139 -67.45 11.56 -58.48
C GLU A 139 -66.36 11.30 -57.45
N ALA A 140 -65.65 10.19 -57.62
CA ALA A 140 -64.63 9.77 -56.69
C ALA A 140 -63.29 9.60 -57.39
N GLU A 141 -62.23 10.07 -56.76
CA GLU A 141 -60.88 9.94 -57.26
C GLU A 141 -59.97 9.46 -56.13
N PHE A 142 -58.94 8.70 -56.50
CA PHE A 142 -58.05 8.09 -55.53
C PHE A 142 -56.66 8.72 -55.61
N LYS A 143 -56.13 9.14 -54.47
CA LYS A 143 -54.79 9.70 -54.37
C LYS A 143 -53.89 8.70 -53.65
N GLU A 144 -52.83 8.26 -54.31
CA GLU A 144 -51.96 7.23 -53.75
C GLU A 144 -51.22 7.74 -52.52
N LYS A 145 -50.65 8.94 -52.60
CA LYS A 145 -49.91 9.49 -51.47
C LYS A 145 -50.82 9.72 -50.27
N ASN A 146 -52.03 10.22 -50.52
CA ASN A 146 -52.96 10.47 -49.43
C ASN A 146 -53.36 9.17 -48.73
N TRP A 147 -53.58 8.10 -49.51
CA TRP A 147 -53.83 6.80 -48.91
C TRP A 147 -52.59 6.26 -48.19
N SER A 148 -51.41 6.66 -48.62
CA SER A 148 -50.19 6.24 -47.94
C SER A 148 -49.96 7.01 -46.64
N GLN A 149 -50.41 8.26 -46.57
CA GLN A 149 -50.19 9.11 -45.42
C GLN A 149 -51.33 9.06 -44.40
N ILE A 150 -52.31 8.16 -44.59
CA ILE A 150 -53.41 8.06 -43.65
C ILE A 150 -52.89 7.62 -42.28
N ASP A 151 -53.50 8.14 -41.23
CA ASP A 151 -53.08 7.79 -39.88
C ASP A 151 -53.40 6.34 -39.55
N LYS A 152 -54.63 5.91 -39.83
CA LYS A 152 -55.08 4.57 -39.45
C LYS A 152 -55.74 3.89 -40.64
N LYS A 153 -55.41 2.62 -40.83
CA LYS A 153 -56.00 1.78 -41.87
C LYS A 153 -56.67 0.58 -41.23
N GLY A 154 -57.78 0.14 -41.81
CA GLY A 154 -58.37 -1.12 -41.41
C GLY A 154 -57.73 -2.26 -42.18
N LEU A 155 -57.10 -3.20 -41.47
CA LEU A 155 -56.33 -4.26 -42.09
C LEU A 155 -56.95 -5.61 -41.80
N GLU A 156 -56.97 -6.47 -42.82
CA GLU A 156 -57.32 -7.88 -42.68
C GLU A 156 -56.21 -8.71 -43.30
N TRP A 157 -55.69 -9.67 -42.53
CA TRP A 157 -54.66 -10.57 -43.01
C TRP A 157 -55.16 -12.01 -42.95
N GLN A 158 -54.38 -12.91 -43.52
CA GLN A 158 -54.69 -14.33 -43.49
C GLN A 158 -54.35 -14.89 -42.12
N ASP A 159 -54.39 -16.21 -41.98
CA ASP A 159 -54.03 -16.83 -40.72
C ASP A 159 -52.58 -16.52 -40.38
N PHE A 160 -52.35 -16.09 -39.15
CA PHE A 160 -51.01 -15.75 -38.68
C PHE A 160 -50.78 -16.41 -37.33
N THR A 161 -49.61 -16.13 -36.75
CA THR A 161 -49.13 -16.86 -35.59
C THR A 161 -49.04 -15.94 -34.38
N ILE A 162 -49.45 -16.47 -33.23
CA ILE A 162 -49.15 -15.89 -31.93
C ILE A 162 -48.35 -16.92 -31.15
N LYS A 163 -47.15 -16.54 -30.74
CA LYS A 163 -46.23 -17.46 -30.08
C LYS A 163 -46.07 -17.06 -28.62
N ILE A 164 -46.29 -18.01 -27.72
CA ILE A 164 -46.17 -17.79 -26.29
C ILE A 164 -45.05 -18.66 -25.77
N PHE A 165 -44.04 -18.04 -25.16
CA PHE A 165 -42.90 -18.73 -24.61
C PHE A 165 -42.81 -18.48 -23.11
N SER A 166 -42.53 -19.55 -22.37
CA SER A 166 -42.29 -19.46 -20.94
C SER A 166 -41.54 -20.70 -20.52
N LEU A 167 -40.75 -20.58 -19.46
CA LEU A 167 -40.06 -21.72 -18.88
C LEU A 167 -40.86 -22.38 -17.77
N LYS A 168 -42.06 -21.88 -17.48
CA LYS A 168 -42.93 -22.43 -16.46
C LYS A 168 -44.05 -23.21 -17.16
N GLY A 169 -44.01 -24.53 -17.04
CA GLY A 169 -44.93 -25.37 -17.80
C GLY A 169 -46.38 -25.23 -17.39
N ASP A 170 -46.63 -25.09 -16.08
CA ASP A 170 -48.01 -25.00 -15.62
C ASP A 170 -48.69 -23.74 -16.14
N LEU A 171 -47.96 -22.63 -16.17
CA LEU A 171 -48.49 -21.42 -16.77
C LEU A 171 -48.84 -21.65 -18.24
N ILE A 172 -48.02 -22.42 -18.95
CA ILE A 172 -48.30 -22.70 -20.36
C ILE A 172 -49.55 -23.55 -20.49
N ASN A 173 -49.73 -24.52 -19.60
CA ASN A 173 -50.96 -25.34 -19.65
C ASN A 173 -52.20 -24.49 -19.40
N LYS A 174 -52.14 -23.60 -18.41
CA LYS A 174 -53.29 -22.75 -18.13
C LYS A 174 -53.53 -21.75 -19.26
N ILE A 175 -52.46 -21.26 -19.88
CA ILE A 175 -52.58 -20.39 -21.05
C ILE A 175 -53.25 -21.13 -22.19
N GLN A 176 -52.87 -22.38 -22.41
CA GLN A 176 -53.53 -23.19 -23.44
C GLN A 176 -55.01 -23.35 -23.13
N THR A 177 -55.34 -23.55 -21.85
CA THR A 177 -56.74 -23.70 -21.48
C THR A 177 -57.54 -22.41 -21.72
N TYR A 178 -56.96 -21.25 -21.39
CA TYR A 178 -57.72 -20.01 -21.35
C TYR A 178 -57.56 -19.11 -22.58
N LEU A 179 -56.64 -19.42 -23.48
CA LEU A 179 -56.42 -18.55 -24.64
C LEU A 179 -57.64 -18.44 -25.55
N PRO A 180 -58.30 -19.53 -25.94
CA PRO A 180 -59.52 -19.36 -26.76
C PRO A 180 -60.56 -18.48 -26.11
N ALA A 181 -60.77 -18.63 -24.80
CA ALA A 181 -61.73 -17.77 -24.11
C ALA A 181 -61.26 -16.32 -24.12
N PHE A 182 -59.96 -16.09 -23.95
CA PHE A 182 -59.43 -14.73 -23.98
C PHE A 182 -59.71 -14.07 -25.33
N PHE A 183 -59.38 -14.76 -26.43
CA PHE A 183 -59.59 -14.15 -27.73
C PHE A 183 -61.06 -14.04 -28.08
N ILE A 184 -61.91 -14.96 -27.61
CA ILE A 184 -63.33 -14.87 -27.86
C ILE A 184 -63.97 -13.75 -27.05
N CYS A 185 -63.33 -13.34 -25.95
CA CYS A 185 -63.89 -12.32 -25.07
C CYS A 185 -63.38 -10.91 -25.33
N HIS A 186 -62.15 -10.76 -25.84
CA HIS A 186 -61.52 -9.46 -25.96
C HIS A 186 -61.33 -9.07 -27.43
N ASN A 187 -61.42 -7.77 -27.68
CA ASN A 187 -61.15 -7.19 -28.99
C ASN A 187 -59.94 -6.26 -28.89
N PHE A 188 -59.20 -6.16 -29.99
CA PHE A 188 -57.95 -5.41 -30.00
C PHE A 188 -57.92 -4.46 -31.18
N GLY A 189 -57.61 -3.20 -30.91
CA GLY A 189 -57.52 -2.18 -31.94
C GLY A 189 -58.06 -0.87 -31.43
N THR A 190 -58.27 0.05 -32.36
CA THR A 190 -58.89 1.34 -32.06
C THR A 190 -60.39 1.22 -32.30
N ARG A 191 -61.17 1.70 -31.34
CA ARG A 191 -62.62 1.46 -31.32
C ARG A 191 -62.92 -0.03 -31.36
N ASN A 192 -62.11 -0.80 -30.64
CA ASN A 192 -62.25 -2.26 -30.66
C ASN A 192 -63.55 -2.72 -30.01
N ASN A 193 -64.13 -1.90 -29.13
CA ASN A 193 -65.39 -2.29 -28.49
C ASN A 193 -66.52 -2.39 -29.52
N LYS A 194 -66.42 -1.65 -30.62
CA LYS A 194 -67.43 -1.69 -31.66
C LYS A 194 -67.19 -2.78 -32.69
N GLY A 195 -66.11 -3.54 -32.57
CA GLY A 195 -65.96 -4.75 -33.36
C GLY A 195 -64.74 -4.85 -34.23
N PHE A 196 -63.84 -3.87 -34.20
CA PHE A 196 -62.65 -3.95 -35.03
C PHE A 196 -61.49 -4.62 -34.28
N GLY A 197 -61.79 -5.76 -33.65
CA GLY A 197 -60.77 -6.52 -32.96
C GLY A 197 -61.04 -8.01 -32.94
N SER A 198 -62.01 -8.47 -33.73
CA SER A 198 -62.52 -9.82 -33.57
C SER A 198 -61.52 -10.84 -34.09
N PHE A 199 -61.08 -11.73 -33.21
CA PHE A 199 -60.21 -12.84 -33.57
C PHE A 199 -60.71 -14.12 -32.92
N THR A 200 -60.40 -15.24 -33.57
CA THR A 200 -60.59 -16.57 -33.00
C THR A 200 -59.35 -17.40 -33.28
N VAL A 201 -59.06 -18.32 -32.37
CA VAL A 201 -57.89 -19.18 -32.47
C VAL A 201 -58.32 -20.52 -33.07
N GLU A 202 -57.59 -20.98 -34.08
CA GLU A 202 -57.91 -22.21 -34.79
C GLU A 202 -57.05 -23.39 -34.35
N TYR A 203 -55.74 -23.24 -34.36
CA TYR A 203 -54.81 -24.30 -33.99
C TYR A 203 -53.93 -23.82 -32.85
N ILE A 204 -53.89 -24.60 -31.78
CA ILE A 204 -53.17 -24.16 -30.57
C ILE A 204 -51.71 -24.61 -30.62
N ASN A 205 -51.50 -25.91 -30.73
CA ASN A 205 -50.16 -26.47 -30.89
C ASN A 205 -50.20 -27.52 -32.00
N ASN A 206 -50.75 -27.13 -33.15
CA ASN A 206 -51.11 -28.01 -34.26
C ASN A 206 -52.27 -28.93 -33.90
N GLN A 207 -53.22 -28.44 -33.12
CA GLN A 207 -54.43 -29.16 -32.76
C GLN A 207 -55.63 -28.22 -32.87
N LYS A 208 -56.68 -28.69 -33.53
CA LYS A 208 -57.87 -27.85 -33.72
C LYS A 208 -58.51 -27.53 -32.38
N ASN A 209 -59.11 -26.35 -32.30
CA ASN A 209 -59.67 -25.82 -31.06
C ASN A 209 -61.19 -25.84 -31.15
N ILE A 210 -61.80 -26.80 -30.46
CA ILE A 210 -63.27 -26.88 -30.39
C ILE A 210 -63.66 -26.10 -29.14
N CYS A 211 -63.80 -24.78 -29.29
CA CYS A 211 -64.21 -23.89 -28.22
C CYS A 211 -65.49 -23.20 -28.64
N ASN A 212 -66.57 -23.46 -27.91
CA ASN A 212 -67.87 -22.86 -28.24
C ASN A 212 -67.87 -21.39 -27.86
N VAL A 213 -68.13 -20.54 -28.85
CA VAL A 213 -68.16 -19.10 -28.61
C VAL A 213 -69.28 -18.73 -27.65
N GLU A 214 -70.45 -19.34 -27.81
CA GLU A 214 -71.60 -19.02 -26.97
C GLU A 214 -71.31 -19.30 -25.50
N ASP A 215 -70.71 -20.46 -25.22
CA ASP A 215 -70.48 -20.85 -23.82
C ASP A 215 -69.44 -19.95 -23.16
N THR A 216 -68.37 -19.62 -23.88
CA THR A 216 -67.35 -18.74 -23.32
C THR A 216 -67.91 -17.34 -23.08
N LEU A 217 -68.71 -16.83 -24.03
CA LEU A 217 -69.37 -15.55 -23.83
C LEU A 217 -70.30 -15.59 -22.63
N LYS A 218 -71.06 -16.68 -22.48
CA LYS A 218 -71.93 -16.85 -21.32
C LYS A 218 -71.12 -16.81 -20.04
N GLU A 219 -69.95 -17.44 -20.03
CA GLU A 219 -69.14 -17.52 -18.82
C GLU A 219 -68.60 -16.16 -18.42
N ASN A 220 -67.88 -15.51 -19.34
CA ASN A 220 -67.06 -14.38 -18.96
C ASN A 220 -67.76 -13.03 -19.01
N PHE A 221 -69.04 -12.99 -19.39
CA PHE A 221 -69.74 -11.72 -19.52
C PHE A 221 -71.07 -11.77 -18.79
N ALA A 222 -71.48 -10.62 -18.26
CA ALA A 222 -72.71 -10.53 -17.48
C ALA A 222 -73.93 -10.79 -18.36
N PHE A 223 -74.02 -10.13 -19.51
CA PHE A 223 -75.10 -10.35 -20.46
C PHE A 223 -74.52 -10.55 -21.85
N VAL A 224 -75.06 -11.53 -22.58
CA VAL A 224 -74.65 -11.83 -23.94
C VAL A 224 -75.89 -11.87 -24.80
N TYR A 225 -75.87 -11.13 -25.91
CA TYR A 225 -77.08 -10.90 -26.71
C TYR A 225 -76.76 -11.23 -28.16
N LYS A 226 -77.45 -12.22 -28.72
CA LYS A 226 -77.25 -12.65 -30.09
C LYS A 226 -78.26 -11.98 -31.02
N LYS A 227 -77.81 -11.63 -32.23
CA LYS A 227 -78.67 -11.10 -33.26
C LYS A 227 -78.38 -11.83 -34.56
N LYS A 228 -79.39 -12.49 -35.11
CA LYS A 228 -79.26 -13.21 -36.37
C LYS A 228 -79.55 -12.24 -37.50
N ILE A 229 -78.51 -11.79 -38.20
CA ILE A 229 -78.65 -10.85 -39.30
C ILE A 229 -78.95 -11.62 -40.57
N ALA A 230 -79.91 -11.12 -41.35
CA ALA A 230 -80.36 -11.80 -42.57
C ALA A 230 -79.25 -11.74 -43.61
N LEU A 231 -78.50 -12.82 -43.74
CA LEU A 231 -77.43 -12.92 -44.73
C LEU A 231 -78.07 -13.18 -46.09
N SER A 232 -78.46 -12.10 -46.75
CA SER A 232 -79.12 -12.22 -48.05
C SER A 232 -78.21 -12.91 -49.04
N ARG A 233 -78.61 -14.12 -49.46
CA ARG A 233 -77.81 -15.04 -50.26
C ARG A 233 -76.31 -14.91 -49.97
N GLN A 234 -75.51 -14.68 -51.01
CA GLN A 234 -74.06 -14.55 -50.88
C GLN A 234 -73.46 -15.61 -49.96
N SER A 235 -72.75 -15.16 -48.92
CA SER A 235 -72.08 -16.02 -47.94
C SER A 235 -70.92 -16.77 -48.57
N THR A 236 -70.75 -16.61 -49.89
CA THR A 236 -69.59 -17.11 -50.60
C THR A 236 -68.92 -16.03 -51.43
N LEU A 237 -69.52 -14.84 -51.51
CA LEU A 237 -69.00 -13.73 -52.30
C LEU A 237 -69.13 -12.44 -51.51
N ASP A 238 -68.21 -11.50 -51.78
CA ASP A 238 -68.28 -10.15 -51.27
C ASP A 238 -68.29 -10.12 -49.74
N PHE A 239 -67.16 -10.57 -49.18
CA PHE A 239 -66.90 -10.33 -47.77
C PHE A 239 -66.92 -8.84 -47.46
N ILE A 240 -66.60 -8.01 -48.46
CA ILE A 240 -66.74 -6.56 -48.30
C ILE A 240 -68.20 -6.19 -48.09
N TYR A 241 -69.10 -6.80 -48.87
CA TYR A 241 -70.53 -6.55 -48.68
C TYR A 241 -70.98 -7.03 -47.30
N ILE A 242 -70.45 -8.17 -46.86
CA ILE A 242 -70.78 -8.68 -45.53
C ILE A 242 -70.34 -7.68 -44.46
N TYR A 243 -69.11 -7.16 -44.59
CA TYR A 243 -68.61 -6.18 -43.64
C TYR A 243 -69.46 -4.91 -43.65
N ASN A 244 -69.86 -4.47 -44.84
CA ASN A 244 -70.69 -3.28 -44.94
C ASN A 244 -72.01 -3.48 -44.21
N GLN A 245 -72.67 -4.61 -44.45
CA GLN A 245 -73.91 -4.90 -43.74
C GLN A 245 -73.68 -4.96 -42.23
N ILE A 246 -72.63 -5.65 -41.80
CA ILE A 246 -72.41 -5.86 -40.36
C ILE A 246 -72.16 -4.53 -39.66
N PHE A 247 -71.29 -3.70 -40.22
CA PHE A 247 -70.94 -2.45 -39.55
C PHE A 247 -72.04 -1.40 -39.71
N SER A 248 -72.77 -1.39 -40.82
CA SER A 248 -73.94 -0.52 -40.91
C SER A 248 -74.99 -0.92 -39.89
N THR A 249 -75.17 -2.22 -39.67
CA THR A 249 -76.10 -2.69 -38.64
C THR A 249 -75.63 -2.27 -37.25
N ILE A 250 -74.33 -2.37 -36.98
CA ILE A 250 -73.81 -1.96 -35.68
C ILE A 250 -74.03 -0.48 -35.46
N LYS A 251 -73.74 0.34 -36.49
CA LYS A 251 -73.98 1.78 -36.38
C LYS A 251 -75.45 2.07 -36.15
N LYS A 252 -76.33 1.41 -36.92
CA LYS A 252 -77.77 1.49 -36.72
C LYS A 252 -78.14 1.25 -35.26
N ASP A 253 -77.75 0.09 -34.74
CA ASP A 253 -78.23 -0.33 -33.42
C ASP A 253 -77.64 0.54 -32.31
N TYR A 254 -76.34 0.88 -32.41
CA TYR A 254 -75.73 1.64 -31.34
C TYR A 254 -76.17 3.10 -31.37
N GLN A 255 -76.44 3.66 -32.55
CA GLN A 255 -77.07 4.96 -32.61
C GLN A 255 -78.49 4.90 -32.07
N ILE A 256 -79.16 3.76 -32.22
CA ILE A 256 -80.49 3.60 -31.64
C ILE A 256 -80.40 3.59 -30.12
N LEU A 257 -79.36 2.95 -29.57
CA LEU A 257 -79.26 2.77 -28.13
C LEU A 257 -79.18 4.09 -27.35
N LYS A 258 -78.10 4.84 -27.54
CA LYS A 258 -77.85 6.03 -26.74
C LYS A 258 -78.34 7.32 -27.41
N SER A 259 -78.90 7.22 -28.61
CA SER A 259 -79.44 8.39 -29.29
C SER A 259 -80.63 7.95 -30.13
N GLY A 260 -81.13 8.85 -30.97
CA GLY A 260 -82.21 8.54 -31.87
C GLY A 260 -81.70 8.15 -33.26
N TYR A 261 -82.55 8.37 -34.25
CA TYR A 261 -82.19 8.17 -35.64
C TYR A 261 -83.04 9.12 -36.49
N ASN A 262 -82.52 10.33 -36.72
CA ASN A 262 -83.22 11.34 -37.52
C ASN A 262 -82.64 11.26 -38.93
N PHE A 263 -82.99 10.18 -39.63
CA PHE A 263 -82.33 9.78 -40.85
C PHE A 263 -83.42 9.28 -41.81
N ARG A 264 -83.31 9.61 -43.09
CA ARG A 264 -84.41 9.37 -44.03
C ARG A 264 -85.74 9.81 -43.43
N ASN A 265 -86.65 8.86 -43.26
CA ASN A 265 -87.91 9.11 -42.58
C ASN A 265 -88.30 7.85 -41.80
N GLU A 266 -87.82 7.77 -40.56
CA GLU A 266 -88.36 6.88 -39.54
C GLU A 266 -87.73 7.26 -38.21
N TYR A 267 -88.56 7.43 -37.19
CA TYR A 267 -88.12 7.98 -35.91
C TYR A 267 -88.32 6.92 -34.83
N ILE A 268 -87.24 6.58 -34.14
CA ILE A 268 -87.29 5.72 -32.97
C ILE A 268 -86.48 6.36 -31.85
N LYS A 269 -87.08 6.47 -30.67
CA LYS A 269 -86.49 7.26 -29.59
C LYS A 269 -85.28 6.54 -28.99
N SER A 270 -84.44 7.33 -28.32
CA SER A 270 -83.26 6.79 -27.67
C SER A 270 -83.67 5.91 -26.49
N LEU A 271 -83.20 4.67 -26.48
CA LEU A 271 -83.55 3.78 -25.38
C LEU A 271 -82.79 4.14 -24.11
N LEU A 272 -81.61 4.73 -24.24
CA LEU A 272 -80.95 5.30 -23.07
C LEU A 272 -81.79 6.41 -22.47
N PHE A 273 -82.35 7.28 -23.33
CA PHE A 273 -83.28 8.29 -22.85
C PHE A 273 -84.51 7.64 -22.23
N CYS A 274 -85.14 6.71 -22.96
CA CYS A 274 -86.38 6.10 -22.50
C CYS A 274 -86.22 5.33 -21.21
N TYR A 275 -85.02 4.84 -20.91
CA TYR A 275 -84.80 4.15 -19.64
C TYR A 275 -84.92 5.10 -18.46
N PHE A 276 -84.25 6.24 -18.54
CA PHE A 276 -84.19 7.16 -17.40
C PHE A 276 -85.50 7.91 -17.22
N VAL A 277 -86.16 8.28 -18.32
CA VAL A 277 -87.42 9.02 -18.17
C VAL A 277 -88.52 8.10 -17.67
N SER A 278 -88.35 6.80 -17.77
CA SER A 278 -89.33 5.84 -17.27
C SER A 278 -89.04 5.45 -15.83
N LYS A 279 -87.84 4.96 -15.55
CA LYS A 279 -87.48 4.61 -14.18
C LYS A 279 -87.32 5.89 -13.36
N TYR A 280 -88.18 6.05 -12.36
CA TYR A 280 -88.20 7.26 -11.53
C TYR A 280 -88.28 8.48 -12.44
N PRO A 281 -89.45 8.77 -13.02
CA PRO A 281 -89.52 9.69 -14.15
C PRO A 281 -89.12 11.12 -13.80
N ASN A 282 -87.83 11.32 -13.56
CA ASN A 282 -87.32 12.66 -13.30
C ASN A 282 -86.11 12.95 -14.20
N TYR A 283 -85.26 11.95 -14.41
CA TYR A 283 -84.03 12.14 -15.17
C TYR A 283 -84.37 12.26 -16.66
N ARG A 284 -83.89 13.31 -17.30
CA ARG A 284 -84.12 13.56 -18.72
C ARG A 284 -82.79 13.78 -19.44
N TRP A 285 -82.91 14.20 -20.70
CA TRP A 285 -81.77 14.31 -21.60
C TRP A 285 -80.80 15.41 -21.17
N GLU A 286 -79.52 15.19 -21.47
CA GLU A 286 -78.57 16.30 -21.48
C GLU A 286 -78.67 17.12 -22.76
N LYS A 287 -79.13 16.51 -23.86
CA LYS A 287 -79.36 17.26 -25.09
C LYS A 287 -80.51 18.24 -24.93
N ARG A 288 -81.65 17.78 -24.41
CA ARG A 288 -82.75 18.69 -24.14
C ARG A 288 -82.38 19.68 -23.05
N LYS A 289 -81.57 19.25 -22.08
CA LYS A 289 -80.92 20.15 -21.14
C LYS A 289 -80.16 21.26 -21.87
N MET A 290 -79.39 20.89 -22.90
CA MET A 290 -78.59 21.88 -23.63
C MET A 290 -79.48 22.79 -24.47
N LYS A 291 -80.42 22.21 -25.23
CA LYS A 291 -81.23 23.00 -26.15
C LYS A 291 -82.16 23.97 -25.44
N GLN A 292 -82.43 23.76 -24.16
CA GLN A 292 -83.33 24.65 -23.43
C GLN A 292 -82.75 26.05 -23.31
N LEU A 293 -81.47 26.17 -22.96
CA LEU A 293 -80.87 27.48 -22.77
C LEU A 293 -80.49 28.17 -24.08
N ILE A 294 -80.29 27.43 -25.16
CA ILE A 294 -80.00 28.08 -26.43
C ILE A 294 -81.21 28.88 -26.90
N LYS A 295 -82.40 28.33 -26.74
CA LYS A 295 -83.62 29.05 -27.06
C LYS A 295 -83.99 30.08 -26.01
N ALA A 296 -83.36 30.06 -24.84
CA ALA A 296 -83.57 31.10 -23.85
C ALA A 296 -83.17 32.49 -24.36
N ARG A 297 -82.23 32.55 -25.30
CA ARG A 297 -82.01 33.75 -26.09
C ARG A 297 -82.45 33.47 -27.52
N GLY A 298 -82.57 34.52 -28.32
CA GLY A 298 -82.95 34.32 -29.70
C GLY A 298 -81.88 33.60 -30.48
N TYR A 299 -82.09 32.30 -30.72
CA TYR A 299 -81.21 31.52 -31.58
C TYR A 299 -82.01 30.32 -32.05
N GLU A 300 -82.53 30.39 -33.27
CA GLU A 300 -83.46 29.38 -33.78
C GLU A 300 -82.67 28.23 -34.38
N LEU A 301 -82.94 27.02 -33.89
CA LEU A 301 -82.26 25.82 -34.36
C LEU A 301 -83.08 25.14 -35.44
N LYS A 302 -82.38 24.49 -36.37
CA LYS A 302 -83.05 23.82 -37.47
C LYS A 302 -83.84 22.63 -36.96
N GLY A 303 -84.99 22.40 -37.59
CA GLY A 303 -85.88 21.33 -37.18
C GLY A 303 -87.30 21.83 -37.09
N ASP A 304 -88.23 20.89 -37.25
CA ASP A 304 -89.65 21.21 -37.27
C ASP A 304 -90.38 20.79 -36.02
N HIS A 305 -89.84 19.85 -35.25
CA HIS A 305 -90.50 19.34 -34.05
C HIS A 305 -89.71 19.70 -32.80
N SER A 306 -90.44 20.03 -31.74
CA SER A 306 -89.83 20.43 -30.49
C SER A 306 -89.17 19.24 -29.81
N PRO A 307 -88.23 19.49 -28.88
CA PRO A 307 -87.58 18.39 -28.18
C PRO A 307 -88.57 17.51 -27.42
N ILE A 308 -88.28 16.21 -27.40
CA ILE A 308 -89.23 15.23 -26.87
C ILE A 308 -89.27 15.28 -25.35
N SER A 309 -90.49 15.23 -24.82
CA SER A 309 -90.74 14.90 -23.42
C SER A 309 -91.67 13.70 -23.39
N GLY A 310 -91.66 12.99 -22.28
CA GLY A 310 -92.49 11.81 -22.15
C GLY A 310 -91.95 10.63 -22.93
N ILE A 311 -92.33 9.44 -22.47
CA ILE A 311 -91.81 8.20 -23.06
C ILE A 311 -92.38 7.99 -24.45
N ARG A 312 -93.67 8.30 -24.64
CA ARG A 312 -94.38 7.85 -25.83
C ARG A 312 -95.23 9.01 -26.35
N GLU A 313 -96.11 8.69 -27.31
CA GLU A 313 -97.00 9.64 -27.97
C GLU A 313 -96.19 10.65 -28.76
N ASN A 314 -96.86 11.48 -29.57
CA ASN A 314 -96.20 12.39 -30.50
C ASN A 314 -96.09 13.80 -29.92
N ASP A 315 -95.89 13.89 -28.61
CA ASP A 315 -95.89 15.16 -27.92
C ASP A 315 -94.65 15.98 -28.24
N ASN A 316 -94.78 17.30 -28.15
CA ASN A 316 -93.72 18.25 -28.39
C ASN A 316 -93.80 19.36 -27.35
N SER A 317 -92.65 19.83 -26.88
CA SER A 317 -92.66 20.86 -25.85
C SER A 317 -91.41 21.74 -26.02
N TRP A 318 -91.56 22.83 -26.76
CA TRP A 318 -90.59 23.93 -26.74
C TRP A 318 -91.00 24.98 -25.71
N ASN A 319 -91.27 24.54 -24.49
CA ASN A 319 -91.84 25.41 -23.47
C ASN A 319 -91.50 24.86 -22.10
N ASP A 320 -92.08 25.47 -21.06
CA ASP A 320 -91.74 25.11 -19.69
C ASP A 320 -92.12 23.66 -19.41
N PRO A 321 -91.30 22.93 -18.67
CA PRO A 321 -91.61 21.53 -18.38
C PRO A 321 -92.89 21.38 -17.57
N ASN A 322 -92.93 22.03 -16.40
CA ASN A 322 -94.04 22.00 -15.45
C ASN A 322 -93.77 23.00 -14.33
N PRO A 323 -94.78 23.35 -13.53
CA PRO A 323 -94.53 24.28 -12.40
C PRO A 323 -93.50 23.77 -11.41
N ASN A 324 -93.37 22.45 -11.24
CA ASN A 324 -92.50 21.92 -10.19
C ASN A 324 -91.04 22.00 -10.64
N GLY A 325 -90.70 21.30 -11.71
CA GLY A 325 -89.33 21.26 -12.17
C GLY A 325 -88.99 19.89 -12.72
N TYR A 326 -87.76 19.76 -13.22
CA TYR A 326 -87.31 18.57 -13.91
C TYR A 326 -85.89 18.26 -13.49
N ASN A 327 -85.51 16.99 -13.62
CA ASN A 327 -84.18 16.52 -13.25
C ASN A 327 -83.34 16.35 -14.52
N TYR A 328 -82.18 16.98 -14.54
CA TYR A 328 -81.25 16.87 -15.66
C TYR A 328 -79.93 16.31 -15.17
N ALA A 329 -79.47 15.24 -15.82
CA ALA A 329 -78.16 14.65 -15.54
C ALA A 329 -77.54 14.25 -16.86
N TYR A 330 -76.22 14.03 -16.84
CA TYR A 330 -75.51 13.63 -18.05
C TYR A 330 -75.81 12.17 -18.32
N ILE A 331 -76.93 11.95 -19.02
CA ILE A 331 -77.41 10.59 -19.27
C ILE A 331 -76.46 9.84 -20.21
N ARG A 332 -75.94 10.53 -21.22
CA ARG A 332 -75.13 9.87 -22.24
C ARG A 332 -73.68 9.67 -21.82
N ALA A 333 -73.31 10.05 -20.59
CA ALA A 333 -71.94 9.83 -20.14
C ALA A 333 -71.66 8.37 -19.87
N ILE A 334 -72.63 7.64 -19.32
CA ILE A 334 -72.39 6.25 -18.94
C ILE A 334 -72.17 5.37 -20.16
N LEU A 335 -72.90 5.63 -21.24
CA LEU A 335 -72.68 4.88 -22.49
C LEU A 335 -71.70 5.59 -23.41
N GLY A 336 -70.52 5.93 -22.87
CA GLY A 336 -69.52 6.62 -23.67
C GLY A 336 -69.50 8.11 -23.46
N LEU A 337 -68.48 8.59 -22.75
CA LEU A 337 -68.37 10.03 -22.48
C LEU A 337 -68.08 10.79 -23.76
N ALA A 338 -68.74 11.94 -23.91
CA ALA A 338 -68.53 12.83 -25.06
C ALA A 338 -68.04 14.18 -24.57
N GLU A 339 -67.43 14.93 -25.47
CA GLU A 339 -66.81 16.21 -25.14
C GLU A 339 -67.52 17.39 -25.77
N GLN A 340 -67.68 17.39 -27.10
CA GLN A 340 -68.14 18.53 -27.85
C GLN A 340 -69.41 18.19 -28.61
N TYR A 341 -70.44 19.01 -28.45
CA TYR A 341 -71.75 18.82 -29.08
C TYR A 341 -71.97 19.96 -30.07
N GLU A 342 -72.07 19.64 -31.35
CA GLU A 342 -72.46 20.60 -32.38
C GLU A 342 -73.98 20.68 -32.42
N PHE A 343 -74.51 21.89 -32.41
CA PHE A 343 -75.93 22.11 -32.65
C PHE A 343 -76.10 22.96 -33.89
N GLN A 344 -76.89 22.45 -34.83
CA GLN A 344 -77.05 23.05 -36.16
C GLN A 344 -78.00 24.22 -36.06
N LEU A 345 -77.45 25.43 -36.17
CA LEU A 345 -78.28 26.62 -36.22
C LEU A 345 -79.04 26.67 -37.54
N GLU A 346 -80.10 27.47 -37.56
CA GLU A 346 -80.96 27.54 -38.74
C GLU A 346 -80.16 27.89 -39.98
N THR A 347 -79.38 28.94 -39.91
CA THR A 347 -78.53 29.28 -41.04
C THR A 347 -77.28 28.41 -41.01
N PRO A 348 -76.88 27.83 -42.15
CA PRO A 348 -75.62 27.06 -42.18
C PRO A 348 -74.46 27.93 -41.73
N TYR A 349 -74.53 29.20 -42.11
CA TYR A 349 -73.53 30.23 -41.88
C TYR A 349 -72.79 30.04 -40.55
N GLN A 350 -73.50 29.72 -39.47
CA GLN A 350 -72.80 29.50 -38.20
C GLN A 350 -73.25 28.20 -37.55
N LYS A 351 -72.52 27.81 -36.51
CA LYS A 351 -72.86 26.68 -35.66
C LYS A 351 -72.88 27.15 -34.21
N ALA A 352 -73.38 26.29 -33.33
CA ALA A 352 -73.31 26.49 -31.89
C ALA A 352 -72.69 25.25 -31.25
N ILE A 353 -71.77 25.46 -30.32
CA ILE A 353 -70.97 24.38 -29.78
C ILE A 353 -71.09 24.37 -28.26
N VAL A 354 -71.29 23.17 -27.71
CA VAL A 354 -71.25 22.94 -26.27
C VAL A 354 -70.10 21.96 -26.01
N LYS A 355 -69.22 22.33 -25.09
CA LYS A 355 -68.05 21.53 -24.77
C LYS A 355 -68.06 21.17 -23.30
N ILE A 356 -67.71 19.93 -22.98
CA ILE A 356 -67.89 19.37 -21.65
C ILE A 356 -66.53 19.07 -21.02
N LYS A 357 -66.41 19.38 -19.73
CA LYS A 357 -65.22 19.07 -18.95
C LYS A 357 -65.66 18.66 -17.55
N SER A 358 -64.77 17.97 -16.84
CA SER A 358 -65.14 17.30 -15.60
C SER A 358 -65.55 18.25 -14.48
N ALA A 359 -65.26 19.54 -14.60
CA ALA A 359 -65.62 20.57 -13.64
C ALA A 359 -64.78 20.46 -12.36
N ASN A 360 -64.02 19.38 -12.24
CA ASN A 360 -62.94 19.30 -11.26
C ASN A 360 -61.76 18.53 -11.82
N ASN A 361 -61.76 18.22 -13.12
CA ASN A 361 -60.67 17.52 -13.80
C ASN A 361 -60.40 16.15 -13.19
N CYS A 362 -61.46 15.33 -13.15
CA CYS A 362 -61.36 13.96 -12.70
C CYS A 362 -61.71 12.94 -13.78
N ILE A 363 -62.87 13.10 -14.42
CA ILE A 363 -63.36 12.13 -15.40
C ILE A 363 -63.17 12.76 -16.77
N SER A 364 -62.04 12.47 -17.39
CA SER A 364 -61.75 12.93 -18.75
C SER A 364 -62.05 11.88 -19.81
N ARG A 365 -62.48 10.68 -19.40
CA ARG A 365 -62.65 9.58 -20.32
C ARG A 365 -63.75 8.64 -19.82
N TYR A 366 -64.43 8.00 -20.78
CA TYR A 366 -65.18 6.79 -20.47
C TYR A 366 -65.37 6.00 -21.77
N LYS A 367 -64.65 4.88 -21.87
CA LYS A 367 -64.90 3.94 -22.95
C LYS A 367 -66.31 3.37 -22.80
N SER A 368 -66.96 3.14 -23.94
CA SER A 368 -68.32 2.61 -23.91
C SER A 368 -68.35 1.29 -23.16
N PRO A 369 -69.27 1.11 -22.21
CA PRO A 369 -69.25 -0.12 -21.40
C PRO A 369 -69.84 -1.31 -22.14
N LEU A 370 -70.05 -1.16 -23.44
CA LEU A 370 -70.54 -2.23 -24.28
C LEU A 370 -69.43 -2.73 -25.19
N LEU A 371 -69.44 -4.03 -25.46
CA LEU A 371 -68.49 -4.66 -26.36
C LEU A 371 -69.25 -5.39 -27.45
N PHE A 372 -68.84 -5.16 -28.70
CA PHE A 372 -69.46 -5.81 -29.85
C PHE A 372 -68.53 -6.90 -30.35
N LYS A 373 -69.00 -8.14 -30.33
CA LYS A 373 -68.21 -9.29 -30.77
C LYS A 373 -68.88 -9.89 -32.00
N ILE A 374 -68.13 -9.98 -33.09
CA ILE A 374 -68.60 -10.56 -34.34
C ILE A 374 -67.74 -11.77 -34.63
N ILE A 375 -68.32 -12.96 -34.54
CA ILE A 375 -67.60 -14.19 -34.82
C ILE A 375 -68.41 -14.99 -35.84
N ASN A 376 -67.75 -15.40 -36.91
CA ASN A 376 -68.34 -16.07 -38.07
C ASN A 376 -69.70 -15.45 -38.44
N ASN A 377 -69.66 -14.14 -38.69
CA ASN A 377 -70.76 -13.34 -39.24
C ASN A 377 -71.95 -13.21 -38.29
N SER A 378 -71.87 -13.77 -37.09
CA SER A 378 -72.93 -13.63 -36.10
C SER A 378 -72.59 -12.51 -35.13
N ILE A 379 -73.59 -11.68 -34.83
CA ILE A 379 -73.39 -10.49 -34.02
C ILE A 379 -73.78 -10.82 -32.58
N TYR A 380 -72.85 -10.63 -31.66
CA TYR A 380 -73.09 -10.77 -30.23
C TYR A 380 -72.75 -9.46 -29.53
N LEU A 381 -73.66 -9.00 -28.68
CA LEU A 381 -73.45 -7.82 -27.86
C LEU A 381 -73.25 -8.28 -26.42
N VAL A 382 -72.14 -7.88 -25.81
CA VAL A 382 -71.76 -8.36 -24.48
C VAL A 382 -71.39 -7.17 -23.61
N GLY A 383 -71.36 -7.42 -22.30
CA GLY A 383 -70.95 -6.40 -21.37
C GLY A 383 -71.13 -6.75 -19.91
N ASN A 384 -70.22 -6.26 -19.06
CA ASN A 384 -70.36 -6.34 -17.62
C ASN A 384 -71.08 -5.08 -17.13
N GLU A 385 -71.07 -4.86 -15.82
CA GLU A 385 -71.69 -3.66 -15.28
C GLU A 385 -70.78 -2.45 -15.50
N ILE A 386 -71.38 -1.26 -15.40
CA ILE A 386 -70.66 -0.01 -15.65
C ILE A 386 -69.70 0.27 -14.49
N ASN A 387 -68.79 1.20 -14.69
CA ASN A 387 -67.90 1.65 -13.63
C ASN A 387 -68.63 2.71 -12.80
N THR A 388 -68.84 2.42 -11.52
CA THR A 388 -69.57 3.34 -10.66
C THR A 388 -68.80 4.62 -10.36
N GLU A 389 -67.52 4.68 -10.70
CA GLU A 389 -66.74 5.90 -10.50
C GLU A 389 -67.25 7.05 -11.34
N ILE A 390 -67.96 6.77 -12.44
CA ILE A 390 -68.53 7.84 -13.25
C ILE A 390 -69.84 8.37 -12.67
N LEU A 391 -70.52 7.59 -11.83
CA LEU A 391 -71.82 7.99 -11.33
C LEU A 391 -71.69 9.12 -10.30
N ASN A 392 -72.60 10.08 -10.38
CA ASN A 392 -72.67 11.21 -9.46
C ASN A 392 -71.35 11.99 -9.46
N LYS A 393 -71.04 12.57 -10.62
CA LYS A 393 -69.87 13.43 -10.78
C LYS A 393 -70.26 14.58 -11.70
N PRO A 394 -69.97 15.82 -11.32
CA PRO A 394 -70.45 16.97 -12.08
C PRO A 394 -69.63 17.22 -13.34
N PHE A 395 -70.09 18.18 -14.13
CA PHE A 395 -69.42 18.55 -15.37
C PHE A 395 -69.66 20.03 -15.63
N GLN A 396 -68.72 20.67 -16.32
CA GLN A 396 -68.81 22.08 -16.66
C GLN A 396 -68.90 22.23 -18.17
N TYR A 397 -69.92 22.96 -18.63
CA TYR A 397 -70.27 23.04 -20.04
C TYR A 397 -69.89 24.41 -20.57
N SER A 398 -69.08 24.42 -21.63
CA SER A 398 -68.67 25.66 -22.29
C SER A 398 -69.55 25.87 -23.51
N TYR A 399 -70.12 27.06 -23.61
CA TYR A 399 -71.07 27.40 -24.67
C TYR A 399 -70.43 28.39 -25.61
N ILE A 400 -70.21 27.98 -26.86
CA ILE A 400 -69.49 28.78 -27.84
C ILE A 400 -70.32 28.86 -29.12
N GLU A 401 -70.08 29.93 -29.87
CA GLU A 401 -70.70 30.16 -31.17
C GLU A 401 -69.62 30.28 -32.23
N GLN A 402 -69.68 29.43 -33.24
CA GLN A 402 -68.65 29.36 -34.26
C GLN A 402 -69.26 29.59 -35.63
N THR A 403 -68.57 30.38 -36.44
CA THR A 403 -69.06 30.79 -37.75
C THR A 403 -67.97 30.58 -38.79
N LYS A 404 -68.40 30.34 -40.04
CA LYS A 404 -67.49 30.17 -41.16
C LYS A 404 -67.84 31.13 -42.28
N ASN A 405 -66.84 31.53 -43.06
CA ASN A 405 -66.99 32.43 -44.18
C ASN A 405 -66.53 31.77 -45.47
N LYS A 406 -67.19 32.11 -46.57
CA LYS A 406 -67.02 31.41 -47.85
C LYS A 406 -65.85 32.02 -48.62
N ASN A 407 -64.65 31.46 -48.43
CA ASN A 407 -63.45 31.87 -49.15
C ASN A 407 -63.03 33.32 -48.91
N MET A 408 -63.45 34.23 -49.79
CA MET A 408 -62.90 35.58 -49.97
C MET A 408 -61.37 35.55 -49.94
N ARG A 409 -60.76 35.00 -51.00
CA ARG A 409 -59.35 35.11 -51.40
C ARG A 409 -58.41 34.22 -50.61
N THR A 410 -58.86 33.61 -49.51
CA THR A 410 -57.99 32.65 -48.83
C THR A 410 -58.62 31.26 -48.82
N GLY A 411 -59.80 31.15 -48.23
CA GLY A 411 -60.46 29.86 -48.11
C GLY A 411 -61.44 29.83 -46.95
N LYS A 412 -61.75 28.63 -46.48
CA LYS A 412 -62.64 28.48 -45.33
C LYS A 412 -61.91 28.82 -44.05
N SER A 413 -62.56 29.60 -43.18
CA SER A 413 -62.05 29.95 -41.86
C SER A 413 -63.21 29.87 -40.87
N GLU A 414 -63.38 28.70 -40.26
CA GLU A 414 -64.46 28.46 -39.30
C GLU A 414 -64.08 28.98 -37.92
N ILE A 415 -63.75 30.27 -37.85
CA ILE A 415 -63.13 30.85 -36.67
C ILE A 415 -63.97 32.02 -36.20
N THR A 416 -64.86 31.77 -35.25
CA THR A 416 -65.44 32.80 -34.38
C THR A 416 -65.58 32.20 -32.99
N GLU A 417 -65.05 32.90 -31.99
CA GLU A 417 -65.05 32.39 -30.62
C GLU A 417 -65.82 33.31 -29.69
N ARG A 418 -67.05 33.69 -30.06
CA ARG A 418 -67.78 34.68 -29.29
C ARG A 418 -68.10 34.22 -27.87
N THR A 419 -68.04 32.92 -27.58
CA THR A 419 -68.19 32.40 -26.21
C THR A 419 -69.53 32.81 -25.61
N MET A 420 -70.59 32.17 -26.12
CA MET A 420 -71.99 32.44 -25.76
C MET A 420 -72.15 32.85 -24.30
N HIS A 421 -72.78 33.99 -24.06
CA HIS A 421 -73.02 34.45 -22.69
C HIS A 421 -74.44 34.09 -22.27
N ILE A 422 -74.69 32.79 -22.19
CA ILE A 422 -75.94 32.25 -21.66
C ILE A 422 -75.88 32.29 -20.15
N ASN A 423 -77.00 32.62 -19.52
CA ASN A 423 -77.07 32.51 -18.07
C ASN A 423 -77.00 31.05 -17.65
N GLU A 424 -76.37 30.80 -16.52
CA GLU A 424 -76.13 29.44 -16.08
C GLU A 424 -77.19 29.01 -15.07
N ILE A 425 -77.51 27.72 -15.11
CA ILE A 425 -78.50 27.13 -14.22
C ILE A 425 -77.95 27.14 -12.81
N GLU A 426 -76.62 27.20 -12.69
CA GLU A 426 -75.85 27.24 -11.46
C GLU A 426 -75.54 25.83 -10.97
N MET A 427 -74.29 25.57 -10.60
CA MET A 427 -73.97 24.36 -9.88
C MET A 427 -74.75 24.34 -8.57
N ASN A 428 -75.30 23.18 -8.21
CA ASN A 428 -76.12 23.01 -7.02
C ASN A 428 -77.39 23.85 -7.12
N TYR A 429 -77.93 24.01 -8.33
CA TYR A 429 -79.23 24.64 -8.53
C TYR A 429 -80.34 23.92 -7.79
N LYS A 430 -80.18 22.62 -7.55
CA LYS A 430 -81.04 21.79 -6.73
C LYS A 430 -80.12 21.15 -5.70
N ASN A 431 -80.59 20.10 -5.01
CA ASN A 431 -79.63 19.16 -4.46
C ASN A 431 -78.78 18.69 -5.63
N ARG A 432 -77.63 18.06 -5.39
CA ARG A 432 -76.64 18.01 -6.46
C ARG A 432 -77.07 17.07 -7.57
N ILE A 433 -78.29 17.28 -8.07
CA ILE A 433 -78.79 16.74 -9.32
C ILE A 433 -79.55 17.86 -10.07
N ASN A 434 -78.82 18.66 -10.83
CA ASN A 434 -79.45 19.79 -11.51
C ASN A 434 -79.22 19.79 -13.02
N TYR A 435 -77.94 19.82 -13.39
CA TYR A 435 -77.46 19.97 -14.75
C TYR A 435 -76.28 19.06 -15.03
N HIS A 436 -75.70 18.49 -13.98
CA HIS A 436 -74.44 17.77 -13.96
C HIS A 436 -74.68 16.55 -13.07
N TYR A 437 -73.60 15.95 -12.56
CA TYR A 437 -73.70 14.88 -11.57
C TYR A 437 -74.42 13.66 -12.16
N THR A 438 -73.69 12.99 -13.08
CA THR A 438 -74.13 11.83 -13.85
C THR A 438 -75.04 10.94 -13.03
N PRO A 439 -76.14 10.45 -13.60
CA PRO A 439 -77.28 10.00 -12.78
C PRO A 439 -76.91 8.85 -11.85
N THR A 440 -77.47 8.89 -10.65
CA THR A 440 -77.29 7.85 -9.66
C THR A 440 -78.27 6.72 -9.97
N SER A 441 -77.95 5.50 -9.51
CA SER A 441 -78.79 4.32 -9.71
C SER A 441 -78.99 3.98 -11.18
N PHE A 442 -77.89 3.62 -11.85
CA PHE A 442 -77.96 3.01 -13.17
C PHE A 442 -77.56 1.55 -13.05
N SER A 443 -78.03 0.74 -14.00
CA SER A 443 -77.68 -0.67 -14.03
C SER A 443 -77.62 -1.12 -15.49
N LEU A 444 -76.41 -1.38 -15.98
CA LEU A 444 -76.25 -1.79 -17.37
C LEU A 444 -76.92 -3.12 -17.66
N ILE A 445 -76.83 -4.07 -16.73
CA ILE A 445 -77.40 -5.40 -16.96
C ILE A 445 -78.91 -5.30 -17.19
N ASP A 446 -79.58 -4.50 -16.36
CA ASP A 446 -81.01 -4.27 -16.55
C ASP A 446 -81.31 -3.25 -17.63
N PHE A 447 -80.32 -2.47 -18.06
CA PHE A 447 -80.53 -1.55 -19.16
C PHE A 447 -80.79 -2.30 -20.46
N MET A 448 -80.02 -3.37 -20.71
CA MET A 448 -80.26 -4.19 -21.90
C MET A 448 -81.35 -5.24 -21.67
N GLN A 449 -81.70 -5.52 -20.42
CA GLN A 449 -82.96 -6.21 -20.16
C GLN A 449 -84.14 -5.35 -20.59
N TYR A 450 -83.92 -4.03 -20.68
CA TYR A 450 -84.94 -3.08 -21.10
C TYR A 450 -84.77 -2.62 -22.54
N ALA A 451 -83.53 -2.53 -23.02
CA ALA A 451 -83.26 -1.85 -24.29
C ALA A 451 -83.93 -2.55 -25.45
N MET A 452 -83.69 -3.84 -25.61
CA MET A 452 -84.28 -4.61 -26.70
C MET A 452 -85.58 -5.28 -26.27
N SER A 453 -86.52 -4.44 -25.87
CA SER A 453 -87.93 -4.83 -25.75
C SER A 453 -88.73 -3.54 -25.86
N TYR A 454 -89.24 -3.26 -27.06
CA TYR A 454 -89.81 -1.93 -27.32
C TYR A 454 -90.59 -1.93 -28.63
N LYS A 455 -91.32 -0.83 -28.82
CA LYS A 455 -91.91 -0.41 -30.10
C LYS A 455 -93.19 -1.16 -30.44
N LYS A 456 -94.03 -0.53 -31.26
CA LYS A 456 -95.25 -1.15 -31.75
C LYS A 456 -94.93 -2.28 -32.72
N ASN A 457 -96.00 -2.98 -33.12
CA ASN A 457 -96.07 -4.22 -33.92
C ASN A 457 -95.34 -5.38 -33.26
N GLY A 458 -94.78 -5.20 -32.06
CA GLY A 458 -94.16 -6.28 -31.32
C GLY A 458 -92.76 -6.65 -31.75
N LYS A 459 -92.26 -6.11 -32.85
CA LYS A 459 -90.91 -6.45 -33.30
C LYS A 459 -89.88 -5.67 -32.51
N ASN A 460 -88.84 -6.37 -32.06
CA ASN A 460 -87.74 -5.73 -31.36
C ASN A 460 -87.07 -4.69 -32.26
N ILE A 461 -86.81 -3.50 -31.70
CA ILE A 461 -86.03 -2.51 -32.42
C ILE A 461 -84.65 -3.06 -32.77
N LEU A 462 -83.97 -3.61 -31.78
CA LEU A 462 -82.74 -4.36 -31.98
C LEU A 462 -83.14 -5.83 -31.94
N ASN A 463 -83.36 -6.42 -33.11
CA ASN A 463 -83.91 -7.77 -33.19
C ASN A 463 -82.83 -8.74 -32.72
N TYR A 464 -82.65 -8.77 -31.40
CA TYR A 464 -81.63 -9.54 -30.73
C TYR A 464 -82.26 -10.70 -29.99
N ILE A 465 -81.66 -11.88 -30.09
CA ILE A 465 -82.11 -13.04 -29.31
C ILE A 465 -81.36 -12.99 -27.98
N PRO A 466 -82.05 -12.81 -26.86
CA PRO A 466 -81.37 -12.73 -25.56
C PRO A 466 -80.80 -14.08 -25.18
N LEU A 467 -79.48 -14.13 -25.01
CA LEU A 467 -78.78 -15.36 -24.65
C LEU A 467 -78.53 -15.47 -23.17
N LYS A 468 -78.00 -14.43 -22.54
CA LYS A 468 -77.78 -14.40 -21.10
C LYS A 468 -78.34 -13.09 -20.54
N GLN A 469 -79.43 -13.19 -19.79
CA GLN A 469 -80.03 -12.03 -19.13
C GLN A 469 -81.05 -12.45 -18.09
N MET B 45 64.59 22.65 52.26
CA MET B 45 63.19 22.44 52.58
C MET B 45 62.39 22.18 51.31
N ASN B 46 61.28 21.46 51.44
CA ASN B 46 60.56 20.93 50.29
C ASN B 46 59.15 21.50 50.22
N ARG B 47 58.61 21.55 49.01
CA ARG B 47 57.32 22.13 48.71
C ARG B 47 56.40 21.08 48.11
N HIS B 48 55.18 20.99 48.63
CA HIS B 48 54.27 19.91 48.32
C HIS B 48 53.04 20.44 47.60
N TYR B 49 52.64 19.74 46.54
CA TYR B 49 51.51 20.13 45.72
C TYR B 49 50.54 18.96 45.56
N LEU B 50 49.25 19.29 45.49
CA LEU B 50 48.22 18.33 45.14
C LEU B 50 47.82 18.55 43.70
N ILE B 51 48.04 17.55 42.86
CA ILE B 51 47.78 17.63 41.43
C ILE B 51 46.55 16.79 41.13
N THR B 52 45.52 17.43 40.59
CA THR B 52 44.27 16.75 40.24
C THR B 52 44.15 16.70 38.73
N LEU B 53 43.79 15.54 38.21
CA LEU B 53 43.66 15.32 36.77
C LEU B 53 42.19 15.10 36.43
N THR B 54 41.67 15.95 35.54
CA THR B 54 40.29 15.84 35.08
C THR B 54 40.29 15.47 33.61
N PRO B 55 39.67 14.35 33.22
CA PRO B 55 39.71 13.95 31.81
C PRO B 55 38.80 14.82 30.95
N MET B 56 39.37 15.37 29.88
CA MET B 56 38.61 16.15 28.91
C MET B 56 37.97 15.30 27.83
N ASP B 57 38.33 14.02 27.73
CA ASP B 57 37.75 13.15 26.72
C ASP B 57 38.01 11.70 27.14
N TRP B 58 37.69 10.77 26.25
CA TRP B 58 37.94 9.36 26.52
C TRP B 58 39.43 9.09 26.51
N PHE B 59 39.91 8.36 27.51
CA PHE B 59 41.33 8.05 27.63
C PHE B 59 41.56 6.56 27.44
N PHE B 60 42.82 6.18 27.43
CA PHE B 60 43.21 4.79 27.26
C PHE B 60 44.59 4.59 27.83
N PHE B 61 44.77 3.54 28.63
CA PHE B 61 46.07 3.18 29.18
C PHE B 61 46.45 1.79 28.67
N GLY B 62 47.62 1.70 28.04
CA GLY B 62 48.00 0.47 27.39
C GLY B 62 48.40 -0.63 28.37
N GLY B 63 48.08 -1.85 28.01
CA GLY B 63 48.49 -3.01 28.77
C GLY B 63 49.61 -3.75 28.07
N GLU B 64 49.72 -5.06 28.30
CA GLU B 64 50.76 -5.84 27.65
C GLU B 64 50.50 -6.01 26.15
N ARG B 65 49.26 -5.89 25.71
CA ARG B 65 48.88 -6.08 24.31
C ARG B 65 48.56 -4.71 23.72
N THR B 66 49.39 -4.28 22.77
CA THR B 66 49.26 -2.99 22.11
C THR B 66 49.00 -3.21 20.62
N LEU B 67 48.41 -2.21 19.98
CA LEU B 67 47.87 -2.34 18.63
C LEU B 67 48.91 -2.68 17.56
N ASP B 68 50.20 -2.53 17.84
CA ASP B 68 51.20 -2.77 16.81
C ASP B 68 52.37 -3.61 17.31
N ASP B 69 52.10 -4.57 18.19
CA ASP B 69 53.14 -5.50 18.60
C ASP B 69 53.35 -6.55 17.53
N GLY B 70 54.41 -7.34 17.72
CA GLY B 70 54.71 -8.45 16.82
C GLY B 70 53.94 -9.71 17.08
N LYS B 71 53.05 -9.72 18.08
CA LYS B 71 52.30 -10.90 18.43
C LYS B 71 51.13 -11.11 17.46
N SER B 72 50.30 -12.09 17.75
CA SER B 72 49.31 -12.56 16.77
C SER B 72 48.16 -11.58 16.59
N ALA B 73 47.38 -11.36 17.65
CA ALA B 73 46.16 -10.56 17.54
C ALA B 73 46.44 -9.13 17.94
N ASP B 74 47.16 -8.43 17.07
CA ASP B 74 47.51 -7.03 17.31
C ASP B 74 46.53 -6.08 16.64
N TYR B 75 45.23 -6.25 16.91
CA TYR B 75 44.26 -5.23 16.49
C TYR B 75 43.27 -4.89 17.59
N ILE B 76 43.23 -5.60 18.70
CA ILE B 76 42.37 -5.27 19.83
C ILE B 76 43.26 -4.79 20.97
N SER B 77 43.02 -3.56 21.44
CA SER B 77 43.72 -3.01 22.58
C SER B 77 42.69 -2.73 23.68
N HIS B 78 43.01 -3.16 24.90
CA HIS B 78 42.16 -2.93 26.05
C HIS B 78 42.86 -1.96 27.01
N SER B 79 42.06 -1.15 27.68
CA SER B 79 42.56 -0.04 28.47
C SER B 79 42.56 -0.39 29.95
N ASN B 80 43.72 -0.24 30.59
CA ASN B 80 43.80 -0.35 32.03
C ASN B 80 43.11 0.83 32.68
N LYS B 81 42.48 0.59 33.84
CA LYS B 81 41.71 1.64 34.49
C LYS B 81 42.60 2.75 35.03
N PHE B 82 43.85 2.44 35.35
CA PHE B 82 44.76 3.40 35.95
C PHE B 82 46.04 3.51 35.15
N PRO B 83 46.67 4.67 35.13
CA PRO B 83 48.03 4.77 34.56
C PRO B 83 49.06 4.21 35.52
N GLN B 84 50.19 3.80 34.95
CA GLN B 84 51.34 3.44 35.77
C GLN B 84 51.92 4.69 36.42
N GLN B 85 52.53 4.52 37.59
CA GLN B 85 53.14 5.65 38.26
C GLN B 85 54.31 6.21 37.47
N SER B 86 54.95 5.36 36.66
CA SER B 86 55.96 5.86 35.72
C SER B 86 55.35 6.83 34.72
N ALA B 87 54.10 6.60 34.32
CA ALA B 87 53.41 7.56 33.45
C ALA B 87 53.22 8.88 34.17
N LEU B 88 52.90 8.85 35.47
CA LEU B 88 52.81 10.07 36.26
C LEU B 88 54.15 10.80 36.29
N LEU B 89 55.24 10.05 36.48
CA LEU B 89 56.57 10.64 36.50
C LEU B 89 56.89 11.30 35.18
N GLY B 90 56.62 10.62 34.07
CA GLY B 90 56.87 11.19 32.76
C GLY B 90 56.03 12.42 32.50
N MET B 91 54.76 12.38 32.92
CA MET B 91 53.90 13.56 32.90
C MET B 91 54.56 14.74 33.59
N ILE B 92 55.02 14.53 34.83
CA ILE B 92 55.57 15.64 35.60
C ILE B 92 56.84 16.16 34.95
N ARG B 93 57.70 15.25 34.48
CA ARG B 93 58.94 15.67 33.82
C ARG B 93 58.66 16.47 32.55
N TYR B 94 57.70 16.00 31.75
CA TYR B 94 57.35 16.70 30.52
C TYR B 94 56.83 18.10 30.81
N GLN B 95 55.92 18.22 31.77
CA GLN B 95 55.40 19.55 32.10
C GLN B 95 56.48 20.43 32.71
N LEU B 96 57.39 19.84 33.49
CA LEU B 96 58.47 20.62 34.09
C LEU B 96 59.35 21.24 33.02
N LEU B 97 59.77 20.47 32.02
CA LEU B 97 60.56 21.07 30.95
C LEU B 97 59.72 21.94 30.04
N LYS B 98 58.40 21.72 29.98
CA LYS B 98 57.55 22.62 29.21
C LYS B 98 57.56 24.02 29.82
N GLN B 99 57.48 24.11 31.15
CA GLN B 99 57.54 25.42 31.79
C GLN B 99 58.90 26.08 31.58
N HIS B 100 59.97 25.28 31.50
CA HIS B 100 61.31 25.80 31.32
C HIS B 100 61.76 25.79 29.86
N ASN B 101 60.90 25.35 28.94
CA ASN B 101 61.15 25.45 27.50
C ASN B 101 62.40 24.68 27.08
N LEU B 102 62.46 23.40 27.45
CA LEU B 102 63.59 22.54 27.12
C LEU B 102 63.04 21.20 26.59
N LEU B 103 62.92 21.10 25.27
CA LEU B 103 62.37 19.93 24.61
C LEU B 103 63.28 19.53 23.44
N SER B 104 62.95 18.39 22.83
CA SER B 104 63.50 17.98 21.55
C SER B 104 62.48 18.29 20.45
N GLN B 105 62.88 19.08 19.46
CA GLN B 105 61.93 19.48 18.43
C GLN B 105 62.50 19.11 17.07
N PHE B 106 62.25 17.84 16.64
CA PHE B 106 62.13 17.36 15.26
C PHE B 106 63.30 16.44 14.82
N PRO B 107 64.53 16.96 14.65
CA PRO B 107 65.55 16.20 13.92
C PRO B 107 66.26 15.10 14.70
N TYR B 108 66.21 15.11 16.05
CA TYR B 108 67.18 14.56 16.99
C TYR B 108 68.29 15.57 17.28
N THR B 109 67.92 16.84 17.42
CA THR B 109 68.85 17.87 17.86
C THR B 109 69.59 17.41 19.11
N GLU B 110 70.86 17.77 19.20
CA GLU B 110 71.64 17.57 20.41
C GLU B 110 71.56 18.83 21.26
N ASN B 111 71.78 18.70 22.57
CA ASN B 111 71.69 19.82 23.52
C ASN B 111 73.08 20.23 23.97
N LYS B 112 73.32 21.54 24.03
CA LYS B 112 74.61 22.06 24.43
C LYS B 112 74.86 21.73 25.90
N PRO B 113 76.12 21.74 26.36
CA PRO B 113 76.44 21.38 27.74
C PRO B 113 76.08 22.48 28.76
N THR B 114 74.92 23.07 28.59
CA THR B 114 74.22 23.79 29.65
C THR B 114 72.81 23.28 29.84
N GLU B 115 72.09 23.03 28.74
CA GLU B 115 70.82 22.32 28.85
C GLU B 115 71.01 20.93 29.44
N LYS B 116 72.19 20.33 29.27
CA LYS B 116 72.40 18.98 29.80
C LYS B 116 72.28 18.95 31.31
N GLU B 117 73.01 19.81 32.02
CA GLU B 117 72.88 19.75 33.48
C GLU B 117 71.67 20.54 33.95
N ILE B 118 71.08 21.40 33.13
CA ILE B 118 69.80 21.97 33.55
C ILE B 118 68.72 20.89 33.55
N MET B 119 68.77 19.95 32.58
CA MET B 119 67.87 18.80 32.62
C MET B 119 68.27 17.81 33.70
N LYS B 120 69.56 17.72 34.03
CA LYS B 120 69.96 16.93 35.19
C LYS B 120 69.31 17.45 36.45
N THR B 121 69.44 18.75 36.72
CA THR B 121 68.84 19.35 37.90
C THR B 121 67.33 19.49 37.78
N LEU B 122 66.76 19.26 36.62
CA LEU B 122 65.32 19.37 36.44
C LEU B 122 64.64 18.01 36.62
N ILE B 123 65.04 17.01 35.82
CA ILE B 123 64.39 15.71 35.85
C ILE B 123 65.34 14.58 36.22
N GLY B 124 66.64 14.71 35.93
CA GLY B 124 67.59 13.65 36.20
C GLY B 124 68.04 12.97 34.91
N GLU B 125 68.45 11.71 35.06
CA GLU B 125 68.98 10.91 33.96
C GLU B 125 67.93 10.14 33.21
N GLN B 126 67.25 9.22 33.88
CA GLN B 126 66.47 8.18 33.22
C GLN B 126 65.00 8.32 33.59
N SER B 127 64.20 7.44 33.00
CA SER B 127 62.79 7.28 33.37
C SER B 127 62.74 6.43 34.65
N PHE B 128 61.56 5.93 34.96
CA PHE B 128 61.40 5.06 36.13
C PHE B 128 62.00 3.71 35.77
N ARG B 129 63.29 3.57 35.98
CA ARG B 129 63.99 2.29 35.78
C ARG B 129 63.72 1.40 36.98
N MET B 130 63.01 0.29 36.76
CA MET B 130 62.75 -0.63 37.85
C MET B 130 64.00 -1.40 38.26
N THR B 131 65.08 -1.31 37.49
CA THR B 131 66.32 -1.98 37.86
C THR B 131 66.87 -1.42 39.17
N GLU B 132 66.80 -0.11 39.35
CA GLU B 132 67.32 0.53 40.55
C GLU B 132 66.23 0.66 41.62
N ARG B 133 65.51 -0.42 41.89
CA ARG B 133 64.46 -0.39 42.90
C ARG B 133 65.02 -0.35 44.31
N LYS B 134 66.21 -0.91 44.53
CA LYS B 134 66.89 -0.84 45.82
C LYS B 134 67.87 0.33 45.85
N ALA B 135 67.33 1.54 45.67
CA ALA B 135 68.09 2.77 45.75
C ALA B 135 67.39 3.70 46.73
N LYS B 136 68.09 4.14 47.76
CA LYS B 136 67.47 4.92 48.82
C LYS B 136 67.32 6.38 48.42
N SER B 137 66.76 6.63 47.24
CA SER B 137 66.52 7.98 46.76
C SER B 137 65.78 7.91 45.43
N LEU B 138 64.95 8.92 45.18
CA LEU B 138 64.39 9.09 43.85
C LEU B 138 65.50 9.48 42.90
N GLY B 139 65.60 8.79 41.76
CA GLY B 139 66.65 9.08 40.81
C GLY B 139 66.32 10.27 39.92
N LEU B 140 65.49 11.18 40.42
CA LEU B 140 65.00 12.30 39.63
C LEU B 140 65.18 13.61 40.39
N GLY B 141 65.63 14.64 39.67
CA GLY B 141 65.81 15.94 40.28
C GLY B 141 64.48 16.63 40.54
N VAL B 142 64.51 17.56 41.50
CA VAL B 142 63.37 18.40 41.87
C VAL B 142 62.26 17.55 42.48
N ILE B 143 61.86 16.48 41.81
CA ILE B 143 60.75 15.64 42.24
C ILE B 143 61.29 14.64 43.26
N LYS B 144 60.67 14.61 44.45
CA LYS B 144 61.11 13.74 45.53
C LYS B 144 60.09 12.68 45.94
N GLN B 145 58.80 13.01 45.97
CA GLN B 145 57.81 12.06 46.44
C GLN B 145 56.55 12.16 45.59
N ILE B 146 56.02 11.00 45.20
CA ILE B 146 54.81 10.91 44.41
C ILE B 146 53.90 9.88 45.07
N SER B 147 52.70 10.31 45.44
CA SER B 147 51.75 9.42 46.10
C SER B 147 51.09 8.50 45.08
N PRO B 148 50.58 7.35 45.53
CA PRO B 148 49.82 6.49 44.62
C PRO B 148 48.60 7.23 44.08
N LEU B 149 48.26 6.95 42.83
CA LEU B 149 47.16 7.64 42.18
C LEU B 149 45.85 7.38 42.91
N MET B 150 45.09 8.44 43.17
CA MET B 150 43.90 8.38 43.99
C MET B 150 42.66 8.63 43.14
N LEU B 151 41.58 7.91 43.45
CA LEU B 151 40.29 8.15 42.83
C LEU B 151 39.50 9.07 43.75
N ILE B 152 39.24 10.28 43.29
CA ILE B 152 38.64 11.33 44.11
C ILE B 152 37.28 11.70 43.52
N GLU B 153 36.26 11.70 44.37
CA GLU B 153 34.92 12.12 43.97
C GLU B 153 34.72 13.56 44.41
N CYS B 154 34.61 14.47 43.44
CA CYS B 154 34.33 15.88 43.69
C CYS B 154 32.91 16.15 43.21
N LYS B 155 31.98 16.29 44.17
CA LYS B 155 30.56 16.37 43.85
C LYS B 155 30.07 17.81 43.68
N ASP B 156 30.21 18.64 44.72
CA ASP B 156 29.71 20.02 44.67
C ASP B 156 30.30 20.79 45.84
N ASP B 157 30.34 22.11 45.68
CA ASP B 157 30.90 23.01 46.69
C ASP B 157 32.35 22.68 46.97
N THR B 158 32.98 23.44 47.88
CA THR B 158 34.29 23.02 48.38
C THR B 158 34.16 21.69 49.11
N SER B 159 33.24 21.60 50.06
CA SER B 159 32.87 20.37 50.74
C SER B 159 34.07 19.56 51.18
N SER B 160 34.27 18.40 50.54
CA SER B 160 35.41 17.54 50.82
C SER B 160 35.63 16.65 49.62
N ARG B 161 36.81 16.06 49.56
CA ARG B 161 37.17 15.12 48.51
C ARG B 161 37.01 13.71 49.05
N SER B 162 36.18 12.89 48.39
CA SER B 162 35.96 11.52 48.81
C SER B 162 36.97 10.63 48.10
N ILE B 163 38.01 10.21 48.82
CA ILE B 163 39.01 9.33 48.26
C ILE B 163 38.44 7.92 48.18
N TYR B 164 38.52 7.32 47.00
CA TYR B 164 37.95 6.00 46.77
C TYR B 164 39.08 4.97 46.70
N PHE B 165 38.88 3.84 47.36
CA PHE B 165 39.87 2.78 47.42
C PHE B 165 39.24 1.47 46.97
N PRO B 166 40.04 0.56 46.43
CA PRO B 166 39.51 -0.78 46.11
C PRO B 166 39.12 -1.51 47.39
N LEU B 167 38.11 -2.34 47.27
CA LEU B 167 37.64 -3.12 48.41
C LEU B 167 38.72 -4.12 48.82
N PRO B 168 39.06 -4.21 50.10
CA PRO B 168 39.90 -5.33 50.55
C PRO B 168 39.21 -6.64 50.24
N LEU B 169 40.02 -7.65 49.90
CA LEU B 169 39.46 -8.89 49.37
C LEU B 169 38.64 -9.66 50.40
N ASP B 170 38.70 -9.28 51.67
CA ASP B 170 37.80 -9.80 52.70
C ASP B 170 37.00 -8.62 53.24
N ASP B 171 35.88 -8.31 52.58
CA ASP B 171 35.05 -7.18 53.00
C ASP B 171 34.12 -7.58 54.14
N GLY B 172 33.23 -8.52 53.89
CA GLY B 172 32.33 -8.99 54.92
C GLY B 172 32.58 -10.45 55.23
N TYR B 173 33.83 -10.87 55.10
CA TYR B 173 34.24 -12.25 55.31
C TYR B 173 35.20 -12.30 56.49
N LYS B 174 34.84 -13.09 57.50
CA LYS B 174 35.66 -13.25 58.69
C LYS B 174 36.50 -14.52 58.50
N VAL B 175 37.82 -14.37 58.46
CA VAL B 175 38.72 -15.50 58.30
C VAL B 175 39.11 -15.99 59.69
N SER B 176 38.97 -17.29 59.91
CA SER B 176 39.23 -17.92 61.20
C SER B 176 40.36 -18.92 60.99
N PHE B 177 41.57 -18.53 61.35
CA PHE B 177 42.73 -19.33 61.05
C PHE B 177 42.86 -20.49 62.03
N ASN B 178 44.04 -21.11 62.03
CA ASN B 178 44.25 -22.39 62.68
C ASN B 178 43.82 -22.36 64.15
N GLU B 179 42.78 -23.14 64.47
CA GLU B 179 42.55 -23.56 65.85
C GLU B 179 43.59 -24.63 66.12
N THR B 180 44.60 -24.30 66.92
CA THR B 180 45.84 -25.07 66.92
C THR B 180 45.62 -26.45 67.51
N SER B 181 45.37 -27.44 66.64
CA SER B 181 45.12 -28.81 67.05
C SER B 181 45.98 -29.80 66.27
N ASN B 182 47.05 -29.33 65.62
CA ASN B 182 48.08 -30.14 64.98
C ASN B 182 47.60 -30.79 63.68
N GLU B 183 46.33 -30.62 63.31
CA GLU B 183 45.75 -31.33 62.18
C GLU B 183 45.25 -30.36 61.11
N ASP B 184 45.01 -30.91 59.92
CA ASP B 184 44.33 -30.22 58.83
C ASP B 184 45.08 -28.96 58.39
N LYS B 185 46.27 -29.19 57.84
CA LYS B 185 47.08 -28.14 57.23
C LYS B 185 46.88 -28.09 55.72
N VAL B 186 47.59 -27.15 55.09
CA VAL B 186 47.54 -26.94 53.65
C VAL B 186 48.97 -26.81 53.12
N PHE B 187 49.17 -27.19 51.87
CA PHE B 187 50.43 -26.98 51.17
C PHE B 187 50.20 -26.02 50.01
N TYR B 188 50.70 -24.79 50.15
CA TYR B 188 50.55 -23.76 49.12
C TYR B 188 51.75 -23.80 48.19
N ASN B 189 51.80 -24.84 47.35
CA ASN B 189 52.91 -25.02 46.39
C ASN B 189 54.26 -24.97 47.09
N GLY B 190 54.31 -25.52 48.30
CA GLY B 190 55.41 -25.21 49.18
C GLY B 190 55.23 -25.72 50.60
N ILE B 191 55.36 -24.81 51.56
CA ILE B 191 55.50 -25.16 52.95
C ILE B 191 54.16 -25.01 53.67
N GLU B 192 54.14 -25.41 54.94
CA GLU B 192 52.93 -25.43 55.74
C GLU B 192 52.18 -24.10 55.68
N CYS B 193 50.84 -24.19 55.70
CA CYS B 193 50.02 -23.00 55.86
C CYS B 193 48.73 -23.43 56.54
N PRO B 194 48.28 -22.68 57.55
CA PRO B 194 47.23 -23.16 58.48
C PRO B 194 45.80 -22.87 58.06
N ILE B 195 45.36 -23.52 56.98
CA ILE B 195 43.96 -23.79 56.65
C ILE B 195 43.02 -22.61 56.91
N PRO B 196 43.01 -21.60 56.05
CA PRO B 196 42.08 -20.47 56.26
C PRO B 196 40.63 -20.94 56.27
N ASN B 197 39.84 -20.31 57.14
CA ASN B 197 38.40 -20.56 57.24
C ASN B 197 37.69 -19.22 57.07
N VAL B 198 36.98 -19.05 55.94
CA VAL B 198 36.29 -17.80 55.65
C VAL B 198 34.80 -18.01 55.83
N TYR B 199 34.20 -17.24 56.71
CA TYR B 199 32.77 -17.22 56.98
C TYR B 199 32.19 -15.90 56.52
N PRO B 200 30.91 -15.88 56.15
CA PRO B 200 30.25 -14.58 55.95
C PRO B 200 30.11 -13.85 57.26
N ALA B 201 30.87 -12.77 57.45
CA ALA B 201 30.90 -12.05 58.72
C ALA B 201 29.60 -11.28 58.89
N SER B 202 28.58 -11.99 59.36
CA SER B 202 27.26 -11.39 59.56
C SER B 202 26.44 -12.22 60.56
N ARG B 212 26.84 -21.48 61.12
CA ARG B 212 26.96 -20.62 59.96
C ARG B 212 27.52 -21.38 58.76
N LYS B 213 27.46 -20.76 57.59
CA LYS B 213 27.94 -21.37 56.35
C LYS B 213 29.42 -21.06 56.17
N PHE B 214 29.94 -21.34 54.99
CA PHE B 214 31.34 -21.14 54.65
C PHE B 214 31.46 -20.23 53.43
N PHE B 215 32.69 -20.10 52.94
CA PHE B 215 32.98 -19.25 51.78
C PHE B 215 32.47 -19.93 50.51
N ASP B 216 31.44 -19.36 49.90
CA ASP B 216 30.94 -19.81 48.61
C ASP B 216 31.45 -18.87 47.53
N HIS B 217 32.28 -19.40 46.62
CA HIS B 217 32.94 -18.57 45.63
C HIS B 217 32.05 -18.20 44.46
N LYS B 218 30.86 -18.78 44.36
CA LYS B 218 29.92 -18.37 43.33
C LYS B 218 29.24 -17.05 43.64
N THR B 219 29.39 -16.54 44.87
CA THR B 219 28.80 -15.28 45.29
C THR B 219 29.88 -14.39 45.90
N TYR B 220 31.07 -14.39 45.32
CA TYR B 220 32.19 -13.58 45.78
C TYR B 220 32.44 -12.47 44.76
N ASN B 221 32.25 -11.22 45.18
CA ASN B 221 32.39 -10.11 44.25
C ASN B 221 33.10 -8.91 44.86
N ASN B 222 33.98 -9.12 45.85
CA ASN B 222 34.72 -8.01 46.43
C ASN B 222 35.72 -7.40 45.45
N TYR B 223 36.11 -8.12 44.40
CA TYR B 223 37.04 -7.61 43.42
C TYR B 223 36.38 -6.75 42.35
N LEU B 224 35.06 -6.63 42.38
CA LEU B 224 34.33 -5.76 41.46
C LEU B 224 33.86 -4.47 42.12
N PHE B 225 34.33 -4.18 43.34
CA PHE B 225 33.81 -3.08 44.13
C PHE B 225 34.92 -2.11 44.51
N TRP B 226 34.54 -0.86 44.69
CA TRP B 226 35.42 0.19 45.21
C TRP B 226 34.76 0.82 46.43
N CYS B 227 35.58 1.26 47.37
CA CYS B 227 35.10 1.66 48.68
C CYS B 227 35.63 3.03 49.08
N THR B 228 34.88 3.69 49.96
CA THR B 228 35.23 5.01 50.45
C THR B 228 34.72 5.19 51.87
N GLN B 229 35.23 6.22 52.53
CA GLN B 229 34.90 6.46 53.93
C GLN B 229 33.44 6.81 54.10
N GLY B 230 32.82 6.24 55.14
CA GLY B 230 31.44 6.56 55.49
C GLY B 230 31.31 6.87 56.97
N ASN B 231 30.07 7.12 57.38
CA ASN B 231 29.75 7.43 58.78
C ASN B 231 29.74 6.13 59.59
N ASN B 232 30.93 5.51 59.67
CA ASN B 232 31.18 4.25 60.35
C ASN B 232 30.66 3.03 59.59
N GLN B 233 30.33 3.17 58.31
CA GLN B 233 30.13 2.00 57.45
C GLN B 233 30.77 2.28 56.10
N ILE B 234 31.13 1.21 55.40
CA ILE B 234 31.83 1.32 54.13
C ILE B 234 30.81 1.57 53.02
N LYS B 235 31.09 2.57 52.19
CA LYS B 235 30.29 2.83 51.00
C LYS B 235 30.91 2.08 49.83
N LYS B 236 30.10 1.26 49.17
CA LYS B 236 30.58 0.37 48.12
C LYS B 236 30.05 0.85 46.77
N LEU B 237 30.97 1.12 45.85
CA LEU B 237 30.63 1.51 44.49
C LEU B 237 31.13 0.45 43.53
N LEU B 238 30.27 0.03 42.60
CA LEU B 238 30.66 -0.96 41.60
C LEU B 238 31.67 -0.36 40.63
N SER B 239 32.53 -1.22 40.08
CA SER B 239 33.57 -0.75 39.16
C SER B 239 32.96 -0.18 37.89
N ASP B 240 31.87 -0.78 37.40
CA ASP B 240 31.29 -0.33 36.13
C ASP B 240 30.55 1.00 36.27
N GLU B 241 30.24 1.42 37.49
CA GLU B 241 29.64 2.75 37.66
C GLU B 241 30.70 3.85 37.61
N ILE B 242 31.91 3.58 38.10
CA ILE B 242 32.97 4.58 38.08
C ILE B 242 33.47 4.80 36.65
N TRP B 243 33.62 3.73 35.88
CA TRP B 243 34.21 3.78 34.55
C TRP B 243 33.19 3.37 33.50
N ILE B 244 33.31 3.96 32.31
CA ILE B 244 32.52 3.59 31.14
C ILE B 244 33.50 3.15 30.05
N SER B 245 33.20 2.04 29.39
CA SER B 245 34.07 1.47 28.38
C SER B 245 33.49 1.71 27.00
N LYS B 246 34.38 2.01 26.05
CA LYS B 246 34.01 2.22 24.66
C LYS B 246 34.98 1.48 23.77
N MET B 247 34.45 0.75 22.79
CA MET B 247 35.27 0.05 21.80
C MET B 247 35.20 0.82 20.49
N GLN B 248 36.35 1.22 19.98
CA GLN B 248 36.44 2.03 18.76
C GLN B 248 36.92 1.18 17.60
N ILE B 249 36.28 1.38 16.45
CA ILE B 249 36.70 0.77 15.20
C ILE B 249 37.51 1.81 14.44
N GLY B 250 38.72 1.46 14.04
CA GLY B 250 39.58 2.39 13.34
C GLY B 250 40.16 1.75 12.09
N ILE B 251 40.31 2.58 11.06
CA ILE B 251 40.77 2.14 9.75
C ILE B 251 41.68 3.19 9.15
N THR B 252 42.32 2.81 8.05
CA THR B 252 43.00 3.74 7.14
C THR B 252 42.22 3.72 5.83
N LYS B 253 41.76 4.89 5.39
CA LYS B 253 40.88 4.93 4.23
C LYS B 253 41.59 4.43 2.98
N HIS B 254 42.90 4.65 2.88
CA HIS B 254 43.80 4.01 1.93
C HIS B 254 43.47 4.34 0.48
N VAL B 255 42.90 5.51 0.18
CA VAL B 255 42.26 5.72 -1.12
C VAL B 255 43.19 5.46 -2.30
N GLU B 256 44.17 6.37 -2.50
CA GLU B 256 45.27 6.27 -3.47
C GLU B 256 45.03 5.33 -4.65
N GLU B 257 46.07 4.62 -5.10
CA GLU B 257 45.93 3.71 -6.24
C GLU B 257 46.52 2.31 -6.04
N GLY B 258 47.65 2.15 -5.37
CA GLY B 258 48.36 0.87 -5.41
C GLY B 258 48.83 0.35 -4.07
N GLU B 259 48.41 1.02 -3.01
CA GLU B 259 48.74 0.64 -1.65
C GLU B 259 48.16 -0.74 -1.32
N ASP B 260 48.89 -1.50 -0.52
CA ASP B 260 48.40 -2.80 -0.08
C ASP B 260 47.50 -2.62 1.13
N ASN B 261 46.22 -2.96 0.98
CA ASN B 261 45.27 -2.98 2.09
C ASN B 261 45.54 -4.25 2.90
N ASP B 262 46.51 -4.15 3.82
CA ASP B 262 46.94 -5.30 4.59
C ASP B 262 46.81 -5.10 6.09
N LYS B 263 46.99 -3.88 6.59
CA LYS B 263 46.77 -3.56 8.00
C LYS B 263 46.03 -2.23 8.03
N SER B 264 44.71 -2.28 7.96
CA SER B 264 43.88 -1.08 7.93
C SER B 264 42.68 -1.25 8.84
N PHE B 265 42.88 -1.91 9.99
CA PHE B 265 41.78 -2.23 10.87
C PHE B 265 42.33 -2.44 12.28
N TYR B 266 41.74 -1.76 13.26
CA TYR B 266 42.13 -1.94 14.65
C TYR B 266 40.93 -1.65 15.53
N LYS B 267 40.99 -2.19 16.75
CA LYS B 267 39.95 -1.99 17.76
C LYS B 267 40.59 -1.42 19.01
N GLN B 268 40.09 -0.27 19.46
CA GLN B 268 40.66 0.44 20.60
C GLN B 268 39.62 0.54 21.70
N GLU B 269 40.06 0.32 22.94
CA GLU B 269 39.20 0.45 24.10
C GLU B 269 39.50 1.78 24.79
N PHE B 270 38.48 2.62 24.93
CA PHE B 270 38.58 3.90 25.59
C PHE B 270 37.69 3.90 26.83
N LEU B 271 38.23 4.41 27.93
CA LEU B 271 37.50 4.48 29.19
C LEU B 271 37.18 5.94 29.51
N GLN B 272 36.03 6.14 30.15
CA GLN B 272 35.60 7.47 30.56
C GLN B 272 35.26 7.45 32.05
N LEU B 273 35.92 8.32 32.81
CA LEU B 273 35.57 8.49 34.21
C LEU B 273 34.23 9.20 34.33
N LYS B 274 33.46 8.83 35.35
CA LYS B 274 32.17 9.47 35.55
C LYS B 274 32.38 10.94 35.90
N LYS B 275 31.31 11.72 35.74
CA LYS B 275 31.45 13.17 35.68
C LYS B 275 32.08 13.73 36.95
N SER B 276 31.59 13.31 38.12
CA SER B 276 32.12 13.80 39.38
C SER B 276 33.22 12.89 39.92
N PHE B 277 34.20 12.57 39.09
CA PHE B 277 35.32 11.72 39.48
C PHE B 277 36.59 12.22 38.83
N ILE B 278 37.64 12.38 39.63
CA ILE B 278 38.92 12.89 39.15
C ILE B 278 40.05 12.02 39.68
N TYR B 279 41.18 12.06 38.97
CA TYR B 279 42.42 11.45 39.44
C TYR B 279 43.25 12.50 40.14
N ALA B 280 43.90 12.10 41.23
CA ALA B 280 44.74 13.02 41.98
C ALA B 280 45.92 12.27 42.56
N PHE B 281 46.98 13.02 42.87
CA PHE B 281 48.13 12.48 43.56
C PHE B 281 48.90 13.64 44.18
N TYR B 282 49.82 13.30 45.09
CA TYR B 282 50.60 14.26 45.84
C TYR B 282 52.03 14.27 45.34
N ILE B 283 52.63 15.46 45.24
CA ILE B 283 53.99 15.60 44.79
C ILE B 283 54.80 16.42 45.79
N THR B 284 56.11 16.17 45.81
CA THR B 284 57.07 16.90 46.61
C THR B 284 58.16 17.44 45.71
N LEU B 285 58.36 18.76 45.72
CA LEU B 285 59.31 19.40 44.82
C LEU B 285 60.31 20.22 45.62
N SER B 286 61.58 20.14 45.21
CA SER B 286 62.67 20.88 45.83
C SER B 286 63.33 21.79 44.80
N GLY B 287 64.02 22.82 45.30
CA GLY B 287 64.53 23.86 44.43
C GLY B 287 63.37 24.40 43.61
N GLU B 288 62.43 25.06 44.29
CA GLU B 288 61.06 25.17 43.84
C GLU B 288 60.91 25.57 42.37
N SER B 289 60.37 24.66 41.57
CA SER B 289 59.89 24.97 40.24
C SER B 289 58.37 25.00 40.30
N GLU B 290 57.79 26.16 40.02
CA GLU B 290 56.35 26.34 40.19
C GLU B 290 55.63 25.52 39.14
N LEU B 291 55.16 24.33 39.53
CA LEU B 291 54.39 23.48 38.62
C LEU B 291 53.05 24.13 38.35
N SER B 292 52.87 24.65 37.14
CA SER B 292 51.69 25.44 36.81
C SER B 292 50.57 24.54 36.27
N SER B 293 49.36 25.08 36.30
CA SER B 293 48.22 24.41 35.71
C SER B 293 48.21 24.60 34.20
N ASP B 294 47.95 23.52 33.48
CA ASP B 294 48.00 23.53 32.02
C ASP B 294 47.33 22.26 31.50
N ILE B 295 47.46 22.04 30.19
CA ILE B 295 46.92 20.85 29.54
C ILE B 295 48.05 19.83 29.41
N ILE B 296 47.80 18.60 29.83
CA ILE B 296 48.84 17.59 29.96
C ILE B 296 48.50 16.39 29.09
N GLN B 297 49.45 15.45 29.05
CA GLN B 297 49.27 14.15 28.42
C GLN B 297 49.63 13.07 29.43
N LEU B 298 48.75 12.07 29.56
CA LEU B 298 48.97 10.97 30.49
C LEU B 298 48.98 9.62 29.77
N GLY B 299 49.43 9.60 28.53
CA GLY B 299 49.64 8.36 27.81
C GLY B 299 48.38 7.76 27.22
N GLY B 300 48.49 7.30 25.98
CA GLY B 300 47.43 6.54 25.34
C GLY B 300 46.61 7.33 24.35
N GLN B 301 46.96 7.22 23.08
CA GLN B 301 46.21 7.82 21.96
C GLN B 301 45.81 9.26 22.25
N ARG B 302 46.79 10.06 22.65
CA ARG B 302 46.63 11.49 22.90
C ARG B 302 45.55 11.74 23.97
N SER B 303 45.83 11.28 25.18
CA SER B 303 44.94 11.45 26.31
C SER B 303 45.20 12.81 26.96
N VAL B 304 44.14 13.60 27.11
CA VAL B 304 44.24 14.97 27.60
C VAL B 304 43.58 15.08 28.97
N PHE B 305 44.27 15.71 29.91
CA PHE B 305 43.80 15.90 31.27
C PHE B 305 44.03 17.33 31.70
N ARG B 306 43.12 17.85 32.51
CA ARG B 306 43.25 19.20 33.07
C ARG B 306 43.99 19.11 34.40
N MET B 307 45.17 19.69 34.46
CA MET B 307 45.99 19.71 35.67
C MET B 307 45.63 20.92 36.50
N GLU B 308 45.16 20.67 37.73
CA GLU B 308 45.00 21.73 38.73
C GLU B 308 46.01 21.49 39.84
N VAL B 309 46.81 22.51 40.14
CA VAL B 309 47.90 22.40 41.11
C VAL B 309 47.48 23.15 42.37
N GLU B 310 47.31 22.43 43.46
CA GLU B 310 46.93 23.01 44.74
C GLU B 310 48.09 22.86 45.72
N SER B 311 48.40 23.95 46.41
CA SER B 311 49.51 23.96 47.35
C SER B 311 49.01 23.57 48.74
N ILE B 312 49.80 22.74 49.42
CA ILE B 312 49.50 22.31 50.77
C ILE B 312 50.67 22.72 51.67
N GLU B 313 50.46 22.57 52.97
CA GLU B 313 51.47 23.00 53.94
C GLU B 313 52.76 22.20 53.79
N GLU B 314 53.89 22.91 53.80
CA GLU B 314 55.17 22.27 53.57
C GLU B 314 55.58 21.36 54.72
N ASN B 315 55.05 21.56 55.92
CA ASN B 315 55.36 20.71 57.06
C ASN B 315 54.46 19.48 57.08
N SER B 316 54.42 18.74 55.98
CA SER B 316 53.54 17.59 55.86
C SER B 316 54.10 16.64 54.83
N ASP B 317 54.39 15.41 55.25
CA ASP B 317 54.73 14.35 54.30
C ASP B 317 53.44 13.77 53.72
N ILE B 318 53.48 13.41 52.44
CA ILE B 318 52.28 12.97 51.76
C ILE B 318 51.93 11.52 52.10
N GLN B 319 52.90 10.75 52.58
CA GLN B 319 52.65 9.33 52.86
C GLN B 319 51.59 9.16 53.93
N GLU B 320 51.73 9.85 55.07
CA GLU B 320 50.72 9.63 56.10
C GLU B 320 49.43 10.37 55.77
N LYS B 321 49.44 11.31 54.83
CA LYS B 321 48.18 11.82 54.31
C LYS B 321 47.41 10.72 53.57
N TYR B 322 48.11 9.99 52.69
CA TYR B 322 47.46 8.87 52.01
C TYR B 322 47.01 7.80 53.01
N GLN B 323 47.84 7.51 54.01
CA GLN B 323 47.46 6.49 54.99
C GLN B 323 46.33 6.97 55.89
N THR B 324 46.24 8.27 56.16
CA THR B 324 45.08 8.80 56.88
C THR B 324 43.82 8.63 56.03
N ALA B 325 43.93 8.84 54.73
CA ALA B 325 42.79 8.57 53.85
C ALA B 325 42.39 7.10 53.89
N ALA B 326 43.37 6.20 53.99
CA ALA B 326 43.10 4.76 53.98
C ALA B 326 42.83 4.18 55.36
N GLN B 327 42.92 4.98 56.43
CA GLN B 327 42.79 4.45 57.79
C GLN B 327 41.47 3.70 58.01
N PHE B 328 40.41 4.07 57.31
CA PHE B 328 39.11 3.46 57.54
C PHE B 328 39.01 2.03 57.04
N LEU B 329 40.11 1.44 56.57
CA LEU B 329 40.09 0.08 56.03
C LEU B 329 41.10 -0.82 56.74
N THR B 330 41.51 -0.46 57.95
CA THR B 330 42.57 -1.19 58.64
C THR B 330 41.99 -2.21 59.61
N GLN B 331 42.60 -3.39 59.63
CA GLN B 331 42.34 -4.43 60.61
C GLN B 331 43.66 -4.94 61.14
N SER B 332 43.69 -5.32 62.41
CA SER B 332 44.94 -5.68 63.06
C SER B 332 45.57 -6.91 62.44
N ASP B 333 44.76 -7.84 61.94
CA ASP B 333 45.26 -9.12 61.44
C ASP B 333 45.61 -9.08 59.96
N ARG B 334 45.48 -7.94 59.30
CA ARG B 334 45.65 -7.85 57.85
C ARG B 334 46.79 -6.91 57.48
N LEU B 335 47.09 -6.90 56.18
CA LEU B 335 47.92 -5.88 55.55
C LEU B 335 47.29 -5.58 54.20
N LEU B 336 46.46 -4.54 54.15
CA LEU B 336 45.74 -4.20 52.93
C LEU B 336 46.72 -3.56 51.94
N ILE B 337 46.82 -4.14 50.76
CA ILE B 337 47.71 -3.62 49.72
C ILE B 337 46.98 -2.50 49.00
N LEU B 338 47.47 -1.26 49.17
CA LEU B 338 46.82 -0.09 48.60
C LEU B 338 47.31 0.24 47.21
N SER B 339 48.59 0.01 46.93
CA SER B 339 49.20 0.23 45.63
C SER B 339 49.92 -1.03 45.22
N PRO B 340 50.11 -1.24 43.92
CA PRO B 340 50.77 -2.48 43.46
C PRO B 340 52.09 -2.70 44.16
N THR B 341 52.31 -3.93 44.62
CA THR B 341 53.44 -4.27 45.47
C THR B 341 54.30 -5.32 44.78
N TYR B 342 55.60 -5.05 44.68
CA TYR B 342 56.55 -5.95 44.06
C TYR B 342 57.46 -6.56 45.12
N VAL B 343 57.64 -7.88 45.03
CA VAL B 343 58.62 -8.60 45.85
C VAL B 343 59.43 -9.49 44.92
N ASP B 344 60.76 -9.44 45.06
CA ASP B 344 61.62 -10.24 44.21
C ASP B 344 61.39 -11.73 44.40
N ASN B 345 60.96 -12.13 45.61
CA ASN B 345 60.68 -13.54 45.89
C ASN B 345 59.36 -13.60 46.66
N LEU B 346 58.30 -14.02 45.99
CA LEU B 346 57.02 -14.19 46.65
C LEU B 346 57.01 -15.42 47.55
N LYS B 347 57.97 -16.33 47.39
CA LYS B 347 58.05 -17.48 48.29
C LYS B 347 58.33 -17.04 49.72
N GLU B 348 59.23 -16.08 49.89
CA GLU B 348 59.49 -15.54 51.23
C GLU B 348 58.24 -14.92 51.82
N LEU B 349 57.52 -14.13 51.03
CA LEU B 349 56.31 -13.49 51.53
C LEU B 349 55.26 -14.52 51.92
N SER B 350 55.12 -15.58 51.12
CA SER B 350 54.20 -16.67 51.46
C SER B 350 54.62 -17.35 52.76
N ALA B 351 55.93 -17.54 52.95
CA ALA B 351 56.43 -18.15 54.18
C ALA B 351 56.20 -17.28 55.41
N LEU B 352 55.85 -16.01 55.24
CA LEU B 352 55.64 -15.08 56.34
C LEU B 352 54.18 -14.72 56.56
N CYS B 353 53.25 -15.59 56.14
CA CYS B 353 51.85 -15.27 56.24
C CYS B 353 51.03 -16.56 56.25
N ASN B 354 49.81 -16.45 56.78
CA ASN B 354 48.87 -17.55 56.78
C ASN B 354 47.98 -17.58 55.54
N PHE B 355 47.97 -16.51 54.75
CA PHE B 355 47.14 -16.43 53.56
C PHE B 355 47.61 -15.27 52.70
N MET B 356 47.45 -15.43 51.38
CA MET B 356 47.71 -14.37 50.41
C MET B 356 46.45 -14.24 49.54
N TRP B 357 45.49 -13.47 50.03
CA TRP B 357 44.26 -13.18 49.28
C TRP B 357 44.59 -12.06 48.32
N SER B 358 45.32 -12.41 47.27
CA SER B 358 45.95 -11.42 46.40
C SER B 358 45.62 -11.70 44.94
N ASP B 359 46.06 -10.77 44.09
CA ASP B 359 45.90 -10.85 42.64
C ASP B 359 47.19 -10.35 41.99
N SER B 360 47.33 -10.63 40.70
CA SER B 360 48.53 -10.28 39.95
C SER B 360 48.23 -9.16 38.96
N ILE B 361 49.15 -8.20 38.88
CA ILE B 361 49.10 -7.14 37.89
C ILE B 361 50.44 -7.09 37.18
N VAL B 362 50.43 -6.58 35.96
CA VAL B 362 51.60 -6.60 35.08
C VAL B 362 52.15 -5.19 34.95
N PHE B 363 53.46 -5.06 34.94
CA PHE B 363 54.13 -3.77 34.82
C PHE B 363 55.18 -3.83 33.72
N ARG B 364 55.11 -2.87 32.80
CA ARG B 364 56.12 -2.69 31.77
C ARG B 364 56.26 -1.20 31.51
N ASN B 365 57.47 -0.67 31.63
CA ASN B 365 57.73 0.75 31.59
C ASN B 365 58.47 1.10 30.31
N ILE B 366 58.24 2.32 29.82
CA ILE B 366 58.99 2.83 28.68
C ILE B 366 60.30 3.41 29.21
N GLN B 367 61.42 2.90 28.73
CA GLN B 367 62.73 3.30 29.18
C GLN B 367 63.31 4.34 28.23
N THR B 368 63.49 5.56 28.72
CA THR B 368 64.07 6.63 27.92
C THR B 368 64.99 7.48 28.81
N THR B 369 66.15 7.81 28.28
CA THR B 369 67.12 8.66 28.96
C THR B 369 66.95 10.11 28.50
N ASN B 370 67.81 10.98 29.02
CA ASN B 370 67.78 12.38 28.59
C ASN B 370 68.16 12.50 27.12
N ALA B 371 69.27 11.88 26.74
CA ALA B 371 69.72 11.88 25.35
C ALA B 371 69.08 10.75 24.55
N SER B 372 67.75 10.70 24.55
CA SER B 372 67.02 9.65 23.86
C SER B 372 66.36 10.20 22.61
N ASN B 373 65.95 9.28 21.74
CA ASN B 373 65.35 9.68 20.46
C ASN B 373 64.04 10.42 20.68
N PHE B 374 63.13 9.84 21.46
CA PHE B 374 61.83 10.42 21.81
C PHE B 374 60.90 10.45 20.61
N TYR B 375 61.43 10.12 19.43
CA TYR B 375 60.69 10.23 18.17
C TYR B 375 60.79 8.93 17.38
N GLY B 376 61.26 7.86 18.02
CA GLY B 376 61.37 6.58 17.35
C GLY B 376 60.63 5.49 18.11
N LYS B 377 60.97 4.24 17.84
CA LYS B 377 60.39 3.15 18.59
C LYS B 377 60.83 3.25 20.05
N PRO B 378 59.89 3.24 21.01
CA PRO B 378 60.28 3.43 22.41
C PRO B 378 60.78 2.12 23.00
N ILE B 379 61.95 2.18 23.63
CA ILE B 379 62.55 1.00 24.25
C ILE B 379 61.78 0.76 25.55
N LYS B 380 60.89 -0.21 25.53
CA LYS B 380 60.10 -0.53 26.72
C LYS B 380 60.95 -1.37 27.68
N SER B 381 60.42 -1.53 28.90
CA SER B 381 61.22 -2.09 29.99
C SER B 381 61.70 -3.49 29.65
N SER B 382 62.93 -3.78 30.07
CA SER B 382 63.56 -5.07 29.84
C SER B 382 62.80 -6.22 30.49
N SER B 383 62.00 -5.96 31.52
CA SER B 383 61.30 -7.03 32.22
C SER B 383 59.87 -6.61 32.48
N LYS B 384 58.93 -7.51 32.17
CA LYS B 384 57.58 -7.38 32.70
C LYS B 384 57.57 -7.86 34.14
N TYR B 385 57.08 -7.02 35.04
CA TYR B 385 57.14 -7.27 36.46
C TYR B 385 55.73 -7.51 36.98
N HIS B 386 55.60 -8.45 37.92
CA HIS B 386 54.30 -8.84 38.45
C HIS B 386 54.17 -8.25 39.85
N PHE B 387 53.27 -7.27 39.98
CA PHE B 387 52.95 -6.64 41.25
C PHE B 387 51.63 -7.17 41.76
N LEU B 388 51.42 -7.03 43.07
CA LEU B 388 50.12 -7.39 43.63
C LEU B 388 49.08 -6.34 43.24
N LYS B 389 47.82 -6.66 43.52
CA LYS B 389 46.76 -5.76 43.12
C LYS B 389 46.27 -4.93 44.30
N PRO B 390 45.93 -3.66 44.09
CA PRO B 390 45.28 -2.88 45.16
C PRO B 390 43.99 -3.54 45.60
N GLY B 391 43.91 -3.84 46.89
CA GLY B 391 42.84 -4.65 47.45
C GLY B 391 43.29 -5.99 47.95
N SER B 392 44.48 -6.44 47.54
CA SER B 392 45.04 -7.67 48.06
C SER B 392 45.34 -7.54 49.54
N VAL B 393 45.22 -8.66 50.25
CA VAL B 393 45.45 -8.69 51.69
C VAL B 393 46.41 -9.82 52.02
N LEU B 394 47.36 -9.55 52.90
CA LEU B 394 48.33 -10.53 53.37
C LEU B 394 48.05 -10.83 54.84
N TYR B 395 47.65 -12.06 55.13
CA TYR B 395 47.27 -12.46 56.47
C TYR B 395 48.48 -13.08 57.15
N PHE B 396 49.19 -12.28 57.93
CA PHE B 396 50.41 -12.76 58.58
C PHE B 396 50.08 -13.68 59.75
N LYS B 397 51.09 -14.41 60.20
CA LYS B 397 50.94 -15.30 61.34
C LYS B 397 51.05 -14.49 62.63
N GLN B 398 51.15 -15.18 63.77
CA GLN B 398 51.37 -14.48 65.03
C GLN B 398 52.73 -13.80 65.01
N GLY B 399 52.75 -12.51 65.32
CA GLY B 399 53.96 -11.76 65.13
C GLY B 399 54.30 -11.66 63.66
N LYS B 400 55.59 -11.42 63.39
CA LYS B 400 56.13 -11.39 62.02
C LYS B 400 55.53 -10.28 61.18
N ARG B 401 54.68 -9.44 61.76
CA ARG B 401 54.15 -8.30 61.02
C ARG B 401 55.26 -7.30 60.71
N LYS B 402 56.12 -7.01 61.70
CA LYS B 402 57.25 -6.14 61.44
C LYS B 402 58.18 -6.73 60.38
N GLU B 403 58.29 -8.05 60.33
CA GLU B 403 59.16 -8.68 59.34
C GLU B 403 58.63 -8.49 57.93
N VAL B 404 57.32 -8.70 57.72
CA VAL B 404 56.77 -8.47 56.39
C VAL B 404 56.79 -6.98 56.03
N GLU B 405 56.59 -6.10 57.01
CA GLU B 405 56.73 -4.67 56.75
C GLU B 405 58.16 -4.35 56.29
N LYS B 406 59.16 -4.93 56.95
CA LYS B 406 60.54 -4.69 56.57
C LYS B 406 60.83 -5.24 55.17
N LEU B 407 60.27 -6.42 54.85
CA LEU B 407 60.45 -6.96 53.52
C LEU B 407 59.83 -6.05 52.45
N LEU B 408 58.63 -5.53 52.72
CA LEU B 408 57.95 -4.70 51.75
C LEU B 408 58.64 -3.35 51.57
N MET B 409 59.14 -2.76 52.66
CA MET B 409 59.69 -1.41 52.63
C MET B 409 61.14 -1.36 52.19
N ASP B 410 61.78 -2.50 51.96
CA ASP B 410 63.19 -2.47 51.56
C ASP B 410 63.40 -1.85 50.18
N TYR B 411 62.35 -1.80 49.36
CA TYR B 411 62.43 -1.16 48.05
C TYR B 411 62.05 0.30 48.21
N THR B 412 63.04 1.18 48.26
CA THR B 412 62.80 2.59 48.52
C THR B 412 62.47 3.38 47.26
N TYR B 413 63.05 3.02 46.12
CA TYR B 413 62.65 3.65 44.85
C TYR B 413 61.18 3.41 44.57
N LEU B 414 60.74 2.17 44.76
CA LEU B 414 59.33 1.83 44.54
C LEU B 414 58.42 2.59 45.50
N ARG B 415 58.81 2.68 46.78
CA ARG B 415 57.98 3.38 47.76
C ARG B 415 57.90 4.86 47.46
N LEU B 416 59.02 5.46 47.04
CA LEU B 416 59.00 6.88 46.68
C LEU B 416 58.19 7.13 45.42
N SER B 417 58.23 6.20 44.47
CA SER B 417 57.49 6.39 43.22
C SER B 417 55.98 6.28 43.45
N GLY B 418 55.55 5.63 44.51
CA GLY B 418 54.14 5.47 44.79
C GLY B 418 53.70 4.03 44.76
N TYR B 419 54.66 3.12 44.79
CA TYR B 419 54.40 1.68 44.80
C TYR B 419 54.67 1.11 46.19
N ASN B 420 54.15 -0.09 46.42
CA ASN B 420 54.34 -0.81 47.68
C ASN B 420 53.86 0.01 48.88
N ILE B 421 52.65 0.54 48.76
CA ILE B 421 52.00 1.30 49.83
C ILE B 421 50.90 0.42 50.42
N TYR B 422 50.87 0.33 51.75
CA TYR B 422 49.93 -0.53 52.44
C TYR B 422 49.39 0.20 53.66
N ILE B 423 48.45 -0.44 54.35
CA ILE B 423 47.89 0.10 55.59
C ILE B 423 47.68 -1.01 56.59
N MET C 1 43.76 30.98 20.74
CA MET C 1 45.05 30.36 20.40
C MET C 1 45.22 29.01 21.09
N THR C 2 44.38 28.75 22.10
CA THR C 2 44.45 27.51 22.85
C THR C 2 43.31 26.56 22.49
N THR C 3 42.07 27.02 22.62
CA THR C 3 40.90 26.20 22.30
C THR C 3 39.91 27.04 21.51
N ARG C 4 39.56 26.59 20.32
CA ARG C 4 38.59 27.25 19.47
C ARG C 4 37.46 26.31 19.13
N MET C 5 36.24 26.83 19.17
CA MET C 5 35.07 26.05 18.78
C MET C 5 34.85 26.15 17.28
N TYR C 6 34.49 25.02 16.68
CA TYR C 6 34.23 24.95 15.24
C TYR C 6 32.87 24.32 15.02
N VAL C 7 32.19 24.77 13.96
CA VAL C 7 30.87 24.28 13.59
C VAL C 7 30.98 23.62 12.22
N ILE C 8 30.28 22.51 12.04
CA ILE C 8 30.50 21.64 10.88
C ILE C 8 29.57 22.01 9.72
N ASN C 9 28.28 22.16 9.97
CA ASN C 9 27.33 22.70 8.99
C ASN C 9 27.36 21.87 7.70
N THR C 10 26.88 20.63 7.84
CA THR C 10 26.91 19.69 6.73
C THR C 10 26.03 20.16 5.57
N LEU C 11 26.53 19.98 4.34
CA LEU C 11 25.78 20.32 3.16
C LEU C 11 25.05 19.13 2.54
N SER C 12 25.39 17.91 2.95
CA SER C 12 24.79 16.69 2.42
C SER C 12 24.43 15.77 3.58
N ASN C 13 23.94 14.58 3.24
CA ASN C 13 23.57 13.59 4.24
C ASN C 13 24.81 12.85 4.70
N MET C 14 25.04 12.82 6.00
CA MET C 14 26.23 12.19 6.57
C MET C 14 25.95 10.75 6.99
N HIS C 15 26.89 9.86 6.68
CA HIS C 15 26.90 8.51 7.23
C HIS C 15 28.30 8.23 7.76
N VAL C 16 28.46 8.24 9.07
CA VAL C 16 29.71 7.84 9.72
C VAL C 16 29.47 6.47 10.35
N GLY C 17 30.23 5.48 9.90
CA GLY C 17 29.96 4.11 10.29
C GLY C 17 30.37 3.85 11.73
N SER C 18 29.43 3.35 12.52
CA SER C 18 29.73 2.96 13.89
C SER C 18 30.53 1.67 13.96
N GLY C 19 30.42 0.80 12.95
CA GLY C 19 31.17 -0.43 12.94
C GLY C 19 30.79 -1.42 14.01
N GLU C 20 29.63 -1.26 14.63
CA GLU C 20 29.20 -2.13 15.72
C GLU C 20 28.24 -3.21 15.22
N VAL C 21 28.12 -4.26 16.02
CA VAL C 21 27.22 -5.36 15.68
C VAL C 21 25.78 -4.87 15.66
N ASN C 22 24.99 -5.42 14.75
CA ASN C 22 23.64 -4.93 14.49
C ASN C 22 22.60 -5.90 15.04
N TYR C 23 21.65 -5.36 15.80
CA TYR C 23 20.47 -6.09 16.27
C TYR C 23 19.26 -5.35 15.70
N GLY C 24 18.89 -5.68 14.47
CA GLY C 24 17.76 -4.98 13.89
C GLY C 24 17.77 -5.04 12.36
N VAL C 25 17.12 -4.07 11.76
CA VAL C 25 16.88 -4.04 10.33
C VAL C 25 17.95 -3.27 9.57
N ILE C 26 18.35 -2.11 10.09
CA ILE C 26 19.28 -1.23 9.37
C ILE C 26 20.67 -1.84 9.49
N ALA C 27 21.22 -2.29 8.36
CA ALA C 27 22.53 -2.93 8.39
C ALA C 27 23.64 -1.95 8.74
N ASN C 28 23.53 -0.70 8.31
CA ASN C 28 24.54 0.31 8.55
C ASN C 28 23.93 1.44 9.39
N LEU C 29 24.48 1.66 10.58
CA LEU C 29 24.02 2.69 11.49
C LEU C 29 25.11 3.73 11.71
N ILE C 30 24.69 4.92 12.11
CA ILE C 30 25.61 6.03 12.31
C ILE C 30 26.05 6.08 13.77
N GLN C 31 27.17 6.77 14.00
CA GLN C 31 27.76 6.85 15.32
C GLN C 31 26.90 7.68 16.25
N ARG C 32 26.85 7.28 17.52
CA ARG C 32 26.12 8.01 18.54
C ARG C 32 26.97 8.07 19.81
N ASP C 33 26.78 9.14 20.58
CA ASP C 33 27.46 9.26 21.86
C ASP C 33 26.98 8.18 22.81
N SER C 34 27.91 7.60 23.55
CA SER C 34 27.56 6.49 24.44
C SER C 34 26.63 6.94 25.56
N VAL C 35 26.87 8.12 26.13
CA VAL C 35 26.11 8.54 27.30
C VAL C 35 24.78 9.17 26.90
N THR C 36 24.81 10.10 25.93
CA THR C 36 23.61 10.84 25.57
C THR C 36 22.82 10.21 24.42
N ASN C 37 23.39 9.21 23.75
CA ASN C 37 22.75 8.56 22.61
C ASN C 37 22.38 9.58 21.53
N LEU C 38 23.20 10.61 21.39
CA LEU C 38 23.03 11.62 20.37
C LEU C 38 24.04 11.42 19.25
N PRO C 39 23.68 11.73 18.00
CA PRO C 39 24.61 11.51 16.89
C PRO C 39 25.91 12.30 17.09
N ASN C 40 27.02 11.66 16.77
CA ASN C 40 28.33 12.25 17.00
C ASN C 40 29.31 11.74 15.95
N ILE C 41 30.39 12.48 15.76
CA ILE C 41 31.49 12.08 14.90
C ILE C 41 32.73 11.93 15.76
N ASN C 42 33.42 10.81 15.60
CA ASN C 42 34.62 10.56 16.40
C ASN C 42 35.73 11.52 16.00
N SER C 43 36.60 11.81 16.97
CA SER C 43 37.75 12.67 16.68
C SER C 43 38.65 12.07 15.61
N SER C 44 38.74 10.74 15.56
CA SER C 44 39.51 10.08 14.52
C SER C 44 38.92 10.37 13.14
N GLY C 45 37.60 10.36 13.02
CA GLY C 45 36.97 10.66 11.75
C GLY C 45 37.22 12.09 11.30
N LEU C 46 37.09 13.05 12.22
CA LEU C 46 37.38 14.44 11.88
C LEU C 46 38.82 14.62 11.46
N LYS C 47 39.75 14.02 12.22
CA LYS C 47 41.16 14.14 11.87
C LYS C 47 41.44 13.53 10.49
N GLY C 48 40.85 12.36 10.22
CA GLY C 48 41.05 11.75 8.92
C GLY C 48 40.51 12.58 7.77
N ALA C 49 39.31 13.13 7.94
CA ALA C 49 38.72 13.95 6.88
C ALA C 49 39.55 15.20 6.62
N ILE C 50 39.94 15.90 7.68
CA ILE C 50 40.71 17.14 7.49
C ILE C 50 42.10 16.83 6.95
N ARG C 51 42.71 15.73 7.39
CA ARG C 51 43.99 15.32 6.84
C ARG C 51 43.90 15.00 5.36
N GLU C 52 42.83 14.31 4.96
CA GLU C 52 42.63 14.01 3.55
C GLU C 52 42.45 15.29 2.74
N TYR C 53 41.76 16.27 3.31
CA TYR C 53 41.62 17.54 2.60
C TYR C 53 42.97 18.24 2.42
N PHE C 54 43.84 18.16 3.43
CA PHE C 54 45.13 18.83 3.40
C PHE C 54 46.27 17.91 2.97
N LYS C 55 45.94 16.78 2.34
CA LYS C 55 46.98 15.81 1.97
C LYS C 55 47.96 16.39 0.96
N GLU C 56 47.50 17.28 0.09
CA GLU C 56 48.40 17.88 -0.89
C GLU C 56 49.42 18.80 -0.25
N ASN C 57 49.15 19.31 0.95
CA ASN C 57 50.10 20.13 1.69
C ASN C 57 50.84 19.20 2.65
N GLU C 58 51.98 18.69 2.19
CA GLU C 58 52.74 17.72 2.99
C GLU C 58 53.24 18.35 4.29
N ASP C 59 53.80 19.56 4.20
CA ASP C 59 54.34 20.21 5.40
C ASP C 59 53.25 20.53 6.41
N LEU C 60 52.10 21.04 5.94
CA LEU C 60 51.02 21.36 6.85
C LEU C 60 50.50 20.12 7.56
N VAL C 61 50.30 19.04 6.82
CA VAL C 61 49.82 17.79 7.42
C VAL C 61 50.84 17.26 8.42
N ARG C 62 52.12 17.29 8.06
CA ARG C 62 53.14 16.77 8.97
C ARG C 62 53.22 17.61 10.24
N GLU C 63 53.04 18.93 10.12
CA GLU C 63 53.16 19.79 11.28
C GLU C 63 51.93 19.73 12.17
N LEU C 64 50.74 19.53 11.60
CA LEU C 64 49.51 19.58 12.38
C LEU C 64 49.02 18.20 12.83
N PHE C 65 48.92 17.25 11.89
CA PHE C 65 48.33 15.95 12.19
C PHE C 65 49.37 14.86 12.47
N GLY C 66 50.59 15.02 11.99
CA GLY C 66 51.65 14.08 12.31
C GLY C 66 52.05 13.19 11.17
N SER C 67 52.70 12.09 11.52
CA SER C 67 53.22 11.16 10.54
C SER C 67 52.11 10.28 9.96
N ALA C 68 52.32 9.85 8.73
CA ALA C 68 51.39 8.94 8.08
C ALA C 68 51.53 7.54 8.65
N PRO C 69 50.49 6.72 8.56
CA PRO C 69 50.61 5.33 9.03
C PRO C 69 51.67 4.59 8.23
N ARG C 70 52.30 3.61 8.90
CA ARG C 70 53.42 2.84 8.35
C ARG C 70 54.52 3.74 7.76
N ASP C 71 54.70 4.90 8.37
CA ASP C 71 55.89 5.73 8.17
C ASP C 71 56.80 5.59 9.38
N GLU C 72 58.09 5.50 9.14
CA GLU C 72 59.03 5.14 10.19
C GLU C 72 59.43 6.31 11.08
N LYS C 73 59.11 7.55 10.68
CA LYS C 73 59.60 8.70 11.43
C LYS C 73 58.86 8.93 12.74
N THR C 74 57.60 8.50 12.85
CA THR C 74 56.84 8.54 14.11
C THR C 74 56.73 9.96 14.65
N LEU C 75 56.02 10.81 13.89
CA LEU C 75 55.83 12.20 14.28
C LEU C 75 54.44 12.39 14.87
N PRO C 76 54.33 12.77 16.14
CA PRO C 76 53.01 13.07 16.70
C PRO C 76 52.43 14.36 16.12
N GLY C 77 51.11 14.48 16.24
CA GLY C 77 50.40 15.66 15.74
C GLY C 77 50.29 16.73 16.80
N LYS C 78 50.56 17.97 16.39
CA LYS C 78 50.49 19.11 17.31
C LYS C 78 49.07 19.58 17.56
N VAL C 79 48.09 19.08 16.81
CA VAL C 79 46.70 19.49 16.94
C VAL C 79 45.90 18.33 17.50
N ARG C 80 45.09 18.62 18.51
CA ARG C 80 44.22 17.63 19.14
C ARG C 80 42.78 17.91 18.74
N PHE C 81 42.11 16.90 18.18
CA PHE C 81 40.72 17.00 17.77
C PHE C 81 39.83 16.39 18.86
N PHE C 82 38.74 17.08 19.15
CA PHE C 82 37.77 16.61 20.13
C PHE C 82 36.50 16.16 19.43
N GLU C 83 35.78 15.25 20.09
CA GLU C 83 34.61 14.63 19.49
C GLU C 83 33.58 15.68 19.07
N ALA C 84 32.99 15.47 17.90
CA ALA C 84 31.99 16.39 17.38
C ALA C 84 30.61 15.96 17.88
N ASN C 85 29.94 16.87 18.58
CA ASN C 85 28.61 16.61 19.11
C ASN C 85 27.56 17.32 18.28
N LEU C 86 26.37 16.75 18.22
CA LEU C 86 25.30 17.31 17.42
C LEU C 86 24.73 18.54 18.12
N LEU C 87 24.82 19.69 17.45
CA LEU C 87 24.30 20.92 18.03
C LEU C 87 22.87 21.18 17.57
N SER C 88 22.66 21.33 16.27
CA SER C 88 21.34 21.59 15.71
C SER C 88 21.06 20.59 14.60
N MET C 89 19.81 20.15 14.52
CA MET C 89 19.40 19.21 13.50
C MET C 89 18.16 19.74 12.79
N PRO C 90 18.05 19.53 11.47
CA PRO C 90 16.85 19.97 10.76
C PRO C 90 15.65 19.10 11.14
N VAL C 91 14.50 19.75 11.24
CA VAL C 91 13.27 19.10 11.67
C VAL C 91 12.15 19.54 10.73
N ARG C 92 11.37 18.57 10.25
CA ARG C 92 10.29 18.87 9.31
C ARG C 92 9.26 19.79 9.96
N SER C 93 8.85 20.81 9.20
CA SER C 93 7.82 21.75 9.64
C SER C 93 6.82 21.95 8.50
N ASP C 94 5.77 22.69 8.80
CA ASP C 94 4.71 22.97 7.82
C ASP C 94 4.74 24.40 7.30
N LYS C 95 4.98 25.39 8.17
CA LYS C 95 5.13 26.76 7.70
C LYS C 95 6.37 26.91 6.82
N VAL C 96 7.45 26.23 7.20
CA VAL C 96 8.71 26.30 6.46
C VAL C 96 9.17 24.87 6.18
N PRO C 97 10.04 24.69 5.16
CA PRO C 97 10.51 23.34 4.85
C PRO C 97 11.05 22.58 6.05
N PHE C 98 12.01 23.16 6.75
CA PHE C 98 12.56 22.54 7.95
C PHE C 98 12.71 23.61 9.04
N LEU C 99 13.05 23.14 10.24
CA LEU C 99 13.33 23.99 11.37
C LEU C 99 14.64 23.55 12.00
N MET C 100 15.37 24.51 12.57
CA MET C 100 16.62 24.23 13.25
C MET C 100 16.30 23.90 14.71
N ALA C 101 16.49 22.63 15.08
CA ALA C 101 16.09 22.14 16.39
C ALA C 101 17.31 22.08 17.29
N ILE C 102 17.29 22.87 18.37
CA ILE C 102 18.30 22.83 19.41
C ILE C 102 17.57 22.61 20.73
N SER C 103 17.98 21.58 21.47
CA SER C 103 17.34 21.26 22.73
C SER C 103 18.02 21.98 23.88
N ASP C 104 17.26 22.20 24.96
CA ASP C 104 17.79 22.92 26.11
C ASP C 104 18.97 22.18 26.73
N GLU C 105 18.94 20.84 26.70
CA GLU C 105 20.05 20.09 27.28
C GLU C 105 21.31 20.19 26.44
N VAL C 106 21.18 20.24 25.11
CA VAL C 106 22.35 20.46 24.27
C VAL C 106 22.91 21.86 24.49
N LEU C 107 22.04 22.85 24.72
CA LEU C 107 22.52 24.19 25.06
C LEU C 107 23.26 24.19 26.39
N GLN C 108 22.72 23.48 27.39
CA GLN C 108 23.40 23.39 28.67
C GLN C 108 24.75 22.69 28.54
N GLU C 109 24.79 21.63 27.73
CA GLU C 109 26.06 20.93 27.51
C GLU C 109 27.06 21.80 26.75
N LEU C 110 26.57 22.62 25.81
CA LEU C 110 27.45 23.54 25.12
C LEU C 110 28.04 24.57 26.07
N ILE C 111 27.19 25.11 26.97
CA ILE C 111 27.69 26.07 27.96
C ILE C 111 28.71 25.41 28.88
N THR C 112 28.39 24.19 29.34
CA THR C 112 29.30 23.47 30.24
C THR C 112 30.63 23.16 29.57
N LYS C 113 30.59 22.73 28.31
CA LYS C 113 31.82 22.40 27.58
C LYS C 113 32.62 23.66 27.25
N MET C 114 31.94 24.78 26.96
CA MET C 114 32.64 26.03 26.75
C MET C 114 33.34 26.49 28.02
N LYS C 115 32.68 26.35 29.17
CA LYS C 115 33.33 26.69 30.44
C LYS C 115 34.50 25.74 30.74
N PHE C 116 34.32 24.45 30.44
CA PHE C 116 35.34 23.46 30.75
C PHE C 116 36.58 23.64 29.89
N PHE C 117 36.40 23.86 28.59
CA PHE C 117 37.52 24.04 27.68
C PHE C 117 38.08 25.46 27.69
N ASN C 118 37.34 26.42 28.25
CA ASN C 118 37.69 27.83 28.17
C ASN C 118 37.99 28.23 26.73
N CYS C 119 36.97 28.10 25.89
CA CYS C 119 37.12 28.33 24.46
C CYS C 119 37.46 29.79 24.19
N GLU C 120 38.11 30.03 23.06
CA GLU C 120 38.48 31.39 22.67
C GLU C 120 37.22 32.24 22.49
N GLU C 121 37.25 33.45 23.05
CA GLU C 121 36.15 34.42 22.98
C GLU C 121 34.82 33.79 23.38
N ALA C 122 34.85 32.89 24.35
CA ALA C 122 33.65 32.19 24.81
C ALA C 122 33.00 32.83 26.02
N THR C 123 33.60 33.86 26.62
CA THR C 123 33.02 34.45 27.82
C THR C 123 31.68 35.12 27.51
N GLN C 124 31.65 35.98 26.49
CA GLN C 124 30.42 36.65 26.11
C GLN C 124 29.39 35.64 25.60
N TYR C 125 29.85 34.65 24.84
CA TYR C 125 28.94 33.61 24.36
C TYR C 125 28.29 32.87 25.52
N ILE C 126 29.09 32.50 26.53
CA ILE C 126 28.54 31.79 27.69
C ILE C 126 27.56 32.67 28.43
N SER C 127 27.90 33.95 28.62
CA SER C 127 27.01 34.84 29.36
C SER C 127 25.67 35.00 28.65
N HIS C 128 25.71 35.23 27.33
CA HIS C 128 24.47 35.45 26.58
C HIS C 128 23.67 34.15 26.45
N LEU C 129 24.36 33.02 26.27
CA LEU C 129 23.67 31.74 26.23
C LEU C 129 23.00 31.44 27.56
N SER C 130 23.66 31.79 28.67
CA SER C 130 23.06 31.56 29.98
C SER C 130 21.86 32.47 30.21
N THR C 131 21.93 33.72 29.73
CA THR C 131 20.75 34.58 29.81
C THR C 131 19.60 33.99 29.00
N LEU C 132 19.89 33.51 27.79
CA LEU C 132 18.87 32.86 26.96
C LEU C 132 18.26 31.67 27.68
N LEU C 133 19.10 30.81 28.26
CA LEU C 133 18.62 29.61 28.92
C LEU C 133 17.78 29.94 30.15
N ASP C 134 18.23 30.93 30.93
CA ASP C 134 17.46 31.34 32.11
C ASP C 134 16.10 31.91 31.72
N ASN C 135 16.07 32.75 30.67
CA ASN C 135 14.79 33.28 30.21
C ASN C 135 13.87 32.17 29.70
N ILE C 136 14.46 31.19 29.00
CA ILE C 136 13.69 30.06 28.50
C ILE C 136 13.09 29.27 29.66
N LYS C 137 13.89 29.01 30.70
CA LYS C 137 13.39 28.28 31.85
C LYS C 137 12.31 29.07 32.58
N THR C 138 12.48 30.39 32.67
CA THR C 138 11.46 31.23 33.29
C THR C 138 10.14 31.15 32.53
N GLN C 139 10.20 31.20 31.20
CA GLN C 139 8.98 31.13 30.42
C GLN C 139 8.36 29.74 30.46
N ALA C 140 9.19 28.70 30.49
CA ALA C 140 8.68 27.33 30.42
C ALA C 140 7.97 26.93 31.71
N GLN C 141 8.54 27.30 32.86
CA GLN C 141 7.97 26.97 34.16
C GLN C 141 7.79 25.46 34.35
N GLY C 142 8.76 24.70 33.87
CA GLY C 142 8.77 23.27 34.07
C GLY C 142 7.95 22.46 33.08
N THR C 143 7.29 23.10 32.12
CA THR C 143 6.51 22.40 31.13
C THR C 143 7.29 22.27 29.82
N ASP C 144 6.90 21.27 29.02
CA ASP C 144 7.53 21.07 27.73
C ASP C 144 7.24 22.27 26.83
N PHE C 145 8.21 22.62 25.99
CA PHE C 145 8.16 23.88 25.27
C PHE C 145 8.67 23.69 23.84
N ALA C 146 8.29 24.65 22.99
CA ALA C 146 8.82 24.76 21.64
C ALA C 146 8.82 26.24 21.30
N TYR C 147 9.99 26.87 21.28
CA TYR C 147 10.10 28.32 21.18
C TYR C 147 10.80 28.69 19.89
N VAL C 148 10.15 29.55 19.11
CA VAL C 148 10.74 30.13 17.90
C VAL C 148 11.03 31.59 18.17
N PHE C 149 11.85 32.18 17.31
CA PHE C 149 12.33 33.55 17.49
C PHE C 149 11.96 34.46 16.35
N ASP C 150 11.17 34.00 15.39
CA ASP C 150 10.61 34.85 14.36
C ASP C 150 9.11 34.95 14.54
N PRO C 151 8.53 36.15 14.49
CA PRO C 151 7.06 36.25 14.56
C PRO C 151 6.37 35.54 13.41
N LEU C 152 7.03 35.42 12.25
CA LEU C 152 6.48 34.67 11.14
C LEU C 152 6.42 33.18 11.45
N LEU C 153 7.40 32.68 12.20
CA LEU C 153 7.54 31.25 12.44
C LEU C 153 6.70 30.75 13.63
N GLN C 154 5.95 31.64 14.28
CA GLN C 154 5.12 31.21 15.39
C GLN C 154 4.01 30.27 14.90
N GLY C 155 3.74 29.24 15.69
CA GLY C 155 2.74 28.26 15.28
C GLY C 155 3.23 27.21 14.31
N ALA C 156 4.54 27.07 14.14
CA ALA C 156 5.08 26.03 13.29
C ALA C 156 4.87 24.66 13.92
N ILE C 157 4.65 23.66 13.07
CA ILE C 157 4.34 22.31 13.51
C ILE C 157 5.56 21.43 13.28
N ILE C 158 6.05 20.83 14.35
CA ILE C 158 7.06 19.76 14.24
C ILE C 158 6.29 18.47 13.99
N GLU C 159 6.40 17.96 12.75
CA GLU C 159 5.49 16.90 12.31
C GLU C 159 5.68 15.63 13.11
N GLU C 160 6.93 15.26 13.41
CA GLU C 160 7.20 13.94 13.98
C GLU C 160 6.61 13.79 15.37
N VAL C 161 6.70 14.82 16.20
CA VAL C 161 6.23 14.74 17.58
C VAL C 161 4.99 15.59 17.83
N SER C 162 4.53 16.34 16.83
CA SER C 162 3.25 17.06 16.89
C SER C 162 3.23 18.06 18.06
N ILE C 163 4.09 19.07 17.98
CA ILE C 163 4.12 20.15 18.94
C ILE C 163 4.18 21.47 18.19
N ARG C 164 3.43 22.46 18.67
CA ARG C 164 3.35 23.78 18.05
C ARG C 164 4.36 24.71 18.70
N ALA C 165 5.10 25.44 17.87
CA ALA C 165 6.16 26.32 18.35
C ALA C 165 5.59 27.71 18.60
N THR C 166 5.66 28.15 19.85
CA THR C 166 5.23 29.48 20.22
C THR C 166 6.40 30.46 20.19
N CYS C 167 6.07 31.74 20.15
CA CYS C 167 7.09 32.78 20.11
C CYS C 167 7.13 33.52 21.44
N PRO C 168 8.17 33.37 22.25
CA PRO C 168 8.30 34.18 23.47
C PRO C 168 8.74 35.58 23.14
N SER C 169 7.83 36.53 23.27
CA SER C 169 8.09 37.92 22.91
C SER C 169 8.82 38.69 24.00
N HIS C 170 9.46 37.99 24.93
CA HIS C 170 10.19 38.62 26.02
C HIS C 170 11.65 38.20 26.06
N ILE C 171 12.09 37.34 25.16
CA ILE C 171 13.45 36.80 25.17
C ILE C 171 14.14 37.28 23.90
N PRO C 172 15.34 37.85 23.99
CA PRO C 172 16.07 38.27 22.78
C PRO C 172 17.00 37.18 22.28
N LEU C 173 17.16 37.14 20.96
CA LEU C 173 18.12 36.26 20.31
C LEU C 173 19.13 37.15 19.58
N GLN C 174 20.35 37.19 20.11
CA GLN C 174 21.38 38.03 19.53
C GLN C 174 21.81 37.51 18.17
N PRO C 175 22.29 38.38 17.28
CA PRO C 175 22.65 37.93 15.92
C PRO C 175 23.72 36.85 15.90
N SER C 176 24.69 36.90 16.80
CA SER C 176 25.71 35.86 16.82
C SER C 176 25.14 34.51 17.24
N LEU C 177 24.09 34.51 18.06
CA LEU C 177 23.42 33.26 18.39
C LEU C 177 22.68 32.70 17.19
N LYS C 178 22.12 33.57 16.34
CA LYS C 178 21.55 33.13 15.07
C LYS C 178 22.63 32.55 14.17
N LYS C 179 23.80 33.17 14.15
CA LYS C 179 24.89 32.67 13.32
C LYS C 179 25.41 31.33 13.82
N LEU C 180 25.40 31.12 15.14
CA LEU C 180 25.91 29.88 15.70
C LEU C 180 24.88 28.76 15.61
N LEU C 181 23.73 28.94 16.26
CA LEU C 181 22.76 27.85 16.37
C LEU C 181 21.98 27.61 15.09
N GLY C 182 21.91 28.59 14.20
CA GLY C 182 21.27 28.38 12.91
C GLY C 182 20.09 29.28 12.63
N ASP C 183 19.66 29.34 11.38
CA ASP C 183 18.52 30.13 10.97
C ASP C 183 17.23 29.32 11.11
N ARG C 184 16.13 30.03 11.35
CA ARG C 184 14.84 29.42 11.66
C ARG C 184 14.98 28.43 12.82
N LEU C 185 15.37 28.98 13.96
CA LEU C 185 15.76 28.18 15.12
C LEU C 185 14.57 27.95 16.03
N VAL C 186 14.37 26.71 16.43
CA VAL C 186 13.38 26.33 17.42
C VAL C 186 14.09 25.68 18.59
N ILE C 187 13.67 26.03 19.81
CA ILE C 187 14.23 25.46 21.02
C ILE C 187 13.14 24.63 21.69
N LEU C 188 13.43 23.35 21.89
CA LEU C 188 12.47 22.40 22.44
C LEU C 188 13.14 21.56 23.52
N SER C 189 12.32 20.79 24.22
CA SER C 189 12.83 19.93 25.29
C SER C 189 13.66 18.79 24.71
N HIS C 190 14.61 18.30 25.51
CA HIS C 190 15.40 17.15 25.11
C HIS C 190 14.54 15.91 24.94
N LYS C 191 13.38 15.86 25.59
CA LYS C 191 12.46 14.74 25.41
C LYS C 191 12.04 14.61 23.95
N TYR C 192 11.71 15.74 23.32
CA TYR C 192 11.34 15.72 21.91
C TYR C 192 12.55 15.54 21.00
N PHE C 193 13.68 16.14 21.37
CA PHE C 193 14.89 16.05 20.56
C PHE C 193 15.41 14.62 20.49
N SER C 194 15.28 13.85 21.58
CA SER C 194 15.68 12.45 21.56
C SER C 194 14.83 11.65 20.58
N ILE C 195 13.52 11.91 20.56
CA ILE C 195 12.65 11.24 19.60
C ILE C 195 12.99 11.64 18.18
N LEU C 196 13.33 12.91 17.98
CA LEU C 196 13.61 13.41 16.63
C LEU C 196 14.92 12.88 16.06
N SER C 197 15.81 12.35 16.91
CA SER C 197 17.13 11.91 16.45
C SER C 197 17.39 10.44 16.76
N ASP C 198 16.35 9.66 17.05
CA ASP C 198 16.56 8.25 17.32
C ASP C 198 16.60 7.44 16.02
N ASP C 199 16.75 6.13 16.15
CA ASP C 199 16.89 5.28 14.98
C ASP C 199 15.60 5.10 14.20
N ASN C 200 14.46 5.41 14.81
CA ASN C 200 13.18 5.29 14.14
C ASN C 200 12.76 6.55 13.38
N HIS C 201 13.45 7.67 13.59
CA HIS C 201 13.04 8.93 13.00
C HIS C 201 14.04 9.52 12.02
N LEU C 202 15.33 9.32 12.22
CA LEU C 202 16.26 9.89 11.24
C LEU C 202 16.33 8.98 10.01
N PRO C 203 16.65 9.55 8.84
CA PRO C 203 16.37 8.87 7.58
C PRO C 203 17.06 7.52 7.45
N VAL C 204 16.32 6.56 6.89
CA VAL C 204 16.83 5.24 6.55
C VAL C 204 16.62 5.05 5.06
N LEU C 205 17.66 4.59 4.37
CA LEU C 205 17.62 4.43 2.92
C LEU C 205 17.87 2.97 2.54
N SER C 206 17.11 2.49 1.57
CA SER C 206 17.31 1.15 1.03
C SER C 206 18.25 1.23 -0.16
N ARG C 207 19.19 0.30 -0.22
CA ARG C 207 20.20 0.29 -1.27
C ARG C 207 20.31 -1.12 -1.85
N ASN C 208 20.59 -1.17 -3.15
CA ASN C 208 20.50 -2.40 -3.92
C ASN C 208 21.80 -2.68 -4.66
N ASN C 209 21.97 -3.93 -5.07
CA ASN C 209 23.06 -4.35 -5.93
C ASN C 209 22.48 -5.24 -7.02
N LEU C 210 22.58 -4.80 -8.27
CA LEU C 210 21.92 -5.47 -9.39
C LEU C 210 22.96 -6.09 -10.31
N GLU C 211 22.65 -7.29 -10.80
CA GLU C 211 23.53 -8.05 -11.68
C GLU C 211 22.70 -8.51 -12.88
N ASN C 212 22.78 -7.76 -13.98
CA ASN C 212 21.98 -8.03 -15.18
C ASN C 212 20.50 -8.12 -14.83
N GLY C 213 20.03 -7.17 -14.02
CA GLY C 213 18.65 -7.12 -13.59
C GLY C 213 18.31 -7.99 -12.41
N GLN C 214 19.27 -8.76 -11.89
CA GLN C 214 19.05 -9.61 -10.73
C GLN C 214 19.62 -8.93 -9.49
N SER C 215 18.80 -8.83 -8.45
CA SER C 215 19.21 -8.16 -7.21
C SER C 215 20.14 -9.09 -6.45
N ALA C 216 21.43 -8.79 -6.48
CA ALA C 216 22.41 -9.65 -5.82
C ALA C 216 22.38 -9.48 -4.31
N ASN C 217 22.17 -8.26 -3.83
CA ASN C 217 22.23 -8.00 -2.40
C ASN C 217 21.23 -6.89 -2.05
N LEU C 218 20.86 -6.85 -0.77
CA LEU C 218 19.96 -5.84 -0.25
C LEU C 218 20.40 -5.47 1.17
N TRP C 219 20.36 -4.18 1.47
CA TRP C 219 20.70 -3.70 2.80
C TRP C 219 20.09 -2.32 2.99
N TYR C 220 20.14 -1.83 4.22
CA TYR C 220 19.58 -0.53 4.56
C TYR C 220 20.64 0.32 5.24
N GLU C 221 20.65 1.60 4.91
CA GLU C 221 21.58 2.57 5.48
C GLU C 221 20.79 3.69 6.14
N GLN C 222 21.31 4.18 7.26
CA GLN C 222 20.74 5.34 7.94
C GLN C 222 21.74 6.48 7.86
N VAL C 223 21.22 7.70 7.69
CA VAL C 223 22.04 8.87 7.47
C VAL C 223 21.55 10.02 8.35
N LEU C 224 22.44 10.98 8.58
CA LEU C 224 22.13 12.20 9.29
C LEU C 224 21.63 13.25 8.31
N PRO C 225 20.47 13.86 8.55
CA PRO C 225 19.90 14.79 7.57
C PRO C 225 20.84 15.96 7.30
N ARG C 226 20.86 16.40 6.04
CA ARG C 226 21.72 17.50 5.65
C ARG C 226 21.31 18.79 6.34
N TYR C 227 22.20 19.77 6.31
CA TYR C 227 22.10 21.05 7.02
C TYR C 227 22.21 20.88 8.54
N SER C 228 22.52 19.67 9.01
CA SER C 228 22.72 19.46 10.44
C SER C 228 23.98 20.20 10.90
N ARG C 229 23.97 20.64 12.14
CA ARG C 229 25.08 21.41 12.71
C ARG C 229 25.70 20.62 13.86
N LEU C 230 27.00 20.44 13.79
CA LEU C 230 27.77 19.77 14.83
C LEU C 230 28.95 20.64 15.22
N TYR C 231 29.29 20.62 16.51
CA TYR C 231 30.38 21.43 17.04
C TYR C 231 31.44 20.55 17.67
N PHE C 232 32.70 20.91 17.43
CA PHE C 232 33.83 20.24 18.05
C PHE C 232 34.85 21.29 18.47
N MET C 233 35.65 20.94 19.46
CA MET C 233 36.65 21.84 20.01
C MET C 233 38.02 21.44 19.50
N LEU C 234 38.78 22.41 19.00
CA LEU C 234 40.11 22.18 18.47
C LEU C 234 41.12 22.82 19.42
N MET C 235 42.03 22.01 19.94
CA MET C 235 43.07 22.50 20.85
C MET C 235 44.33 22.70 20.03
N ASP C 236 44.59 23.94 19.63
CA ASP C 236 45.79 24.27 18.89
C ASP C 236 46.94 24.34 19.88
N GLY C 237 47.75 23.28 19.93
CA GLY C 237 48.97 23.32 20.70
C GLY C 237 49.89 24.43 20.22
N ASN C 238 50.93 24.69 21.01
CA ASN C 238 51.84 25.76 20.63
C ASN C 238 52.64 25.31 19.42
N ALA C 239 52.12 25.62 18.23
CA ALA C 239 52.66 25.16 16.97
C ALA C 239 53.14 26.35 16.15
N GLN C 240 53.59 26.06 14.93
CA GLN C 240 54.00 27.11 14.01
C GLN C 240 52.84 28.05 13.72
N SER C 241 53.11 29.35 13.84
CA SER C 241 52.06 30.34 13.58
C SER C 241 51.62 30.30 12.12
N GLU C 242 52.56 30.08 11.20
CA GLU C 242 52.21 30.14 9.78
C GLU C 242 51.33 28.97 9.35
N TYR C 243 51.65 27.76 9.79
CA TYR C 243 50.83 26.61 9.42
C TYR C 243 49.47 26.66 10.09
N LEU C 244 49.42 27.09 11.34
CA LEU C 244 48.13 27.26 12.01
C LEU C 244 47.29 28.31 11.30
N LYS C 245 47.91 29.43 10.90
CA LYS C 245 47.18 30.48 10.20
C LYS C 245 46.67 29.98 8.85
N LYS C 246 47.51 29.28 8.10
CA LYS C 246 47.09 28.75 6.80
C LYS C 246 45.94 27.76 6.96
N PHE C 247 46.03 26.87 7.96
CA PHE C 247 45.00 25.88 8.18
C PHE C 247 43.69 26.53 8.59
N ARG C 248 43.75 27.53 9.49
CA ARG C 248 42.54 28.22 9.91
C ARG C 248 41.91 28.98 8.75
N ASP C 249 42.73 29.67 7.94
CA ASP C 249 42.18 30.44 6.83
C ASP C 249 41.58 29.52 5.77
N THR C 250 42.24 28.41 5.46
CA THR C 250 41.70 27.48 4.48
C THR C 250 40.40 26.85 4.99
N LEU C 251 40.35 26.50 6.27
CA LEU C 251 39.14 25.91 6.83
C LEU C 251 37.98 26.92 6.80
N CYS C 252 38.27 28.17 7.13
CA CYS C 252 37.21 29.18 7.21
C CYS C 252 36.83 29.75 5.85
N THR C 253 37.64 29.51 4.81
CA THR C 253 37.33 30.03 3.50
C THR C 253 36.03 29.41 2.99
N PRO C 254 35.06 30.21 2.52
CA PRO C 254 33.80 29.63 2.04
C PRO C 254 33.95 28.76 0.80
N SER C 255 35.14 28.71 0.20
CA SER C 255 35.36 27.85 -0.95
C SER C 255 35.74 26.43 -0.55
N THR C 256 35.86 26.13 0.74
CA THR C 256 36.28 24.82 1.19
C THR C 256 35.08 23.94 1.51
N ILE C 257 35.18 22.67 1.14
CA ILE C 257 34.18 21.66 1.47
C ILE C 257 34.92 20.40 1.89
N ILE C 258 34.59 19.88 3.07
CA ILE C 258 35.28 18.73 3.65
C ILE C 258 34.30 17.58 3.71
N GLN C 259 34.74 16.40 3.27
CA GLN C 259 33.92 15.20 3.28
C GLN C 259 34.24 14.37 4.53
N ILE C 260 33.32 14.36 5.47
CA ILE C 260 33.40 13.48 6.64
C ILE C 260 32.23 12.52 6.55
N GLY C 261 32.53 11.24 6.42
CA GLY C 261 31.51 10.23 6.30
C GLY C 261 31.97 9.12 5.39
N ALA C 262 31.03 8.25 5.01
CA ALA C 262 31.38 7.05 4.25
C ALA C 262 31.23 7.26 2.75
N ASN C 263 30.01 7.47 2.27
CA ASN C 263 29.70 7.35 0.85
C ASN C 263 30.14 8.60 0.11
N ALA C 264 31.44 8.65 -0.21
CA ALA C 264 32.01 9.85 -0.82
C ALA C 264 31.55 10.02 -2.27
N SER C 265 31.56 8.94 -3.05
CA SER C 265 31.23 9.04 -4.47
C SER C 265 29.76 9.37 -4.70
N ILE C 266 28.89 9.03 -3.77
CA ILE C 266 27.49 9.40 -3.87
C ILE C 266 27.17 10.61 -2.97
N GLY C 267 28.17 11.42 -2.66
CA GLY C 267 27.96 12.73 -2.07
C GLY C 267 27.43 12.73 -0.65
N TYR C 268 28.03 11.92 0.23
CA TYR C 268 27.65 11.87 1.63
C TYR C 268 28.72 12.53 2.49
N GLY C 269 28.30 13.46 3.35
CA GLY C 269 29.17 13.98 4.38
C GLY C 269 29.97 15.22 4.03
N TYR C 270 29.60 15.95 2.99
CA TYR C 270 30.32 17.16 2.63
C TYR C 270 29.89 18.31 3.54
N CYS C 271 30.88 19.02 4.11
CA CYS C 271 30.62 19.95 5.20
C CYS C 271 31.43 21.22 5.01
N GLN C 272 31.05 22.26 5.74
CA GLN C 272 31.72 23.56 5.71
C GLN C 272 32.05 23.98 7.13
N ILE C 273 33.33 23.91 7.49
CA ILE C 273 33.77 24.16 8.86
C ILE C 273 33.96 25.66 9.07
N SER C 274 33.39 26.18 10.15
CA SER C 274 33.55 27.58 10.53
C SER C 274 33.92 27.67 12.00
N GLU C 275 34.84 28.57 12.33
CA GLU C 275 35.25 28.75 13.71
C GLU C 275 34.37 29.77 14.40
N LEU C 276 34.46 29.80 15.72
CA LEU C 276 33.67 30.74 16.50
C LEU C 276 34.08 32.17 16.17
N SER C 277 33.11 33.05 16.13
CA SER C 277 33.31 34.47 15.87
C SER C 277 33.36 35.24 17.17
N PRO C 278 33.75 36.52 17.12
CA PRO C 278 33.60 37.37 18.30
C PRO C 278 32.15 37.40 18.79
N PHE C 279 31.97 37.99 19.97
CA PHE C 279 30.71 37.91 20.71
C PHE C 279 30.46 36.46 21.07
N MET D 1 35.52 24.54 -11.97
CA MET D 1 35.36 23.48 -12.96
C MET D 1 34.91 22.20 -12.28
N THR D 2 35.16 22.11 -10.97
CA THR D 2 34.87 20.89 -10.24
C THR D 2 33.36 20.63 -10.15
N THR D 3 32.59 21.66 -9.81
CA THR D 3 31.17 21.51 -9.52
C THR D 3 30.35 22.06 -10.67
N ARG D 4 29.50 21.21 -11.24
CA ARG D 4 28.57 21.60 -12.29
C ARG D 4 27.18 21.13 -11.93
N MET D 5 26.17 21.90 -12.35
CA MET D 5 24.78 21.55 -12.12
C MET D 5 24.21 20.89 -13.36
N TYR D 6 23.58 19.74 -13.17
CA TYR D 6 22.89 19.02 -14.23
C TYR D 6 21.41 18.98 -13.93
N VAL D 7 20.59 19.24 -14.94
CA VAL D 7 19.14 19.25 -14.81
C VAL D 7 18.60 17.98 -15.44
N ILE D 8 17.71 17.31 -14.72
CA ILE D 8 17.11 16.06 -15.17
C ILE D 8 15.72 16.36 -15.69
N ASN D 9 15.51 16.16 -16.98
CA ASN D 9 14.19 16.32 -17.60
C ASN D 9 13.61 14.95 -17.86
N THR D 10 12.65 14.54 -17.04
CA THR D 10 12.06 13.22 -17.17
C THR D 10 11.17 13.17 -18.41
N LEU D 11 11.35 12.15 -19.23
CA LEU D 11 10.50 11.94 -20.39
C LEU D 11 9.32 11.02 -20.10
N SER D 12 9.41 10.24 -19.03
CA SER D 12 8.36 9.30 -18.64
C SER D 12 8.00 9.55 -17.18
N ASN D 13 7.10 8.71 -16.66
CA ASN D 13 6.75 8.73 -15.24
C ASN D 13 7.82 7.98 -14.47
N MET D 14 8.40 8.62 -13.46
CA MET D 14 9.52 8.05 -12.72
C MET D 14 9.05 7.45 -11.41
N HIS D 15 9.57 6.27 -11.09
CA HIS D 15 9.33 5.61 -9.81
C HIS D 15 10.67 5.15 -9.24
N VAL D 16 11.11 5.83 -8.19
CA VAL D 16 12.30 5.43 -7.44
C VAL D 16 11.84 4.95 -6.09
N GLY D 17 11.86 3.64 -5.89
CA GLY D 17 11.31 3.07 -4.67
C GLY D 17 12.12 3.43 -3.45
N SER D 18 11.44 3.48 -2.31
CA SER D 18 12.07 3.83 -1.04
C SER D 18 12.30 2.64 -0.13
N GLY D 19 11.76 1.47 -0.46
CA GLY D 19 11.92 0.31 0.40
C GLY D 19 11.27 0.47 1.75
N GLU D 20 10.13 1.14 1.80
CA GLU D 20 9.39 1.38 3.04
C GLU D 20 8.08 0.60 2.99
N VAL D 21 7.82 -0.17 4.04
CA VAL D 21 6.56 -0.89 4.14
C VAL D 21 5.48 0.07 4.64
N ASN D 22 4.53 0.38 3.77
CA ASN D 22 3.51 1.37 4.10
C ASN D 22 2.33 0.79 4.86
N TYR D 23 1.95 -0.45 4.57
CA TYR D 23 0.81 -1.12 5.17
C TYR D 23 -0.51 -0.42 4.87
N GLY D 24 -0.48 0.62 4.05
CA GLY D 24 -1.69 1.34 3.69
C GLY D 24 -2.05 1.15 2.23
N VAL D 25 -2.64 2.19 1.63
CA VAL D 25 -3.12 2.09 0.26
C VAL D 25 -1.96 1.94 -0.72
N ILE D 26 -0.96 2.82 -0.60
CA ILE D 26 0.13 2.89 -1.58
C ILE D 26 1.29 2.07 -1.00
N ALA D 27 1.35 0.80 -1.41
CA ALA D 27 2.42 -0.07 -0.94
C ALA D 27 3.78 0.41 -1.43
N ASN D 28 3.86 0.84 -2.70
CA ASN D 28 5.11 1.28 -3.30
C ASN D 28 5.15 2.80 -3.30
N LEU D 29 6.06 3.36 -2.50
CA LEU D 29 6.22 4.79 -2.36
C LEU D 29 7.53 5.24 -2.99
N ILE D 30 7.58 6.50 -3.41
CA ILE D 30 8.77 7.03 -4.06
C ILE D 30 9.67 7.69 -3.02
N GLN D 31 10.94 7.82 -3.36
CA GLN D 31 11.91 8.41 -2.45
C GLN D 31 11.64 9.90 -2.27
N ARG D 32 11.87 10.39 -1.05
CA ARG D 32 11.65 11.79 -0.73
C ARG D 32 12.86 12.34 0.00
N ASP D 33 13.02 13.66 -0.07
CA ASP D 33 14.17 14.32 0.50
C ASP D 33 14.17 14.20 2.02
N SER D 34 15.37 14.14 2.60
CA SER D 34 15.50 13.93 4.04
C SER D 34 15.00 15.13 4.83
N VAL D 35 15.23 16.34 4.35
CA VAL D 35 14.93 17.55 5.09
C VAL D 35 13.67 18.24 4.57
N THR D 36 13.54 18.38 3.26
CA THR D 36 12.43 19.12 2.68
C THR D 36 11.23 18.24 2.33
N ASN D 37 11.38 16.92 2.41
CA ASN D 37 10.30 15.96 2.11
C ASN D 37 9.78 16.13 0.69
N LEU D 38 10.63 16.56 -0.21
CA LEU D 38 10.24 16.64 -1.60
C LEU D 38 10.75 15.41 -2.35
N PRO D 39 10.07 14.99 -3.41
CA PRO D 39 10.53 13.82 -4.17
C PRO D 39 11.94 14.04 -4.70
N ASN D 40 12.74 12.98 -4.64
CA ASN D 40 14.15 13.07 -4.98
C ASN D 40 14.65 11.72 -5.46
N ILE D 41 15.83 11.74 -6.05
CA ILE D 41 16.55 10.54 -6.44
C ILE D 41 17.80 10.46 -5.57
N ASN D 42 17.97 9.34 -4.87
CA ASN D 42 19.18 9.15 -4.09
C ASN D 42 20.38 9.07 -5.03
N SER D 43 21.51 9.60 -4.56
CA SER D 43 22.70 9.64 -5.40
C SER D 43 23.19 8.24 -5.75
N SER D 44 22.88 7.24 -4.92
CA SER D 44 23.22 5.87 -5.26
C SER D 44 22.45 5.41 -6.50
N GLY D 45 21.16 5.75 -6.59
CA GLY D 45 20.40 5.40 -7.77
C GLY D 45 20.88 6.12 -9.01
N LEU D 46 21.21 7.40 -8.88
CA LEU D 46 21.75 8.16 -10.00
C LEU D 46 23.05 7.54 -10.50
N LYS D 47 23.96 7.25 -9.57
CA LYS D 47 25.23 6.64 -9.95
C LYS D 47 25.02 5.29 -10.62
N GLY D 48 24.14 4.46 -10.06
CA GLY D 48 23.88 3.16 -10.65
C GLY D 48 23.31 3.25 -12.05
N ALA D 49 22.34 4.14 -12.25
CA ALA D 49 21.74 4.29 -13.57
C ALA D 49 22.74 4.78 -14.60
N ILE D 50 23.53 5.81 -14.22
CA ILE D 50 24.49 6.36 -15.17
C ILE D 50 25.60 5.35 -15.45
N ARG D 51 26.01 4.58 -14.44
CA ARG D 51 26.97 3.50 -14.66
C ARG D 51 26.40 2.45 -15.59
N GLU D 52 25.13 2.11 -15.44
CA GLU D 52 24.50 1.11 -16.31
C GLU D 52 24.45 1.59 -17.74
N TYR D 53 24.20 2.89 -17.95
CA TYR D 53 24.24 3.42 -19.31
C TYR D 53 25.62 3.29 -19.92
N PHE D 54 26.67 3.56 -19.14
CA PHE D 54 28.04 3.56 -19.63
C PHE D 54 28.72 2.21 -19.45
N LYS D 55 27.96 1.14 -19.17
CA LYS D 55 28.57 -0.16 -18.92
C LYS D 55 29.32 -0.71 -20.13
N GLU D 56 28.97 -0.27 -21.34
CA GLU D 56 29.71 -0.73 -22.52
C GLU D 56 31.14 -0.21 -22.50
N ASN D 57 31.35 1.04 -22.10
CA ASN D 57 32.68 1.63 -22.02
C ASN D 57 33.27 1.23 -20.66
N GLU D 58 33.91 0.07 -20.62
CA GLU D 58 34.43 -0.46 -19.36
C GLU D 58 35.52 0.43 -18.79
N ASP D 59 36.38 0.97 -19.66
CA ASP D 59 37.44 1.86 -19.19
C ASP D 59 36.87 3.09 -18.52
N LEU D 60 35.85 3.70 -19.12
CA LEU D 60 35.28 4.92 -18.58
C LEU D 60 34.65 4.68 -17.21
N VAL D 61 33.90 3.58 -17.07
CA VAL D 61 33.25 3.32 -15.78
C VAL D 61 34.28 2.96 -14.73
N ARG D 62 35.31 2.19 -15.09
CA ARG D 62 36.37 1.93 -14.13
C ARG D 62 37.05 3.21 -13.68
N GLU D 63 37.30 4.12 -14.60
CA GLU D 63 38.02 5.34 -14.24
C GLU D 63 37.14 6.28 -13.41
N LEU D 64 35.86 6.42 -13.75
CA LEU D 64 35.01 7.42 -13.14
C LEU D 64 34.16 6.88 -11.99
N PHE D 65 33.39 5.81 -12.24
CA PHE D 65 32.51 5.27 -11.21
C PHE D 65 33.22 4.31 -10.27
N GLY D 66 34.32 3.72 -10.69
CA GLY D 66 35.09 2.81 -9.87
C GLY D 66 35.02 1.38 -10.35
N SER D 67 35.42 0.47 -9.48
CA SER D 67 35.47 -0.94 -9.78
C SER D 67 34.10 -1.59 -9.65
N ALA D 68 33.92 -2.70 -10.35
CA ALA D 68 32.66 -3.43 -10.29
C ALA D 68 32.50 -4.07 -8.92
N PRO D 69 31.25 -4.35 -8.52
CA PRO D 69 31.04 -4.97 -7.19
C PRO D 69 31.81 -6.26 -6.97
N ARG D 70 31.92 -7.11 -8.00
CA ARG D 70 32.76 -8.30 -7.93
C ARG D 70 34.04 -8.03 -8.72
N ASP D 71 35.10 -7.69 -8.00
CA ASP D 71 36.41 -7.43 -8.61
C ASP D 71 37.47 -7.68 -7.56
N GLU D 72 38.55 -8.38 -7.93
CA GLU D 72 39.60 -8.68 -6.98
C GLU D 72 40.26 -7.41 -6.45
N LYS D 73 40.52 -6.46 -7.33
CA LYS D 73 40.98 -5.14 -6.92
C LYS D 73 39.78 -4.22 -6.71
N THR D 74 39.94 -3.29 -5.79
CA THR D 74 38.92 -2.26 -5.54
C THR D 74 39.49 -0.91 -5.94
N LEU D 75 38.69 -0.13 -6.66
CA LEU D 75 39.11 1.19 -7.13
C LEU D 75 38.01 2.18 -6.79
N PRO D 76 38.26 3.13 -5.89
CA PRO D 76 37.23 4.10 -5.53
C PRO D 76 36.85 4.97 -6.71
N GLY D 77 35.57 5.33 -6.78
CA GLY D 77 35.11 6.22 -7.82
C GLY D 77 35.65 7.62 -7.64
N LYS D 78 35.91 8.28 -8.76
CA LYS D 78 36.46 9.63 -8.74
C LYS D 78 35.41 10.72 -8.82
N VAL D 79 34.32 10.48 -9.55
CA VAL D 79 33.27 11.48 -9.68
C VAL D 79 32.34 11.39 -8.48
N ARG D 80 31.96 12.55 -7.95
CA ARG D 80 31.04 12.64 -6.83
C ARG D 80 29.64 12.94 -7.35
N PHE D 81 28.70 12.05 -7.06
CA PHE D 81 27.31 12.19 -7.49
C PHE D 81 26.48 12.71 -6.33
N PHE D 82 25.80 13.82 -6.53
CA PHE D 82 24.96 14.38 -5.48
C PHE D 82 23.49 14.07 -5.75
N GLU D 83 22.71 14.04 -4.69
CA GLU D 83 21.32 13.64 -4.80
C GLU D 83 20.53 14.65 -5.63
N ALA D 84 19.59 14.13 -6.42
CA ALA D 84 18.82 14.95 -7.34
C ALA D 84 17.56 15.43 -6.62
N ASN D 85 17.52 16.72 -6.32
CA ASN D 85 16.39 17.31 -5.64
C ASN D 85 15.41 17.88 -6.66
N LEU D 86 14.12 17.79 -6.33
CA LEU D 86 13.08 18.28 -7.23
C LEU D 86 13.24 19.78 -7.46
N LEU D 87 13.26 20.17 -8.73
CA LEU D 87 13.34 21.58 -9.11
C LEU D 87 11.97 22.14 -9.48
N SER D 88 11.33 21.55 -10.49
CA SER D 88 9.99 21.96 -10.88
C SER D 88 9.17 20.74 -11.21
N MET D 89 7.86 20.84 -10.99
CA MET D 89 6.96 19.72 -11.20
C MET D 89 5.78 20.16 -12.06
N PRO D 90 5.29 19.28 -12.93
CA PRO D 90 4.11 19.63 -13.73
C PRO D 90 2.85 19.59 -12.89
N VAL D 91 2.07 20.68 -12.96
CA VAL D 91 0.80 20.78 -12.27
C VAL D 91 -0.30 20.99 -13.31
N ARG D 92 -1.42 20.31 -13.09
CA ARG D 92 -2.53 20.38 -14.03
C ARG D 92 -3.11 21.79 -14.07
N SER D 93 -3.42 22.26 -15.28
CA SER D 93 -3.95 23.59 -15.49
C SER D 93 -5.11 23.52 -16.48
N ASP D 94 -5.76 24.66 -16.70
CA ASP D 94 -6.89 24.75 -17.62
C ASP D 94 -6.55 25.49 -18.90
N LYS D 95 -5.89 26.65 -18.80
CA LYS D 95 -5.48 27.38 -20.01
C LYS D 95 -4.46 26.59 -20.81
N VAL D 96 -3.52 25.95 -20.13
CA VAL D 96 -2.48 25.15 -20.76
C VAL D 96 -2.58 23.75 -20.21
N PRO D 97 -2.07 22.73 -20.93
CA PRO D 97 -2.16 21.36 -20.41
C PRO D 97 -1.53 21.18 -19.04
N PHE D 98 -0.41 21.85 -18.79
CA PHE D 98 0.22 21.81 -17.48
C PHE D 98 1.11 23.02 -17.30
N LEU D 99 1.43 23.31 -16.03
CA LEU D 99 2.34 24.39 -15.69
C LEU D 99 3.56 23.82 -14.97
N MET D 100 4.64 24.57 -14.99
CA MET D 100 5.87 24.21 -14.30
C MET D 100 5.86 24.91 -12.93
N ALA D 101 5.67 24.12 -11.88
CA ALA D 101 5.48 24.65 -10.54
C ALA D 101 6.80 24.64 -9.77
N ILE D 102 7.14 25.77 -9.17
CA ILE D 102 8.28 25.89 -8.28
C ILE D 102 7.87 26.77 -7.11
N SER D 103 8.37 26.44 -5.92
CA SER D 103 8.07 27.21 -4.73
C SER D 103 9.21 28.19 -4.44
N ASP D 104 8.88 29.25 -3.71
CA ASP D 104 9.91 30.21 -3.33
C ASP D 104 10.95 29.58 -2.42
N GLU D 105 10.56 28.59 -1.61
CA GLU D 105 11.53 27.89 -0.79
C GLU D 105 12.43 26.98 -1.62
N VAL D 106 11.91 26.40 -2.70
CA VAL D 106 12.75 25.65 -3.61
C VAL D 106 13.77 26.57 -4.27
N LEU D 107 13.34 27.78 -4.66
CA LEU D 107 14.25 28.74 -5.23
C LEU D 107 15.31 29.18 -4.22
N GLN D 108 14.91 29.38 -2.97
CA GLN D 108 15.88 29.72 -1.93
C GLN D 108 16.88 28.59 -1.72
N GLU D 109 16.41 27.34 -1.74
CA GLU D 109 17.32 26.21 -1.61
C GLU D 109 18.28 26.13 -2.78
N LEU D 110 17.79 26.41 -3.99
CA LEU D 110 18.68 26.43 -5.15
C LEU D 110 19.74 27.51 -5.02
N ILE D 111 19.35 28.70 -4.58
CA ILE D 111 20.32 29.79 -4.39
C ILE D 111 21.34 29.39 -3.34
N THR D 112 20.87 28.80 -2.23
CA THR D 112 21.77 28.39 -1.17
C THR D 112 22.75 27.31 -1.64
N LYS D 113 22.26 26.35 -2.42
CA LYS D 113 23.12 25.29 -2.92
C LYS D 113 24.15 25.83 -3.91
N MET D 114 23.74 26.75 -4.79
CA MET D 114 24.70 27.35 -5.70
C MET D 114 25.74 28.18 -4.96
N LYS D 115 25.33 28.87 -3.89
CA LYS D 115 26.29 29.62 -3.08
C LYS D 115 27.29 28.67 -2.40
N PHE D 116 26.79 27.59 -1.82
CA PHE D 116 27.66 26.68 -1.07
C PHE D 116 28.60 25.92 -1.99
N PHE D 117 28.09 25.41 -3.11
CA PHE D 117 28.89 24.54 -3.98
C PHE D 117 29.67 25.31 -5.03
N ASN D 118 29.21 26.51 -5.39
CA ASN D 118 29.84 27.33 -6.43
C ASN D 118 29.90 26.58 -7.76
N CYS D 119 28.71 26.34 -8.31
CA CYS D 119 28.59 25.74 -9.63
C CYS D 119 29.32 26.59 -10.67
N GLU D 120 29.48 26.02 -11.87
CA GLU D 120 30.33 26.64 -12.88
C GLU D 120 29.80 28.01 -13.30
N GLU D 121 28.50 28.14 -13.47
CA GLU D 121 27.87 29.40 -13.87
C GLU D 121 27.04 29.97 -12.72
N ALA D 122 27.57 29.86 -11.49
CA ALA D 122 26.77 30.15 -10.31
C ALA D 122 26.48 31.64 -10.15
N THR D 123 27.44 32.50 -10.47
CA THR D 123 27.34 33.90 -10.06
C THR D 123 26.13 34.59 -10.67
N GLN D 124 26.00 34.53 -12.00
CA GLN D 124 24.89 35.21 -12.67
C GLN D 124 23.55 34.60 -12.29
N TYR D 125 23.49 33.27 -12.19
CA TYR D 125 22.24 32.62 -11.81
C TYR D 125 21.82 33.01 -10.40
N ILE D 126 22.77 33.06 -9.46
CA ILE D 126 22.47 33.48 -8.10
C ILE D 126 21.98 34.92 -8.09
N SER D 127 22.66 35.80 -8.84
CA SER D 127 22.25 37.20 -8.85
C SER D 127 20.82 37.37 -9.36
N HIS D 128 20.53 36.77 -10.52
CA HIS D 128 19.20 36.95 -11.12
C HIS D 128 18.12 36.23 -10.31
N LEU D 129 18.44 35.08 -9.73
CA LEU D 129 17.48 34.37 -8.90
C LEU D 129 17.19 35.14 -7.62
N SER D 130 18.21 35.75 -7.02
CA SER D 130 18.00 36.56 -5.83
C SER D 130 17.16 37.79 -6.16
N THR D 131 17.40 38.41 -7.31
CA THR D 131 16.58 39.55 -7.72
C THR D 131 15.13 39.13 -7.92
N LEU D 132 14.92 37.99 -8.59
CA LEU D 132 13.57 37.47 -8.78
C LEU D 132 12.88 37.18 -7.46
N LEU D 133 13.61 36.57 -6.52
CA LEU D 133 13.01 36.23 -5.23
C LEU D 133 12.68 37.47 -4.41
N ASP D 134 13.56 38.47 -4.44
CA ASP D 134 13.28 39.71 -3.74
C ASP D 134 12.07 40.42 -4.33
N ASN D 135 11.96 40.44 -5.66
CA ASN D 135 10.80 41.04 -6.29
C ASN D 135 9.52 40.27 -5.93
N ILE D 136 9.61 38.95 -5.87
CA ILE D 136 8.44 38.14 -5.50
C ILE D 136 8.02 38.41 -4.07
N LYS D 137 8.99 38.53 -3.16
CA LYS D 137 8.67 38.82 -1.76
C LYS D 137 8.09 40.21 -1.61
N THR D 138 8.59 41.18 -2.37
CA THR D 138 8.03 42.52 -2.34
C THR D 138 6.60 42.53 -2.86
N GLN D 139 6.33 41.81 -3.94
CA GLN D 139 5.00 41.80 -4.52
C GLN D 139 3.99 41.08 -3.62
N ALA D 140 4.39 39.92 -3.07
CA ALA D 140 3.48 39.11 -2.28
C ALA D 140 3.12 39.79 -0.96
N GLN D 141 4.10 40.39 -0.29
CA GLN D 141 3.91 41.02 1.02
C GLN D 141 3.41 40.02 2.06
N GLY D 142 4.03 38.84 2.07
CA GLY D 142 3.76 37.85 3.09
C GLY D 142 2.51 37.02 2.91
N THR D 143 1.77 37.21 1.82
CA THR D 143 0.54 36.46 1.59
C THR D 143 0.83 35.23 0.74
N ASP D 144 -0.22 34.44 0.50
CA ASP D 144 -0.13 33.31 -0.42
C ASP D 144 -0.23 33.81 -1.84
N PHE D 145 0.65 33.33 -2.71
CA PHE D 145 0.76 33.89 -4.05
C PHE D 145 0.88 32.77 -5.08
N ALA D 146 0.57 33.14 -6.33
CA ALA D 146 0.77 32.26 -7.47
C ALA D 146 1.03 33.17 -8.66
N TYR D 147 2.27 33.22 -9.13
CA TYR D 147 2.70 34.21 -10.10
C TYR D 147 3.16 33.52 -11.38
N VAL D 148 2.56 33.91 -12.51
CA VAL D 148 2.99 33.46 -13.83
C VAL D 148 3.60 34.65 -14.55
N PHE D 149 4.51 34.36 -15.47
CA PHE D 149 5.29 35.41 -16.11
C PHE D 149 4.96 35.60 -17.58
N ASP D 150 4.07 34.79 -18.15
CA ASP D 150 3.47 35.12 -19.43
C ASP D 150 2.12 35.77 -19.20
N PRO D 151 1.83 36.92 -19.82
CA PRO D 151 0.51 37.55 -19.64
C PRO D 151 -0.63 36.68 -20.14
N LEU D 152 -0.36 35.73 -21.04
CA LEU D 152 -1.41 34.83 -21.52
C LEU D 152 -1.79 33.80 -20.49
N LEU D 153 -0.95 33.55 -19.49
CA LEU D 153 -1.22 32.56 -18.45
C LEU D 153 -1.88 33.16 -17.22
N GLN D 154 -2.28 34.43 -17.27
CA GLN D 154 -2.98 35.03 -16.15
C GLN D 154 -4.31 34.32 -15.91
N GLY D 155 -4.59 34.02 -14.65
CA GLY D 155 -5.80 33.31 -14.29
C GLY D 155 -5.77 31.83 -14.55
N ALA D 156 -4.61 31.27 -14.90
CA ALA D 156 -4.50 29.83 -15.05
C ALA D 156 -4.69 29.15 -13.70
N ILE D 157 -5.45 28.07 -13.70
CA ILE D 157 -5.83 27.39 -12.46
C ILE D 157 -4.86 26.25 -12.20
N ILE D 158 -4.62 25.99 -10.93
CA ILE D 158 -3.96 24.77 -10.48
C ILE D 158 -5.06 23.84 -9.98
N GLU D 159 -5.17 22.68 -10.60
CA GLU D 159 -6.34 21.83 -10.33
C GLU D 159 -6.33 21.28 -8.91
N GLU D 160 -5.18 20.79 -8.45
CA GLU D 160 -5.12 20.17 -7.12
C GLU D 160 -5.38 21.20 -6.02
N VAL D 161 -4.78 22.38 -6.13
CA VAL D 161 -5.02 23.48 -5.20
C VAL D 161 -5.79 24.55 -5.96
N SER D 162 -7.08 24.68 -5.66
CA SER D 162 -7.97 25.46 -6.50
C SER D 162 -7.69 26.96 -6.38
N ILE D 163 -6.53 27.37 -6.88
CA ILE D 163 -6.13 28.77 -6.93
C ILE D 163 -5.78 29.12 -8.36
N ARG D 164 -5.82 30.41 -8.66
CA ARG D 164 -5.53 30.92 -10.00
C ARG D 164 -4.32 31.83 -9.93
N ALA D 165 -3.40 31.64 -10.87
CA ALA D 165 -2.14 32.36 -10.84
C ALA D 165 -2.32 33.79 -11.34
N THR D 166 -1.75 34.74 -10.59
CA THR D 166 -1.77 36.14 -10.96
C THR D 166 -0.52 36.48 -11.79
N CYS D 167 -0.54 37.65 -12.42
CA CYS D 167 0.58 38.12 -13.22
C CYS D 167 1.15 39.40 -12.63
N PRO D 168 2.26 39.32 -11.89
CA PRO D 168 2.94 40.53 -11.40
C PRO D 168 3.75 41.17 -12.51
N SER D 169 3.28 42.30 -13.02
CA SER D 169 3.89 42.92 -14.19
C SER D 169 5.26 43.52 -13.89
N HIS D 170 5.61 43.71 -12.62
CA HIS D 170 6.88 44.35 -12.27
C HIS D 170 8.08 43.42 -12.38
N ILE D 171 7.87 42.11 -12.40
CA ILE D 171 8.96 41.14 -12.27
C ILE D 171 9.27 40.56 -13.65
N PRO D 172 10.50 40.68 -14.13
CA PRO D 172 10.88 40.02 -15.37
C PRO D 172 11.46 38.63 -15.15
N LEU D 173 11.21 37.75 -16.12
CA LEU D 173 11.76 36.40 -16.13
C LEU D 173 12.80 36.32 -17.24
N GLN D 174 14.07 36.25 -16.87
CA GLN D 174 15.14 36.20 -17.84
C GLN D 174 15.09 34.89 -18.63
N PRO D 175 15.45 34.93 -19.91
CA PRO D 175 15.33 33.71 -20.75
C PRO D 175 16.11 32.53 -20.23
N SER D 176 17.28 32.75 -19.63
CA SER D 176 18.03 31.64 -19.07
C SER D 176 17.32 31.05 -17.86
N LEU D 177 16.63 31.88 -17.08
CA LEU D 177 15.80 31.36 -16.00
C LEU D 177 14.64 30.53 -16.54
N LYS D 178 14.09 30.94 -17.69
CA LYS D 178 13.05 30.14 -18.32
C LYS D 178 13.59 28.79 -18.79
N LYS D 179 14.80 28.78 -19.34
CA LYS D 179 15.41 27.54 -19.79
C LYS D 179 15.75 26.62 -18.62
N LEU D 180 16.12 27.19 -17.47
CA LEU D 180 16.43 26.37 -16.31
C LEU D 180 15.18 25.85 -15.62
N LEU D 181 14.26 26.75 -15.27
CA LEU D 181 13.10 26.39 -14.45
C LEU D 181 11.94 25.82 -15.25
N GLY D 182 11.97 25.91 -16.57
CA GLY D 182 10.93 25.29 -17.36
C GLY D 182 9.99 26.30 -17.98
N ASP D 183 9.47 25.98 -19.16
CA ASP D 183 8.49 26.82 -19.82
C ASP D 183 7.14 26.72 -19.15
N ARG D 184 6.35 27.80 -19.26
CA ARG D 184 5.08 27.91 -18.57
C ARG D 184 5.26 27.73 -17.06
N LEU D 185 6.05 28.63 -16.49
CA LEU D 185 6.50 28.51 -15.11
C LEU D 185 5.59 29.31 -14.19
N VAL D 186 5.18 28.68 -13.09
CA VAL D 186 4.38 29.31 -12.05
C VAL D 186 5.14 29.19 -10.74
N ILE D 187 5.24 30.30 -10.02
CA ILE D 187 5.90 30.34 -8.72
C ILE D 187 4.84 30.60 -7.66
N LEU D 188 4.78 29.72 -6.66
CA LEU D 188 3.76 29.78 -5.63
C LEU D 188 4.38 29.54 -4.27
N SER D 189 3.58 29.71 -3.23
CA SER D 189 4.06 29.63 -1.86
C SER D 189 4.44 28.19 -1.51
N HIS D 190 5.14 28.06 -0.37
CA HIS D 190 5.54 26.74 0.09
C HIS D 190 4.34 25.87 0.45
N LYS D 191 3.29 26.49 1.00
CA LYS D 191 2.09 25.74 1.34
C LYS D 191 1.49 25.10 0.10
N TYR D 192 1.37 25.87 -0.98
CA TYR D 192 0.78 25.37 -2.21
C TYR D 192 1.61 24.22 -2.79
N PHE D 193 2.93 24.40 -2.85
CA PHE D 193 3.79 23.37 -3.42
C PHE D 193 3.80 22.12 -2.56
N SER D 194 3.78 22.28 -1.23
CA SER D 194 3.73 21.13 -0.34
C SER D 194 2.45 20.34 -0.53
N ILE D 195 1.32 21.03 -0.69
CA ILE D 195 0.07 20.33 -0.98
C ILE D 195 0.13 19.65 -2.34
N LEU D 196 0.74 20.32 -3.33
CA LEU D 196 0.83 19.74 -4.67
C LEU D 196 1.74 18.53 -4.72
N SER D 197 2.70 18.43 -3.80
CA SER D 197 3.70 17.38 -3.85
C SER D 197 3.56 16.35 -2.74
N ASP D 198 2.46 16.37 -1.99
CA ASP D 198 2.28 15.37 -0.94
C ASP D 198 1.83 14.04 -1.55
N ASP D 199 1.67 13.05 -0.68
CA ASP D 199 1.36 11.70 -1.15
C ASP D 199 -0.06 11.61 -1.71
N ASN D 200 -0.96 12.49 -1.27
CA ASN D 200 -2.35 12.44 -1.73
C ASN D 200 -2.56 13.12 -3.07
N HIS D 201 -1.61 13.92 -3.55
CA HIS D 201 -1.76 14.64 -4.81
C HIS D 201 -0.80 14.17 -5.89
N LEU D 202 0.18 13.34 -5.56
CA LEU D 202 1.03 12.77 -6.59
C LEU D 202 0.29 11.67 -7.34
N PRO D 203 0.62 11.43 -8.60
CA PRO D 203 -0.09 10.42 -9.39
C PRO D 203 0.11 9.02 -8.83
N VAL D 204 -1.00 8.40 -8.43
CA VAL D 204 -0.99 7.03 -7.93
C VAL D 204 -1.70 6.15 -8.96
N LEU D 205 -1.04 5.05 -9.34
CA LEU D 205 -1.51 4.18 -10.40
C LEU D 205 -1.82 2.81 -9.84
N SER D 206 -2.98 2.26 -10.20
CA SER D 206 -3.39 0.95 -9.74
C SER D 206 -2.90 -0.12 -10.71
N ARG D 207 -2.39 -1.22 -10.15
CA ARG D 207 -1.86 -2.32 -10.93
C ARG D 207 -2.32 -3.63 -10.32
N ASN D 208 -2.41 -4.66 -11.17
CA ASN D 208 -2.78 -6.00 -10.70
C ASN D 208 -2.05 -7.03 -11.54
N ASN D 209 -2.09 -8.27 -11.07
CA ASN D 209 -1.50 -9.41 -11.76
C ASN D 209 -2.59 -10.43 -12.04
N LEU D 210 -2.72 -10.84 -13.30
CA LEU D 210 -3.78 -11.74 -13.73
C LEU D 210 -3.22 -13.13 -13.99
N GLU D 211 -3.95 -14.14 -13.52
CA GLU D 211 -3.60 -15.54 -13.73
C GLU D 211 -4.78 -16.21 -14.42
N ASN D 212 -4.61 -16.51 -15.72
CA ASN D 212 -5.68 -17.08 -16.54
C ASN D 212 -6.94 -16.23 -16.48
N GLY D 213 -6.75 -14.90 -16.49
CA GLY D 213 -7.86 -13.98 -16.45
C GLY D 213 -8.36 -13.64 -15.07
N GLN D 214 -7.84 -14.28 -14.02
CA GLN D 214 -8.25 -14.02 -12.65
C GLN D 214 -7.17 -13.18 -11.97
N SER D 215 -7.61 -12.14 -11.25
CA SER D 215 -6.67 -11.24 -10.59
C SER D 215 -6.03 -11.93 -9.40
N ALA D 216 -4.71 -11.98 -9.39
CA ALA D 216 -3.96 -12.62 -8.31
C ALA D 216 -3.58 -11.64 -7.22
N ASN D 217 -3.17 -10.42 -7.58
CA ASN D 217 -2.74 -9.42 -6.61
C ASN D 217 -3.34 -8.08 -6.99
N LEU D 218 -3.05 -7.07 -6.18
CA LEU D 218 -3.53 -5.71 -6.41
C LEU D 218 -2.69 -4.77 -5.55
N TRP D 219 -2.04 -3.80 -6.18
CA TRP D 219 -1.23 -2.84 -5.44
C TRP D 219 -1.28 -1.49 -6.15
N TYR D 220 -0.92 -0.45 -5.40
CA TYR D 220 -0.95 0.93 -5.90
C TYR D 220 0.47 1.46 -5.92
N GLU D 221 0.85 2.08 -7.04
CA GLU D 221 2.16 2.69 -7.20
C GLU D 221 1.99 4.19 -7.41
N GLN D 222 2.80 4.97 -6.71
CA GLN D 222 2.85 6.41 -6.96
C GLN D 222 4.08 6.72 -7.80
N VAL D 223 3.94 7.73 -8.66
CA VAL D 223 5.00 8.09 -9.60
C VAL D 223 5.20 9.60 -9.56
N LEU D 224 6.39 10.00 -9.96
CA LEU D 224 6.68 11.40 -10.19
C LEU D 224 6.25 11.78 -11.60
N PRO D 225 5.46 12.84 -11.77
CA PRO D 225 4.86 13.11 -13.08
C PRO D 225 5.91 13.31 -14.16
N ARG D 226 5.56 12.91 -15.38
CA ARG D 226 6.45 13.08 -16.52
C ARG D 226 6.65 14.56 -16.81
N TYR D 227 7.84 14.89 -17.34
CA TYR D 227 8.30 16.25 -17.58
C TYR D 227 8.67 16.98 -16.30
N SER D 228 8.88 16.26 -15.21
CA SER D 228 9.41 16.87 -14.00
C SER D 228 10.89 17.18 -14.18
N ARG D 229 11.37 18.15 -13.42
CA ARG D 229 12.75 18.60 -13.50
C ARG D 229 13.43 18.47 -12.14
N LEU D 230 14.65 17.94 -12.16
CA LEU D 230 15.45 17.76 -10.96
C LEU D 230 16.87 18.22 -11.23
N TYR D 231 17.54 18.73 -10.20
CA TYR D 231 18.90 19.22 -10.31
C TYR D 231 19.81 18.47 -9.34
N PHE D 232 21.03 18.20 -9.79
CA PHE D 232 22.01 17.55 -8.92
C PHE D 232 23.40 18.08 -9.26
N MET D 233 24.28 18.07 -8.26
CA MET D 233 25.65 18.52 -8.42
C MET D 233 26.54 17.36 -8.83
N LEU D 234 27.49 17.64 -9.70
CA LEU D 234 28.51 16.67 -10.09
C LEU D 234 29.87 17.27 -9.80
N MET D 235 30.60 16.67 -8.87
CA MET D 235 31.94 17.10 -8.51
C MET D 235 32.93 16.07 -9.02
N ASP D 236 33.91 16.51 -9.81
CA ASP D 236 34.95 15.63 -10.31
C ASP D 236 36.12 15.63 -9.34
N GLY D 237 36.66 14.44 -9.09
CA GLY D 237 37.85 14.33 -8.28
C GLY D 237 39.07 14.62 -9.13
N ASN D 238 40.12 13.81 -9.00
CA ASN D 238 41.25 13.90 -9.91
C ASN D 238 41.02 13.04 -11.14
N ALA D 239 39.86 13.23 -11.76
CA ALA D 239 39.46 12.43 -12.91
C ALA D 239 40.21 12.87 -14.15
N GLN D 240 40.56 11.91 -15.00
CA GLN D 240 41.25 12.22 -16.24
C GLN D 240 40.37 13.07 -17.14
N SER D 241 41.00 14.09 -17.75
CA SER D 241 40.24 15.03 -18.56
C SER D 241 39.62 14.36 -19.79
N GLU D 242 40.29 13.36 -20.35
CA GLU D 242 39.75 12.69 -21.54
C GLU D 242 38.45 11.97 -21.21
N TYR D 243 38.47 11.12 -20.18
CA TYR D 243 37.26 10.39 -19.80
C TYR D 243 36.20 11.33 -19.28
N LEU D 244 36.59 12.38 -18.56
CA LEU D 244 35.62 13.36 -18.08
C LEU D 244 34.92 14.05 -19.25
N LYS D 245 35.69 14.47 -20.26
CA LYS D 245 35.11 15.13 -21.42
C LYS D 245 34.19 14.19 -22.19
N LYS D 246 34.61 12.93 -22.37
CA LYS D 246 33.74 11.96 -23.02
C LYS D 246 32.46 11.76 -22.22
N PHE D 247 32.58 11.70 -20.90
CA PHE D 247 31.42 11.54 -20.02
C PHE D 247 30.44 12.69 -20.19
N ARG D 248 30.93 13.92 -20.12
CA ARG D 248 30.05 15.07 -20.27
C ARG D 248 29.41 15.12 -21.65
N ASP D 249 30.20 14.87 -22.69
CA ASP D 249 29.67 14.90 -24.06
C ASP D 249 28.57 13.86 -24.25
N THR D 250 28.80 12.64 -23.76
CA THR D 250 27.80 11.59 -23.94
C THR D 250 26.57 11.84 -23.06
N LEU D 251 26.78 12.39 -21.87
CA LEU D 251 25.67 12.63 -20.95
C LEU D 251 24.76 13.74 -21.45
N CYS D 252 25.33 14.80 -21.98
CA CYS D 252 24.54 15.96 -22.40
C CYS D 252 24.15 15.93 -23.87
N THR D 253 24.49 14.87 -24.59
CA THR D 253 24.04 14.72 -25.96
C THR D 253 22.52 14.58 -25.98
N PRO D 254 21.82 15.27 -26.89
CA PRO D 254 20.35 15.12 -26.95
C PRO D 254 19.89 13.72 -27.30
N SER D 255 20.77 12.88 -27.85
CA SER D 255 20.44 11.50 -28.18
C SER D 255 20.52 10.56 -26.98
N THR D 256 20.94 11.06 -25.82
CA THR D 256 21.20 10.22 -24.66
C THR D 256 19.99 10.24 -23.74
N ILE D 257 19.46 9.05 -23.42
CA ILE D 257 18.35 8.88 -22.50
C ILE D 257 18.78 7.88 -21.44
N ILE D 258 18.56 8.23 -20.17
CA ILE D 258 19.00 7.42 -19.04
C ILE D 258 17.76 6.98 -18.27
N GLN D 259 17.70 5.70 -17.91
CA GLN D 259 16.61 5.13 -17.13
C GLN D 259 17.03 5.10 -15.66
N ILE D 260 16.35 5.90 -14.83
CA ILE D 260 16.58 5.93 -13.40
C ILE D 260 15.31 5.47 -12.70
N GLY D 261 15.43 4.47 -11.85
CA GLY D 261 14.31 3.98 -11.07
C GLY D 261 13.89 2.57 -11.45
N ALA D 262 12.64 2.26 -11.15
CA ALA D 262 12.07 0.94 -11.35
C ALA D 262 11.18 0.91 -12.58
N ASN D 263 10.63 -0.27 -12.85
CA ASN D 263 9.68 -0.49 -13.94
C ASN D 263 10.27 -0.05 -15.28
N ALA D 264 11.50 -0.50 -15.54
CA ALA D 264 12.19 -0.11 -16.77
C ALA D 264 11.54 -0.72 -18.01
N SER D 265 11.07 -1.98 -17.90
CA SER D 265 10.46 -2.63 -19.05
C SER D 265 9.14 -1.99 -19.46
N ILE D 266 8.54 -1.19 -18.58
CA ILE D 266 7.31 -0.48 -18.93
C ILE D 266 7.62 1.01 -19.02
N GLY D 267 8.86 1.33 -19.37
CA GLY D 267 9.23 2.69 -19.73
C GLY D 267 9.04 3.72 -18.64
N TYR D 268 9.54 3.44 -17.44
CA TYR D 268 9.45 4.36 -16.31
C TYR D 268 10.82 4.96 -16.04
N GLY D 269 10.87 6.28 -15.88
CA GLY D 269 12.08 6.94 -15.44
C GLY D 269 13.11 7.24 -16.50
N TYR D 270 12.69 7.41 -17.75
CA TYR D 270 13.61 7.81 -18.81
C TYR D 270 13.79 9.32 -18.78
N CYS D 271 15.04 9.76 -18.77
CA CYS D 271 15.36 11.15 -18.50
C CYS D 271 16.45 11.63 -19.45
N GLN D 272 16.53 12.95 -19.59
CA GLN D 272 17.62 13.62 -20.28
C GLN D 272 18.40 14.47 -19.29
N ILE D 273 19.72 14.51 -19.45
CA ILE D 273 20.61 15.26 -18.58
C ILE D 273 21.23 16.40 -19.38
N SER D 274 21.17 17.61 -18.83
CA SER D 274 21.74 18.78 -19.47
C SER D 274 22.48 19.61 -18.43
N GLU D 275 23.54 20.29 -18.87
CA GLU D 275 24.35 21.09 -17.97
C GLU D 275 23.68 22.44 -17.70
N LEU D 276 24.27 23.17 -16.76
CA LEU D 276 23.87 24.56 -16.53
C LEU D 276 24.39 25.40 -17.69
N SER D 277 23.47 25.97 -18.46
CA SER D 277 23.87 26.80 -19.59
C SER D 277 24.48 28.10 -19.08
N PRO D 278 25.46 28.64 -19.80
CA PRO D 278 25.97 29.97 -19.45
C PRO D 278 24.86 31.01 -19.52
N PHE D 279 24.88 31.93 -18.56
CA PHE D 279 23.84 32.96 -18.48
C PHE D 279 24.15 34.12 -19.42
N MET E 1 16.56 1.40 -35.31
CA MET E 1 16.30 0.01 -35.01
C MET E 1 15.97 -0.17 -33.53
N THR E 2 16.17 0.91 -32.76
CA THR E 2 15.96 0.86 -31.31
C THR E 2 14.57 1.34 -30.92
N THR E 3 14.22 2.57 -31.28
CA THR E 3 12.98 3.19 -30.85
C THR E 3 12.01 3.28 -32.02
N ARG E 4 10.78 2.84 -31.80
CA ARG E 4 9.76 2.79 -32.82
C ARG E 4 8.46 3.36 -32.27
N MET E 5 7.70 4.02 -33.14
CA MET E 5 6.38 4.54 -32.79
C MET E 5 5.32 3.66 -33.42
N TYR E 6 4.35 3.23 -32.60
CA TYR E 6 3.25 2.40 -33.05
C TYR E 6 1.93 3.12 -32.78
N VAL E 7 1.04 3.07 -33.75
CA VAL E 7 -0.28 3.68 -33.64
C VAL E 7 -1.30 2.60 -33.33
N ILE E 8 -2.10 2.81 -32.29
CA ILE E 8 -3.12 1.86 -31.88
C ILE E 8 -4.44 2.32 -32.48
N ASN E 9 -4.98 1.52 -33.39
CA ASN E 9 -6.28 1.78 -33.99
C ASN E 9 -7.28 0.81 -33.36
N THR E 10 -8.19 1.34 -32.56
CA THR E 10 -9.10 0.52 -31.76
C THR E 10 -10.32 0.16 -32.61
N LEU E 11 -10.55 -1.13 -32.81
CA LEU E 11 -11.68 -1.58 -33.62
C LEU E 11 -13.00 -1.52 -32.87
N SER E 12 -12.97 -1.41 -31.55
CA SER E 12 -14.19 -1.28 -30.75
C SER E 12 -13.91 -0.27 -29.64
N ASN E 13 -14.87 -0.13 -28.72
CA ASN E 13 -14.70 0.74 -27.58
C ASN E 13 -13.66 0.16 -26.63
N MET E 14 -12.89 1.05 -26.00
CA MET E 14 -11.82 0.66 -25.09
C MET E 14 -12.11 1.17 -23.69
N HIS E 15 -11.99 0.29 -22.71
CA HIS E 15 -12.07 0.66 -21.30
C HIS E 15 -10.82 0.13 -20.60
N VAL E 16 -9.83 0.99 -20.44
CA VAL E 16 -8.69 0.71 -19.56
C VAL E 16 -9.05 1.35 -18.23
N GLY E 17 -9.68 0.57 -17.35
CA GLY E 17 -10.21 1.11 -16.12
C GLY E 17 -9.12 1.60 -15.20
N SER E 18 -9.29 2.81 -14.67
CA SER E 18 -8.42 3.29 -13.61
C SER E 18 -8.91 2.77 -12.27
N GLY E 19 -8.01 2.70 -11.30
CA GLY E 19 -8.46 2.34 -9.98
C GLY E 19 -8.94 3.59 -9.28
N GLU E 20 -10.25 3.84 -9.36
CA GLU E 20 -10.82 5.11 -8.96
C GLU E 20 -12.24 4.86 -8.46
N VAL E 21 -12.57 5.45 -7.33
CA VAL E 21 -13.92 5.45 -6.80
C VAL E 21 -14.51 6.81 -7.08
N ASN E 22 -15.31 6.92 -8.13
CA ASN E 22 -16.04 8.12 -8.45
C ASN E 22 -17.45 7.98 -7.88
N TYR E 23 -17.84 8.92 -7.03
CA TYR E 23 -19.15 8.90 -6.39
C TYR E 23 -20.16 9.74 -7.13
N GLY E 24 -19.83 10.18 -8.34
CA GLY E 24 -20.76 10.91 -9.17
C GLY E 24 -21.54 10.00 -10.10
N VAL E 25 -21.60 10.35 -11.38
CA VAL E 25 -22.42 9.60 -12.31
C VAL E 25 -21.69 8.37 -12.84
N ILE E 26 -20.42 8.53 -13.23
CA ILE E 26 -19.67 7.46 -13.88
C ILE E 26 -18.98 6.65 -12.80
N ALA E 27 -19.42 5.40 -12.61
CA ALA E 27 -18.81 4.54 -11.60
C ALA E 27 -17.41 4.10 -12.04
N ASN E 28 -17.25 3.74 -13.30
CA ASN E 28 -15.98 3.24 -13.83
C ASN E 28 -15.45 4.25 -14.85
N LEU E 29 -14.34 4.91 -14.51
CA LEU E 29 -13.67 5.82 -15.41
C LEU E 29 -12.44 5.16 -16.01
N ILE E 30 -11.94 5.75 -17.09
CA ILE E 30 -10.78 5.23 -17.80
C ILE E 30 -9.54 5.94 -17.32
N GLN E 31 -8.38 5.33 -17.58
CA GLN E 31 -7.12 5.92 -17.18
C GLN E 31 -6.84 7.18 -17.98
N ARG E 32 -6.38 8.22 -17.29
CA ARG E 32 -5.97 9.47 -17.90
C ARG E 32 -4.50 9.72 -17.59
N ASP E 33 -3.83 10.39 -18.52
CA ASP E 33 -2.40 10.65 -18.35
C ASP E 33 -2.16 11.55 -17.15
N SER E 34 -1.09 11.26 -16.42
CA SER E 34 -0.80 11.96 -15.17
C SER E 34 -0.48 13.43 -15.38
N VAL E 35 -0.19 13.87 -16.60
CA VAL E 35 0.25 15.24 -16.87
C VAL E 35 -0.79 16.00 -17.68
N THR E 36 -1.12 15.51 -18.88
CA THR E 36 -2.04 16.20 -19.77
C THR E 36 -3.50 15.85 -19.52
N ASN E 37 -3.78 14.89 -18.64
CA ASN E 37 -5.15 14.47 -18.33
C ASN E 37 -5.89 13.95 -19.56
N LEU E 38 -5.16 13.42 -20.50
CA LEU E 38 -5.80 12.82 -21.66
C LEU E 38 -5.89 11.32 -21.49
N PRO E 39 -6.87 10.67 -22.12
CA PRO E 39 -6.97 9.21 -22.01
C PRO E 39 -5.70 8.54 -22.51
N ASN E 40 -5.29 7.47 -21.80
CA ASN E 40 -4.06 6.79 -22.14
C ASN E 40 -4.13 5.35 -21.65
N ILE E 41 -3.26 4.52 -22.22
CA ILE E 41 -3.09 3.14 -21.76
C ILE E 41 -1.78 3.08 -20.98
N ASN E 42 -1.87 2.66 -19.72
CA ASN E 42 -0.67 2.52 -18.92
C ASN E 42 0.23 1.46 -19.54
N SER E 43 1.54 1.70 -19.48
CA SER E 43 2.49 0.80 -20.12
C SER E 43 2.38 -0.62 -19.56
N SER E 44 2.05 -0.76 -18.28
CA SER E 44 1.86 -2.07 -17.70
C SER E 44 0.70 -2.81 -18.37
N GLY E 45 -0.42 -2.13 -18.58
CA GLY E 45 -1.56 -2.77 -19.22
C GLY E 45 -1.27 -3.14 -20.67
N LEU E 46 -0.60 -2.25 -21.40
CA LEU E 46 -0.23 -2.55 -22.78
C LEU E 46 0.71 -3.75 -22.85
N LYS E 47 1.72 -3.77 -21.98
CA LYS E 47 2.65 -4.90 -21.96
C LYS E 47 1.93 -6.20 -21.62
N GLY E 48 1.02 -6.15 -20.64
CA GLY E 48 0.28 -7.34 -20.28
C GLY E 48 -0.58 -7.86 -21.41
N ALA E 49 -1.28 -6.96 -22.11
CA ALA E 49 -2.12 -7.37 -23.23
C ALA E 49 -1.29 -8.00 -24.35
N ILE E 50 -0.18 -7.34 -24.71
CA ILE E 50 0.64 -7.85 -25.80
C ILE E 50 1.29 -9.18 -25.41
N ARG E 51 1.69 -9.32 -24.15
CA ARG E 51 2.23 -10.59 -23.67
C ARG E 51 1.18 -11.68 -23.70
N GLU E 52 -0.06 -11.34 -23.36
CA GLU E 52 -1.14 -12.32 -23.41
C GLU E 52 -1.38 -12.79 -24.84
N TYR E 53 -1.26 -11.88 -25.82
CA TYR E 53 -1.41 -12.30 -27.21
C TYR E 53 -0.35 -13.31 -27.61
N PHE E 54 0.89 -13.11 -27.17
CA PHE E 54 2.02 -13.93 -27.59
C PHE E 54 2.29 -15.10 -26.64
N LYS E 55 1.37 -15.39 -25.72
CA LYS E 55 1.63 -16.38 -24.67
C LYS E 55 1.95 -17.75 -25.23
N GLU E 56 1.43 -18.09 -26.41
CA GLU E 56 1.68 -19.41 -26.97
C GLU E 56 3.17 -19.61 -27.29
N ASN E 57 3.81 -18.59 -27.83
CA ASN E 57 5.25 -18.66 -28.12
C ASN E 57 6.00 -18.39 -26.82
N GLU E 58 6.34 -19.47 -26.12
CA GLU E 58 7.03 -19.35 -24.83
C GLU E 58 8.37 -18.67 -24.99
N ASP E 59 9.14 -19.04 -26.03
CA ASP E 59 10.46 -18.47 -26.23
C ASP E 59 10.38 -16.97 -26.50
N LEU E 60 9.46 -16.55 -27.37
CA LEU E 60 9.36 -15.13 -27.70
C LEU E 60 8.95 -14.32 -26.49
N VAL E 61 7.97 -14.80 -25.72
CA VAL E 61 7.53 -14.08 -24.52
C VAL E 61 8.66 -14.00 -23.50
N ARG E 62 9.38 -15.11 -23.31
CA ARG E 62 10.46 -15.13 -22.32
C ARG E 62 11.58 -14.18 -22.72
N GLU E 63 11.94 -14.14 -24.00
CA GLU E 63 13.03 -13.29 -24.43
C GLU E 63 12.65 -11.82 -24.50
N LEU E 64 11.41 -11.49 -24.87
CA LEU E 64 11.03 -10.10 -25.07
C LEU E 64 10.38 -9.47 -23.84
N PHE E 65 9.46 -10.17 -23.18
CA PHE E 65 8.70 -9.60 -22.07
C PHE E 65 9.28 -9.96 -20.71
N GLY E 66 10.03 -11.06 -20.61
CA GLY E 66 10.59 -11.48 -19.35
C GLY E 66 10.05 -12.81 -18.86
N SER E 67 10.18 -13.07 -17.57
CA SER E 67 9.73 -14.33 -16.98
C SER E 67 8.32 -14.19 -16.41
N ALA E 68 7.68 -15.34 -16.21
CA ALA E 68 6.35 -15.35 -15.62
C ALA E 68 6.44 -14.97 -14.14
N PRO E 69 5.36 -14.43 -13.57
CA PRO E 69 5.39 -14.09 -12.14
C PRO E 69 5.76 -15.27 -11.25
N ARG E 70 5.28 -16.47 -11.58
CA ARG E 70 5.56 -17.67 -10.79
C ARG E 70 6.68 -18.44 -11.49
N ASP E 71 7.92 -18.12 -11.14
CA ASP E 71 9.08 -18.77 -11.72
C ASP E 71 10.22 -18.72 -10.71
N GLU E 72 11.00 -19.81 -10.64
CA GLU E 72 12.13 -19.84 -9.73
C GLU E 72 13.20 -18.82 -10.13
N LYS E 73 13.45 -18.68 -11.42
CA LYS E 73 14.30 -17.61 -11.92
C LYS E 73 13.44 -16.50 -12.51
N THR E 74 13.92 -15.27 -12.38
CA THR E 74 13.27 -14.13 -13.01
C THR E 74 14.19 -13.58 -14.08
N LEU E 75 13.63 -13.31 -15.25
CA LEU E 75 14.38 -12.81 -16.38
C LEU E 75 13.92 -11.40 -16.68
N PRO E 76 14.83 -10.41 -16.67
CA PRO E 76 14.41 -9.04 -16.99
C PRO E 76 13.84 -8.94 -18.39
N GLY E 77 12.80 -8.11 -18.54
CA GLY E 77 12.25 -7.87 -19.86
C GLY E 77 13.25 -7.12 -20.73
N LYS E 78 13.29 -7.49 -22.00
CA LYS E 78 14.23 -6.88 -22.95
C LYS E 78 13.60 -5.72 -23.71
N VAL E 79 12.35 -5.85 -24.12
CA VAL E 79 11.67 -4.81 -24.89
C VAL E 79 10.97 -3.87 -23.92
N ARG E 80 11.11 -2.57 -24.17
CA ARG E 80 10.52 -1.54 -23.31
C ARG E 80 9.24 -1.02 -23.93
N PHE E 81 8.16 -1.03 -23.15
CA PHE E 81 6.85 -0.59 -23.58
C PHE E 81 6.54 0.76 -22.93
N PHE E 82 6.27 1.76 -23.76
CA PHE E 82 5.90 3.07 -23.24
C PHE E 82 4.39 3.25 -23.30
N GLU E 83 3.88 4.12 -22.43
CA GLU E 83 2.44 4.30 -22.32
C GLU E 83 1.87 4.87 -23.61
N ALA E 84 0.64 4.46 -23.93
CA ALA E 84 -0.01 4.85 -25.18
C ALA E 84 -0.80 6.12 -24.91
N ASN E 85 -0.26 7.24 -25.37
CA ASN E 85 -0.93 8.53 -25.23
C ASN E 85 -1.90 8.75 -26.38
N LEU E 86 -2.98 9.46 -26.10
CA LEU E 86 -4.01 9.68 -27.10
C LEU E 86 -3.48 10.55 -28.24
N LEU E 87 -3.81 10.17 -29.47
CA LEU E 87 -3.43 10.92 -30.65
C LEU E 87 -4.63 11.53 -31.36
N SER E 88 -5.61 10.70 -31.73
CA SER E 88 -6.81 11.17 -32.41
C SER E 88 -8.04 10.56 -31.76
N MET E 89 -9.06 11.38 -31.56
CA MET E 89 -10.32 10.93 -30.99
C MET E 89 -11.45 11.29 -31.95
N PRO E 90 -12.29 10.32 -32.34
CA PRO E 90 -13.44 10.65 -33.18
C PRO E 90 -14.40 11.59 -32.47
N VAL E 91 -14.88 12.58 -33.20
CA VAL E 91 -15.84 13.55 -32.69
C VAL E 91 -17.04 13.57 -33.62
N ARG E 92 -18.24 13.55 -33.04
CA ARG E 92 -19.45 13.51 -33.83
C ARG E 92 -19.72 14.87 -34.48
N SER E 93 -20.24 14.83 -35.70
CA SER E 93 -20.48 16.04 -36.46
C SER E 93 -21.85 15.97 -37.11
N ASP E 94 -22.20 17.03 -37.84
CA ASP E 94 -23.44 17.11 -38.60
C ASP E 94 -23.24 16.86 -40.10
N LYS E 95 -22.14 17.35 -40.67
CA LYS E 95 -21.86 17.08 -42.07
C LYS E 95 -21.32 15.67 -42.29
N VAL E 96 -20.57 15.15 -41.32
CA VAL E 96 -19.92 13.85 -41.45
C VAL E 96 -20.20 13.06 -40.18
N PRO E 97 -20.21 11.71 -40.26
CA PRO E 97 -20.44 10.93 -39.04
C PRO E 97 -19.45 11.22 -37.93
N PHE E 98 -18.14 11.18 -38.23
CA PHE E 98 -17.14 11.50 -37.23
C PHE E 98 -15.89 12.03 -37.91
N LEU E 99 -15.26 13.01 -37.28
CA LEU E 99 -13.96 13.51 -37.68
C LEU E 99 -12.91 13.09 -36.65
N MET E 100 -11.66 13.09 -37.09
CA MET E 100 -10.55 12.75 -36.21
C MET E 100 -10.04 14.02 -35.56
N ALA E 101 -10.15 14.09 -34.24
CA ALA E 101 -9.86 15.31 -33.49
C ALA E 101 -8.45 15.24 -32.91
N ILE E 102 -7.63 16.24 -33.25
CA ILE E 102 -6.33 16.43 -32.64
C ILE E 102 -6.25 17.88 -32.19
N SER E 103 -5.37 18.14 -31.22
CA SER E 103 -5.19 19.47 -30.69
C SER E 103 -3.78 19.96 -31.00
N ASP E 104 -3.63 21.30 -30.96
CA ASP E 104 -2.30 21.87 -31.18
C ASP E 104 -1.33 21.44 -30.09
N GLU E 105 -1.81 21.31 -28.86
CA GLU E 105 -0.94 20.84 -27.78
C GLU E 105 -0.63 19.36 -27.92
N VAL E 106 -1.57 18.56 -28.43
CA VAL E 106 -1.28 17.15 -28.70
C VAL E 106 -0.22 17.04 -29.79
N LEU E 107 -0.32 17.87 -30.83
CA LEU E 107 0.70 17.88 -31.87
C LEU E 107 2.05 18.32 -31.33
N GLN E 108 2.05 19.32 -30.44
CA GLN E 108 3.30 19.75 -29.81
C GLN E 108 3.92 18.64 -28.98
N GLU E 109 3.09 17.91 -28.22
CA GLU E 109 3.59 16.79 -27.45
C GLU E 109 4.14 15.70 -28.35
N LEU E 110 3.48 15.44 -29.48
CA LEU E 110 3.97 14.44 -30.42
C LEU E 110 5.31 14.84 -31.02
N ILE E 111 5.46 16.11 -31.41
CA ILE E 111 6.72 16.59 -31.95
C ILE E 111 7.82 16.50 -30.90
N THR E 112 7.51 16.89 -29.66
CA THR E 112 8.49 16.82 -28.58
C THR E 112 8.90 15.37 -28.31
N LYS E 113 7.94 14.45 -28.29
CA LYS E 113 8.25 13.05 -28.05
C LYS E 113 9.10 12.48 -29.17
N MET E 114 8.77 12.80 -30.42
CA MET E 114 9.56 12.31 -31.54
C MET E 114 10.98 12.87 -31.49
N LYS E 115 11.13 14.15 -31.11
CA LYS E 115 12.46 14.74 -30.98
C LYS E 115 13.25 14.06 -29.87
N PHE E 116 12.61 13.78 -28.73
CA PHE E 116 13.32 13.26 -27.58
C PHE E 116 13.69 11.79 -27.77
N PHE E 117 12.78 11.00 -28.32
CA PHE E 117 12.95 9.55 -28.39
C PHE E 117 13.64 9.08 -29.66
N ASN E 118 13.66 9.91 -30.70
CA ASN E 118 14.31 9.58 -31.97
C ASN E 118 13.73 8.30 -32.59
N CYS E 119 12.46 8.42 -32.97
CA CYS E 119 11.79 7.34 -33.68
C CYS E 119 12.51 7.06 -35.01
N GLU E 120 12.15 5.93 -35.63
CA GLU E 120 12.84 5.49 -36.84
C GLU E 120 12.67 6.49 -37.97
N GLU E 121 11.43 6.87 -38.28
CA GLU E 121 11.14 7.78 -39.39
C GLU E 121 10.79 9.18 -38.88
N ALA E 122 11.46 9.62 -37.82
CA ALA E 122 11.02 10.80 -37.09
C ALA E 122 11.34 12.10 -37.80
N THR E 123 12.36 12.14 -38.66
CA THR E 123 12.86 13.41 -39.16
C THR E 123 11.82 14.13 -40.03
N GLN E 124 11.31 13.43 -41.05
CA GLN E 124 10.35 14.07 -41.97
C GLN E 124 9.03 14.37 -41.27
N TYR E 125 8.59 13.45 -40.41
CA TYR E 125 7.38 13.69 -39.63
C TYR E 125 7.53 14.93 -38.76
N ILE E 126 8.67 15.06 -38.08
CA ILE E 126 8.91 16.22 -37.23
C ILE E 126 8.89 17.49 -38.07
N SER E 127 9.55 17.47 -39.22
CA SER E 127 9.61 18.66 -40.06
C SER E 127 8.23 19.09 -40.52
N HIS E 128 7.44 18.15 -41.04
CA HIS E 128 6.14 18.52 -41.60
C HIS E 128 5.14 18.85 -40.51
N LEU E 129 5.17 18.12 -39.38
CA LEU E 129 4.29 18.44 -38.27
C LEU E 129 4.62 19.80 -37.70
N SER E 130 5.90 20.13 -37.60
CA SER E 130 6.29 21.46 -37.15
C SER E 130 5.74 22.52 -38.09
N THR E 131 6.01 22.37 -39.40
CA THR E 131 5.54 23.36 -40.37
C THR E 131 4.03 23.56 -40.28
N LEU E 132 3.29 22.45 -40.17
CA LEU E 132 1.85 22.53 -39.97
C LEU E 132 1.51 23.31 -38.70
N LEU E 133 2.27 23.08 -37.62
CA LEU E 133 1.99 23.77 -36.37
C LEU E 133 2.21 25.28 -36.49
N ASP E 134 3.32 25.70 -37.10
CA ASP E 134 3.53 27.14 -37.27
C ASP E 134 2.48 27.75 -38.18
N ASN E 135 2.08 27.05 -39.25
CA ASN E 135 1.02 27.57 -40.10
C ASN E 135 -0.27 27.76 -39.30
N ILE E 136 -0.63 26.77 -38.48
CA ILE E 136 -1.85 26.86 -37.68
C ILE E 136 -1.77 28.01 -36.69
N LYS E 137 -0.63 28.16 -36.02
CA LYS E 137 -0.48 29.24 -35.06
C LYS E 137 -0.50 30.60 -35.74
N THR E 138 0.09 30.71 -36.93
CA THR E 138 0.06 31.96 -37.67
C THR E 138 -1.36 32.33 -38.06
N GLN E 139 -2.15 31.33 -38.49
CA GLN E 139 -3.54 31.62 -38.86
C GLN E 139 -4.39 31.97 -37.64
N ALA E 140 -4.22 31.24 -36.54
CA ALA E 140 -5.12 31.40 -35.39
C ALA E 140 -4.94 32.75 -34.72
N GLN E 141 -3.69 33.20 -34.55
CA GLN E 141 -3.38 34.47 -33.88
C GLN E 141 -3.98 34.53 -32.48
N GLY E 142 -3.92 33.41 -31.75
CA GLY E 142 -4.34 33.35 -30.37
C GLY E 142 -5.76 32.88 -30.13
N THR E 143 -6.68 33.21 -31.04
CA THR E 143 -8.08 32.85 -30.83
C THR E 143 -8.28 31.34 -31.00
N ASP E 144 -9.40 30.87 -30.45
CA ASP E 144 -9.73 29.46 -30.58
C ASP E 144 -10.15 29.14 -32.01
N PHE E 145 -9.84 27.91 -32.44
CA PHE E 145 -9.97 27.56 -33.85
C PHE E 145 -10.38 26.10 -33.99
N ALA E 146 -10.96 25.80 -35.15
CA ALA E 146 -11.26 24.43 -35.57
C ALA E 146 -10.97 24.37 -37.07
N TYR E 147 -9.84 23.79 -37.43
CA TYR E 147 -9.34 23.82 -38.81
C TYR E 147 -9.47 22.45 -39.44
N VAL E 148 -10.25 22.38 -40.51
CA VAL E 148 -10.38 21.18 -41.32
C VAL E 148 -9.57 21.37 -42.59
N PHE E 149 -9.22 20.27 -43.23
CA PHE E 149 -8.40 20.30 -44.44
C PHE E 149 -9.14 19.77 -45.65
N ASP E 150 -10.47 19.71 -45.58
CA ASP E 150 -11.31 19.46 -46.73
C ASP E 150 -12.29 20.62 -46.85
N PRO E 151 -12.36 21.30 -48.00
CA PRO E 151 -13.31 22.42 -48.13
C PRO E 151 -14.76 22.00 -47.98
N LEU E 152 -15.08 20.71 -48.14
CA LEU E 152 -16.45 20.25 -47.97
C LEU E 152 -16.87 20.26 -46.51
N LEU E 153 -15.92 20.10 -45.59
CA LEU E 153 -16.23 20.06 -44.17
C LEU E 153 -16.16 21.44 -43.52
N GLN E 154 -16.82 22.41 -44.12
CA GLN E 154 -16.80 23.79 -43.63
C GLN E 154 -18.10 24.07 -42.88
N GLY E 155 -17.99 24.68 -41.71
CA GLY E 155 -19.14 24.90 -40.87
C GLY E 155 -19.60 23.68 -40.11
N ALA E 156 -18.83 22.61 -40.12
CA ALA E 156 -19.20 21.40 -39.40
C ALA E 156 -19.21 21.65 -37.90
N ILE E 157 -20.21 21.10 -37.22
CA ILE E 157 -20.36 21.24 -35.78
C ILE E 157 -19.54 20.12 -35.14
N ILE E 158 -18.46 20.48 -34.45
CA ILE E 158 -17.57 19.49 -33.85
C ILE E 158 -18.12 19.21 -32.46
N GLU E 159 -19.16 18.38 -32.42
CA GLU E 159 -19.72 17.81 -31.18
C GLU E 159 -20.37 18.86 -30.30
N GLU E 160 -20.20 20.14 -30.64
CA GLU E 160 -20.74 21.23 -29.84
C GLU E 160 -21.03 22.40 -30.76
N VAL E 161 -22.17 23.07 -30.52
CA VAL E 161 -22.58 24.17 -31.37
C VAL E 161 -21.55 25.30 -31.34
N SER E 162 -20.84 25.46 -30.22
CA SER E 162 -19.84 26.52 -30.13
C SER E 162 -18.67 26.26 -31.07
N ILE E 163 -18.27 25.00 -31.23
CA ILE E 163 -17.10 24.65 -32.04
C ILE E 163 -17.58 24.45 -33.46
N ARG E 164 -17.33 25.44 -34.31
CA ARG E 164 -17.62 25.37 -35.73
C ARG E 164 -16.32 25.34 -36.51
N ALA E 165 -16.31 24.55 -37.58
CA ALA E 165 -15.09 24.35 -38.35
C ALA E 165 -14.97 25.38 -39.47
N THR E 166 -13.73 25.78 -39.74
CA THR E 166 -13.41 26.63 -40.87
C THR E 166 -12.20 26.05 -41.57
N CYS E 167 -12.12 26.28 -42.88
CA CYS E 167 -11.02 25.73 -43.67
C CYS E 167 -10.00 26.82 -43.96
N PRO E 168 -8.81 26.77 -43.39
CA PRO E 168 -7.76 27.71 -43.76
C PRO E 168 -7.07 27.27 -45.05
N SER E 169 -7.30 28.03 -46.12
CA SER E 169 -6.77 27.65 -47.43
C SER E 169 -5.35 28.15 -47.63
N HIS E 170 -4.50 27.83 -46.66
CA HIS E 170 -3.07 28.06 -46.78
C HIS E 170 -2.24 26.95 -46.18
N ILE E 171 -2.84 26.01 -45.46
CA ILE E 171 -2.14 24.97 -44.73
C ILE E 171 -2.36 23.65 -45.48
N PRO E 172 -1.33 23.08 -46.11
CA PRO E 172 -1.49 21.79 -46.77
C PRO E 172 -1.31 20.63 -45.79
N LEU E 173 -2.21 19.66 -45.89
CA LEU E 173 -2.16 18.45 -45.08
C LEU E 173 -1.60 17.34 -45.97
N GLN E 174 -0.38 16.92 -45.69
CA GLN E 174 0.28 15.93 -46.52
C GLN E 174 -0.40 14.57 -46.40
N PRO E 175 -0.33 13.74 -47.45
CA PRO E 175 -1.00 12.43 -47.38
C PRO E 175 -0.51 11.54 -46.25
N SER E 176 0.79 11.57 -45.94
CA SER E 176 1.30 10.73 -44.86
C SER E 176 0.81 11.20 -43.51
N LEU E 177 0.70 12.52 -43.33
CA LEU E 177 0.11 13.04 -42.10
C LEU E 177 -1.37 12.64 -41.99
N LYS E 178 -2.08 12.61 -43.12
CA LYS E 178 -3.45 12.12 -43.11
C LYS E 178 -3.52 10.66 -42.72
N LYS E 179 -2.57 9.85 -43.21
CA LYS E 179 -2.53 8.45 -42.83
C LYS E 179 -2.27 8.29 -41.34
N LEU E 180 -1.36 9.10 -40.79
CA LEU E 180 -1.02 8.99 -39.37
C LEU E 180 -2.15 9.45 -38.47
N LEU E 181 -2.73 10.61 -38.77
CA LEU E 181 -3.66 11.26 -37.84
C LEU E 181 -5.12 10.93 -38.12
N GLY E 182 -5.44 10.40 -39.30
CA GLY E 182 -6.82 10.08 -39.61
C GLY E 182 -7.30 10.71 -40.90
N ASP E 183 -8.38 10.17 -41.46
CA ASP E 183 -8.85 10.63 -42.76
C ASP E 183 -9.48 12.02 -42.66
N ARG E 184 -10.56 12.14 -41.90
CA ARG E 184 -11.24 13.42 -41.72
C ARG E 184 -10.68 14.07 -40.46
N LEU E 185 -9.72 14.96 -40.62
CA LEU E 185 -8.94 15.49 -39.52
C LEU E 185 -9.36 16.93 -39.23
N VAL E 186 -9.64 17.21 -37.95
CA VAL E 186 -9.88 18.55 -37.47
C VAL E 186 -8.89 18.83 -36.35
N ILE E 187 -8.22 19.97 -36.41
CA ILE E 187 -7.26 20.38 -35.40
C ILE E 187 -7.87 21.52 -34.60
N LEU E 188 -7.96 21.32 -33.29
CA LEU E 188 -8.72 22.20 -32.41
C LEU E 188 -7.77 22.92 -31.45
N SER E 189 -8.28 24.03 -30.90
CA SER E 189 -7.59 24.69 -29.81
C SER E 189 -7.63 23.82 -28.56
N HIS E 190 -6.68 24.04 -27.66
CA HIS E 190 -6.59 23.20 -26.47
C HIS E 190 -7.85 23.34 -25.61
N LYS E 191 -8.42 24.54 -25.54
CA LYS E 191 -9.67 24.72 -24.82
C LYS E 191 -10.76 23.83 -25.40
N TYR E 192 -10.91 23.85 -26.73
CA TYR E 192 -11.94 23.05 -27.38
C TYR E 192 -11.69 21.56 -27.18
N PHE E 193 -10.44 21.12 -27.34
CA PHE E 193 -10.14 19.70 -27.23
C PHE E 193 -10.31 19.20 -25.80
N SER E 194 -9.92 20.01 -24.81
CA SER E 194 -10.11 19.63 -23.42
C SER E 194 -11.59 19.61 -23.05
N ILE E 195 -12.39 20.51 -23.64
CA ILE E 195 -13.83 20.44 -23.45
C ILE E 195 -14.38 19.14 -24.04
N LEU E 196 -13.91 18.77 -25.23
CA LEU E 196 -14.41 17.59 -25.90
C LEU E 196 -13.90 16.29 -25.29
N SER E 197 -12.80 16.33 -24.55
CA SER E 197 -12.16 15.13 -24.03
C SER E 197 -12.23 15.02 -22.51
N ASP E 198 -13.13 15.76 -21.88
CA ASP E 198 -13.25 15.72 -20.43
C ASP E 198 -14.30 14.70 -20.00
N ASP E 199 -14.41 14.51 -18.68
CA ASP E 199 -15.27 13.47 -18.15
C ASP E 199 -16.76 13.73 -18.36
N ASN E 200 -17.13 14.95 -18.76
CA ASN E 200 -18.53 15.26 -19.05
C ASN E 200 -18.90 15.05 -20.52
N HIS E 201 -17.91 14.81 -21.39
CA HIS E 201 -18.16 14.70 -22.81
C HIS E 201 -17.70 13.39 -23.43
N LEU E 202 -16.89 12.60 -22.73
CA LEU E 202 -16.49 11.30 -23.25
C LEU E 202 -17.71 10.37 -23.32
N PRO E 203 -17.75 9.48 -24.30
CA PRO E 203 -18.90 8.56 -24.40
C PRO E 203 -19.04 7.70 -23.16
N VAL E 204 -20.30 7.52 -22.74
CA VAL E 204 -20.63 6.72 -21.57
C VAL E 204 -21.58 5.62 -21.99
N LEU E 205 -21.43 4.45 -21.39
CA LEU E 205 -22.26 3.29 -21.68
C LEU E 205 -22.94 2.85 -20.39
N SER E 206 -24.24 2.58 -20.48
CA SER E 206 -25.03 2.18 -19.31
C SER E 206 -25.14 0.67 -19.25
N ARG E 207 -24.90 0.12 -18.07
CA ARG E 207 -24.99 -1.32 -17.85
C ARG E 207 -25.80 -1.58 -16.59
N ASN E 208 -26.51 -2.71 -16.58
CA ASN E 208 -27.27 -3.14 -15.42
C ASN E 208 -27.15 -4.65 -15.28
N ASN E 209 -27.42 -5.14 -14.08
CA ASN E 209 -27.41 -6.56 -13.78
C ASN E 209 -28.82 -7.02 -13.45
N LEU E 210 -29.31 -8.03 -14.16
CA LEU E 210 -30.67 -8.52 -13.98
C LEU E 210 -30.64 -9.83 -13.21
N GLU E 211 -31.61 -10.00 -12.33
CA GLU E 211 -31.79 -11.25 -11.59
C GLU E 211 -33.17 -11.80 -11.91
N ASN E 212 -33.20 -12.85 -12.73
CA ASN E 212 -34.45 -13.45 -13.20
C ASN E 212 -35.32 -12.41 -13.90
N GLY E 213 -34.68 -11.59 -14.74
CA GLY E 213 -35.38 -10.58 -15.50
C GLY E 213 -35.64 -9.28 -14.77
N GLN E 214 -35.21 -9.14 -13.52
CA GLN E 214 -35.39 -7.93 -12.74
C GLN E 214 -34.05 -7.33 -12.37
N SER E 215 -33.92 -6.02 -12.54
CA SER E 215 -32.63 -5.36 -12.41
C SER E 215 -32.18 -5.33 -10.95
N ALA E 216 -30.94 -5.76 -10.71
CA ALA E 216 -30.33 -5.75 -9.39
C ALA E 216 -29.35 -4.60 -9.21
N ASN E 217 -28.53 -4.31 -10.21
CA ASN E 217 -27.57 -3.22 -10.14
C ASN E 217 -27.74 -2.31 -11.35
N LEU E 218 -27.03 -1.20 -11.34
CA LEU E 218 -27.05 -0.23 -12.44
C LEU E 218 -25.83 0.67 -12.32
N TRP E 219 -25.01 0.72 -13.35
CA TRP E 219 -23.82 1.56 -13.31
C TRP E 219 -23.49 2.04 -14.72
N TYR E 220 -22.71 3.11 -14.77
CA TYR E 220 -22.32 3.74 -16.03
C TYR E 220 -20.82 3.57 -16.24
N GLU E 221 -20.44 3.28 -17.49
CA GLU E 221 -19.07 2.99 -17.84
C GLU E 221 -18.58 4.00 -18.86
N GLN E 222 -17.38 4.55 -18.61
CA GLN E 222 -16.74 5.45 -19.54
C GLN E 222 -15.84 4.67 -20.47
N VAL E 223 -15.96 4.91 -21.77
CA VAL E 223 -15.19 4.18 -22.77
C VAL E 223 -14.51 5.17 -23.70
N LEU E 224 -13.37 4.75 -24.24
CA LEU E 224 -12.73 5.51 -25.29
C LEU E 224 -13.37 5.15 -26.63
N PRO E 225 -13.82 6.14 -27.41
CA PRO E 225 -14.65 5.83 -28.58
C PRO E 225 -13.92 4.98 -29.60
N ARG E 226 -14.72 4.30 -30.43
CA ARG E 226 -14.20 3.39 -31.43
C ARG E 226 -13.36 4.14 -32.47
N TYR E 227 -12.39 3.43 -33.03
CA TYR E 227 -11.48 3.94 -34.05
C TYR E 227 -10.56 5.05 -33.54
N SER E 228 -10.46 5.20 -32.21
CA SER E 228 -9.53 6.15 -31.64
C SER E 228 -8.09 5.72 -31.91
N ARG E 229 -7.20 6.69 -32.02
CA ARG E 229 -5.79 6.43 -32.31
C ARG E 229 -4.94 6.88 -31.13
N LEU E 230 -4.10 5.97 -30.64
CA LEU E 230 -3.15 6.24 -29.58
C LEU E 230 -1.78 5.81 -30.05
N TYR E 231 -0.75 6.56 -29.66
CA TYR E 231 0.62 6.26 -30.05
C TYR E 231 1.44 5.88 -28.82
N PHE E 232 2.27 4.85 -28.98
CA PHE E 232 3.19 4.44 -27.93
C PHE E 232 4.54 4.10 -28.55
N MET E 233 5.59 4.24 -27.74
CA MET E 233 6.95 4.01 -28.20
C MET E 233 7.42 2.63 -27.75
N LEU E 234 8.08 1.92 -28.65
CA LEU E 234 8.68 0.63 -28.36
C LEU E 234 10.19 0.74 -28.48
N MET E 235 10.90 0.36 -27.43
CA MET E 235 12.35 0.36 -27.43
C MET E 235 12.86 -1.07 -27.49
N ASP E 236 13.60 -1.38 -28.54
CA ASP E 236 14.31 -2.65 -28.61
C ASP E 236 15.53 -2.59 -27.70
N GLY E 237 15.61 -3.54 -26.77
CA GLY E 237 16.76 -3.60 -25.88
C GLY E 237 17.90 -4.34 -26.56
N ASN E 238 18.48 -5.31 -25.88
CA ASN E 238 19.49 -6.19 -26.46
C ASN E 238 18.86 -7.48 -26.95
N ALA E 239 17.63 -7.40 -27.44
CA ALA E 239 16.87 -8.58 -27.81
C ALA E 239 17.40 -9.19 -29.10
N GLN E 240 17.12 -10.47 -29.29
CA GLN E 240 17.55 -11.18 -30.49
C GLN E 240 16.79 -10.66 -31.71
N SER E 241 17.49 -10.64 -32.85
CA SER E 241 16.89 -10.13 -34.07
C SER E 241 15.74 -11.02 -34.56
N GLU E 242 15.89 -12.34 -34.41
CA GLU E 242 14.86 -13.25 -34.91
C GLU E 242 13.54 -13.09 -34.15
N TYR E 243 13.60 -13.13 -32.82
CA TYR E 243 12.40 -12.95 -32.03
C TYR E 243 11.80 -11.57 -32.23
N LEU E 244 12.64 -10.54 -32.34
CA LEU E 244 12.15 -9.19 -32.57
C LEU E 244 11.43 -9.09 -33.91
N LYS E 245 11.99 -9.70 -34.95
CA LYS E 245 11.36 -9.70 -36.26
C LYS E 245 10.03 -10.44 -36.24
N LYS E 246 9.99 -11.60 -35.57
CA LYS E 246 8.74 -12.33 -35.45
C LYS E 246 7.69 -11.51 -34.71
N PHE E 247 8.09 -10.84 -33.63
CA PHE E 247 7.18 -10.03 -32.85
C PHE E 247 6.63 -8.88 -33.68
N ARG E 248 7.50 -8.18 -34.41
CA ARG E 248 7.06 -7.06 -35.23
C ARG E 248 6.14 -7.53 -36.36
N ASP E 249 6.49 -8.64 -37.02
CA ASP E 249 5.68 -9.15 -38.11
C ASP E 249 4.30 -9.57 -37.63
N THR E 250 4.23 -10.24 -36.49
CA THR E 250 2.93 -10.63 -35.94
C THR E 250 2.14 -9.40 -35.49
N LEU E 251 2.80 -8.44 -34.86
CA LEU E 251 2.09 -7.27 -34.34
C LEU E 251 1.52 -6.42 -35.46
N CYS E 252 2.26 -6.27 -36.57
CA CYS E 252 1.88 -5.36 -37.64
C CYS E 252 1.22 -6.08 -38.81
N THR E 253 0.59 -7.22 -38.57
CA THR E 253 -0.13 -7.78 -39.69
C THR E 253 -1.60 -7.38 -39.64
N PRO E 254 -2.27 -7.26 -40.79
CA PRO E 254 -3.68 -6.83 -40.77
C PRO E 254 -4.62 -7.79 -40.06
N SER E 255 -4.23 -9.05 -39.89
CA SER E 255 -5.09 -10.06 -39.28
C SER E 255 -4.85 -10.20 -37.77
N THR E 256 -4.02 -9.34 -37.19
CA THR E 256 -3.74 -9.39 -35.75
C THR E 256 -4.59 -8.35 -35.04
N ILE E 257 -5.39 -8.81 -34.09
CA ILE E 257 -6.20 -7.95 -33.24
C ILE E 257 -5.88 -8.28 -31.79
N ILE E 258 -5.56 -7.27 -31.01
CA ILE E 258 -5.12 -7.44 -29.63
C ILE E 258 -6.17 -6.83 -28.71
N GLN E 259 -6.45 -7.51 -27.61
CA GLN E 259 -7.41 -7.04 -26.63
C GLN E 259 -6.68 -6.29 -25.53
N ILE E 260 -7.03 -5.03 -25.34
CA ILE E 260 -6.41 -4.17 -24.33
C ILE E 260 -7.50 -3.60 -23.44
N GLY E 261 -7.33 -3.74 -22.13
CA GLY E 261 -8.28 -3.19 -21.19
C GLY E 261 -9.22 -4.22 -20.58
N ALA E 262 -10.41 -3.78 -20.20
CA ALA E 262 -11.37 -4.60 -19.49
C ALA E 262 -12.50 -5.01 -20.44
N ASN E 263 -13.42 -5.82 -19.91
CA ASN E 263 -14.61 -6.26 -20.62
C ASN E 263 -14.26 -6.94 -21.94
N ALA E 264 -13.30 -7.86 -21.88
CA ALA E 264 -12.90 -8.60 -23.07
C ALA E 264 -14.02 -9.46 -23.61
N SER E 265 -14.80 -10.08 -22.71
CA SER E 265 -15.85 -11.00 -23.14
C SER E 265 -17.01 -10.31 -23.83
N ILE E 266 -17.15 -9.00 -23.68
CA ILE E 266 -18.23 -8.26 -24.30
C ILE E 266 -17.73 -7.31 -25.38
N GLY E 267 -16.49 -7.50 -25.85
CA GLY E 267 -16.00 -6.84 -27.03
C GLY E 267 -15.26 -5.53 -26.82
N TYR E 268 -14.94 -5.17 -25.58
CA TYR E 268 -14.31 -3.89 -25.32
C TYR E 268 -12.81 -3.96 -25.55
N GLY E 269 -12.29 -3.05 -26.37
CA GLY E 269 -10.85 -2.85 -26.48
C GLY E 269 -10.12 -3.78 -27.41
N TYR E 270 -10.63 -3.97 -28.62
CA TYR E 270 -9.94 -4.75 -29.65
C TYR E 270 -9.24 -3.78 -30.60
N CYS E 271 -7.93 -3.95 -30.73
CA CYS E 271 -7.09 -2.93 -31.34
C CYS E 271 -6.23 -3.54 -32.43
N GLN E 272 -5.87 -2.70 -33.40
CA GLN E 272 -4.90 -3.02 -34.43
C GLN E 272 -3.69 -2.11 -34.25
N ILE E 273 -2.50 -2.69 -34.26
CA ILE E 273 -1.26 -1.95 -34.03
C ILE E 273 -0.53 -1.82 -35.35
N SER E 274 -0.19 -0.59 -35.73
CA SER E 274 0.44 -0.29 -36.99
C SER E 274 1.74 0.49 -36.75
N GLU E 275 2.80 0.05 -37.41
CA GLU E 275 4.09 0.72 -37.29
C GLU E 275 4.10 2.01 -38.08
N LEU E 276 4.96 2.94 -37.66
CA LEU E 276 5.05 4.25 -38.29
C LEU E 276 5.55 4.12 -39.73
N SER E 277 4.68 4.40 -40.69
CA SER E 277 5.04 4.25 -42.10
C SER E 277 6.04 5.32 -42.52
N PRO E 278 6.95 5.01 -43.43
CA PRO E 278 7.86 6.03 -43.95
C PRO E 278 7.09 7.18 -44.58
N PHE E 279 7.60 8.39 -44.38
CA PHE E 279 6.98 9.57 -44.95
C PHE E 279 7.26 9.67 -46.45
N MET F 1 4.34 4.21 7.72
CA MET F 1 3.22 3.86 8.60
C MET F 1 3.45 2.50 9.25
N LYS F 2 4.27 2.48 10.28
CA LYS F 2 4.61 1.25 10.97
C LYS F 2 3.43 0.74 11.79
N ILE F 3 3.42 -0.56 12.04
CA ILE F 3 2.36 -1.19 12.81
C ILE F 3 2.39 -0.65 14.24
N SER F 4 1.29 -0.06 14.68
CA SER F 4 1.16 0.46 16.03
C SER F 4 0.36 -0.54 16.85
N LYS F 5 1.01 -1.20 17.80
CA LYS F 5 0.38 -2.29 18.54
C LYS F 5 -0.82 -1.80 19.33
N LYS F 6 -0.70 -0.62 19.96
CA LYS F 6 -1.81 -0.08 20.72
C LYS F 6 -3.03 0.16 19.85
N GLN F 7 -2.82 0.68 18.64
CA GLN F 7 -3.92 0.84 17.71
C GLN F 7 -4.49 -0.49 17.27
N ILE F 8 -3.66 -1.54 17.21
CA ILE F 8 -4.17 -2.87 16.88
C ILE F 8 -5.09 -3.37 17.99
N GLU F 9 -4.71 -3.18 19.25
CA GLU F 9 -5.60 -3.57 20.34
C GLU F 9 -6.88 -2.75 20.33
N TYR F 10 -6.77 -1.45 20.04
CA TYR F 10 -7.97 -0.62 19.89
C TYR F 10 -8.88 -1.19 18.80
N ALA F 11 -8.29 -1.60 17.67
CA ALA F 11 -9.07 -2.14 16.57
C ALA F 11 -9.73 -3.45 16.95
N ILE F 12 -9.03 -4.30 17.71
CA ILE F 12 -9.62 -5.56 18.17
C ILE F 12 -10.83 -5.27 19.04
N GLU F 13 -10.67 -4.38 20.02
CA GLU F 13 -11.78 -4.07 20.92
C GLU F 13 -12.95 -3.46 20.18
N ALA F 14 -12.66 -2.57 19.21
CA ALA F 14 -13.74 -1.93 18.46
C ALA F 14 -14.43 -2.90 17.51
N LEU F 15 -13.69 -3.85 16.94
CA LEU F 15 -14.30 -4.86 16.08
C LEU F 15 -15.23 -5.75 16.89
N ARG F 16 -14.81 -6.15 18.09
CA ARG F 16 -15.71 -6.91 18.94
C ARG F 16 -16.90 -6.07 19.39
N ALA F 17 -16.67 -4.79 19.69
CA ALA F 17 -17.73 -3.94 20.24
C ALA F 17 -18.82 -3.66 19.20
N ASN F 18 -18.44 -3.37 17.96
CA ASN F 18 -19.44 -3.09 16.93
C ASN F 18 -19.81 -4.35 16.17
N ASN F 19 -20.09 -5.42 16.91
CA ASN F 19 -20.75 -6.65 16.44
C ASN F 19 -20.32 -7.06 15.03
N ILE F 20 -19.00 -7.10 14.82
CA ILE F 20 -18.44 -7.63 13.58
C ILE F 20 -17.91 -9.04 13.77
N ILE F 21 -17.13 -9.27 14.82
CA ILE F 21 -16.63 -10.60 15.14
C ILE F 21 -17.69 -11.31 15.97
N THR F 22 -18.06 -12.52 15.52
CA THR F 22 -19.01 -13.32 16.26
C THR F 22 -18.35 -13.97 17.47
N ASN F 23 -19.16 -14.61 18.31
CA ASN F 23 -18.64 -15.26 19.51
C ASN F 23 -17.61 -16.31 19.13
N ASP F 24 -17.90 -17.11 18.13
CA ASP F 24 -16.83 -17.84 17.43
C ASP F 24 -16.09 -16.85 16.56
N ASN F 25 -14.76 -16.89 16.60
CA ASN F 25 -13.97 -15.78 16.08
C ASN F 25 -14.04 -15.69 14.56
N GLN F 26 -15.22 -15.35 14.03
CA GLN F 26 -15.46 -15.26 12.60
C GLN F 26 -16.23 -13.99 12.29
N TYR F 27 -16.08 -13.53 11.05
CA TYR F 27 -16.71 -12.31 10.59
C TYR F 27 -17.25 -12.53 9.18
N PRO F 28 -18.25 -11.75 8.77
CA PRO F 28 -18.71 -11.83 7.38
C PRO F 28 -17.58 -11.51 6.41
N LYS F 29 -17.45 -12.33 5.37
CA LYS F 29 -16.29 -12.26 4.49
C LYS F 29 -16.19 -10.91 3.78
N VAL F 30 -17.33 -10.26 3.52
CA VAL F 30 -17.31 -9.02 2.76
C VAL F 30 -16.64 -7.88 3.50
N PHE F 31 -16.52 -7.96 4.83
CA PHE F 31 -15.92 -6.86 5.59
C PHE F 31 -14.45 -6.67 5.23
N LYS F 32 -13.77 -7.76 4.86
CA LYS F 32 -12.40 -7.65 4.36
C LYS F 32 -12.31 -6.64 3.23
N GLY F 33 -13.19 -6.78 2.23
CA GLY F 33 -13.19 -5.84 1.13
C GLY F 33 -13.56 -4.44 1.55
N TYR F 34 -14.46 -4.31 2.53
CA TYR F 34 -14.83 -2.99 3.02
C TYR F 34 -13.62 -2.27 3.60
N ILE F 35 -12.89 -2.94 4.50
CA ILE F 35 -11.71 -2.33 5.12
C ILE F 35 -10.67 -2.02 4.07
N SER F 36 -10.43 -2.95 3.13
CA SER F 36 -9.41 -2.71 2.12
C SER F 36 -9.77 -1.53 1.23
N SER F 37 -11.04 -1.40 0.87
CA SER F 37 -11.46 -0.34 -0.05
C SER F 37 -11.61 1.02 0.62
N PHE F 38 -11.78 1.06 1.95
CA PHE F 38 -11.97 2.35 2.61
C PHE F 38 -10.74 3.24 2.45
N GLY F 39 -9.54 2.68 2.59
CA GLY F 39 -8.34 3.48 2.45
C GLY F 39 -8.18 4.08 1.07
N ALA F 40 -8.42 3.26 0.04
CA ALA F 40 -8.36 3.77 -1.33
C ALA F 40 -9.41 4.84 -1.56
N ALA F 41 -10.62 4.64 -1.03
CA ALA F 41 -11.66 5.64 -1.19
C ALA F 41 -11.27 6.95 -0.53
N VAL F 42 -10.63 6.88 0.64
CA VAL F 42 -10.18 8.09 1.32
C VAL F 42 -9.10 8.79 0.49
N ILE F 43 -8.14 8.02 -0.04
CA ILE F 43 -7.02 8.63 -0.74
C ILE F 43 -7.46 9.28 -2.04
N GLN F 44 -8.23 8.56 -2.86
CA GLN F 44 -8.49 8.99 -4.23
C GLN F 44 -9.87 9.60 -4.43
N SER F 45 -10.62 9.86 -3.36
CA SER F 45 -11.91 10.51 -3.52
C SER F 45 -12.08 11.65 -2.52
N GLY F 46 -11.35 11.59 -1.42
CA GLY F 46 -11.52 12.56 -0.35
C GLY F 46 -12.09 11.91 0.89
N LEU F 47 -11.74 12.45 2.06
CA LEU F 47 -12.13 11.81 3.31
C LEU F 47 -13.64 11.89 3.52
N ILE F 48 -14.24 13.05 3.27
CA ILE F 48 -15.68 13.20 3.48
C ILE F 48 -16.49 12.31 2.55
N PRO F 49 -16.24 12.29 1.22
CA PRO F 49 -17.02 11.37 0.37
C PRO F 49 -16.87 9.90 0.77
N ALA F 50 -15.66 9.47 1.14
CA ALA F 50 -15.46 8.09 1.54
C ALA F 50 -16.22 7.76 2.81
N ILE F 51 -16.15 8.65 3.81
CA ILE F 51 -16.87 8.43 5.06
C ILE F 51 -18.37 8.38 4.79
N ILE F 52 -18.87 9.30 3.97
CA ILE F 52 -20.30 9.33 3.66
C ILE F 52 -20.73 8.04 2.96
N PHE F 53 -19.91 7.55 2.02
CA PHE F 53 -20.22 6.31 1.33
C PHE F 53 -20.26 5.13 2.29
N PHE F 54 -19.29 5.05 3.21
CA PHE F 54 -19.23 3.90 4.12
C PHE F 54 -20.12 4.06 5.33
N GLU F 55 -20.60 5.27 5.62
CA GLU F 55 -21.49 5.49 6.75
C GLU F 55 -22.96 5.26 6.39
N ASN F 56 -23.28 5.31 5.11
CA ASN F 56 -24.66 5.14 4.66
C ASN F 56 -25.23 3.80 5.12
N GLU F 57 -26.49 3.83 5.57
CA GLU F 57 -27.19 2.63 5.98
C GLU F 57 -28.32 2.26 5.03
N ASP F 58 -28.50 3.00 3.94
CA ASP F 58 -29.45 2.66 2.89
C ASP F 58 -28.79 1.96 1.71
N ASN F 59 -27.74 1.19 1.96
CA ASN F 59 -26.93 0.59 0.91
C ASN F 59 -27.41 -0.80 0.54
N ASP F 60 -27.14 -1.18 -0.71
CA ASP F 60 -27.42 -2.52 -1.19
C ASP F 60 -26.17 -3.40 -1.02
N ALA F 61 -25.66 -3.43 0.20
CA ALA F 61 -24.46 -4.19 0.54
C ALA F 61 -24.84 -5.51 1.16
N ASN F 62 -23.97 -6.51 0.97
CA ASN F 62 -24.24 -7.86 1.46
C ASN F 62 -24.26 -7.93 2.98
N ALA F 63 -23.70 -6.95 3.67
CA ALA F 63 -23.70 -6.93 5.12
C ALA F 63 -23.90 -5.48 5.58
N ASP F 64 -23.68 -5.24 6.87
CA ASP F 64 -23.84 -3.91 7.47
C ASP F 64 -22.53 -3.16 7.31
N ARG F 65 -22.38 -2.48 6.17
CA ARG F 65 -21.14 -1.78 5.88
C ARG F 65 -20.89 -0.62 6.84
N HIS F 66 -21.94 -0.09 7.46
CA HIS F 66 -21.78 1.05 8.35
C HIS F 66 -21.11 0.68 9.67
N LYS F 67 -20.95 -0.61 9.97
CA LYS F 67 -20.27 -1.00 11.20
C LYS F 67 -18.82 -0.60 11.20
N ILE F 68 -18.19 -0.52 10.01
CA ILE F 68 -16.79 -0.17 9.95
C ILE F 68 -16.58 1.29 10.34
N ILE F 69 -17.55 2.16 10.07
CA ILE F 69 -17.43 3.55 10.48
C ILE F 69 -17.51 3.66 12.00
N GLY F 70 -18.39 2.88 12.62
CA GLY F 70 -18.44 2.85 14.08
C GLY F 70 -17.15 2.33 14.69
N VAL F 71 -16.57 1.28 14.09
CA VAL F 71 -15.29 0.78 14.57
C VAL F 71 -14.21 1.85 14.42
N LEU F 72 -14.23 2.58 13.29
CA LEU F 72 -13.29 3.67 13.08
C LEU F 72 -13.43 4.73 14.16
N LYS F 73 -14.66 5.11 14.47
CA LYS F 73 -14.89 6.10 15.51
C LYS F 73 -14.41 5.61 16.86
N ASP F 74 -14.62 4.32 17.16
CA ASP F 74 -14.15 3.77 18.43
C ASP F 74 -12.63 3.79 18.51
N ILE F 75 -11.94 3.43 17.43
CA ILE F 75 -10.48 3.47 17.43
C ILE F 75 -9.98 4.90 17.58
N ILE F 76 -10.61 5.85 16.87
CA ILE F 76 -10.21 7.24 16.97
C ILE F 76 -10.42 7.75 18.38
N ASN F 77 -11.57 7.44 18.99
CA ASN F 77 -11.83 7.86 20.36
C ASN F 77 -10.83 7.27 21.33
N ALA F 78 -10.48 6.00 21.15
CA ALA F 78 -9.46 5.39 22.00
C ALA F 78 -8.12 6.09 21.83
N MET F 79 -7.80 6.55 20.62
CA MET F 79 -6.57 7.29 20.40
C MET F 79 -6.64 8.69 21.02
N ARG F 80 -7.81 9.33 21.02
CA ARG F 80 -7.94 10.62 21.68
C ARG F 80 -7.65 10.49 23.16
N GLN F 81 -8.15 9.43 23.78
CA GLN F 81 -7.67 9.03 25.09
C GLN F 81 -6.21 8.59 24.97
N GLN F 82 -5.48 8.66 26.09
CA GLN F 82 -4.03 8.43 26.10
C GLN F 82 -3.30 9.40 25.17
N TYR F 83 -3.81 10.62 25.06
CA TYR F 83 -3.09 11.71 24.42
C TYR F 83 -2.43 12.57 25.49
N THR F 84 -1.13 12.81 25.33
CA THR F 84 -0.37 13.61 26.30
C THR F 84 -0.88 15.04 26.25
N VAL F 85 -1.65 15.44 27.26
CA VAL F 85 -2.26 16.77 27.28
C VAL F 85 -1.23 17.79 27.73
N THR F 86 -0.91 18.73 26.84
CA THR F 86 0.02 19.81 27.16
C THR F 86 -0.31 21.00 26.28
N ASP F 87 0.23 22.15 26.65
CA ASP F 87 -0.10 23.39 25.94
C ASP F 87 0.40 23.37 24.50
N ALA F 88 1.52 22.70 24.24
CA ALA F 88 2.14 22.71 22.92
C ALA F 88 1.57 21.66 21.97
N THR F 89 0.77 20.72 22.45
CA THR F 89 0.34 19.61 21.61
C THR F 89 -0.71 20.08 20.60
N ILE F 90 -0.49 19.71 19.33
CA ILE F 90 -1.44 20.04 18.28
C ILE F 90 -2.72 19.22 18.42
N LEU F 91 -2.58 17.96 18.79
CA LEU F 91 -3.70 17.02 18.77
C LEU F 91 -4.81 17.47 19.71
N VAL F 92 -6.04 17.39 19.23
CA VAL F 92 -7.23 17.69 20.02
C VAL F 92 -7.70 16.38 20.64
N SER F 93 -7.58 16.26 21.96
CA SER F 93 -8.01 15.05 22.67
C SER F 93 -9.46 15.17 23.13
N SER F 94 -10.35 15.53 22.21
CA SER F 94 -11.77 15.62 22.47
C SER F 94 -12.46 14.43 21.83
N GLN F 95 -13.25 13.71 22.62
CA GLN F 95 -13.86 12.48 22.14
C GLN F 95 -15.07 12.78 21.26
N ILE F 96 -15.25 11.97 20.23
CA ILE F 96 -16.36 12.13 19.29
C ILE F 96 -17.64 11.63 19.95
N PRO F 97 -18.67 12.46 20.07
CA PRO F 97 -19.92 12.01 20.69
C PRO F 97 -20.57 10.90 19.88
N ALA F 98 -21.23 9.98 20.59
CA ALA F 98 -21.88 8.85 19.93
C ALA F 98 -23.08 9.29 19.10
N ASN F 99 -23.78 10.35 19.52
CA ASN F 99 -24.94 10.82 18.78
C ASN F 99 -24.56 11.43 17.44
N TYR F 100 -23.41 12.10 17.38
CA TYR F 100 -22.93 12.65 16.12
C TYR F 100 -22.45 11.54 15.20
N SER F 101 -22.86 11.59 13.94
CA SER F 101 -22.28 10.71 12.93
C SER F 101 -20.89 11.21 12.57
N MET F 102 -20.07 10.29 12.05
CA MET F 102 -18.69 10.65 11.74
C MET F 102 -18.61 11.72 10.66
N ALA F 103 -19.51 11.67 9.68
CA ALA F 103 -19.50 12.67 8.61
C ALA F 103 -19.78 14.06 9.16
N GLN F 104 -20.73 14.18 10.08
CA GLN F 104 -21.02 15.49 10.69
C GLN F 104 -19.82 16.02 11.46
N TYR F 105 -19.16 15.15 12.22
CA TYR F 105 -18.06 15.62 13.09
C TYR F 105 -16.96 16.26 12.27
N ILE F 106 -16.57 15.65 11.15
CA ILE F 106 -15.54 16.25 10.31
C ILE F 106 -16.08 17.49 9.61
N ILE F 107 -17.38 17.53 9.32
CA ILE F 107 -17.98 18.72 8.73
C ILE F 107 -17.98 19.88 9.72
N GLU F 108 -18.43 19.63 10.95
CA GLU F 108 -18.54 20.71 11.92
C GLU F 108 -17.18 21.14 12.44
N HIS F 109 -16.27 20.19 12.64
CA HIS F 109 -14.93 20.49 13.16
C HIS F 109 -13.97 20.46 11.98
N GLY F 110 -13.61 21.65 11.50
CA GLY F 110 -12.90 21.78 10.23
C GLY F 110 -11.39 21.77 10.30
N ASN F 111 -10.83 20.91 11.14
CA ASN F 111 -9.39 20.66 11.14
C ASN F 111 -9.22 19.20 10.70
N THR F 112 -9.20 19.00 9.37
CA THR F 112 -9.18 17.66 8.81
C THR F 112 -7.81 17.01 8.89
N ASP F 113 -6.74 17.79 9.04
CA ASP F 113 -5.39 17.23 9.03
C ASP F 113 -5.20 16.21 10.15
N GLN F 114 -5.66 16.54 11.35
CA GLN F 114 -5.64 15.56 12.44
C GLN F 114 -6.56 14.39 12.14
N LEU F 115 -7.80 14.69 11.72
CA LEU F 115 -8.78 13.65 11.46
C LEU F 115 -8.33 12.73 10.34
N LEU F 116 -7.74 13.29 9.28
CA LEU F 116 -7.28 12.46 8.17
C LEU F 116 -6.22 11.47 8.61
N LYS F 117 -5.22 11.96 9.37
CA LYS F 117 -4.16 11.08 9.86
C LYS F 117 -4.73 10.00 10.77
N GLU F 118 -5.60 10.38 11.70
CA GLU F 118 -6.17 9.40 12.63
C GLU F 118 -7.00 8.37 11.87
N ILE F 119 -7.78 8.79 10.87
CA ILE F 119 -8.62 7.87 10.14
C ILE F 119 -7.78 6.93 9.30
N THR F 120 -6.71 7.43 8.68
CA THR F 120 -5.84 6.56 7.89
C THR F 120 -5.17 5.51 8.78
N GLU F 121 -4.63 5.94 9.92
CA GLU F 121 -3.96 4.98 10.80
C GLU F 121 -4.96 3.97 11.38
N ALA F 122 -6.17 4.44 11.71
CA ALA F 122 -7.19 3.54 12.24
C ALA F 122 -7.63 2.53 11.18
N ALA F 123 -7.72 2.95 9.92
CA ALA F 123 -8.05 2.00 8.86
C ALA F 123 -6.96 0.96 8.65
N VAL F 124 -5.69 1.39 8.71
CA VAL F 124 -4.60 0.43 8.61
C VAL F 124 -4.66 -0.57 9.76
N ALA F 125 -4.91 -0.08 10.98
CA ALA F 125 -5.05 -0.97 12.13
C ALA F 125 -6.21 -1.93 11.96
N MET F 126 -7.34 -1.43 11.43
CA MET F 126 -8.49 -2.26 11.12
C MET F 126 -8.11 -3.42 10.20
N LYS F 127 -7.46 -3.09 9.09
CA LYS F 127 -7.11 -4.11 8.11
C LYS F 127 -6.12 -5.12 8.69
N LEU F 128 -5.18 -4.65 9.49
CA LEU F 128 -4.19 -5.56 10.07
C LEU F 128 -4.80 -6.44 11.16
N ALA F 129 -5.78 -5.92 11.92
CA ALA F 129 -6.39 -6.67 12.99
C ALA F 129 -7.46 -7.64 12.51
N LEU F 130 -8.08 -7.37 11.36
CA LEU F 130 -9.08 -8.29 10.83
C LEU F 130 -8.49 -9.64 10.45
N ARG F 131 -7.18 -9.74 10.31
CA ARG F 131 -6.55 -10.97 9.85
C ARG F 131 -6.39 -12.01 10.95
N MET F 132 -6.64 -11.65 12.21
CA MET F 132 -6.57 -12.60 13.31
C MET F 132 -7.76 -13.55 13.35
N TYR F 133 -8.80 -13.28 12.56
CA TYR F 133 -10.06 -14.01 12.65
C TYR F 133 -10.32 -14.76 11.35
N LYS F 134 -11.23 -15.73 11.43
CA LYS F 134 -11.57 -16.54 10.27
C LYS F 134 -12.45 -15.75 9.31
N SER F 135 -12.20 -15.92 8.01
CA SER F 135 -12.78 -15.08 6.97
C SER F 135 -14.09 -15.62 6.43
N GLU F 136 -14.87 -16.32 7.24
CA GLU F 136 -16.17 -16.83 6.83
C GLU F 136 -17.08 -15.71 6.35
N MET G 1 -11.76 14.96 -10.20
CA MET G 1 -12.93 15.41 -9.44
C MET G 1 -12.85 14.97 -7.99
N LYS G 2 -12.87 15.96 -7.09
CA LYS G 2 -12.92 15.71 -5.65
C LYS G 2 -13.83 16.75 -5.01
N ILE G 3 -14.89 16.30 -4.37
CA ILE G 3 -15.88 17.20 -3.79
C ILE G 3 -15.35 17.75 -2.47
N SER G 4 -15.34 19.07 -2.35
CA SER G 4 -14.85 19.71 -1.14
C SER G 4 -15.88 19.64 -0.02
N LYS G 5 -15.38 19.71 1.21
CA LYS G 5 -16.26 19.73 2.37
C LYS G 5 -17.12 20.99 2.39
N LYS G 6 -16.60 22.09 1.85
CA LYS G 6 -17.40 23.31 1.73
C LYS G 6 -18.59 23.09 0.80
N GLN G 7 -18.39 22.37 -0.30
CA GLN G 7 -19.49 22.07 -1.20
C GLN G 7 -20.54 21.20 -0.51
N ILE G 8 -20.10 20.24 0.30
CA ILE G 8 -21.05 19.42 1.04
C ILE G 8 -21.82 20.26 2.05
N GLU G 9 -21.15 21.22 2.69
CA GLU G 9 -21.83 22.13 3.61
C GLU G 9 -22.88 22.97 2.89
N TYR G 10 -22.53 23.50 1.72
CA TYR G 10 -23.50 24.25 0.93
C TYR G 10 -24.68 23.37 0.52
N ALA G 11 -24.39 22.12 0.14
CA ALA G 11 -25.46 21.20 -0.24
C ALA G 11 -26.39 20.92 0.93
N ILE G 12 -25.83 20.71 2.12
CA ILE G 12 -26.64 20.46 3.31
C ILE G 12 -27.53 21.67 3.60
N GLU G 13 -26.94 22.87 3.56
CA GLU G 13 -27.71 24.07 3.83
C GLU G 13 -28.82 24.27 2.80
N ALA G 14 -28.53 24.00 1.53
CA ALA G 14 -29.53 24.16 0.48
C ALA G 14 -30.64 23.13 0.60
N LEU G 15 -30.28 21.89 0.94
CA LEU G 15 -31.30 20.86 1.13
C LEU G 15 -32.23 21.20 2.29
N ARG G 16 -31.66 21.74 3.37
CA ARG G 16 -32.52 22.20 4.47
C ARG G 16 -33.33 23.43 4.08
N ALA G 17 -32.77 24.31 3.25
CA ALA G 17 -33.45 25.57 2.93
C ALA G 17 -34.62 25.34 1.99
N ASN G 18 -34.44 24.51 0.96
CA ASN G 18 -35.56 24.22 0.06
C ASN G 18 -36.35 22.99 0.52
N ASN G 19 -36.64 22.97 1.81
CA ASN G 19 -37.55 22.01 2.46
C ASN G 19 -37.46 20.62 1.85
N ILE G 20 -36.26 20.06 1.83
CA ILE G 20 -36.04 18.68 1.41
C ILE G 20 -35.71 17.79 2.61
N ILE G 21 -34.76 18.22 3.44
CA ILE G 21 -34.49 17.55 4.70
C ILE G 21 -35.46 18.10 5.73
N THR G 22 -36.23 17.22 6.36
CA THR G 22 -37.20 17.65 7.36
C THR G 22 -36.47 18.07 8.64
N ASN G 23 -37.25 18.63 9.58
CA ASN G 23 -36.68 19.02 10.86
C ASN G 23 -36.21 17.84 11.68
N ASP G 24 -36.57 16.62 11.30
CA ASP G 24 -36.10 15.41 11.95
C ASP G 24 -34.88 14.81 11.25
N ASN G 25 -34.30 15.52 10.28
CA ASN G 25 -33.14 15.06 9.52
C ASN G 25 -33.49 13.81 8.70
N GLN G 26 -34.61 13.88 7.99
CA GLN G 26 -35.07 12.80 7.13
C GLN G 26 -35.60 13.40 5.83
N TYR G 27 -35.58 12.60 4.77
CA TYR G 27 -36.00 13.08 3.46
C TYR G 27 -36.85 12.02 2.77
N PRO G 28 -37.74 12.44 1.86
CA PRO G 28 -38.48 11.47 1.06
C PRO G 28 -37.55 10.61 0.22
N LYS G 29 -37.90 9.32 0.10
CA LYS G 29 -37.00 8.34 -0.51
C LYS G 29 -36.79 8.60 -2.00
N VAL G 30 -37.73 9.28 -2.65
CA VAL G 30 -37.68 9.43 -4.11
C VAL G 30 -36.64 10.46 -4.53
N PHE G 31 -36.14 11.29 -3.62
CA PHE G 31 -35.22 12.35 -4.01
C PHE G 31 -33.84 11.81 -4.37
N LYS G 32 -33.43 10.69 -3.75
CA LYS G 32 -32.19 10.05 -4.14
C LYS G 32 -32.23 9.60 -5.60
N GLY G 33 -33.33 8.95 -5.98
CA GLY G 33 -33.51 8.59 -7.38
C GLY G 33 -33.61 9.80 -8.28
N TYR G 34 -34.24 10.88 -7.79
CA TYR G 34 -34.31 12.12 -8.55
C TYR G 34 -32.90 12.64 -8.88
N ILE G 35 -32.03 12.66 -7.87
CA ILE G 35 -30.69 13.21 -8.06
C ILE G 35 -29.86 12.32 -8.97
N SER G 36 -29.97 10.99 -8.80
CA SER G 36 -29.25 10.08 -9.69
C SER G 36 -29.72 10.24 -11.13
N SER G 37 -31.03 10.36 -11.34
CA SER G 37 -31.56 10.55 -12.68
C SER G 37 -31.12 11.87 -13.27
N PHE G 38 -31.04 12.92 -12.44
CA PHE G 38 -30.56 14.20 -12.94
C PHE G 38 -29.11 14.11 -13.40
N GLY G 39 -28.26 13.44 -12.62
CA GLY G 39 -26.88 13.27 -13.04
C GLY G 39 -26.78 12.50 -14.36
N ALA G 40 -27.54 11.40 -14.47
CA ALA G 40 -27.51 10.62 -15.70
C ALA G 40 -28.01 11.43 -16.89
N ALA G 41 -29.07 12.21 -16.70
CA ALA G 41 -29.60 13.03 -17.78
C ALA G 41 -28.60 14.11 -18.18
N VAL G 42 -27.93 14.71 -17.21
CA VAL G 42 -26.95 15.74 -17.52
C VAL G 42 -25.82 15.18 -18.37
N ILE G 43 -25.30 14.00 -17.98
CA ILE G 43 -24.19 13.46 -18.76
C ILE G 43 -24.66 12.94 -20.12
N GLN G 44 -25.87 12.39 -20.20
CA GLN G 44 -26.31 11.78 -21.45
C GLN G 44 -26.90 12.80 -22.41
N SER G 45 -27.96 13.49 -21.99
CA SER G 45 -28.67 14.39 -22.88
C SER G 45 -28.01 15.76 -22.98
N GLY G 46 -27.65 16.34 -21.84
CA GLY G 46 -27.07 17.67 -21.81
C GLY G 46 -27.62 18.50 -20.68
N LEU G 47 -27.01 19.67 -20.43
CA LEU G 47 -27.45 20.52 -19.34
C LEU G 47 -28.85 21.07 -19.58
N ILE G 48 -29.09 21.60 -20.79
CA ILE G 48 -30.40 22.18 -21.09
C ILE G 48 -31.52 21.15 -20.96
N PRO G 49 -31.44 19.96 -21.56
CA PRO G 49 -32.56 19.02 -21.41
C PRO G 49 -32.80 18.56 -19.98
N ALA G 50 -31.74 18.23 -19.24
CA ALA G 50 -31.91 17.77 -17.87
C ALA G 50 -32.48 18.87 -16.98
N ILE G 51 -31.96 20.10 -17.11
CA ILE G 51 -32.44 21.20 -16.28
C ILE G 51 -33.88 21.52 -16.64
N ILE G 52 -34.24 21.44 -17.92
CA ILE G 52 -35.62 21.70 -18.32
C ILE G 52 -36.54 20.61 -17.75
N PHE G 53 -36.11 19.35 -17.79
CA PHE G 53 -36.91 18.28 -17.25
C PHE G 53 -37.14 18.43 -15.75
N PHE G 54 -36.09 18.76 -15.00
CA PHE G 54 -36.19 18.79 -13.55
C PHE G 54 -36.58 20.16 -13.00
N GLU G 55 -36.71 21.17 -13.86
CA GLU G 55 -37.24 22.46 -13.46
C GLU G 55 -38.76 22.50 -13.55
N ASN G 56 -39.38 21.50 -14.16
CA ASN G 56 -40.82 21.48 -14.31
C ASN G 56 -41.51 21.34 -12.95
N GLU G 57 -42.64 22.04 -12.79
CA GLU G 57 -43.49 21.90 -11.63
C GLU G 57 -44.86 21.32 -11.95
N ASP G 58 -45.22 21.25 -13.23
CA ASP G 58 -46.44 20.56 -13.66
C ASP G 58 -45.94 19.21 -14.16
N ASN G 59 -45.76 18.27 -13.23
CA ASN G 59 -45.16 16.99 -13.55
C ASN G 59 -45.86 15.79 -12.96
N ASP G 60 -46.86 15.96 -12.09
CA ASP G 60 -47.64 14.88 -11.47
C ASP G 60 -46.74 13.85 -10.77
N ALA G 61 -45.49 14.21 -10.50
CA ALA G 61 -44.58 13.31 -9.81
C ALA G 61 -44.97 13.20 -8.33
N ASN G 62 -44.39 12.22 -7.65
CA ASN G 62 -44.73 11.90 -6.28
C ASN G 62 -44.23 12.93 -5.27
N ALA G 63 -43.41 13.89 -5.69
CA ALA G 63 -42.88 14.88 -4.77
C ALA G 63 -42.57 16.16 -5.56
N ASP G 64 -42.16 17.19 -4.82
CA ASP G 64 -41.79 18.46 -5.43
C ASP G 64 -40.43 18.34 -6.08
N ARG G 65 -40.43 17.96 -7.37
CA ARG G 65 -39.20 17.62 -8.07
C ARG G 65 -38.36 18.83 -8.46
N HIS G 66 -38.95 20.03 -8.48
CA HIS G 66 -38.18 21.24 -8.76
C HIS G 66 -37.26 21.63 -7.60
N LYS G 67 -37.44 21.01 -6.43
CA LYS G 67 -36.63 21.37 -5.28
C LYS G 67 -35.16 21.06 -5.50
N ILE G 68 -34.83 20.04 -6.30
CA ILE G 68 -33.43 19.76 -6.56
C ILE G 68 -32.82 20.85 -7.43
N ILE G 69 -33.59 21.41 -8.37
CA ILE G 69 -33.08 22.54 -9.15
C ILE G 69 -32.90 23.77 -8.26
N GLY G 70 -33.82 23.99 -7.32
CA GLY G 70 -33.63 25.06 -6.35
C GLY G 70 -32.37 24.87 -5.52
N VAL G 71 -32.15 23.65 -5.04
CA VAL G 71 -30.94 23.34 -4.27
C VAL G 71 -29.70 23.53 -5.13
N LEU G 72 -29.79 23.17 -6.41
CA LEU G 72 -28.69 23.38 -7.34
C LEU G 72 -28.33 24.86 -7.42
N LYS G 73 -29.35 25.70 -7.57
CA LYS G 73 -29.11 27.13 -7.65
C LYS G 73 -28.52 27.67 -6.37
N ASP G 74 -29.00 27.19 -5.22
CA ASP G 74 -28.46 27.64 -3.93
C ASP G 74 -26.99 27.24 -3.79
N ILE G 75 -26.65 26.02 -4.17
CA ILE G 75 -25.26 25.56 -4.07
C ILE G 75 -24.37 26.39 -5.00
N ILE G 76 -24.84 26.65 -6.23
CA ILE G 76 -24.04 27.43 -7.16
C ILE G 76 -23.87 28.86 -6.68
N ASN G 77 -24.92 29.43 -6.09
CA ASN G 77 -24.81 30.78 -5.53
C ASN G 77 -23.79 30.82 -4.40
N ALA G 78 -23.85 29.84 -3.51
CA ALA G 78 -22.87 29.77 -2.42
C ALA G 78 -21.46 29.58 -2.94
N MET G 79 -21.28 28.78 -3.99
CA MET G 79 -19.98 28.61 -4.63
C MET G 79 -19.48 29.92 -5.22
N ARG G 80 -20.35 30.65 -5.91
CA ARG G 80 -19.95 31.89 -6.56
C ARG G 80 -19.72 33.00 -5.55
N GLN G 81 -20.28 32.86 -4.35
CA GLN G 81 -20.08 33.86 -3.30
C GLN G 81 -18.62 33.88 -2.85
N GLN G 82 -17.98 32.71 -2.80
CA GLN G 82 -16.59 32.60 -2.33
C GLN G 82 -15.57 32.65 -3.45
N TYR G 83 -15.90 33.27 -4.57
CA TYR G 83 -14.97 33.44 -5.69
C TYR G 83 -14.01 34.59 -5.38
N THR G 84 -12.75 34.42 -5.74
CA THR G 84 -11.75 35.45 -5.53
C THR G 84 -11.74 36.42 -6.71
N VAL G 85 -11.07 37.55 -6.50
CA VAL G 85 -10.97 38.56 -7.57
C VAL G 85 -10.18 38.01 -8.74
N THR G 86 -9.19 37.14 -8.49
CA THR G 86 -8.51 36.47 -9.58
C THR G 86 -9.46 35.59 -10.37
N ASP G 87 -10.36 34.87 -9.69
CA ASP G 87 -11.36 34.06 -10.35
C ASP G 87 -12.46 34.88 -11.02
N ALA G 88 -12.82 36.03 -10.43
CA ALA G 88 -13.93 36.82 -10.96
C ALA G 88 -13.64 37.37 -12.35
N THR G 89 -12.38 37.58 -12.70
CA THR G 89 -12.04 38.03 -14.04
C THR G 89 -12.23 36.94 -15.09
N ILE G 90 -12.04 35.67 -14.71
CA ILE G 90 -12.22 34.57 -15.66
C ILE G 90 -13.60 33.94 -15.53
N LEU G 91 -14.08 33.74 -14.31
CA LEU G 91 -15.35 33.10 -14.06
C LEU G 91 -16.44 34.14 -13.82
N VAL G 92 -17.68 33.75 -14.09
CA VAL G 92 -18.84 34.62 -13.89
C VAL G 92 -19.25 34.46 -12.43
N SER G 93 -18.87 35.42 -11.60
CA SER G 93 -19.09 35.35 -10.16
C SER G 93 -20.45 35.89 -9.74
N SER G 94 -21.26 36.37 -10.67
CA SER G 94 -22.54 36.97 -10.32
C SER G 94 -23.46 35.94 -9.67
N GLN G 95 -24.20 36.39 -8.67
CA GLN G 95 -25.17 35.56 -7.96
C GLN G 95 -26.39 35.39 -8.84
N ILE G 96 -26.83 34.14 -9.03
CA ILE G 96 -27.96 33.82 -9.89
C ILE G 96 -29.22 34.34 -9.20
N PRO G 97 -30.03 35.17 -9.87
CA PRO G 97 -31.24 35.70 -9.23
C PRO G 97 -32.18 34.59 -8.80
N ALA G 98 -32.85 34.79 -7.67
CA ALA G 98 -33.66 33.74 -7.07
C ALA G 98 -34.86 33.37 -7.93
N ASN G 99 -35.62 34.37 -8.38
CA ASN G 99 -36.79 34.11 -9.21
C ASN G 99 -36.42 33.65 -10.62
N TYR G 100 -35.17 33.85 -11.03
CA TYR G 100 -34.78 33.63 -12.41
C TYR G 100 -34.77 32.14 -12.74
N SER G 101 -35.26 31.80 -13.92
CA SER G 101 -35.29 30.41 -14.35
C SER G 101 -33.87 29.91 -14.61
N MET G 102 -33.54 28.77 -14.01
CA MET G 102 -32.19 28.24 -14.13
C MET G 102 -31.86 27.87 -15.57
N ALA G 103 -32.80 27.23 -16.27
CA ALA G 103 -32.59 26.91 -17.68
C ALA G 103 -32.46 28.18 -18.50
N GLN G 104 -33.30 29.18 -18.23
CA GLN G 104 -33.19 30.45 -18.92
C GLN G 104 -31.87 31.14 -18.60
N TYR G 105 -31.41 31.05 -17.36
CA TYR G 105 -30.11 31.61 -17.00
C TYR G 105 -28.98 30.94 -17.79
N ILE G 106 -29.03 29.60 -17.90
CA ILE G 106 -28.00 28.91 -18.66
C ILE G 106 -28.06 29.31 -20.13
N ILE G 107 -29.26 29.36 -20.70
CA ILE G 107 -29.40 29.63 -22.13
C ILE G 107 -28.96 31.04 -22.47
N GLU G 108 -29.36 32.03 -21.67
CA GLU G 108 -28.99 33.40 -21.98
C GLU G 108 -27.49 33.62 -21.80
N HIS G 109 -26.85 32.83 -20.94
CA HIS G 109 -25.41 32.89 -20.75
C HIS G 109 -24.67 31.90 -21.64
N GLY G 110 -25.25 31.54 -22.78
CA GLY G 110 -24.63 30.61 -23.71
C GLY G 110 -24.82 29.17 -23.30
N ASN G 111 -23.74 28.38 -23.38
CA ASN G 111 -23.71 27.04 -22.81
C ASN G 111 -22.36 26.76 -22.16
N THR G 112 -21.77 27.79 -21.56
CA THR G 112 -20.37 27.78 -21.15
C THR G 112 -20.03 26.56 -20.31
N ASP G 113 -18.77 26.14 -20.40
CA ASP G 113 -18.30 25.00 -19.62
C ASP G 113 -18.34 25.29 -18.12
N GLN G 114 -18.25 26.57 -17.74
CA GLN G 114 -18.27 26.93 -16.32
C GLN G 114 -19.55 26.48 -15.65
N LEU G 115 -20.69 26.74 -16.31
CA LEU G 115 -21.97 26.32 -15.75
C LEU G 115 -22.07 24.80 -15.67
N LEU G 116 -21.55 24.09 -16.67
CA LEU G 116 -21.59 22.63 -16.65
C LEU G 116 -20.78 22.08 -15.49
N LYS G 117 -19.57 22.61 -15.28
CA LYS G 117 -18.75 22.15 -14.16
C LYS G 117 -19.42 22.45 -12.83
N GLU G 118 -20.00 23.65 -12.69
CA GLU G 118 -20.69 24.00 -11.46
C GLU G 118 -21.87 23.07 -11.21
N ILE G 119 -22.65 22.78 -12.25
CA ILE G 119 -23.81 21.89 -12.11
C ILE G 119 -23.36 20.50 -11.70
N THR G 120 -22.29 19.98 -12.32
CA THR G 120 -21.81 18.64 -11.98
C THR G 120 -21.31 18.60 -10.54
N GLU G 121 -20.54 19.61 -10.14
CA GLU G 121 -20.10 19.71 -8.75
C GLU G 121 -21.27 19.67 -7.79
N ALA G 122 -22.28 20.51 -8.04
CA ALA G 122 -23.41 20.62 -7.14
C ALA G 122 -24.25 19.35 -7.13
N ALA G 123 -24.36 18.67 -8.26
CA ALA G 123 -25.11 17.42 -8.32
C ALA G 123 -24.42 16.34 -7.48
N VAL G 124 -23.09 16.22 -7.60
CA VAL G 124 -22.39 15.22 -6.80
C VAL G 124 -22.47 15.58 -5.32
N ALA G 125 -22.38 16.88 -4.99
CA ALA G 125 -22.53 17.29 -3.61
C ALA G 125 -23.91 16.96 -3.07
N MET G 126 -24.95 17.18 -3.87
CA MET G 126 -26.31 16.82 -3.47
C MET G 126 -26.42 15.33 -3.22
N LYS G 127 -25.84 14.52 -4.10
CA LYS G 127 -25.85 13.07 -3.92
C LYS G 127 -25.22 12.68 -2.58
N LEU G 128 -24.01 13.19 -2.31
CA LEU G 128 -23.34 12.82 -1.07
C LEU G 128 -24.08 13.33 0.16
N ALA G 129 -24.58 14.56 0.11
CA ALA G 129 -25.29 15.13 1.25
C ALA G 129 -26.56 14.35 1.54
N LEU G 130 -27.29 13.94 0.49
CA LEU G 130 -28.46 13.09 0.69
C LEU G 130 -28.05 11.76 1.30
N ARG G 131 -26.93 11.18 0.84
CA ARG G 131 -26.45 9.94 1.43
C ARG G 131 -26.14 10.10 2.91
N MET G 132 -25.79 11.33 3.34
CA MET G 132 -25.50 11.54 4.75
C MET G 132 -26.73 11.40 5.65
N TYR G 133 -27.93 11.49 5.09
CA TYR G 133 -29.15 11.49 5.90
C TYR G 133 -29.90 10.17 5.76
N LYS G 134 -30.95 10.03 6.57
CA LYS G 134 -31.79 8.84 6.58
C LYS G 134 -33.02 9.06 5.73
N SER G 135 -33.50 7.98 5.12
CA SER G 135 -34.55 8.06 4.09
C SER G 135 -35.84 7.45 4.62
N GLU G 136 -36.62 8.24 5.35
CA GLU G 136 -37.99 7.85 5.71
C GLU G 136 -38.99 8.63 4.88
N MET H 1 -27.44 13.59 -44.02
CA MET H 1 -28.18 14.17 -45.13
C MET H 1 -28.90 13.09 -45.93
N PRO H 2 -30.22 13.28 -46.12
CA PRO H 2 -31.09 12.20 -46.64
C PRO H 2 -30.64 10.76 -46.42
N LYS H 3 -30.98 9.90 -47.37
CA LYS H 3 -30.81 8.46 -47.19
C LYS H 3 -29.36 8.06 -47.42
N ASN H 4 -29.12 6.75 -47.31
CA ASN H 4 -27.81 6.13 -47.55
C ASN H 4 -26.75 6.70 -46.60
N TYR H 5 -26.93 6.34 -45.33
CA TYR H 5 -25.95 6.63 -44.29
C TYR H 5 -24.57 6.15 -44.71
N THR H 6 -23.65 7.10 -44.90
CA THR H 6 -22.30 6.80 -45.34
C THR H 6 -21.31 7.64 -44.52
N LEU H 7 -20.04 7.29 -44.62
CA LEU H 7 -18.99 8.03 -43.93
C LEU H 7 -18.74 9.41 -44.52
N GLN H 8 -19.32 9.72 -45.69
CA GLN H 8 -19.03 10.96 -46.40
C GLN H 8 -20.06 12.04 -46.13
N ASN H 9 -21.34 11.75 -46.38
CA ASN H 9 -22.41 12.73 -46.26
C ASN H 9 -23.53 12.14 -45.41
N ALA H 10 -23.42 12.31 -44.09
CA ALA H 10 -24.43 11.85 -43.15
C ALA H 10 -24.11 12.41 -41.78
N SER H 11 -25.15 12.79 -41.05
CA SER H 11 -24.97 13.24 -39.68
C SER H 11 -24.93 12.04 -38.73
N ASN H 12 -24.12 12.16 -37.69
CA ASN H 12 -24.04 11.10 -36.69
C ASN H 12 -25.41 10.92 -36.03
N LEU H 13 -25.93 9.70 -36.08
CA LEU H 13 -27.27 9.44 -35.58
C LEU H 13 -27.36 9.69 -34.08
N GLY H 14 -26.35 9.24 -33.33
CA GLY H 14 -26.33 9.51 -31.89
C GLY H 14 -26.24 10.99 -31.59
N TRP H 15 -25.41 11.72 -32.34
CA TRP H 15 -25.31 13.15 -32.15
C TRP H 15 -26.63 13.85 -32.43
N LEU H 16 -27.31 13.44 -33.50
CA LEU H 16 -28.63 14.01 -33.81
C LEU H 16 -29.63 13.69 -32.72
N PHE H 17 -29.60 12.46 -32.20
CA PHE H 17 -30.61 12.00 -31.25
C PHE H 17 -30.41 12.57 -29.85
N TYR H 18 -29.16 12.79 -29.43
CA TYR H 18 -28.90 13.20 -28.06
C TYR H 18 -28.39 14.63 -27.94
N LYS H 19 -27.51 15.07 -28.83
CA LYS H 19 -26.89 16.39 -28.72
C LYS H 19 -27.66 17.46 -29.49
N ASP H 20 -27.80 17.28 -30.81
CA ASP H 20 -28.52 18.24 -31.63
C ASP H 20 -30.03 18.19 -31.43
N TYR H 21 -30.54 17.19 -30.72
CA TYR H 21 -31.98 17.06 -30.54
C TYR H 21 -32.56 18.28 -29.82
N TYR H 22 -32.00 18.61 -28.66
CA TYR H 22 -32.50 19.73 -27.86
C TYR H 22 -31.61 20.96 -28.08
N ARG H 23 -31.62 21.43 -29.31
CA ARG H 23 -30.92 22.65 -29.68
C ARG H 23 -31.89 23.82 -29.62
N GLN H 24 -31.36 24.99 -29.29
CA GLN H 24 -32.18 26.17 -29.12
C GLN H 24 -32.16 26.99 -30.40
N GLU H 25 -33.32 27.15 -31.00
CA GLU H 25 -33.58 27.92 -32.20
C GLU H 25 -34.14 29.29 -31.85
N PRO H 26 -34.06 30.25 -32.76
CA PRO H 26 -34.54 31.61 -32.43
C PRO H 26 -35.97 31.68 -31.94
N ASN H 27 -36.87 30.87 -32.49
CA ASN H 27 -38.30 30.98 -32.17
C ASN H 27 -38.87 29.65 -31.72
N VAL H 28 -38.13 28.90 -30.91
CA VAL H 28 -38.59 27.63 -30.37
C VAL H 28 -38.44 27.68 -28.85
N ASP H 29 -39.52 27.37 -28.14
CA ASP H 29 -39.55 27.37 -26.69
C ASP H 29 -39.96 26.01 -26.17
N PHE H 30 -39.14 25.42 -25.31
CA PHE H 30 -39.56 24.25 -24.54
C PHE H 30 -39.07 24.34 -23.11
N ILE H 31 -38.90 25.56 -22.60
CA ILE H 31 -38.59 25.79 -21.19
C ILE H 31 -39.86 26.01 -20.38
N SER H 32 -40.70 26.94 -20.82
CA SER H 32 -41.96 27.20 -20.13
C SER H 32 -42.97 26.11 -20.45
N THR H 33 -44.01 26.03 -19.61
CA THR H 33 -45.02 25.00 -19.80
C THR H 33 -45.81 25.21 -21.09
N GLN H 34 -46.01 26.47 -21.49
CA GLN H 34 -46.69 26.73 -22.76
C GLN H 34 -45.85 26.25 -23.95
N GLY H 35 -44.54 26.45 -23.88
CA GLY H 35 -43.69 26.09 -25.00
C GLY H 35 -43.65 24.60 -25.27
N LYS H 36 -43.59 23.78 -24.21
CA LYS H 36 -43.48 22.34 -24.39
C LYS H 36 -44.69 21.77 -25.11
N GLU H 37 -45.87 22.32 -24.87
CA GLU H 37 -47.10 21.81 -25.48
C GLU H 37 -47.45 22.51 -26.79
N SER H 38 -46.73 23.55 -27.17
CA SER H 38 -47.06 24.30 -28.37
C SER H 38 -46.73 23.50 -29.62
N ASP H 39 -47.41 23.84 -30.72
CA ASP H 39 -47.19 23.14 -31.97
C ASP H 39 -45.90 23.56 -32.66
N THR H 40 -45.32 24.69 -32.27
CA THR H 40 -44.00 25.05 -32.80
C THR H 40 -42.95 24.05 -32.31
N THR H 41 -42.99 23.71 -31.03
CA THR H 41 -42.07 22.69 -30.50
C THR H 41 -42.36 21.33 -31.13
N ALA H 42 -43.64 21.02 -31.34
CA ALA H 42 -44.00 19.76 -31.98
C ALA H 42 -43.45 19.70 -33.40
N ASP H 43 -43.53 20.80 -34.15
CA ASP H 43 -42.98 20.82 -35.50
C ASP H 43 -41.46 20.70 -35.48
N PHE H 44 -40.81 21.38 -34.54
CA PHE H 44 -39.36 21.27 -34.39
C PHE H 44 -38.93 19.83 -34.15
N PHE H 45 -39.58 19.17 -33.20
CA PHE H 45 -39.24 17.79 -32.90
C PHE H 45 -39.65 16.85 -34.03
N ARG H 46 -40.72 17.17 -34.76
CA ARG H 46 -41.09 16.38 -35.92
C ARG H 46 -40.02 16.44 -37.01
N LYS H 47 -39.47 17.64 -37.25
CA LYS H 47 -38.38 17.77 -38.22
C LYS H 47 -37.15 17.00 -37.76
N THR H 48 -36.81 17.10 -36.47
CA THR H 48 -35.68 16.35 -35.95
C THR H 48 -35.89 14.85 -36.10
N ASN H 49 -37.10 14.37 -35.81
CA ASN H 49 -37.39 12.95 -35.90
C ASN H 49 -37.37 12.47 -37.35
N GLN H 50 -37.83 13.30 -38.29
CA GLN H 50 -37.72 12.97 -39.69
C GLN H 50 -36.25 12.83 -40.11
N ARG H 51 -35.42 13.78 -39.67
CA ARG H 51 -33.99 13.69 -39.96
C ARG H 51 -33.39 12.42 -39.38
N ILE H 52 -33.82 12.02 -38.18
CA ILE H 52 -33.33 10.78 -37.59
C ILE H 52 -33.78 9.58 -38.42
N THR H 53 -35.07 9.49 -38.72
CA THR H 53 -35.63 8.39 -39.50
C THR H 53 -35.72 8.74 -40.97
N ALA H 54 -34.64 9.26 -41.54
CA ALA H 54 -34.52 9.42 -42.99
C ALA H 54 -33.25 8.79 -43.54
N TYR H 55 -32.65 7.83 -42.84
CA TYR H 55 -31.37 7.25 -43.22
C TYR H 55 -31.52 5.77 -43.55
N GLN H 56 -30.86 5.34 -44.63
CA GLN H 56 -30.81 3.95 -45.04
C GLN H 56 -29.39 3.41 -44.92
N LEU H 57 -29.27 2.09 -44.92
CA LEU H 57 -27.98 1.43 -44.94
C LEU H 57 -27.95 0.41 -46.08
N ASN H 58 -26.96 0.51 -46.94
CA ASN H 58 -26.81 -0.42 -48.05
C ASN H 58 -26.21 -1.73 -47.56
N SER H 59 -26.42 -2.78 -48.34
CA SER H 59 -25.85 -4.08 -48.00
C SER H 59 -24.32 -4.05 -48.04
N GLU H 60 -23.75 -3.39 -49.05
CA GLU H 60 -22.31 -3.29 -49.23
C GLU H 60 -21.71 -2.08 -48.54
N SER H 61 -22.31 -1.61 -47.46
CA SER H 61 -21.84 -0.40 -46.80
C SER H 61 -20.42 -0.60 -46.29
N PRO H 62 -19.51 0.36 -46.52
CA PRO H 62 -18.12 0.18 -46.04
C PRO H 62 -18.02 0.01 -44.54
N LEU H 63 -18.93 0.61 -43.76
CA LEU H 63 -18.90 0.43 -42.32
C LEU H 63 -19.16 -1.03 -41.94
N VAL H 64 -20.21 -1.62 -42.51
CA VAL H 64 -20.54 -3.01 -42.21
C VAL H 64 -19.47 -3.94 -42.78
N ALA H 65 -18.91 -3.60 -43.93
CA ALA H 65 -17.81 -4.40 -44.49
C ALA H 65 -16.60 -4.38 -43.56
N ALA H 66 -16.29 -3.21 -43.00
CA ALA H 66 -15.22 -3.11 -42.03
C ALA H 66 -15.53 -3.95 -40.79
N PHE H 67 -16.78 -3.90 -40.33
CA PHE H 67 -17.18 -4.73 -39.20
C PHE H 67 -16.97 -6.21 -39.49
N ASN H 68 -17.35 -6.65 -40.69
CA ASN H 68 -17.16 -8.04 -41.08
C ASN H 68 -15.69 -8.41 -41.10
N ASN H 69 -14.85 -7.51 -41.63
CA ASN H 69 -13.42 -7.79 -41.67
C ASN H 69 -12.83 -7.88 -40.26
N HIS H 70 -13.26 -7.00 -39.36
CA HIS H 70 -12.69 -6.96 -38.01
C HIS H 70 -13.14 -8.15 -37.18
N PHE H 71 -14.44 -8.49 -37.23
CA PHE H 71 -15.04 -9.39 -36.25
C PHE H 71 -15.36 -10.76 -36.81
N GLY H 72 -14.81 -11.12 -37.97
CA GLY H 72 -15.11 -12.40 -38.56
C GLY H 72 -16.45 -12.40 -39.27
N THR H 73 -16.88 -13.60 -39.66
CA THR H 73 -18.13 -13.73 -40.37
C THR H 73 -19.30 -13.43 -39.43
N PRO H 74 -20.35 -12.77 -39.93
CA PRO H 74 -21.48 -12.42 -39.08
C PRO H 74 -22.60 -13.46 -39.10
N LEU H 75 -23.38 -13.46 -38.03
CA LEU H 75 -24.62 -14.22 -37.96
C LEU H 75 -25.77 -13.25 -38.24
N GLN H 76 -26.39 -13.39 -39.40
CA GLN H 76 -27.36 -12.41 -39.89
C GLN H 76 -28.76 -12.89 -39.57
N LEU H 77 -29.53 -12.05 -38.88
CA LEU H 77 -30.92 -12.34 -38.56
C LEU H 77 -31.77 -11.12 -38.94
N LYS H 78 -33.08 -11.31 -38.91
CA LYS H 78 -34.03 -10.32 -39.41
C LYS H 78 -34.93 -9.88 -38.26
N THR H 79 -35.52 -8.70 -38.40
CA THR H 79 -36.32 -8.12 -37.33
C THR H 79 -37.82 -8.29 -37.61
N ILE H 80 -38.53 -8.82 -36.62
CA ILE H 80 -39.99 -8.96 -36.63
C ILE H 80 -40.57 -7.58 -36.33
N TYR H 81 -41.89 -7.43 -36.52
CA TYR H 81 -42.41 -6.09 -36.29
C TYR H 81 -43.16 -6.06 -34.96
N PRO H 82 -42.45 -6.08 -33.86
CA PRO H 82 -42.66 -5.05 -32.86
C PRO H 82 -41.69 -3.92 -33.13
N GLY H 83 -40.58 -4.29 -33.79
CA GLY H 83 -39.39 -3.47 -33.90
C GLY H 83 -38.30 -4.01 -32.99
N LEU H 84 -37.19 -3.27 -32.85
CA LEU H 84 -36.13 -3.63 -31.93
C LEU H 84 -35.76 -2.43 -31.08
N ILE H 85 -35.68 -2.62 -29.77
CA ILE H 85 -35.40 -1.55 -28.83
C ILE H 85 -34.20 -1.95 -27.98
N THR H 86 -33.19 -1.08 -27.93
CA THR H 86 -32.05 -1.28 -27.06
C THR H 86 -31.68 0.05 -26.41
N GLY H 87 -31.14 -0.04 -25.20
CA GLY H 87 -30.81 1.16 -24.43
C GLY H 87 -32.01 2.00 -24.08
N SER H 88 -33.15 1.37 -23.78
CA SER H 88 -34.39 2.11 -23.57
C SER H 88 -34.34 2.96 -22.30
N GLY H 89 -33.58 2.53 -21.30
CA GLY H 89 -33.55 3.24 -20.04
C GLY H 89 -32.69 4.48 -20.00
N LEU H 90 -32.00 4.80 -21.09
CA LEU H 90 -31.15 5.97 -21.11
C LEU H 90 -32.01 7.23 -20.95
N PRO H 91 -31.53 8.24 -20.23
CA PRO H 91 -32.35 9.43 -19.98
C PRO H 91 -32.43 10.33 -21.21
N HIS H 92 -33.62 10.42 -21.81
CA HIS H 92 -33.84 11.29 -22.96
C HIS H 92 -35.29 11.77 -22.91
N GLN H 93 -35.51 12.92 -22.27
CA GLN H 93 -36.80 13.57 -22.24
C GLN H 93 -36.67 14.91 -21.54
N THR H 94 -37.51 15.86 -21.97
CA THR H 94 -37.61 17.15 -21.32
C THR H 94 -39.01 17.49 -20.84
N GLY H 95 -40.00 16.67 -21.16
CA GLY H 95 -41.38 16.99 -20.92
C GLY H 95 -42.10 17.63 -22.09
N SER H 96 -41.52 17.60 -23.29
CA SER H 96 -42.07 18.26 -24.46
C SER H 96 -42.97 17.31 -25.24
N LYS H 97 -43.59 17.85 -26.28
CA LYS H 97 -44.54 17.11 -27.12
C LYS H 97 -43.90 16.84 -28.47
N GLY H 98 -44.02 15.60 -28.93
CA GLY H 98 -43.41 15.19 -30.19
C GLY H 98 -41.98 14.71 -30.07
N GLU H 99 -41.41 14.71 -28.88
CA GLU H 99 -40.04 14.27 -28.67
C GLU H 99 -39.99 12.80 -28.28
N PHE H 100 -38.84 12.18 -28.52
CA PHE H 100 -38.61 10.80 -28.12
C PHE H 100 -38.33 10.75 -26.61
N LYS H 101 -39.21 10.09 -25.87
CA LYS H 101 -39.12 10.03 -24.42
C LYS H 101 -38.27 8.87 -23.92
N LEU H 102 -37.77 8.02 -24.80
CA LEU H 102 -37.01 6.85 -24.41
C LEU H 102 -35.60 6.93 -24.98
N GLY H 103 -34.66 6.30 -24.28
CA GLY H 103 -33.29 6.27 -24.75
C GLY H 103 -33.09 5.27 -25.87
N PHE H 104 -32.01 5.47 -26.61
CA PHE H 104 -31.63 4.56 -27.68
C PHE H 104 -30.12 4.35 -27.64
N GLN H 105 -29.69 3.17 -28.06
CA GLN H 105 -28.29 2.79 -28.04
C GLN H 105 -27.68 3.07 -29.41
N PHE H 106 -26.81 4.08 -29.47
CA PHE H 106 -26.10 4.44 -30.68
C PHE H 106 -24.61 4.30 -30.44
N ASP H 107 -23.92 3.70 -31.40
CA ASP H 107 -22.46 3.69 -31.36
C ASP H 107 -21.93 5.11 -31.49
N TYR H 108 -20.97 5.46 -30.64
CA TYR H 108 -20.49 6.84 -30.60
C TYR H 108 -19.78 7.22 -31.88
N THR H 109 -18.82 6.41 -32.31
CA THR H 109 -18.00 6.78 -33.46
C THR H 109 -18.78 6.71 -34.77
N THR H 110 -19.51 5.62 -34.99
CA THR H 110 -20.20 5.41 -36.26
C THR H 110 -21.61 5.98 -36.27
N GLY H 111 -22.29 6.00 -35.13
CA GLY H 111 -23.67 6.41 -35.09
C GLY H 111 -24.65 5.35 -35.49
N LEU H 112 -24.19 4.22 -36.01
CA LEU H 112 -25.09 3.15 -36.38
C LEU H 112 -25.73 2.55 -35.13
N PRO H 113 -27.02 2.25 -35.17
CA PRO H 113 -27.65 1.56 -34.03
C PRO H 113 -27.01 0.20 -33.82
N TYR H 114 -26.83 -0.17 -32.55
CA TYR H 114 -26.17 -1.42 -32.23
C TYR H 114 -26.64 -1.92 -30.88
N ILE H 115 -26.44 -3.21 -30.66
CA ILE H 115 -26.70 -3.86 -29.37
C ILE H 115 -25.34 -4.15 -28.74
N PRO H 116 -25.05 -3.59 -27.57
CA PRO H 116 -23.76 -3.88 -26.93
C PRO H 116 -23.60 -5.36 -26.65
N GLY H 117 -22.36 -5.84 -26.74
CA GLY H 117 -22.10 -7.25 -26.54
C GLY H 117 -22.49 -7.74 -25.17
N SER H 118 -22.51 -6.84 -24.18
CA SER H 118 -22.97 -7.21 -22.85
C SER H 118 -24.44 -7.62 -22.87
N SER H 119 -25.26 -6.91 -23.66
CA SER H 119 -26.67 -7.29 -23.78
C SER H 119 -26.82 -8.67 -24.40
N ILE H 120 -26.04 -8.96 -25.46
CA ILE H 120 -26.09 -10.27 -26.08
C ILE H 120 -25.67 -11.35 -25.10
N LYS H 121 -24.59 -11.10 -24.36
CA LYS H 121 -24.11 -12.07 -23.38
C LYS H 121 -25.17 -12.34 -22.32
N GLY H 122 -25.76 -11.28 -21.77
CA GLY H 122 -26.77 -11.46 -20.74
C GLY H 122 -28.01 -12.16 -21.23
N THR H 123 -28.48 -11.81 -22.44
CA THR H 123 -29.66 -12.45 -23.00
C THR H 123 -29.40 -13.94 -23.25
N LEU H 124 -28.22 -14.27 -23.80
CA LEU H 124 -27.90 -15.67 -24.04
C LEU H 124 -27.77 -16.44 -22.73
N ARG H 125 -27.12 -15.85 -21.73
CA ARG H 125 -26.94 -16.54 -20.46
C ARG H 125 -28.23 -16.66 -19.66
N SER H 126 -29.21 -15.78 -19.90
CA SER H 126 -30.42 -15.76 -19.09
C SER H 126 -31.20 -17.06 -19.21
N MET H 127 -31.06 -17.78 -20.31
CA MET H 127 -31.68 -19.08 -20.48
C MET H 127 -30.74 -20.23 -20.13
N PHE H 128 -29.61 -19.94 -19.58
CA PHE H 128 -28.80 -21.00 -19.02
C PHE H 128 -29.07 -21.15 -17.53
N PRO H 129 -29.01 -22.36 -16.99
CA PRO H 129 -29.44 -22.57 -15.60
C PRO H 129 -28.70 -21.73 -14.57
N PHE H 130 -27.40 -21.55 -14.72
CA PHE H 130 -26.61 -20.81 -13.74
C PHE H 130 -26.40 -19.36 -14.15
N SER H 131 -27.48 -18.67 -14.44
CA SER H 131 -27.46 -17.23 -14.66
C SER H 131 -27.97 -16.45 -13.46
N LEU H 132 -28.34 -17.15 -12.39
CA LEU H 132 -28.85 -16.51 -11.18
C LEU H 132 -27.91 -16.82 -10.03
N LYS H 133 -27.54 -15.79 -9.29
CA LYS H 133 -26.64 -15.95 -8.15
C LYS H 133 -27.44 -16.22 -6.89
N ASP H 134 -26.84 -17.00 -5.99
CA ASP H 134 -27.56 -17.46 -4.81
C ASP H 134 -27.98 -16.29 -3.92
N LYS H 135 -27.02 -15.42 -3.57
CA LYS H 135 -27.29 -14.22 -2.80
C LYS H 135 -27.99 -14.51 -1.48
N GLY H 136 -29.30 -14.71 -1.53
CA GLY H 136 -30.10 -14.91 -0.33
C GLY H 136 -31.48 -14.32 -0.48
N SER H 137 -31.62 -13.36 -1.39
CA SER H 137 -32.93 -12.94 -1.86
C SER H 137 -33.40 -13.74 -3.07
N THR H 138 -32.51 -14.57 -3.62
CA THR H 138 -32.81 -15.44 -4.74
C THR H 138 -33.24 -16.83 -4.29
N LYS H 139 -32.88 -17.22 -3.07
CA LYS H 139 -33.01 -18.57 -2.53
C LYS H 139 -34.28 -19.30 -2.96
N ARG H 140 -35.43 -18.62 -2.89
CA ARG H 140 -36.69 -19.27 -3.24
C ARG H 140 -36.80 -19.53 -4.73
N ILE H 141 -36.38 -18.57 -5.55
CA ILE H 141 -36.51 -18.70 -7.00
C ILE H 141 -35.47 -19.66 -7.57
N LEU H 142 -34.33 -19.80 -6.89
CA LEU H 142 -33.20 -20.53 -7.47
C LEU H 142 -33.51 -21.98 -7.85
N PRO H 143 -34.18 -22.79 -7.04
CA PRO H 143 -34.37 -24.21 -7.43
C PRO H 143 -35.18 -24.39 -8.70
N GLU H 144 -36.34 -23.74 -8.79
CA GLU H 144 -37.18 -23.86 -9.98
C GLU H 144 -36.47 -23.33 -11.22
N TYR H 145 -35.82 -22.16 -11.08
CA TYR H 145 -35.11 -21.52 -12.19
C TYR H 145 -34.13 -22.48 -12.85
N ARG H 146 -33.26 -23.08 -12.04
CA ARG H 146 -32.25 -23.99 -12.56
C ARG H 146 -32.89 -25.20 -13.23
N LYS H 147 -33.99 -25.72 -12.66
CA LYS H 147 -34.61 -26.92 -13.21
C LYS H 147 -35.10 -26.70 -14.64
N GLU H 148 -35.95 -25.68 -14.83
CA GLU H 148 -36.50 -25.42 -16.15
C GLU H 148 -35.40 -25.07 -17.15
N ARG H 149 -34.44 -24.25 -16.71
CA ARG H 149 -33.36 -23.90 -17.62
C ARG H 149 -32.50 -25.10 -17.99
N MET H 150 -32.29 -26.02 -17.05
CA MET H 150 -31.57 -27.25 -17.36
C MET H 150 -32.30 -28.06 -18.42
N GLU H 151 -33.61 -28.25 -18.27
CA GLU H 151 -34.34 -29.01 -19.28
C GLU H 151 -34.27 -28.33 -20.64
N TYR H 152 -34.45 -27.02 -20.68
CA TYR H 152 -34.43 -26.30 -21.96
C TYR H 152 -33.06 -26.41 -22.62
N ILE H 153 -31.99 -26.17 -21.86
CA ILE H 153 -30.66 -26.22 -22.45
C ILE H 153 -30.29 -27.65 -22.82
N ARG H 154 -30.78 -28.65 -22.09
CA ARG H 154 -30.50 -30.03 -22.44
C ARG H 154 -31.12 -30.39 -23.78
N ASP H 155 -32.39 -30.02 -23.98
CA ASP H 155 -33.01 -30.30 -25.27
C ASP H 155 -32.30 -29.54 -26.39
N LEU H 156 -31.88 -28.30 -26.13
CA LEU H 156 -31.16 -27.55 -27.15
C LEU H 156 -29.82 -28.21 -27.50
N ILE H 157 -29.08 -28.68 -26.49
CA ILE H 157 -27.79 -29.30 -26.74
C ILE H 157 -27.98 -30.61 -27.52
N ILE H 158 -28.95 -31.42 -27.12
CA ILE H 158 -29.18 -32.66 -27.86
C ILE H 158 -29.66 -32.35 -29.29
N GLU H 159 -30.30 -31.19 -29.48
CA GLU H 159 -30.73 -30.79 -30.82
C GLU H 159 -29.54 -30.40 -31.69
N VAL H 160 -28.62 -29.59 -31.16
CA VAL H 160 -27.62 -28.95 -32.01
C VAL H 160 -26.35 -29.77 -32.22
N THR H 161 -25.94 -30.58 -31.26
CA THR H 161 -24.73 -31.38 -31.42
C THR H 161 -25.06 -32.87 -31.35
N ASN H 162 -24.13 -33.68 -31.86
CA ASN H 162 -24.33 -35.12 -31.92
C ASN H 162 -23.99 -35.81 -30.60
N ILE H 163 -24.55 -35.30 -29.50
CA ILE H 163 -24.41 -35.89 -28.17
C ILE H 163 -25.77 -36.41 -27.74
N ASN H 164 -25.83 -37.68 -27.38
CA ASN H 164 -27.10 -38.32 -27.00
C ASN H 164 -27.38 -38.25 -25.51
N GLU H 165 -26.46 -37.76 -24.69
CA GLU H 165 -26.66 -37.74 -23.25
C GLU H 165 -25.80 -36.65 -22.63
N ILE H 166 -26.42 -35.80 -21.81
CA ILE H 166 -25.72 -34.77 -21.06
C ILE H 166 -26.24 -34.80 -19.62
N SER H 167 -25.46 -34.23 -18.72
CA SER H 167 -25.78 -34.25 -17.30
C SER H 167 -25.81 -32.82 -16.76
N ASP H 168 -26.34 -32.69 -15.53
CA ASP H 168 -26.43 -31.38 -14.90
C ASP H 168 -25.04 -30.80 -14.64
N THR H 169 -24.11 -31.63 -14.17
CA THR H 169 -22.74 -31.16 -13.95
C THR H 169 -22.09 -30.75 -15.26
N GLU H 170 -22.33 -31.52 -16.32
CA GLU H 170 -21.78 -31.17 -17.63
C GLU H 170 -22.37 -29.86 -18.14
N ILE H 171 -23.67 -29.64 -17.92
CA ILE H 171 -24.29 -28.40 -18.34
C ILE H 171 -23.71 -27.23 -17.55
N GLN H 172 -23.51 -27.42 -16.24
CA GLN H 172 -22.89 -26.38 -15.41
C GLN H 172 -21.51 -26.03 -15.93
N ALA H 173 -20.68 -27.04 -16.18
CA ALA H 173 -19.32 -26.80 -16.67
C ALA H 173 -19.34 -26.12 -18.03
N LEU H 174 -20.24 -26.55 -18.92
CA LEU H 174 -20.33 -25.95 -20.25
C LEU H 174 -20.72 -24.48 -20.16
N GLU H 175 -21.72 -24.17 -19.34
CA GLU H 175 -22.16 -22.78 -19.20
C GLU H 175 -21.04 -21.91 -18.63
N TYR H 176 -20.38 -22.40 -17.58
CA TYR H 176 -19.33 -21.59 -16.96
C TYR H 176 -18.16 -21.40 -17.90
N ALA H 177 -17.79 -22.44 -18.66
CA ALA H 177 -16.74 -22.30 -19.65
C ALA H 177 -17.12 -21.31 -20.74
N ILE H 178 -18.37 -21.34 -21.18
CA ILE H 178 -18.79 -20.48 -22.28
C ILE H 178 -18.81 -19.01 -21.84
N PHE H 179 -19.37 -18.73 -20.67
CA PHE H 179 -19.59 -17.34 -20.28
C PHE H 179 -18.53 -16.79 -19.33
N THR H 180 -18.25 -17.50 -18.24
CA THR H 180 -17.24 -17.05 -17.29
C THR H 180 -15.81 -17.41 -17.72
N ASN H 181 -15.68 -18.36 -18.66
CA ASN H 181 -14.37 -18.89 -19.06
C ASN H 181 -13.61 -19.44 -17.85
N SER H 182 -14.33 -20.12 -16.98
CA SER H 182 -13.77 -20.65 -15.75
C SER H 182 -14.54 -21.92 -15.37
N THR H 183 -14.39 -22.34 -14.14
CA THR H 183 -15.08 -23.49 -13.58
C THR H 183 -16.17 -23.04 -12.63
N PRO H 184 -17.19 -23.88 -12.41
CA PRO H 184 -18.29 -23.47 -11.52
C PRO H 184 -17.85 -23.22 -10.09
N SER H 185 -16.69 -23.74 -9.68
CA SER H 185 -16.26 -23.64 -8.29
C SER H 185 -15.08 -22.70 -8.14
N GLY H 186 -15.09 -21.58 -8.84
CA GLY H 186 -14.01 -20.64 -8.70
C GLY H 186 -12.90 -20.78 -9.73
N LYS H 187 -11.87 -21.55 -9.38
CA LYS H 187 -10.59 -21.60 -10.08
C LYS H 187 -10.71 -21.68 -11.60
N THR H 188 -9.70 -21.15 -12.29
CA THR H 188 -9.69 -21.03 -13.73
C THR H 188 -9.08 -22.27 -14.37
N ILE H 189 -9.19 -22.33 -15.70
CA ILE H 189 -8.60 -23.39 -16.50
C ILE H 189 -7.62 -22.75 -17.48
N GLU H 190 -6.50 -23.43 -17.72
CA GLU H 190 -5.45 -22.89 -18.58
C GLU H 190 -5.91 -22.99 -20.03
N PHE H 191 -6.67 -21.97 -20.44
CA PHE H 191 -7.21 -21.91 -21.78
C PHE H 191 -6.24 -21.20 -22.72
N SER H 192 -6.30 -21.57 -23.99
CA SER H 192 -5.54 -20.86 -25.01
C SER H 192 -6.20 -19.51 -25.29
N LEU H 193 -5.44 -18.64 -25.98
CA LEU H 193 -6.00 -17.34 -26.34
C LEU H 193 -7.19 -17.49 -27.28
N GLU H 194 -7.08 -18.41 -28.25
CA GLU H 194 -8.20 -18.67 -29.16
C GLU H 194 -9.39 -19.25 -28.41
N GLU H 195 -9.14 -20.14 -27.46
CA GLU H 195 -10.21 -20.79 -26.71
C GLU H 195 -10.85 -19.85 -25.72
N LYS H 196 -11.62 -18.89 -26.23
CA LYS H 196 -12.27 -17.89 -25.39
C LYS H 196 -13.47 -17.34 -26.14
N ASP H 197 -14.62 -17.33 -25.49
CA ASP H 197 -15.86 -16.92 -26.13
C ASP H 197 -16.05 -15.43 -25.94
N VAL H 198 -16.03 -14.70 -27.06
CA VAL H 198 -16.20 -13.25 -27.08
C VAL H 198 -17.52 -12.92 -27.76
N PHE H 199 -18.26 -11.99 -27.17
CA PHE H 199 -19.55 -11.56 -27.68
C PHE H 199 -19.40 -10.10 -28.11
N TYR H 200 -19.25 -9.88 -29.41
CA TYR H 200 -19.04 -8.54 -29.94
C TYR H 200 -20.36 -7.78 -29.93
N ASP H 201 -20.35 -6.58 -30.50
CA ASP H 201 -21.54 -5.74 -30.55
C ASP H 201 -22.32 -6.04 -31.82
N ALA H 202 -23.58 -6.42 -31.66
CA ALA H 202 -24.44 -6.63 -32.82
C ALA H 202 -24.74 -5.30 -33.49
N PHE H 203 -24.71 -5.29 -34.82
CA PHE H 203 -24.83 -4.06 -35.59
C PHE H 203 -25.93 -4.19 -36.63
N VAL H 204 -26.54 -3.05 -36.97
CA VAL H 204 -27.43 -3.00 -38.11
C VAL H 204 -26.61 -3.11 -39.38
N ALA H 205 -26.95 -4.07 -40.23
CA ALA H 205 -26.14 -4.38 -41.40
C ALA H 205 -26.81 -4.05 -42.73
N ASP H 206 -28.14 -4.06 -42.79
CA ASP H 206 -28.81 -3.86 -44.07
C ASP H 206 -30.24 -3.41 -43.81
N SER H 207 -30.57 -2.20 -44.23
CA SER H 207 -31.94 -1.75 -44.37
C SER H 207 -32.23 -1.79 -45.87
N LYS H 208 -32.91 -2.85 -46.29
CA LYS H 208 -32.96 -3.22 -47.71
C LYS H 208 -33.53 -2.11 -48.58
N ASP H 209 -34.81 -1.78 -48.40
CA ASP H 209 -35.46 -0.77 -49.22
C ASP H 209 -36.03 0.38 -48.41
N GLY H 210 -35.89 0.35 -47.08
CA GLY H 210 -36.41 1.39 -46.24
C GLY H 210 -35.35 1.90 -45.26
N VAL H 211 -35.78 2.80 -44.40
CA VAL H 211 -34.92 3.35 -43.36
C VAL H 211 -34.71 2.29 -42.30
N MET H 212 -33.75 2.52 -41.40
CA MET H 212 -33.48 1.58 -40.33
C MET H 212 -34.17 1.94 -39.02
N LEU H 213 -34.52 3.21 -38.82
CA LEU H 213 -35.16 3.67 -37.60
C LEU H 213 -36.59 4.08 -37.88
N SER H 214 -37.48 3.78 -36.92
CA SER H 214 -38.88 4.16 -36.99
C SER H 214 -39.28 4.76 -35.65
N ASP H 215 -40.45 5.40 -35.63
CA ASP H 215 -41.04 5.95 -34.42
C ASP H 215 -42.28 5.15 -34.06
N ASP H 216 -42.43 4.87 -32.76
CA ASP H 216 -43.49 4.01 -32.28
C ASP H 216 -44.07 4.58 -31.00
N TYR H 217 -45.28 4.14 -30.68
CA TYR H 217 -46.01 4.61 -29.51
C TYR H 217 -46.28 3.45 -28.56
N ILE H 218 -45.99 3.66 -27.29
CA ILE H 218 -46.58 2.88 -26.20
C ILE H 218 -47.43 3.84 -25.39
N THR H 219 -48.70 3.47 -25.18
CA THR H 219 -49.66 4.31 -24.49
C THR H 219 -50.12 3.58 -23.24
N PRO H 220 -49.47 3.79 -22.11
CA PRO H 220 -49.92 3.16 -20.87
C PRO H 220 -51.22 3.77 -20.37
N HIS H 221 -52.33 3.07 -20.53
CA HIS H 221 -53.58 3.50 -19.94
C HIS H 221 -53.51 3.28 -18.43
N GLY H 222 -53.82 4.32 -17.67
CA GLY H 222 -53.54 4.30 -16.25
C GLY H 222 -54.36 3.29 -15.49
N GLU H 223 -53.96 3.09 -14.22
CA GLU H 223 -54.72 2.22 -13.33
C GLU H 223 -56.11 2.79 -13.06
N ASN H 224 -56.31 4.08 -13.31
CA ASN H 224 -57.64 4.68 -13.30
C ASN H 224 -58.15 4.67 -14.74
N PRO H 225 -59.07 3.78 -15.10
CA PRO H 225 -59.54 3.74 -16.49
C PRO H 225 -60.33 4.96 -16.92
N LEU H 226 -60.60 5.89 -16.01
CA LEU H 226 -61.39 7.07 -16.31
C LEU H 226 -60.53 8.31 -16.54
N LYS H 227 -59.21 8.17 -16.55
CA LYS H 227 -58.31 9.28 -16.80
C LYS H 227 -57.58 9.09 -18.13
N ASP H 228 -56.95 10.17 -18.58
CA ASP H 228 -56.41 10.24 -19.93
C ASP H 228 -55.09 9.48 -20.00
N PRO H 229 -54.91 8.62 -21.01
CA PRO H 229 -53.65 7.85 -21.11
C PRO H 229 -52.49 8.74 -21.54
N LYS H 230 -51.30 8.17 -21.43
CA LYS H 230 -50.07 8.90 -21.74
C LYS H 230 -49.47 8.36 -23.03
N PRO H 231 -49.50 9.12 -24.13
CA PRO H 231 -48.77 8.69 -25.34
C PRO H 231 -47.27 8.90 -25.18
N ILE H 232 -46.51 7.82 -25.30
CA ILE H 232 -45.06 7.85 -25.16
C ILE H 232 -44.44 7.51 -26.50
N LEU H 233 -43.57 8.39 -26.99
CA LEU H 233 -42.91 8.23 -28.27
C LEU H 233 -41.47 7.75 -28.07
N PHE H 234 -41.03 6.83 -28.91
CA PHE H 234 -39.69 6.29 -28.82
C PHE H 234 -39.21 5.90 -30.22
N LEU H 235 -37.97 5.44 -30.29
CA LEU H 235 -37.31 5.13 -31.56
C LEU H 235 -36.99 3.65 -31.59
N LYS H 236 -37.37 2.98 -32.67
CA LYS H 236 -37.18 1.54 -32.80
C LYS H 236 -36.46 1.22 -34.10
N ILE H 237 -35.82 0.06 -34.12
CA ILE H 237 -35.21 -0.44 -35.34
C ILE H 237 -36.29 -1.09 -36.20
N ARG H 238 -36.33 -0.73 -37.47
CA ARG H 238 -37.43 -1.11 -38.33
C ARG H 238 -37.47 -2.63 -38.54
N PRO H 239 -38.65 -3.19 -38.78
CA PRO H 239 -38.74 -4.61 -39.15
C PRO H 239 -38.10 -4.88 -40.50
N ASP H 240 -37.69 -6.14 -40.67
CA ASP H 240 -37.01 -6.61 -41.88
C ASP H 240 -35.67 -5.88 -42.06
N VAL H 241 -34.91 -5.79 -40.98
CA VAL H 241 -33.59 -5.17 -40.97
C VAL H 241 -32.57 -6.24 -40.57
N THR H 242 -31.50 -6.34 -41.33
CA THR H 242 -30.48 -7.36 -41.10
C THR H 242 -29.57 -6.90 -39.98
N ILE H 243 -29.60 -7.62 -38.86
CA ILE H 243 -28.75 -7.34 -37.71
C ILE H 243 -27.64 -8.38 -37.69
N ASN H 244 -26.40 -7.91 -37.75
CA ASN H 244 -25.24 -8.80 -37.77
C ASN H 244 -24.79 -9.08 -36.35
N PHE H 245 -24.80 -10.35 -35.96
CA PHE H 245 -24.32 -10.78 -34.65
C PHE H 245 -22.92 -11.36 -34.82
N TYR H 246 -21.94 -10.72 -34.19
CA TYR H 246 -20.55 -11.13 -34.30
C TYR H 246 -20.13 -11.83 -33.00
N PHE H 247 -19.61 -13.04 -33.14
CA PHE H 247 -19.08 -13.79 -32.01
C PHE H 247 -17.70 -14.33 -32.34
N LYS H 248 -16.91 -14.58 -31.29
CA LYS H 248 -15.65 -15.30 -31.41
C LYS H 248 -15.76 -16.49 -30.46
N LEU H 249 -16.20 -17.64 -31.00
CA LEU H 249 -16.45 -18.83 -30.21
C LEU H 249 -15.48 -19.93 -30.60
N CYS H 250 -15.27 -20.86 -29.67
CA CYS H 250 -14.33 -21.95 -29.83
C CYS H 250 -15.05 -23.29 -29.65
N THR H 251 -14.28 -24.37 -29.68
CA THR H 251 -14.79 -25.71 -29.46
C THR H 251 -14.58 -26.10 -28.00
N THR H 252 -15.65 -26.55 -27.34
CA THR H 252 -15.59 -26.91 -25.94
C THR H 252 -15.44 -28.42 -25.79
N HIS H 253 -14.43 -28.84 -25.04
CA HIS H 253 -14.19 -30.25 -24.77
C HIS H 253 -14.61 -30.55 -23.34
N LEU H 254 -15.48 -31.56 -23.19
CA LEU H 254 -15.93 -32.00 -21.87
C LEU H 254 -15.57 -33.48 -21.72
N TYR H 255 -14.59 -33.76 -20.87
CA TYR H 255 -14.26 -35.12 -20.50
C TYR H 255 -14.75 -35.37 -19.08
N LYS H 256 -15.47 -36.47 -18.90
CA LYS H 256 -16.17 -36.78 -17.65
C LYS H 256 -17.12 -35.62 -17.40
N GLU H 257 -17.11 -34.98 -16.23
CA GLU H 257 -17.99 -33.85 -15.95
C GLU H 257 -17.27 -32.50 -15.99
N LYS H 258 -16.00 -32.47 -16.38
CA LYS H 258 -15.21 -31.25 -16.32
C LYS H 258 -14.86 -30.77 -17.73
N VAL H 259 -14.67 -29.46 -17.84
CA VAL H 259 -14.32 -28.83 -19.11
C VAL H 259 -12.81 -28.91 -19.29
N CYS H 260 -12.38 -29.37 -20.46
CA CYS H 260 -10.97 -29.54 -20.76
C CYS H 260 -10.58 -28.62 -21.91
N SER H 261 -9.34 -28.10 -21.84
CA SER H 261 -8.78 -27.36 -22.95
C SER H 261 -8.23 -28.34 -23.99
N SER H 262 -7.86 -27.80 -25.16
CA SER H 262 -7.36 -28.65 -26.23
C SER H 262 -6.05 -29.33 -25.83
N LYS H 263 -5.16 -28.60 -25.16
CA LYS H 263 -3.90 -29.18 -24.73
C LYS H 263 -4.12 -30.32 -23.74
N GLN H 264 -5.02 -30.12 -22.77
CA GLN H 264 -5.35 -31.20 -21.83
C GLN H 264 -6.06 -32.34 -22.55
N ILE H 265 -6.96 -32.02 -23.47
CA ILE H 265 -7.77 -33.08 -24.09
C ILE H 265 -6.91 -33.95 -25.01
N GLU H 266 -5.86 -33.40 -25.60
CA GLU H 266 -4.95 -34.23 -26.39
C GLU H 266 -4.30 -35.29 -25.53
N GLU H 267 -3.76 -34.89 -24.37
CA GLU H 267 -3.14 -35.86 -23.46
C GLU H 267 -4.17 -36.83 -22.89
N ILE H 268 -5.38 -36.36 -22.62
CA ILE H 268 -6.43 -37.25 -22.12
C ILE H 268 -6.77 -38.30 -23.17
N LYS H 269 -6.87 -37.91 -24.43
CA LYS H 269 -7.11 -38.86 -25.51
C LYS H 269 -5.96 -39.86 -25.62
N LYS H 270 -4.72 -39.37 -25.54
CA LYS H 270 -3.57 -40.25 -25.70
C LYS H 270 -3.35 -41.17 -24.50
N GLN H 271 -3.99 -40.91 -23.37
CA GLN H 271 -3.86 -41.79 -22.21
C GLN H 271 -4.41 -43.17 -22.52
N ASN H 272 -3.77 -44.19 -21.94
CA ASN H 272 -4.19 -45.57 -22.16
C ASN H 272 -5.59 -45.82 -21.62
N ASP H 273 -6.07 -44.99 -20.71
CA ASP H 273 -7.44 -45.06 -20.21
C ASP H 273 -8.23 -43.93 -20.85
N PHE H 274 -9.32 -44.29 -21.53
CA PHE H 274 -10.15 -43.30 -22.21
C PHE H 274 -11.55 -43.87 -22.34
N SER H 275 -12.51 -42.97 -22.49
CA SER H 275 -13.91 -43.38 -22.64
C SER H 275 -14.62 -42.39 -23.55
N SER H 276 -15.01 -42.85 -24.74
CA SER H 276 -15.83 -42.01 -25.61
C SER H 276 -17.17 -41.69 -24.99
N SER H 277 -17.66 -42.53 -24.07
CA SER H 277 -18.87 -42.23 -23.32
C SER H 277 -18.69 -41.09 -22.33
N ASP H 278 -17.45 -40.69 -22.06
CA ASP H 278 -17.17 -39.60 -21.15
C ASP H 278 -16.68 -38.34 -21.85
N TYR H 279 -16.20 -38.45 -23.09
CA TYR H 279 -15.66 -37.32 -23.83
C TYR H 279 -16.76 -36.70 -24.68
N LYS H 280 -17.13 -35.47 -24.37
CA LYS H 280 -18.14 -34.73 -25.11
C LYS H 280 -17.51 -33.52 -25.76
N MET H 281 -18.05 -33.13 -26.93
CA MET H 281 -17.51 -32.03 -27.70
C MET H 281 -18.65 -31.18 -28.24
N ILE H 282 -18.47 -29.87 -28.19
CA ILE H 282 -19.41 -28.92 -28.78
C ILE H 282 -18.61 -28.01 -29.70
N THR H 283 -18.76 -28.20 -31.01
CA THR H 283 -18.02 -27.43 -31.98
C THR H 283 -18.48 -25.97 -31.96
N ALA H 284 -17.57 -25.07 -32.35
CA ALA H 284 -17.91 -23.66 -32.44
C ALA H 284 -19.09 -23.43 -33.37
N HIS H 285 -19.19 -24.23 -34.43
CA HIS H 285 -20.38 -24.17 -35.30
C HIS H 285 -21.63 -24.55 -34.51
N GLN H 286 -21.55 -25.60 -33.70
CA GLN H 286 -22.70 -26.00 -32.90
C GLN H 286 -22.97 -25.01 -31.78
N LYS H 287 -21.93 -24.35 -31.25
CA LYS H 287 -22.14 -23.28 -30.30
C LYS H 287 -22.89 -22.12 -30.93
N ARG H 288 -22.51 -21.75 -32.15
CA ARG H 288 -23.21 -20.69 -32.87
C ARG H 288 -24.64 -21.09 -33.17
N ASN H 289 -24.87 -22.36 -33.52
CA ASN H 289 -26.23 -22.85 -33.72
C ASN H 289 -27.04 -22.75 -32.44
N LEU H 290 -26.45 -23.12 -31.30
CA LEU H 290 -27.14 -23.02 -30.02
C LEU H 290 -27.50 -21.58 -29.72
N PHE H 291 -26.57 -20.65 -29.93
CA PHE H 291 -26.84 -19.24 -29.67
C PHE H 291 -27.93 -18.72 -30.60
N GLU H 292 -27.91 -19.16 -31.87
CA GLU H 292 -28.93 -18.74 -32.82
C GLU H 292 -30.31 -19.25 -32.41
N LYS H 293 -30.39 -20.50 -31.95
CA LYS H 293 -31.67 -21.04 -31.49
C LYS H 293 -32.17 -20.29 -30.25
N ILE H 294 -31.27 -19.97 -29.32
CA ILE H 294 -31.66 -19.19 -28.15
C ILE H 294 -32.20 -17.83 -28.58
N LEU H 295 -31.49 -17.17 -29.49
CA LEU H 295 -31.92 -15.86 -29.97
C LEU H 295 -33.27 -15.93 -30.66
N LEU H 296 -33.50 -16.95 -31.47
CA LEU H 296 -34.80 -17.12 -32.10
C LEU H 296 -35.89 -17.35 -31.07
N CYS H 297 -35.58 -18.10 -30.01
CA CYS H 297 -36.59 -18.38 -28.99
C CYS H 297 -36.96 -17.14 -28.20
N ILE H 298 -35.98 -16.38 -27.71
CA ILE H 298 -36.25 -15.31 -26.77
C ILE H 298 -36.07 -13.91 -27.38
N GLY H 299 -35.20 -13.75 -28.36
CA GLY H 299 -34.98 -12.45 -28.94
C GLY H 299 -34.03 -11.59 -28.12
N ILE H 300 -33.96 -10.31 -28.47
CA ILE H 300 -32.98 -9.40 -27.90
C ILE H 300 -33.63 -8.04 -27.68
N GLY H 301 -33.11 -7.31 -26.70
CA GLY H 301 -33.50 -5.93 -26.48
C GLY H 301 -34.39 -5.69 -25.28
N ALA H 302 -35.18 -4.63 -25.34
CA ALA H 302 -36.11 -4.26 -24.28
C ALA H 302 -37.55 -4.54 -24.71
N LYS H 303 -38.43 -4.65 -23.73
CA LYS H 303 -39.85 -4.97 -23.96
C LYS H 303 -40.00 -6.26 -24.76
N THR H 304 -39.15 -7.24 -24.45
CA THR H 304 -39.20 -8.50 -25.19
C THR H 304 -40.40 -9.34 -24.78
N ASN H 305 -40.86 -9.21 -23.54
CA ASN H 305 -42.13 -9.83 -23.16
C ASN H 305 -43.28 -9.27 -23.98
N ILE H 306 -43.22 -7.99 -24.33
CA ILE H 306 -44.17 -7.41 -25.27
C ILE H 306 -43.87 -7.82 -26.70
N GLY H 307 -42.68 -8.35 -26.95
CA GLY H 307 -42.34 -8.91 -28.25
C GLY H 307 -41.22 -8.21 -28.98
N TYR H 308 -40.77 -7.06 -28.49
CA TYR H 308 -39.79 -6.27 -29.22
C TYR H 308 -38.46 -7.01 -29.35
N GLY H 309 -37.91 -7.00 -30.56
CA GLY H 309 -36.61 -7.60 -30.81
C GLY H 309 -36.61 -9.09 -30.99
N GLN H 310 -37.53 -9.61 -31.81
CA GLN H 310 -37.58 -11.02 -32.15
C GLN H 310 -37.15 -11.21 -33.59
N LEU H 311 -36.56 -12.37 -33.88
CA LEU H 311 -35.84 -12.57 -35.13
C LEU H 311 -36.30 -13.83 -35.85
N LYS H 312 -36.08 -13.83 -37.18
CA LYS H 312 -36.10 -15.07 -37.96
C LYS H 312 -34.79 -15.18 -38.73
N LYS H 313 -34.64 -16.32 -39.40
CA LYS H 313 -33.45 -16.57 -40.20
C LYS H 313 -33.49 -15.76 -41.49
N LEU H 314 -32.33 -15.32 -41.94
CA LEU H 314 -32.22 -14.58 -43.20
C LEU H 314 -31.68 -15.49 -44.30
N MET K 1 40.88 -41.18 60.43
CA MET K 1 41.64 -41.03 59.20
C MET K 1 41.47 -39.65 58.56
N LYS K 2 42.35 -39.34 57.61
CA LYS K 2 42.32 -38.06 56.90
C LYS K 2 42.41 -38.28 55.40
N TYR K 3 42.20 -37.20 54.66
CA TYR K 3 42.10 -37.24 53.21
C TYR K 3 43.05 -36.19 52.62
N ILE K 4 43.45 -36.40 51.36
CA ILE K 4 44.33 -35.48 50.66
C ILE K 4 43.60 -34.99 49.41
N ALA K 5 43.48 -33.67 49.26
CA ALA K 5 42.77 -33.04 48.17
C ALA K 5 43.74 -32.28 47.26
N ILE K 6 43.43 -32.25 45.97
CA ILE K 6 44.32 -31.69 44.95
C ILE K 6 43.58 -30.69 44.08
N THR K 7 44.21 -29.54 43.83
CA THR K 7 43.79 -28.57 42.82
C THR K 7 45.00 -28.25 41.94
N LEU K 8 44.78 -28.11 40.64
CA LEU K 8 45.88 -28.05 39.67
C LEU K 8 45.72 -26.87 38.72
N GLY K 9 46.67 -25.94 38.79
CA GLY K 9 46.92 -25.00 37.72
C GLY K 9 45.95 -23.83 37.61
N PRO K 10 46.49 -22.65 37.26
CA PRO K 10 45.67 -21.47 36.91
C PRO K 10 45.20 -21.55 35.46
N ILE K 11 44.13 -22.31 35.25
CA ILE K 11 43.78 -22.75 33.90
C ILE K 11 43.31 -21.57 33.05
N THR K 12 42.46 -20.70 33.61
CA THR K 12 41.92 -19.60 32.83
C THR K 12 43.00 -18.63 32.40
N ARG K 13 43.95 -18.35 33.28
CA ARG K 13 45.05 -17.44 32.94
C ARG K 13 45.94 -18.03 31.85
N THR K 14 46.23 -19.33 31.94
CA THR K 14 47.01 -19.99 30.91
C THR K 14 46.28 -19.99 29.57
N ILE K 15 44.97 -20.19 29.59
CA ILE K 15 44.18 -20.12 28.36
C ILE K 15 44.25 -18.72 27.77
N GLU K 16 44.12 -17.70 28.62
CA GLU K 16 44.13 -16.32 28.13
C GLU K 16 45.49 -15.96 27.55
N MET K 17 46.57 -16.50 28.12
CA MET K 17 47.91 -16.24 27.59
C MET K 17 48.19 -17.15 26.39
N ALA K 18 47.24 -17.21 25.46
CA ALA K 18 47.31 -18.14 24.35
C ALA K 18 46.23 -17.76 23.33
N GLU K 19 46.60 -17.79 22.04
CA GLU K 19 45.63 -17.51 20.97
C GLU K 19 45.99 -18.36 19.75
N SER K 20 45.35 -19.52 19.65
CA SER K 20 45.39 -20.44 18.52
C SER K 20 44.51 -21.63 18.85
N THR K 21 44.11 -22.38 17.82
CA THR K 21 43.51 -23.68 18.07
C THR K 21 44.51 -24.61 18.73
N LYS K 22 45.74 -24.62 18.24
CA LYS K 22 46.82 -25.30 18.93
C LYS K 22 46.92 -24.82 20.36
N GLU K 23 46.69 -23.52 20.57
CA GLU K 23 46.82 -22.93 21.89
C GLU K 23 45.77 -23.47 22.85
N LEU K 24 44.50 -23.45 22.42
CA LEU K 24 43.41 -23.91 23.25
C LEU K 24 43.55 -25.40 23.55
N TRP K 25 43.93 -26.20 22.55
CA TRP K 25 44.17 -27.61 22.81
C TRP K 25 45.33 -27.81 23.77
N ALA K 26 46.42 -27.06 23.57
CA ALA K 26 47.66 -27.31 24.29
C ALA K 26 47.54 -26.95 25.76
N ALA K 27 46.90 -25.83 26.09
CA ALA K 27 46.76 -25.45 27.50
C ALA K 27 45.96 -26.51 28.26
N SER K 28 44.80 -26.88 27.73
CA SER K 28 43.95 -27.85 28.40
C SER K 28 44.64 -29.20 28.52
N TYR K 29 45.30 -29.66 27.46
CA TYR K 29 45.95 -30.96 27.55
C TYR K 29 47.24 -30.90 28.37
N PHE K 30 47.88 -29.74 28.50
CA PHE K 30 48.98 -29.60 29.43
C PHE K 30 48.50 -29.77 30.87
N PHE K 31 47.36 -29.16 31.20
CA PHE K 31 46.83 -29.34 32.55
C PHE K 31 46.39 -30.78 32.77
N SER K 32 45.79 -31.41 31.76
CA SER K 32 45.43 -32.82 31.88
C SER K 32 46.66 -33.70 32.03
N TYR K 33 47.73 -33.38 31.31
CA TYR K 33 49.00 -34.10 31.43
C TYR K 33 49.56 -33.99 32.84
N LEU K 34 49.52 -32.77 33.39
CA LEU K 34 49.97 -32.56 34.76
C LEU K 34 49.16 -33.41 35.73
N ALA K 35 47.83 -33.43 35.54
CA ALA K 35 46.98 -34.26 36.39
C ALA K 35 47.36 -35.74 36.26
N LYS K 36 47.56 -36.21 35.03
CA LYS K 36 47.90 -37.61 34.81
C LYS K 36 49.17 -37.99 35.55
N LYS K 37 50.25 -37.23 35.36
CA LYS K 37 51.51 -37.62 35.98
C LYS K 37 51.63 -37.17 37.42
N ILE K 38 50.66 -36.44 37.96
CA ILE K 38 50.71 -36.22 39.41
C ILE K 38 49.91 -37.30 40.13
N VAL K 39 48.89 -37.86 39.49
CA VAL K 39 48.10 -38.92 40.15
C VAL K 39 48.47 -40.31 39.66
N GLU K 40 49.44 -40.43 38.77
CA GLU K 40 49.99 -41.75 38.44
C GLU K 40 50.50 -42.51 39.65
N PRO K 41 51.23 -41.91 40.60
CA PRO K 41 51.69 -42.71 41.77
C PRO K 41 50.56 -43.21 42.65
N PHE K 42 49.60 -42.35 42.98
CA PHE K 42 48.54 -42.72 43.91
C PHE K 42 47.52 -43.67 43.30
N VAL K 43 47.58 -43.90 41.99
CA VAL K 43 46.67 -44.83 41.34
C VAL K 43 47.38 -46.10 40.91
N LYS K 44 48.64 -46.00 40.47
CA LYS K 44 49.42 -47.19 40.16
C LYS K 44 49.54 -48.07 41.38
N LYS K 45 49.88 -47.48 42.52
CA LYS K 45 49.68 -48.14 43.81
C LYS K 45 48.23 -47.91 44.21
N ASN K 46 47.51 -48.99 44.48
CA ASN K 46 46.07 -48.93 44.60
C ASN K 46 45.63 -48.11 45.80
N ARG K 47 44.83 -47.07 45.54
CA ARG K 47 44.19 -46.27 46.57
C ARG K 47 42.73 -46.06 46.19
N THR K 48 41.83 -46.37 47.13
CA THR K 48 40.41 -46.22 46.88
C THR K 48 40.08 -44.76 46.62
N PHE K 49 39.77 -44.45 45.37
CA PHE K 49 39.51 -43.10 44.90
C PHE K 49 38.01 -42.93 44.75
N GLN K 50 37.52 -41.71 44.95
CA GLN K 50 36.09 -41.46 44.96
C GLN K 50 35.71 -40.20 44.19
N LEU K 51 36.69 -39.39 43.81
CA LEU K 51 36.31 -38.19 43.05
C LEU K 51 36.15 -38.47 41.55
N PRO K 52 37.19 -38.93 40.84
CA PRO K 52 36.94 -39.46 39.49
C PRO K 52 36.84 -40.96 39.53
N LEU K 53 36.21 -41.56 38.54
CA LEU K 53 36.42 -42.99 38.31
C LEU K 53 37.68 -43.13 37.49
N ILE K 54 38.84 -42.94 38.13
CA ILE K 54 40.09 -42.93 37.39
C ILE K 54 40.52 -44.38 37.22
N ASN K 55 39.95 -45.02 36.21
CA ASN K 55 40.21 -46.39 35.80
C ASN K 55 39.55 -46.56 34.44
N GLU K 56 39.83 -47.69 33.80
CA GLU K 56 39.36 -48.07 32.47
C GLU K 56 40.38 -47.60 31.44
N GLU K 57 39.99 -46.61 30.64
CA GLU K 57 40.84 -46.12 29.55
C GLU K 57 41.12 -44.63 29.63
N MET K 58 40.96 -44.00 30.80
CA MET K 58 41.28 -42.58 30.88
C MET K 58 42.74 -42.32 30.60
N GLN K 59 43.63 -43.15 31.17
CA GLN K 59 45.05 -43.04 30.86
C GLN K 59 45.32 -43.34 29.40
N LYS K 60 44.48 -44.16 28.77
CA LYS K 60 44.61 -44.46 27.36
C LYS K 60 44.15 -43.27 26.52
N PRO K 61 44.95 -42.84 25.55
CA PRO K 61 44.52 -41.76 24.65
C PRO K 61 43.42 -42.25 23.72
N HIS K 62 42.30 -41.52 23.71
CA HIS K 62 41.17 -41.88 22.84
C HIS K 62 41.27 -41.10 21.52
N CYS K 63 41.20 -39.77 21.61
CA CYS K 63 41.51 -38.89 20.49
C CYS K 63 42.31 -37.67 20.92
N GLY K 64 42.37 -37.38 22.21
CA GLY K 64 43.09 -36.27 22.80
C GLY K 64 42.14 -35.14 23.14
N ALA K 65 41.66 -35.15 24.37
CA ALA K 65 40.90 -34.04 24.92
C ALA K 65 41.40 -33.73 26.32
N GLY K 66 41.78 -34.79 27.05
CA GLY K 66 42.07 -34.68 28.47
C GLY K 66 40.84 -35.02 29.28
N LEU K 67 40.87 -36.15 29.98
CA LEU K 67 39.73 -36.62 30.75
C LEU K 67 39.91 -36.39 32.24
N PHE K 68 40.88 -35.57 32.64
CA PHE K 68 41.28 -35.45 34.04
C PHE K 68 40.94 -34.07 34.58
N PRO K 69 39.87 -33.92 35.35
CA PRO K 69 39.61 -32.64 36.03
C PRO K 69 40.58 -32.44 37.18
N ASP K 70 40.70 -31.18 37.60
CA ASP K 70 41.61 -30.84 38.70
C ASP K 70 40.90 -30.85 40.05
N ARG K 71 40.21 -31.95 40.36
CA ARG K 71 39.51 -32.09 41.62
C ARG K 71 39.73 -33.52 42.12
N TYR K 72 40.73 -33.70 42.98
CA TYR K 72 41.18 -35.01 43.41
C TYR K 72 41.27 -35.07 44.92
N ILE K 73 40.48 -35.95 45.53
CA ILE K 73 40.66 -36.33 46.93
C ILE K 73 40.68 -37.84 47.09
N PHE K 74 41.86 -38.39 47.40
CA PHE K 74 42.07 -39.81 47.59
C PHE K 74 41.63 -40.24 48.99
N LYS K 75 41.88 -41.51 49.28
CA LYS K 75 42.09 -41.96 50.65
C LYS K 75 43.56 -41.78 51.01
N SER K 76 43.86 -41.93 52.29
CA SER K 76 45.20 -41.64 52.79
C SER K 76 45.77 -42.82 53.55
N GLU K 77 47.09 -42.97 53.50
CA GLU K 77 47.94 -43.88 54.23
C GLU K 77 48.96 -43.10 55.07
N PRO K 78 49.51 -43.68 56.13
CA PRO K 78 50.47 -42.93 56.95
C PRO K 78 51.77 -42.65 56.21
N GLY K 79 51.94 -41.41 55.75
CA GLY K 79 53.16 -41.02 55.08
C GLY K 79 53.05 -40.91 53.57
N ASP K 80 51.96 -40.31 53.09
CA ASP K 80 51.78 -40.05 51.66
C ASP K 80 51.95 -38.60 51.29
N LEU K 81 51.99 -37.69 52.26
CA LEU K 81 52.14 -36.27 51.94
C LEU K 81 53.55 -35.97 51.46
N GLU K 82 54.56 -36.53 52.13
CA GLU K 82 55.93 -36.39 51.65
C GLU K 82 56.09 -37.06 50.29
N LEU K 83 55.47 -38.22 50.11
CA LEU K 83 55.42 -38.85 48.80
C LEU K 83 54.90 -37.88 47.76
N LEU K 84 53.77 -37.25 48.06
CA LEU K 84 53.15 -36.32 47.13
C LEU K 84 54.07 -35.15 46.82
N LYS K 85 54.73 -34.58 47.83
CA LYS K 85 55.53 -33.39 47.60
C LYS K 85 56.76 -33.71 46.75
N GLN K 86 57.45 -34.82 47.05
CA GLN K 86 58.68 -35.06 46.31
C GLN K 86 58.36 -35.48 44.89
N HIS K 87 57.26 -36.22 44.70
CA HIS K 87 56.89 -36.52 43.32
C HIS K 87 56.30 -35.31 42.61
N SER K 88 55.81 -34.30 43.35
CA SER K 88 55.34 -33.09 42.72
C SER K 88 56.50 -32.29 42.11
N ASP K 89 57.54 -32.02 42.91
CA ASP K 89 58.65 -31.32 42.27
C ASP K 89 59.39 -32.23 41.30
N GLN K 90 59.28 -33.56 41.47
CA GLN K 90 59.89 -34.47 40.50
C GLN K 90 59.18 -34.41 39.15
N VAL K 91 57.84 -34.38 39.15
CA VAL K 91 57.12 -34.28 37.89
C VAL K 91 57.33 -32.90 37.28
N LEU K 92 57.46 -31.87 38.10
CA LEU K 92 57.83 -30.56 37.57
C LEU K 92 59.21 -30.63 36.91
N ILE K 93 60.14 -31.38 37.52
CA ILE K 93 61.48 -31.53 36.96
C ILE K 93 61.44 -32.29 35.63
N GLU K 94 60.63 -33.36 35.56
CA GLU K 94 60.52 -34.07 34.30
C GLU K 94 59.86 -33.21 33.23
N ILE K 95 58.94 -32.33 33.61
CA ILE K 95 58.39 -31.40 32.63
C ILE K 95 59.46 -30.43 32.15
N ALA K 96 60.29 -29.94 33.07
CA ALA K 96 61.38 -29.05 32.69
C ALA K 96 62.36 -29.75 31.76
N GLY K 97 62.60 -31.04 31.99
CA GLY K 97 63.41 -31.80 31.06
C GLY K 97 62.73 -32.01 29.73
N HIS K 98 61.41 -32.22 29.75
CA HIS K 98 60.66 -32.48 28.52
C HIS K 98 60.69 -31.27 27.60
N ILE K 99 60.50 -30.07 28.16
CA ILE K 99 60.64 -28.87 27.34
C ILE K 99 62.10 -28.72 26.90
N ALA K 100 63.03 -29.17 27.73
CA ALA K 100 64.46 -29.15 27.41
C ALA K 100 64.86 -30.23 26.42
N SER K 101 63.90 -30.89 25.77
CA SER K 101 64.21 -31.82 24.69
C SER K 101 64.21 -31.07 23.37
N PRO K 102 65.31 -31.06 22.62
CA PRO K 102 65.38 -30.21 21.42
C PRO K 102 64.55 -30.74 20.27
N SER K 103 63.28 -31.07 20.52
CA SER K 103 62.37 -31.52 19.48
C SER K 103 61.52 -30.39 18.90
N LEU K 104 61.61 -29.20 19.46
CA LEU K 104 60.86 -28.04 19.00
C LEU K 104 61.78 -27.06 18.30
N PRO K 105 61.23 -26.07 17.59
CA PRO K 105 62.08 -25.02 17.01
C PRO K 105 62.67 -24.08 18.05
N GLY K 106 63.34 -24.63 19.07
CA GLY K 106 63.96 -23.80 20.08
C GLY K 106 65.33 -23.29 19.64
N THR K 107 65.84 -22.33 20.41
CA THR K 107 67.16 -21.76 20.16
C THR K 107 68.13 -22.08 21.27
N ALA K 108 67.82 -21.71 22.50
CA ALA K 108 68.61 -22.09 23.66
C ALA K 108 67.67 -22.55 24.77
N LYS K 109 68.11 -23.53 25.54
CA LYS K 109 67.26 -24.20 26.52
C LYS K 109 67.98 -24.30 27.84
N ASP K 110 67.31 -23.86 28.91
CA ASP K 110 67.75 -24.08 30.28
C ASP K 110 66.85 -25.12 30.92
N VAL K 111 67.25 -25.58 32.11
CA VAL K 111 66.45 -26.56 32.83
C VAL K 111 66.03 -25.98 34.18
N SER K 112 67.01 -25.50 34.95
CA SER K 112 66.73 -25.01 36.29
C SER K 112 65.83 -23.78 36.31
N GLN K 113 66.09 -22.82 35.44
CA GLN K 113 65.31 -21.58 35.48
C GLN K 113 63.92 -21.80 34.87
N ILE K 114 63.83 -22.67 33.85
CA ILE K 114 62.52 -23.07 33.34
C ILE K 114 61.71 -23.75 34.44
N TYR K 115 62.35 -24.64 35.21
CA TYR K 115 61.70 -25.27 36.34
C TYR K 115 61.26 -24.25 37.38
N HIS K 116 62.10 -23.23 37.62
CA HIS K 116 61.72 -22.18 38.55
C HIS K 116 60.47 -21.45 38.09
N TYR K 117 60.41 -21.09 36.81
CA TYR K 117 59.22 -20.42 36.30
C TYR K 117 58.01 -21.33 36.46
N LEU K 118 58.15 -22.59 36.05
CA LEU K 118 57.02 -23.52 36.08
C LEU K 118 56.49 -23.70 37.49
N LYS K 119 57.39 -23.82 38.48
CA LYS K 119 56.97 -23.90 39.86
C LYS K 119 56.29 -22.62 40.31
N SER K 120 56.80 -21.46 39.89
CA SER K 120 56.23 -20.18 40.29
C SER K 120 54.93 -19.87 39.57
N TYR K 121 54.59 -20.61 38.53
CA TYR K 121 53.36 -20.39 37.77
C TYR K 121 52.32 -21.47 38.02
N ILE K 122 52.68 -22.74 37.82
CA ILE K 122 51.72 -23.83 37.97
C ILE K 122 51.36 -23.97 39.44
N LYS K 123 50.07 -23.90 39.73
CA LYS K 123 49.58 -23.92 41.10
C LYS K 123 49.09 -25.34 41.40
N ILE K 124 49.82 -26.04 42.26
CA ILE K 124 49.54 -27.43 42.60
C ILE K 124 49.36 -27.49 44.12
N TYR K 125 48.11 -27.50 44.56
CA TYR K 125 47.78 -27.33 45.97
C TYR K 125 47.22 -28.61 46.55
N PHE K 126 47.74 -29.01 47.71
CA PHE K 126 47.31 -30.21 48.40
C PHE K 126 46.59 -29.82 49.70
N ILE K 127 45.47 -30.49 49.96
CA ILE K 127 44.67 -30.25 51.15
C ILE K 127 44.65 -31.55 51.94
N GLU K 128 45.25 -31.54 53.12
CA GLU K 128 45.18 -32.67 54.04
C GLU K 128 44.22 -32.31 55.17
N ARG K 129 43.31 -33.23 55.48
CA ARG K 129 42.15 -32.86 56.29
C ARG K 129 41.64 -34.10 57.01
N THR K 130 41.59 -34.05 58.35
CA THR K 130 41.16 -35.17 59.17
C THR K 130 39.64 -35.19 59.26
N LEU K 131 39.02 -35.72 58.21
CA LEU K 131 37.57 -35.85 58.15
C LEU K 131 37.17 -37.10 58.92
N GLU K 132 36.75 -36.91 60.17
CA GLU K 132 36.45 -38.03 61.06
C GLU K 132 35.08 -38.63 60.74
N SER K 133 34.95 -39.27 59.57
CA SER K 133 33.71 -39.89 59.16
C SER K 133 33.97 -40.75 57.95
N ASP K 134 33.11 -41.75 57.75
CA ASP K 134 33.17 -42.63 56.60
C ASP K 134 31.91 -42.50 55.75
N ASP K 135 31.89 -41.48 54.90
CA ASP K 135 30.83 -41.31 53.93
C ASP K 135 31.27 -40.36 52.82
N PRO K 136 31.20 -40.79 51.56
CA PRO K 136 31.69 -39.90 50.48
C PRO K 136 30.85 -38.66 50.30
N HIS K 137 29.52 -38.78 50.35
CA HIS K 137 28.66 -37.63 50.08
C HIS K 137 28.82 -36.54 51.13
N VAL K 138 29.47 -36.85 52.25
CA VAL K 138 29.80 -35.82 53.23
C VAL K 138 31.27 -35.40 53.09
N VAL K 139 32.13 -36.33 52.66
CA VAL K 139 33.55 -36.03 52.54
C VAL K 139 33.80 -35.01 51.42
N ILE K 140 33.20 -35.23 50.25
CA ILE K 140 33.45 -34.33 49.12
C ILE K 140 33.07 -32.88 49.40
N PRO K 141 31.87 -32.56 49.89
CA PRO K 141 31.57 -31.15 50.17
C PRO K 141 32.52 -30.53 51.18
N ALA K 142 32.92 -31.28 52.21
CA ALA K 142 33.74 -30.72 53.27
C ALA K 142 35.15 -30.35 52.80
N CYS K 143 35.69 -31.09 51.83
CA CYS K 143 37.02 -30.80 51.30
C CYS K 143 36.99 -29.84 50.12
N GLU K 144 35.94 -29.91 49.29
CA GLU K 144 35.78 -28.89 48.25
C GLU K 144 35.57 -27.51 48.86
N LYS K 145 34.88 -27.46 49.99
CA LYS K 145 34.72 -26.21 50.74
C LYS K 145 36.07 -25.55 51.00
N TYR K 146 37.04 -26.34 51.44
CA TYR K 146 38.35 -25.78 51.76
C TYR K 146 39.19 -25.52 50.52
N LEU K 147 39.12 -26.39 49.52
CA LEU K 147 39.93 -26.16 48.32
C LEU K 147 39.46 -24.93 47.55
N ASN K 148 38.18 -24.61 47.60
CA ASN K 148 37.68 -23.41 46.93
C ASN K 148 38.32 -22.15 47.51
N ILE K 149 38.39 -22.05 48.84
CA ILE K 149 39.04 -20.89 49.46
C ILE K 149 40.55 -20.96 49.29
N ILE K 150 41.13 -22.16 49.27
CA ILE K 150 42.57 -22.30 49.06
C ILE K 150 42.98 -21.79 47.69
N GLU K 151 42.12 -21.96 46.68
CA GLU K 151 42.41 -21.48 45.34
C GLU K 151 42.59 -19.93 45.25
N ASN K 152 42.42 -19.15 46.31
CA ASN K 152 42.50 -17.70 46.25
C ASN K 152 43.91 -17.17 46.45
N GLN K 153 44.88 -18.04 46.71
CA GLN K 153 46.28 -17.64 46.74
C GLN K 153 46.77 -17.41 45.32
N GLU K 154 47.74 -16.52 45.17
CA GLU K 154 48.30 -16.19 43.86
C GLU K 154 49.78 -16.55 43.83
N THR K 155 50.19 -17.25 42.78
CA THR K 155 51.59 -17.59 42.56
C THR K 155 52.18 -16.59 41.57
N PHE K 156 53.24 -15.92 41.99
CA PHE K 156 53.82 -14.85 41.19
C PHE K 156 54.97 -15.37 40.35
N PRO K 157 54.91 -15.28 39.02
CA PRO K 157 56.14 -15.21 38.22
C PRO K 157 56.63 -13.77 38.22
N GLU K 158 57.72 -13.50 38.95
CA GLU K 158 58.05 -12.12 39.27
C GLU K 158 58.43 -11.32 38.02
N GLN K 159 59.33 -11.86 37.21
CA GLN K 159 59.99 -11.05 36.19
C GLN K 159 60.34 -11.90 34.98
N GLU K 160 59.92 -11.46 33.80
CA GLU K 160 60.23 -12.11 32.53
C GLU K 160 61.10 -11.20 31.68
N GLU K 161 61.87 -11.80 30.78
CA GLU K 161 62.79 -11.06 29.92
C GLU K 161 62.51 -11.27 28.44
N THR K 162 61.24 -11.17 28.05
CA THR K 162 60.79 -11.58 26.71
C THR K 162 60.90 -10.44 25.70
N MET K 163 62.10 -10.20 25.14
CA MET K 163 62.20 -9.36 23.94
C MET K 163 62.84 -10.07 22.76
N ILE K 164 64.10 -10.49 22.86
CA ILE K 164 64.89 -10.95 21.73
C ILE K 164 65.91 -11.94 22.26
N SER K 165 66.55 -12.60 21.30
CA SER K 165 67.65 -13.55 21.53
C SER K 165 67.19 -14.61 22.53
N HIS K 166 68.13 -15.28 23.18
CA HIS K 166 67.86 -16.42 24.06
C HIS K 166 67.96 -16.07 25.55
N GLN K 167 67.10 -15.19 26.11
CA GLN K 167 67.13 -15.00 27.55
C GLN K 167 65.75 -14.77 28.17
N LYS K 168 64.67 -15.02 27.45
CA LYS K 168 63.34 -14.79 28.00
C LYS K 168 63.06 -15.76 29.14
N SER K 169 62.33 -15.29 30.15
CA SER K 169 62.07 -16.05 31.37
C SER K 169 60.75 -16.79 31.36
N ASP K 170 59.96 -16.66 30.30
CA ASP K 170 58.75 -17.47 30.14
C ASP K 170 58.97 -18.58 29.14
N PHE K 171 58.39 -19.74 29.42
CA PHE K 171 58.67 -20.96 28.66
C PHE K 171 57.37 -21.72 28.40
N LEU K 172 56.34 -21.45 29.20
CA LEU K 172 55.01 -21.93 28.83
C LEU K 172 54.62 -21.44 27.45
N LYS K 173 55.13 -20.27 27.05
CA LYS K 173 54.85 -19.77 25.72
C LYS K 173 55.35 -20.71 24.64
N PHE K 174 56.56 -21.26 24.78
CA PHE K 174 56.99 -22.25 23.79
C PHE K 174 56.38 -23.62 24.02
N LEU K 175 56.13 -23.99 25.27
CA LEU K 175 55.45 -25.25 25.53
C LEU K 175 54.04 -25.25 24.98
N ILE K 176 53.51 -24.08 24.64
CA ILE K 176 52.11 -23.93 24.30
C ILE K 176 51.94 -23.43 22.86
N THR K 177 52.96 -22.77 22.32
CA THR K 177 52.89 -22.25 20.95
C THR K 177 53.31 -23.30 19.93
N ASN K 178 54.58 -23.71 19.99
CA ASN K 178 55.16 -24.60 18.97
C ASN K 178 54.99 -26.06 19.40
N VAL K 179 53.73 -26.42 19.62
CA VAL K 179 53.34 -27.82 19.66
C VAL K 179 53.35 -28.36 18.23
N ASN K 180 53.46 -29.68 18.09
CA ASN K 180 53.77 -30.34 16.81
C ASN K 180 55.15 -29.82 16.40
N GLY K 181 55.32 -29.30 15.19
CA GLY K 181 56.61 -28.75 14.82
C GLY K 181 56.88 -28.60 13.34
N LYS K 182 58.10 -28.98 12.93
CA LYS K 182 58.57 -28.75 11.58
C LYS K 182 57.84 -29.65 10.58
N ILE K 183 57.92 -29.27 9.31
CA ILE K 183 57.29 -30.00 8.22
C ILE K 183 58.28 -30.95 7.57
N ARG K 193 56.03 -33.57 6.39
CA ARG K 193 55.70 -34.44 7.52
C ARG K 193 55.85 -33.70 8.84
N PHE K 194 54.78 -33.71 9.64
CA PHE K 194 54.80 -33.00 10.91
C PHE K 194 55.69 -33.74 11.91
N THR K 195 56.24 -32.98 12.85
CA THR K 195 56.90 -33.54 14.02
C THR K 195 55.96 -33.43 15.21
N GLY K 196 56.40 -33.94 16.35
CA GLY K 196 55.56 -34.01 17.53
C GLY K 196 56.27 -33.49 18.75
N SER K 197 55.46 -33.08 19.72
CA SER K 197 55.93 -32.75 21.05
C SER K 197 55.34 -33.75 22.02
N PHE K 198 55.82 -33.72 23.27
CA PHE K 198 55.32 -34.66 24.27
C PHE K 198 53.81 -34.54 24.49
N LEU K 199 53.24 -33.35 24.24
CA LEU K 199 51.79 -33.24 24.13
C LEU K 199 51.25 -34.21 23.09
N THR K 200 51.84 -34.19 21.89
CA THR K 200 51.36 -35.03 20.80
C THR K 200 51.58 -36.51 21.09
N ARG K 201 52.70 -36.85 21.73
CA ARG K 201 52.92 -38.25 22.12
C ARG K 201 51.87 -38.71 23.12
N ASP K 202 51.53 -37.87 24.10
CA ASP K 202 50.49 -38.25 25.05
C ASP K 202 49.08 -38.11 24.46
N ALA K 203 48.95 -37.53 23.28
CA ALA K 203 47.65 -37.34 22.64
C ALA K 203 47.27 -38.46 21.68
N PHE K 204 48.15 -38.78 20.73
CA PHE K 204 47.80 -39.72 19.68
C PHE K 204 48.70 -40.95 19.72
N PHE K 213 44.79 -30.29 11.94
CA PHE K 213 43.77 -30.02 12.94
C PHE K 213 43.71 -28.53 13.27
N GLU K 214 44.27 -27.72 12.37
CA GLU K 214 44.70 -26.38 12.71
C GLU K 214 43.95 -25.38 11.83
N SER K 215 44.37 -24.12 11.88
CA SER K 215 43.68 -23.02 11.23
C SER K 215 42.24 -22.95 11.72
N ILE K 216 41.34 -22.43 10.89
CA ILE K 216 39.95 -22.26 11.30
C ILE K 216 39.00 -22.78 10.23
N LEU K 217 39.52 -22.97 9.01
CA LEU K 217 38.67 -23.27 7.87
C LEU K 217 38.58 -24.77 7.58
N GLU K 218 39.64 -25.55 7.87
CA GLU K 218 39.60 -26.96 7.51
C GLU K 218 38.47 -27.69 8.19
N ILE K 219 38.24 -27.46 9.48
CA ILE K 219 36.97 -27.89 10.06
C ILE K 219 35.95 -26.76 10.00
N SER K 220 35.55 -26.41 8.78
CA SER K 220 34.32 -25.68 8.51
C SER K 220 33.75 -26.23 7.22
N ALA K 221 34.60 -26.94 6.48
CA ALA K 221 34.29 -27.48 5.16
C ALA K 221 34.89 -28.87 5.03
N SER K 222 34.69 -29.70 6.05
CA SER K 222 35.22 -31.07 6.08
C SER K 222 34.27 -32.05 5.40
N GLU K 223 33.44 -31.54 4.47
CA GLU K 223 32.46 -32.35 3.78
C GLU K 223 32.84 -32.70 2.35
N LEU K 224 33.62 -31.86 1.67
CA LEU K 224 33.94 -32.09 0.27
C LEU K 224 34.86 -33.28 0.05
N ASN K 225 35.29 -33.97 1.12
CA ASN K 225 36.24 -35.08 1.04
C ASN K 225 37.55 -34.64 0.40
N ILE K 226 37.99 -33.44 0.74
CA ILE K 226 39.18 -32.82 0.17
C ILE K 226 40.18 -32.52 1.29
N ASN K 227 41.42 -32.95 1.07
CA ASN K 227 42.49 -32.91 2.08
C ASN K 227 43.33 -31.65 1.89
N ILE K 228 42.84 -30.54 2.47
CA ILE K 228 43.54 -29.27 2.31
C ILE K 228 44.89 -29.28 2.99
N GLN K 229 45.05 -30.07 4.06
CA GLN K 229 46.32 -30.12 4.75
C GLN K 229 47.44 -30.57 3.82
N GLN K 230 47.20 -31.61 3.01
CA GLN K 230 48.24 -32.12 2.12
C GLN K 230 48.65 -31.09 1.06
N LYS K 231 47.66 -30.53 0.36
CA LYS K 231 47.98 -29.56 -0.68
C LYS K 231 48.59 -28.30 -0.11
N ALA K 232 48.11 -27.86 1.06
CA ALA K 232 48.69 -26.68 1.71
C ALA K 232 50.14 -26.93 2.10
N LEU K 233 50.44 -28.13 2.61
CA LEU K 233 51.82 -28.47 2.94
C LEU K 233 52.69 -28.50 1.69
N GLU K 234 52.15 -29.04 0.60
CA GLU K 234 52.89 -29.05 -0.66
C GLU K 234 53.17 -27.64 -1.15
N VAL K 235 52.19 -26.74 -1.00
CA VAL K 235 52.37 -25.37 -1.45
C VAL K 235 53.40 -24.64 -0.58
N ILE K 236 53.28 -24.76 0.74
CA ILE K 236 54.18 -24.04 1.63
C ILE K 236 55.60 -24.60 1.54
N THR K 237 55.75 -25.90 1.33
CA THR K 237 57.07 -26.51 1.22
C THR K 237 57.69 -26.21 -0.14
N LYS K 246 55.50 -17.40 10.88
CA LYS K 246 56.38 -18.48 10.49
C LYS K 246 55.62 -19.56 9.70
N TYR K 247 54.71 -20.23 10.38
CA TYR K 247 53.97 -21.33 9.80
C TYR K 247 52.48 -21.04 9.70
N SER K 248 51.85 -20.64 10.81
CA SER K 248 50.39 -20.60 10.88
C SER K 248 49.80 -19.63 9.86
N ASP K 249 50.42 -18.45 9.70
CA ASP K 249 49.88 -17.46 8.78
C ASP K 249 49.93 -17.96 7.33
N GLN K 250 51.07 -18.52 6.92
CA GLN K 250 51.21 -18.96 5.54
C GLN K 250 50.26 -20.09 5.21
N ILE K 251 50.14 -21.09 6.09
CA ILE K 251 49.24 -22.20 5.83
C ILE K 251 47.79 -21.74 5.93
N TRP K 252 47.49 -20.77 6.79
CA TRP K 252 46.16 -20.18 6.83
C TRP K 252 45.80 -19.59 5.46
N ASP K 253 46.72 -18.79 4.90
CA ASP K 253 46.47 -18.21 3.59
C ASP K 253 46.35 -19.28 2.50
N ALA K 254 47.19 -20.32 2.58
CA ALA K 254 47.16 -21.39 1.59
C ALA K 254 45.83 -22.13 1.63
N GLU K 255 45.36 -22.47 2.83
CA GLU K 255 44.05 -23.11 2.95
C GLU K 255 42.96 -22.19 2.43
N GLU K 256 43.06 -20.89 2.75
CA GLU K 256 42.05 -19.94 2.31
C GLU K 256 41.95 -19.93 0.79
N ILE K 257 43.06 -19.77 0.08
CA ILE K 257 42.91 -19.65 -1.37
C ILE K 257 42.68 -21.01 -2.02
N ILE K 258 43.05 -22.12 -1.36
CA ILE K 258 42.74 -23.43 -1.93
C ILE K 258 41.23 -23.69 -1.90
N LEU K 259 40.58 -23.42 -0.77
CA LEU K 259 39.13 -23.53 -0.86
C LEU K 259 38.48 -22.30 -1.47
N ASN K 260 39.26 -21.28 -1.83
CA ASN K 260 38.74 -20.24 -2.70
C ASN K 260 38.59 -20.74 -4.14
N ASP K 261 39.62 -21.42 -4.67
CA ASP K 261 39.44 -21.98 -6.01
C ASP K 261 38.79 -23.36 -5.97
N ASN K 262 38.36 -23.82 -4.80
CA ASN K 262 37.38 -24.90 -4.68
C ASN K 262 35.95 -24.37 -4.77
N LYS K 263 35.76 -23.28 -5.49
CA LYS K 263 34.49 -22.56 -5.55
C LYS K 263 33.37 -23.41 -6.14
N ALA K 264 33.72 -24.52 -6.81
CA ALA K 264 32.72 -25.26 -7.57
C ALA K 264 31.58 -25.76 -6.69
N GLN K 265 31.90 -26.30 -5.52
CA GLN K 265 30.89 -26.89 -4.63
C GLN K 265 30.89 -26.24 -3.26
N LEU K 266 31.35 -24.99 -3.16
CA LEU K 266 31.50 -24.31 -1.88
C LEU K 266 30.24 -23.52 -1.58
N ARG K 267 29.50 -23.92 -0.56
CA ARG K 267 28.32 -23.25 -0.06
C ARG K 267 28.70 -22.24 1.01
N PRO K 268 27.84 -21.25 1.26
CA PRO K 268 28.17 -20.23 2.27
C PRO K 268 28.38 -20.78 3.67
N TYR K 269 27.83 -21.95 4.00
CA TYR K 269 28.06 -22.51 5.32
C TYR K 269 29.37 -23.28 5.41
N HIS K 270 30.11 -23.43 4.30
CA HIS K 270 31.42 -24.07 4.35
C HIS K 270 32.51 -23.13 4.84
N LYS K 271 32.22 -21.84 5.00
CA LYS K 271 33.19 -20.86 5.46
C LYS K 271 32.83 -20.30 6.83
N TYR K 272 31.91 -20.95 7.55
CA TYR K 272 31.47 -20.51 8.87
C TYR K 272 31.87 -21.55 9.90
N ILE K 273 32.34 -21.09 11.05
CA ILE K 273 32.87 -21.97 12.09
C ILE K 273 31.97 -21.90 13.30
N ALA K 274 31.63 -23.06 13.86
CA ALA K 274 30.77 -23.17 15.03
C ALA K 274 31.60 -23.61 16.23
N ILE K 275 31.53 -22.83 17.29
CA ILE K 275 32.21 -23.13 18.56
C ILE K 275 31.14 -23.53 19.55
N ILE K 276 31.28 -24.71 20.14
CA ILE K 276 30.29 -25.27 21.06
C ILE K 276 30.93 -25.37 22.43
N LYS K 277 30.28 -24.75 23.42
CA LYS K 277 30.74 -24.80 24.80
C LYS K 277 29.58 -25.23 25.69
N SER K 278 29.81 -26.23 26.53
CA SER K 278 28.76 -26.78 27.37
C SER K 278 29.32 -27.04 28.77
N ASP K 279 28.50 -26.85 29.78
CA ASP K 279 28.86 -27.15 31.16
C ASP K 279 27.69 -27.81 31.87
N GLY K 280 28.00 -28.64 32.85
CA GLY K 280 27.00 -29.33 33.64
C GLY K 280 26.26 -28.40 34.56
N ASP K 281 24.95 -28.57 34.64
CA ASP K 281 24.06 -27.68 35.38
C ASP K 281 23.82 -28.25 36.77
N SER K 282 24.13 -27.45 37.79
CA SER K 282 23.93 -27.79 39.20
C SER K 282 24.49 -29.17 39.54
N MET K 283 25.80 -29.36 39.37
CA MET K 283 26.39 -30.64 39.72
C MET K 283 26.48 -30.81 41.23
N GLY K 284 26.86 -29.75 41.95
CA GLY K 284 26.91 -29.83 43.40
C GLY K 284 25.55 -30.02 44.03
N GLU K 285 24.54 -29.36 43.47
CA GLU K 285 23.16 -29.57 43.91
C GLU K 285 22.70 -31.00 43.68
N THR K 286 23.04 -31.59 42.54
CA THR K 286 22.73 -32.99 42.30
C THR K 286 23.46 -33.89 43.30
N ILE K 287 24.71 -33.58 43.63
CA ILE K 287 25.45 -34.37 44.62
C ILE K 287 24.74 -34.30 45.97
N LYS K 288 24.33 -33.10 46.38
CA LYS K 288 23.63 -32.95 47.65
C LYS K 288 22.29 -33.68 47.65
N SER K 289 21.59 -33.68 46.51
CA SER K 289 20.33 -34.42 46.43
C SER K 289 20.54 -35.93 46.50
N MET K 290 21.62 -36.43 45.88
CA MET K 290 21.93 -37.86 45.99
C MET K 290 22.35 -38.23 47.40
N GLY K 291 23.00 -37.30 48.12
CA GLY K 291 23.38 -37.59 49.49
C GLY K 291 22.20 -37.87 50.39
N ALA K 292 21.07 -37.21 50.12
CA ALA K 292 19.86 -37.45 50.90
C ALA K 292 19.34 -38.87 50.71
N TYR K 293 19.46 -39.40 49.49
CA TYR K 293 18.91 -40.70 49.14
C TYR K 293 19.94 -41.82 49.24
N ASN K 294 21.07 -41.58 49.91
CA ASN K 294 22.13 -42.57 50.11
C ASN K 294 22.57 -43.19 48.77
N ILE K 295 23.11 -42.33 47.92
CA ILE K 295 23.54 -42.73 46.58
C ILE K 295 25.00 -42.34 46.39
N PRO K 296 25.87 -43.28 46.04
CA PRO K 296 27.30 -42.96 45.92
C PRO K 296 27.60 -42.02 44.76
N ILE K 297 28.65 -41.23 44.93
CA ILE K 297 29.10 -40.32 43.88
C ILE K 297 29.84 -41.07 42.76
N THR K 298 30.24 -42.31 43.02
CA THR K 298 30.88 -43.12 41.98
C THR K 298 29.98 -43.27 40.76
N GLN K 299 28.66 -43.31 40.97
CA GLN K 299 27.74 -43.40 39.85
C GLN K 299 27.80 -42.14 39.00
N LEU K 300 27.89 -40.98 39.65
CA LEU K 300 28.04 -39.73 38.91
C LEU K 300 29.35 -39.70 38.14
N SER K 301 30.43 -40.18 38.75
CA SER K 301 31.70 -40.27 38.03
C SER K 301 31.58 -41.19 36.82
N LYS K 302 30.92 -42.34 36.99
CA LYS K 302 30.68 -43.25 35.89
C LYS K 302 29.95 -42.56 34.75
N ALA K 303 28.85 -41.88 35.08
CA ALA K 303 28.05 -41.23 34.05
C ALA K 303 28.83 -40.15 33.33
N LEU K 304 29.58 -39.34 34.08
CA LEU K 304 30.34 -38.26 33.45
C LEU K 304 31.42 -38.82 32.53
N LEU K 305 32.12 -39.87 32.96
CA LEU K 305 33.19 -40.40 32.12
C LEU K 305 32.63 -41.06 30.86
N SER K 306 31.54 -41.82 31.01
CA SER K 306 30.93 -42.43 29.83
C SER K 306 30.42 -41.37 28.86
N PHE K 307 29.80 -40.31 29.40
CA PHE K 307 29.35 -39.20 28.55
C PHE K 307 30.50 -38.56 27.83
N ASN K 308 31.64 -38.36 28.51
CA ASN K 308 32.77 -37.71 27.87
C ASN K 308 33.34 -38.56 26.75
N ILE K 309 33.47 -39.87 26.98
CA ILE K 309 33.97 -40.76 25.94
C ILE K 309 33.04 -40.75 24.73
N GLU K 310 31.74 -40.88 24.98
CA GLU K 310 30.77 -40.88 23.89
C GLU K 310 30.75 -39.52 23.18
N SER K 311 30.97 -38.44 23.92
CA SER K 311 31.01 -37.11 23.32
C SER K 311 32.17 -36.99 22.36
N ILE K 312 33.36 -37.45 22.76
CA ILE K 312 34.50 -37.42 21.85
C ILE K 312 34.21 -38.26 20.62
N ASN K 313 33.68 -39.46 20.82
CA ASN K 313 33.39 -40.35 19.70
C ASN K 313 32.44 -39.72 18.70
N GLU K 314 31.31 -39.21 19.18
CA GLU K 314 30.32 -38.66 18.26
C GLU K 314 30.70 -37.30 17.71
N ILE K 315 31.56 -36.54 18.40
CA ILE K 315 32.03 -35.27 17.86
C ILE K 315 32.97 -35.52 16.70
N VAL K 316 33.90 -36.48 16.84
CA VAL K 316 34.74 -36.78 15.69
C VAL K 316 33.93 -37.47 14.60
N ALA K 317 32.88 -38.20 14.98
CA ALA K 317 32.01 -38.83 13.98
C ALA K 317 31.26 -37.79 13.16
N TYR K 318 30.78 -36.73 13.81
CA TYR K 318 30.01 -35.71 13.09
C TYR K 318 30.88 -34.98 12.05
N GLY K 319 32.11 -34.65 12.41
CA GLY K 319 33.00 -33.97 11.49
C GLY K 319 33.67 -32.76 12.11
N GLY K 320 33.46 -32.56 13.41
CA GLY K 320 34.05 -31.43 14.11
C GLY K 320 35.38 -31.78 14.75
N LYS K 321 35.72 -31.07 15.83
CA LYS K 321 36.96 -31.31 16.54
C LYS K 321 36.77 -31.11 18.03
N PRO K 322 37.11 -32.10 18.85
CA PRO K 322 37.12 -31.88 20.31
C PRO K 322 38.44 -31.27 20.74
N ILE K 323 38.38 -30.27 21.63
CA ILE K 323 39.53 -29.46 21.97
C ILE K 323 39.85 -29.55 23.46
N PHE K 324 38.85 -29.37 24.33
CA PHE K 324 39.09 -28.85 25.66
C PHE K 324 39.30 -29.96 26.67
N ILE K 325 38.31 -30.82 26.92
CA ILE K 325 38.31 -31.62 28.13
C ILE K 325 37.34 -32.78 28.00
N GLY K 326 37.57 -33.79 28.83
CA GLY K 326 36.57 -34.78 29.18
C GLY K 326 36.10 -34.69 30.61
N GLY K 327 35.90 -33.48 31.15
CA GLY K 327 35.31 -33.32 32.47
C GLY K 327 33.82 -33.09 32.35
N ASP K 328 33.31 -32.05 33.00
CA ASP K 328 31.93 -31.63 32.78
C ASP K 328 31.82 -30.43 31.83
N ASP K 329 32.90 -30.06 31.14
CA ASP K 329 32.85 -29.07 30.09
C ASP K 329 33.12 -29.73 28.75
N LEU K 330 32.95 -28.94 27.68
CA LEU K 330 33.21 -29.39 26.32
C LEU K 330 33.33 -28.17 25.42
N LEU K 331 34.51 -27.97 24.84
CA LEU K 331 34.69 -26.95 23.80
C LEU K 331 35.02 -27.66 22.51
N CYS K 332 34.12 -27.56 21.53
CA CYS K 332 34.26 -28.24 20.26
C CYS K 332 34.27 -27.23 19.13
N PHE K 333 35.06 -27.54 18.10
CA PHE K 333 35.16 -26.70 16.91
C PHE K 333 34.56 -27.50 15.75
N ALA K 334 33.33 -27.16 15.37
CA ALA K 334 32.61 -27.99 14.42
C ALA K 334 32.17 -27.17 13.22
N PRO K 335 32.13 -27.79 12.04
CA PRO K 335 31.53 -27.12 10.88
C PRO K 335 30.02 -27.03 11.04
N VAL K 336 29.43 -26.06 10.34
CA VAL K 336 28.01 -25.80 10.49
C VAL K 336 27.19 -26.96 9.98
N CYS K 337 27.62 -27.59 8.88
CA CYS K 337 26.86 -28.70 8.29
C CYS K 337 27.81 -29.63 7.56
N CYS K 338 27.86 -30.89 7.97
CA CYS K 338 28.62 -31.93 7.28
C CYS K 338 27.74 -33.14 7.09
N ASN K 339 27.71 -33.65 5.85
CA ASN K 339 26.93 -34.84 5.49
C ASN K 339 25.45 -34.65 5.84
N GLY K 340 24.96 -33.43 5.67
CA GLY K 340 23.58 -33.13 5.99
C GLY K 340 23.27 -33.14 7.47
N ASN K 341 24.27 -32.98 8.32
CA ASN K 341 24.10 -32.95 9.76
C ASN K 341 24.44 -31.57 10.29
N ASN K 342 23.54 -30.98 11.06
CA ASN K 342 23.74 -29.64 11.58
C ASN K 342 24.69 -29.64 12.77
N VAL K 343 25.09 -28.44 13.16
CA VAL K 343 25.67 -28.25 14.49
C VAL K 343 24.58 -28.44 15.54
N PHE K 344 23.34 -28.09 15.21
CA PHE K 344 22.23 -28.32 16.13
C PHE K 344 21.95 -29.82 16.28
N ASN K 345 22.12 -30.59 15.20
CA ASN K 345 22.06 -32.04 15.33
C ASN K 345 23.15 -32.55 16.26
N LEU K 346 24.35 -31.98 16.17
CA LEU K 346 25.42 -32.36 17.07
C LEU K 346 25.07 -32.03 18.52
N VAL K 347 24.46 -30.87 18.75
CA VAL K 347 24.07 -30.48 20.10
C VAL K 347 22.99 -31.41 20.63
N GLU K 348 22.02 -31.76 19.79
CA GLU K 348 20.97 -32.69 20.19
C GLU K 348 21.54 -34.06 20.53
N LYS K 349 22.49 -34.54 19.72
CA LYS K 349 23.10 -35.84 20.02
C LYS K 349 23.93 -35.78 21.31
N LEU K 350 24.61 -34.65 21.56
CA LEU K 350 25.34 -34.50 22.80
C LEU K 350 24.40 -34.51 24.00
N SER K 351 23.29 -33.78 23.91
CA SER K 351 22.32 -33.77 25.01
C SER K 351 21.73 -35.15 25.23
N THR K 352 21.40 -35.86 24.14
CA THR K 352 20.86 -37.21 24.27
C THR K 352 21.88 -38.16 24.88
N CYS K 353 23.16 -38.02 24.50
CA CYS K 353 24.20 -38.86 25.09
C CYS K 353 24.36 -38.59 26.58
N PHE K 354 24.36 -37.32 26.98
CA PHE K 354 24.47 -37.00 28.40
C PHE K 354 23.28 -37.55 29.18
N ASP K 355 22.07 -37.37 28.65
CA ASP K 355 20.88 -37.89 29.31
C ASP K 355 20.92 -39.41 29.40
N GLN K 356 21.37 -40.07 28.32
CA GLN K 356 21.47 -41.52 28.32
C GLN K 356 22.45 -42.01 29.38
N CYS K 357 23.61 -41.37 29.48
CA CYS K 357 24.59 -41.78 30.49
C CYS K 357 24.05 -41.54 31.91
N ILE K 358 23.42 -40.39 32.12
CA ILE K 358 22.84 -40.08 33.43
C ILE K 358 21.81 -41.14 33.80
N ASN K 359 20.90 -41.45 32.88
CA ASN K 359 19.85 -42.44 33.18
C ASN K 359 20.44 -43.82 33.38
N GLN K 360 21.41 -44.21 32.55
CA GLN K 360 21.97 -45.55 32.62
C GLN K 360 22.71 -45.78 33.93
N HIS K 361 23.50 -44.81 34.37
CA HIS K 361 24.29 -45.03 35.57
C HIS K 361 23.59 -44.55 36.84
N LEU K 362 22.88 -43.43 36.78
CA LEU K 362 22.16 -42.91 37.94
C LEU K 362 20.72 -43.39 37.95
N GLN K 363 20.47 -44.59 37.43
CA GLN K 363 19.12 -45.13 37.37
C GLN K 363 18.46 -45.14 38.74
N GLN K 364 19.21 -45.51 39.78
CA GLN K 364 18.68 -45.50 41.14
C GLN K 364 18.22 -44.10 41.50
N TYR K 365 19.09 -43.11 41.33
CA TYR K 365 18.73 -41.72 41.58
C TYR K 365 17.59 -41.28 40.67
N ILE K 366 17.53 -41.82 39.45
CA ILE K 366 16.51 -41.41 38.51
C ILE K 366 15.13 -41.84 38.99
N ASN K 367 14.97 -43.11 39.38
CA ASN K 367 13.64 -43.56 39.76
C ASN K 367 13.36 -43.28 41.23
N ALA K 368 14.35 -42.79 41.99
CA ALA K 368 14.11 -42.38 43.36
C ALA K 368 13.80 -40.89 43.51
N CYS K 369 14.36 -40.04 42.66
CA CYS K 369 14.19 -38.59 42.79
C CYS K 369 13.80 -38.05 41.41
N SER K 370 12.49 -38.05 41.15
CA SER K 370 11.89 -37.67 39.89
C SER K 370 10.42 -38.08 39.92
N GLU K 371 10.10 -39.03 40.82
CA GLU K 371 8.72 -39.44 41.00
C GLU K 371 7.90 -38.31 41.62
N ALA K 372 8.26 -37.90 42.84
CA ALA K 372 7.56 -36.79 43.47
C ALA K 372 7.76 -35.51 42.67
N GLN K 373 9.00 -34.98 42.67
CA GLN K 373 9.43 -33.95 41.75
C GLN K 373 10.91 -33.64 41.94
N ARG K 374 11.64 -33.45 40.83
CA ARG K 374 12.96 -32.84 40.83
C ARG K 374 13.44 -32.67 39.38
N PRO K 375 14.20 -31.62 39.08
CA PRO K 375 14.89 -31.58 37.79
C PRO K 375 16.17 -32.41 37.82
N LEU K 376 16.34 -33.22 36.78
CA LEU K 376 17.51 -34.07 36.67
C LEU K 376 18.70 -33.27 36.15
N PRO K 377 19.92 -33.71 36.46
CA PRO K 377 21.10 -32.99 35.96
C PRO K 377 21.11 -32.94 34.44
N SER K 378 21.54 -31.79 33.90
CA SER K 378 21.55 -31.57 32.47
C SER K 378 22.74 -30.66 32.15
N LEU K 379 22.89 -30.35 30.87
CA LEU K 379 23.99 -29.52 30.40
C LEU K 379 23.45 -28.36 29.57
N SER K 380 23.93 -27.17 29.88
CA SER K 380 23.61 -25.98 29.09
C SER K 380 24.62 -25.83 27.96
N PHE K 381 24.17 -25.29 26.85
CA PHE K 381 24.95 -25.25 25.62
C PHE K 381 25.14 -23.83 25.14
N GLY K 382 26.35 -23.54 24.63
CA GLY K 382 26.66 -22.26 24.04
C GLY K 382 27.30 -22.44 22.67
N ILE K 383 26.68 -21.88 21.63
CA ILE K 383 27.12 -22.07 20.25
C ILE K 383 27.36 -20.69 19.64
N SER K 384 28.49 -20.54 18.97
CA SER K 384 28.80 -19.31 18.25
C SER K 384 29.18 -19.66 16.82
N ILE K 385 28.46 -19.07 15.86
CA ILE K 385 28.75 -19.27 14.45
C ILE K 385 29.19 -17.94 13.86
N THR K 386 30.44 -17.90 13.39
CA THR K 386 31.04 -16.70 12.81
C THR K 386 31.78 -17.10 11.54
N TYR K 387 32.25 -16.08 10.82
CA TYR K 387 33.00 -16.29 9.61
C TYR K 387 34.30 -17.04 9.98
N HIS K 388 34.99 -17.62 8.98
CA HIS K 388 36.27 -18.20 9.34
C HIS K 388 37.26 -17.11 9.75
N LYS K 389 37.16 -15.94 9.14
CA LYS K 389 37.87 -14.76 9.61
C LYS K 389 37.09 -14.21 10.80
N TYR K 390 37.36 -12.97 11.23
CA TYR K 390 36.82 -12.49 12.50
C TYR K 390 37.38 -13.38 13.61
N PRO K 391 38.63 -13.15 14.02
CA PRO K 391 39.39 -14.11 14.82
C PRO K 391 38.65 -14.78 15.97
N MET K 392 39.08 -16.00 16.28
CA MET K 392 38.38 -16.87 17.20
C MET K 392 38.59 -16.51 18.67
N PHE K 393 39.41 -15.50 18.98
CA PHE K 393 39.48 -15.03 20.36
C PHE K 393 38.17 -14.33 20.74
N GLU K 394 37.72 -13.41 19.88
CA GLU K 394 36.44 -12.76 20.11
C GLU K 394 35.30 -13.75 20.04
N ALA K 395 35.36 -14.70 19.10
CA ALA K 395 34.33 -15.73 19.01
C ALA K 395 34.31 -16.60 20.25
N LEU K 396 35.48 -16.93 20.79
CA LEU K 396 35.55 -17.70 22.03
C LEU K 396 34.96 -16.94 23.19
N HIS K 397 35.25 -15.64 23.28
CA HIS K 397 34.65 -14.84 24.37
C HIS K 397 33.14 -14.73 24.19
N THR K 398 32.67 -14.62 22.95
CA THR K 398 31.22 -14.62 22.71
C THR K 398 30.59 -15.94 23.13
N THR K 399 31.26 -17.06 22.83
CA THR K 399 30.77 -18.36 23.24
C THR K 399 30.73 -18.47 24.77
N ASP K 400 31.77 -17.96 25.44
CA ASP K 400 31.79 -17.97 26.89
C ASP K 400 30.64 -17.15 27.46
N TYR K 401 30.38 -15.97 26.88
CA TYR K 401 29.25 -15.16 27.32
C TYR K 401 27.93 -15.90 27.12
N LEU K 402 27.76 -16.52 25.95
CA LEU K 402 26.51 -17.21 25.67
C LEU K 402 26.29 -18.37 26.63
N LEU K 403 27.33 -19.13 26.93
CA LEU K 403 27.19 -20.24 27.86
C LEU K 403 26.94 -19.75 29.28
N GLU K 404 27.68 -18.72 29.71
CA GLU K 404 27.65 -18.33 31.12
C GLU K 404 26.45 -17.46 31.42
N MET K 405 26.37 -16.28 30.80
CA MET K 405 25.43 -15.25 31.20
C MET K 405 24.08 -15.36 30.52
N VAL K 406 23.93 -16.26 29.54
CA VAL K 406 22.67 -16.42 28.84
C VAL K 406 22.13 -17.82 29.04
N ALA K 407 22.94 -18.83 28.71
CA ALA K 407 22.48 -20.22 28.83
C ALA K 407 22.28 -20.64 30.27
N LYS K 408 23.15 -20.20 31.18
CA LYS K 408 23.08 -20.59 32.57
C LYS K 408 22.38 -19.56 33.44
N ASP K 409 21.80 -18.52 32.84
CA ASP K 409 21.07 -17.48 33.56
C ASP K 409 21.93 -16.83 34.64
N ASN K 410 23.22 -16.62 34.31
CA ASN K 410 24.10 -15.95 35.25
C ASN K 410 23.96 -14.44 35.23
N LEU K 411 23.32 -13.87 34.21
CA LEU K 411 22.98 -12.45 34.25
C LEU K 411 22.08 -12.14 35.43
N PHE K 412 21.00 -12.91 35.57
CA PHE K 412 20.05 -12.72 36.67
C PHE K 412 20.76 -12.83 38.03
N LYS K 413 21.48 -13.93 38.25
CA LYS K 413 22.13 -14.17 39.53
C LYS K 413 23.21 -13.13 39.81
N TYR K 414 24.03 -12.81 38.81
CA TYR K 414 25.12 -11.86 39.01
C TYR K 414 24.58 -10.47 39.31
N THR K 415 23.60 -10.02 38.53
CA THR K 415 23.03 -8.69 38.75
C THR K 415 22.39 -8.59 40.12
N LEU K 416 21.66 -9.62 40.54
CA LEU K 416 21.05 -9.56 41.87
C LEU K 416 22.08 -9.66 42.98
N SER K 417 23.14 -10.45 42.79
CA SER K 417 24.15 -10.61 43.83
C SER K 417 24.99 -9.34 43.99
N ASN K 418 25.21 -8.60 42.91
CA ASN K 418 25.97 -7.36 43.00
C ASN K 418 25.30 -6.36 43.93
N LYS K 419 23.97 -6.26 43.85
CA LYS K 419 23.21 -5.36 44.70
C LYS K 419 22.78 -6.03 46.01
N ASN K 420 23.24 -7.24 46.28
CA ASN K 420 23.00 -7.93 47.54
C ASN K 420 21.51 -8.16 47.78
N ILE K 421 20.78 -8.48 46.72
CA ILE K 421 19.38 -8.88 46.87
C ILE K 421 19.34 -10.39 47.02
N LEU K 422 19.74 -11.11 45.96
CA LEU K 422 19.77 -12.56 45.91
C LEU K 422 18.61 -13.19 46.67
N ASN K 423 18.90 -13.80 47.83
CA ASN K 423 17.93 -14.39 48.75
C ASN K 423 17.20 -15.57 48.11
N GLU K 424 16.62 -16.44 48.95
CA GLU K 424 16.10 -17.71 48.48
C GLU K 424 14.92 -17.56 47.55
N ASN K 425 14.11 -16.50 47.72
CA ASN K 425 12.95 -16.31 46.87
C ASN K 425 13.36 -16.10 45.41
N MET K 426 14.40 -15.29 45.18
CA MET K 426 14.86 -15.06 43.82
C MET K 426 15.69 -16.22 43.29
N LYS K 427 16.41 -16.92 44.17
CA LYS K 427 17.26 -18.02 43.72
C LYS K 427 16.45 -19.17 43.14
N ARG K 428 15.22 -19.38 43.63
CA ARG K 428 14.38 -20.43 43.09
C ARG K 428 13.89 -20.14 41.68
N PHE K 429 14.07 -18.91 41.19
CA PHE K 429 13.70 -18.55 39.83
C PHE K 429 14.84 -18.71 38.84
N ILE K 430 16.00 -19.19 39.28
CA ILE K 430 17.13 -19.38 38.38
C ILE K 430 16.81 -20.54 37.44
N LEU K 431 17.01 -20.31 36.15
CA LEU K 431 16.68 -21.29 35.12
C LEU K 431 17.94 -21.86 34.51
N LYS K 432 17.93 -23.17 34.27
CA LYS K 432 19.06 -23.85 33.65
C LYS K 432 18.56 -24.73 32.51
N ASN K 433 19.44 -25.57 31.97
CA ASN K 433 19.11 -26.46 30.84
C ASN K 433 18.63 -25.66 29.64
N LYS K 434 19.47 -24.71 29.21
CA LYS K 434 19.15 -23.83 28.11
C LYS K 434 20.25 -23.88 27.06
N LEU K 435 19.85 -23.66 25.82
CA LEU K 435 20.76 -23.58 24.69
C LEU K 435 20.78 -22.16 24.16
N ALA K 436 21.97 -21.58 24.04
CA ALA K 436 22.14 -20.21 23.55
C ALA K 436 23.09 -20.23 22.37
N PHE K 437 22.70 -19.55 21.29
CA PHE K 437 23.53 -19.53 20.09
C PHE K 437 23.40 -18.18 19.39
N SER K 438 24.50 -17.72 18.81
CA SER K 438 24.55 -16.49 18.05
C SER K 438 25.17 -16.75 16.69
N LEU K 439 24.70 -16.03 15.69
CA LEU K 439 25.23 -16.13 14.33
C LEU K 439 25.58 -14.73 13.84
N GLN K 440 26.87 -14.44 13.74
CA GLN K 440 27.34 -13.16 13.23
C GLN K 440 27.74 -13.35 11.77
N LYS K 441 26.87 -12.93 10.86
CA LYS K 441 27.17 -12.99 9.45
C LYS K 441 28.24 -11.97 9.09
N HIS K 442 28.87 -12.16 7.93
CA HIS K 442 29.97 -11.28 7.55
C HIS K 442 29.43 -9.91 7.16
N SER K 443 29.27 -9.03 8.15
CA SER K 443 28.59 -7.75 7.99
C SER K 443 28.40 -7.13 9.36
N GLY K 444 27.95 -7.92 10.32
CA GLY K 444 27.75 -7.44 11.68
C GLY K 444 26.34 -7.61 12.17
N GLN K 445 25.60 -8.53 11.57
CA GLN K 445 24.22 -8.82 11.97
C GLN K 445 24.23 -10.06 12.85
N ILE K 446 23.72 -9.92 14.08
CA ILE K 446 23.71 -10.98 15.06
C ILE K 446 22.32 -11.59 15.11
N TYR K 447 22.26 -12.92 15.09
CA TYR K 447 21.01 -13.65 15.32
C TYR K 447 21.23 -14.49 16.58
N HIS K 448 20.66 -14.02 17.70
CA HIS K 448 20.95 -14.57 19.01
C HIS K 448 19.65 -14.90 19.73
N THR K 449 19.48 -16.16 20.13
CA THR K 449 18.33 -16.57 20.92
C THR K 449 18.75 -17.63 21.93
N ALA K 450 17.86 -17.90 22.87
CA ALA K 450 18.04 -18.94 23.87
C ALA K 450 16.74 -19.68 24.08
N MET K 451 16.84 -21.00 24.26
CA MET K 451 15.64 -21.82 24.43
C MET K 451 15.95 -22.94 25.40
N SER K 452 14.89 -23.46 26.01
CA SER K 452 15.01 -24.52 27.00
C SER K 452 15.10 -25.88 26.30
N LYS K 453 16.08 -26.68 26.71
CA LYS K 453 16.21 -28.04 26.21
C LYS K 453 15.29 -29.02 26.92
N LYS K 454 14.56 -28.57 27.94
CA LYS K 454 13.53 -29.36 28.59
C LYS K 454 12.19 -29.01 27.97
N GLY K 455 11.39 -30.03 27.69
CA GLY K 455 10.09 -29.83 27.09
C GLY K 455 10.11 -30.14 25.60
N LYS K 456 8.96 -29.88 24.98
CA LYS K 456 8.74 -30.23 23.58
C LYS K 456 9.26 -29.19 22.61
N SER K 457 9.51 -27.97 23.06
CA SER K 457 9.94 -26.91 22.15
C SER K 457 11.27 -27.25 21.50
N TYR K 458 12.20 -27.82 22.27
CA TYR K 458 13.50 -28.19 21.70
C TYR K 458 13.36 -29.26 20.64
N VAL K 459 12.52 -30.26 20.87
CA VAL K 459 12.38 -31.34 19.90
C VAL K 459 11.66 -30.85 18.65
N LYS K 460 10.68 -29.95 18.80
CA LYS K 460 10.05 -29.36 17.63
C LYS K 460 11.04 -28.52 16.83
N PHE K 461 11.90 -27.77 17.54
CA PHE K 461 12.94 -26.98 16.89
C PHE K 461 13.89 -27.86 16.08
N ASN K 462 14.35 -28.95 16.70
CA ASN K 462 15.25 -29.86 16.00
C ASN K 462 14.57 -30.50 14.79
N MET K 463 13.30 -30.90 14.94
CA MET K 463 12.59 -31.50 13.83
C MET K 463 12.38 -30.51 12.70
N LEU K 464 12.12 -29.24 13.02
CA LEU K 464 11.98 -28.22 11.98
C LEU K 464 13.30 -28.02 11.24
N LEU K 465 14.42 -27.97 11.97
CA LEU K 465 15.72 -27.82 11.31
C LEU K 465 16.03 -29.02 10.44
N GLN K 466 15.70 -30.22 10.90
CA GLN K 466 15.88 -31.42 10.08
C GLN K 466 14.99 -31.36 8.84
N LYS K 467 13.78 -30.83 8.99
CA LYS K 467 12.81 -30.83 7.90
C LYS K 467 13.23 -29.89 6.78
N TYR K 468 13.37 -28.60 7.09
CA TYR K 468 13.42 -27.59 6.04
C TYR K 468 14.84 -27.24 5.58
N ILE K 469 15.85 -27.94 6.07
CA ILE K 469 17.21 -27.76 5.56
C ILE K 469 17.45 -28.78 4.46
N LEU K 470 17.82 -28.29 3.28
CA LEU K 470 17.92 -29.15 2.11
C LEU K 470 19.10 -30.11 2.23
N LYS K 471 18.92 -31.31 1.69
CA LYS K 471 19.95 -32.35 1.72
C LYS K 471 20.74 -32.30 0.41
N ASN K 472 22.05 -32.15 0.53
CA ASN K 472 22.96 -32.11 -0.63
C ASN K 472 22.54 -31.04 -1.64
N SER K 481 11.78 -33.74 0.31
CA SER K 481 12.21 -32.47 -0.25
C SER K 481 11.19 -31.37 0.05
N GLU K 482 10.94 -31.14 1.35
CA GLU K 482 10.01 -30.10 1.75
C GLU K 482 10.56 -28.73 1.41
N LYS K 483 9.67 -27.86 0.92
CA LYS K 483 10.07 -26.55 0.42
C LYS K 483 9.96 -25.49 1.51
N PHE K 484 10.84 -24.50 1.43
CA PHE K 484 10.94 -23.45 2.43
C PHE K 484 10.55 -22.11 1.81
N LEU K 485 9.71 -21.36 2.52
CA LEU K 485 9.34 -20.01 2.12
C LEU K 485 10.18 -19.00 2.90
N SER K 486 10.74 -18.02 2.19
CA SER K 486 11.62 -17.05 2.82
C SER K 486 10.91 -15.78 3.25
N SER K 487 9.69 -15.53 2.76
CA SER K 487 8.96 -14.33 3.13
C SER K 487 8.24 -14.45 4.46
N VAL K 488 8.10 -15.66 5.00
CA VAL K 488 7.55 -15.82 6.34
C VAL K 488 8.51 -15.22 7.36
N ILE K 489 9.81 -15.22 7.05
CA ILE K 489 10.82 -14.71 7.97
C ILE K 489 10.58 -13.23 8.24
N GLN K 490 10.38 -12.44 7.20
CA GLN K 490 10.15 -11.02 7.37
C GLN K 490 8.75 -10.73 7.91
N MET K 491 7.79 -11.64 7.73
CA MET K 491 6.50 -11.50 8.40
C MET K 491 6.67 -11.62 9.90
N ILE K 492 7.51 -12.55 10.36
CA ILE K 492 7.72 -12.72 11.80
C ILE K 492 8.32 -11.45 12.40
N ARG K 493 9.33 -10.89 11.73
CA ARG K 493 9.96 -9.67 12.25
C ARG K 493 9.00 -8.49 12.23
N ALA K 494 8.35 -8.26 11.08
CA ALA K 494 7.52 -7.07 10.93
C ALA K 494 6.27 -7.14 11.78
N HIS K 495 5.63 -8.32 11.84
CA HIS K 495 4.39 -8.50 12.56
C HIS K 495 4.61 -9.03 13.98
N ALA K 496 5.77 -8.71 14.58
CA ALA K 496 6.10 -9.24 15.90
C ALA K 496 5.12 -8.75 16.96
N GLU K 497 4.71 -7.48 16.89
CA GLU K 497 3.78 -6.95 17.89
C GLU K 497 2.41 -7.63 17.77
N ILE K 498 1.93 -7.82 16.54
CA ILE K 498 0.66 -8.50 16.32
C ILE K 498 0.75 -9.95 16.81
N LEU K 499 1.87 -10.61 16.54
CA LEU K 499 2.06 -11.97 17.06
C LEU K 499 2.09 -11.98 18.58
N GLN K 500 2.64 -10.93 19.20
CA GLN K 500 2.62 -10.82 20.65
C GLN K 500 1.20 -10.73 21.18
N ILE K 501 0.36 -9.92 20.52
CA ILE K 501 -1.05 -9.83 20.92
C ILE K 501 -1.73 -11.20 20.79
N ILE K 502 -1.49 -11.87 19.66
CA ILE K 502 -2.12 -13.17 19.42
C ILE K 502 -1.68 -14.19 20.47
N LEU K 503 -0.38 -14.21 20.78
CA LEU K 503 0.12 -15.14 21.80
C LEU K 503 -0.47 -14.83 23.17
N GLN K 504 -0.58 -13.54 23.52
CA GLN K 504 -1.11 -13.19 24.83
C GLN K 504 -2.60 -13.45 24.94
N ASN K 505 -3.32 -13.54 23.82
CA ASN K 505 -4.72 -13.96 23.87
C ASN K 505 -4.77 -15.45 24.18
N GLU K 506 -5.04 -15.78 25.44
CA GLU K 506 -4.90 -17.16 25.90
C GLU K 506 -5.95 -18.08 25.29
N ASP K 507 -7.21 -17.67 25.34
CA ASP K 507 -8.32 -18.59 25.04
C ASP K 507 -8.27 -19.09 23.61
N LYS K 508 -8.01 -18.21 22.65
CA LYS K 508 -8.06 -18.54 21.23
C LYS K 508 -6.70 -18.34 20.56
N ARG K 509 -5.62 -18.70 21.27
CA ARG K 509 -4.28 -18.43 20.75
C ARG K 509 -3.97 -19.25 19.51
N THR K 510 -4.21 -20.57 19.57
CA THR K 510 -3.93 -21.42 18.41
C THR K 510 -4.80 -21.04 17.22
N GLU K 511 -6.09 -20.81 17.48
CA GLU K 511 -7.00 -20.42 16.40
C GLU K 511 -6.59 -19.09 15.79
N MET K 512 -6.25 -18.11 16.62
CA MET K 512 -5.86 -16.80 16.11
C MET K 512 -4.54 -16.87 15.35
N LEU K 513 -3.60 -17.70 15.83
CA LEU K 513 -2.34 -17.87 15.10
C LEU K 513 -2.57 -18.49 13.73
N LYS K 514 -3.41 -19.53 13.67
CA LYS K 514 -3.70 -20.15 12.38
C LYS K 514 -4.41 -19.17 11.45
N ASN K 515 -5.36 -18.39 11.99
CA ASN K 515 -6.07 -17.42 11.16
C ASN K 515 -5.12 -16.34 10.65
N TYR K 516 -4.20 -15.89 11.49
CA TYR K 516 -3.25 -14.87 11.03
C TYR K 516 -2.32 -15.42 9.96
N PHE K 517 -1.80 -16.63 10.16
CA PHE K 517 -0.91 -17.20 9.16
C PHE K 517 -1.63 -17.60 7.88
N ASP K 518 -2.95 -17.76 7.94
CA ASP K 518 -3.73 -18.04 6.74
C ASP K 518 -4.15 -16.77 6.00
N ASN K 519 -4.54 -15.73 6.74
CA ASN K 519 -4.98 -14.48 6.12
C ASN K 519 -3.80 -13.77 5.45
N ASN K 520 -2.67 -13.68 6.15
CA ASN K 520 -1.42 -13.44 5.46
C ASN K 520 -1.02 -14.73 4.75
N PHE K 521 -0.24 -14.59 3.68
CA PHE K 521 0.11 -15.73 2.82
C PHE K 521 -1.15 -16.42 2.29
N ASN K 522 -2.12 -15.61 1.86
CA ASN K 522 -3.39 -16.11 1.36
C ASN K 522 -3.42 -16.18 -0.17
N GLU K 523 -2.29 -16.48 -0.79
CA GLU K 523 -2.17 -16.54 -2.24
C GLU K 523 -1.97 -17.98 -2.69
N SER K 524 -1.97 -18.16 -4.02
CA SER K 524 -1.94 -19.51 -4.58
C SER K 524 -0.61 -20.21 -4.29
N CYS K 525 0.50 -19.48 -4.32
CA CYS K 525 1.80 -20.09 -4.10
C CYS K 525 1.97 -20.63 -2.68
N HIS K 526 1.15 -20.16 -1.74
CA HIS K 526 1.34 -20.51 -0.34
C HIS K 526 0.67 -21.83 0.05
N LEU K 527 -0.08 -22.47 -0.86
CA LEU K 527 -0.70 -23.74 -0.54
C LEU K 527 0.32 -24.86 -0.40
N GLY K 528 1.50 -24.70 -0.98
CA GLY K 528 2.55 -25.70 -0.85
C GLY K 528 3.38 -25.60 0.41
N TYR K 529 3.17 -24.55 1.22
CA TYR K 529 3.93 -24.35 2.45
C TYR K 529 3.02 -24.39 3.67
N THR K 530 1.93 -25.15 3.62
CA THR K 530 1.07 -25.28 4.79
C THR K 530 1.77 -26.05 5.91
N GLY K 531 2.64 -27.00 5.56
CA GLY K 531 3.39 -27.70 6.58
C GLY K 531 4.35 -26.79 7.33
N LEU K 532 5.02 -25.88 6.61
CA LEU K 532 5.90 -24.93 7.27
C LEU K 532 5.13 -24.01 8.21
N PHE K 533 3.98 -23.51 7.76
CA PHE K 533 3.21 -22.57 8.57
C PHE K 533 2.75 -23.20 9.88
N GLU K 534 2.18 -24.41 9.80
CA GLU K 534 1.68 -25.05 11.01
C GLU K 534 2.81 -25.48 11.93
N ASP K 535 3.95 -25.91 11.37
CA ASP K 535 5.11 -26.19 12.20
C ASP K 535 5.54 -24.95 12.96
N ILE K 536 5.59 -23.81 12.27
CA ILE K 536 5.98 -22.56 12.92
C ILE K 536 4.98 -22.20 14.01
N GLN K 537 3.69 -22.36 13.73
CA GLN K 537 2.66 -22.01 14.72
C GLN K 537 2.79 -22.87 15.97
N THR K 538 2.94 -24.18 15.80
CA THR K 538 3.06 -25.06 16.95
C THR K 538 4.33 -24.78 17.75
N LEU K 539 5.45 -24.57 17.05
CA LEU K 539 6.69 -24.28 17.75
C LEU K 539 6.60 -22.96 18.51
N LEU K 540 5.98 -21.95 17.90
CA LEU K 540 5.81 -20.66 18.56
C LEU K 540 4.92 -20.78 19.80
N CYS K 541 3.81 -21.52 19.69
CA CYS K 541 2.93 -21.69 20.84
C CYS K 541 3.64 -22.42 21.98
N LEU K 542 4.38 -23.49 21.65
CA LEU K 542 5.12 -24.22 22.67
C LEU K 542 6.18 -23.34 23.32
N ARG K 543 6.90 -22.57 22.51
CA ARG K 543 7.91 -21.67 23.04
C ARG K 543 7.30 -20.63 23.96
N TYR K 544 6.15 -20.07 23.58
CA TYR K 544 5.49 -19.09 24.44
C TYR K 544 5.04 -19.71 25.75
N GLN K 545 4.49 -20.93 25.70
CA GLN K 545 4.05 -21.58 26.93
C GLN K 545 5.22 -21.83 27.88
N GLU K 546 6.31 -22.37 27.36
CA GLU K 546 7.48 -22.59 28.20
C GLU K 546 8.04 -21.27 28.71
N ASN K 547 8.03 -20.23 27.87
CA ASN K 547 8.52 -18.92 28.28
C ASN K 547 7.70 -18.36 29.43
N ILE K 548 6.38 -18.43 29.34
CA ILE K 548 5.54 -17.88 30.40
C ILE K 548 5.76 -18.69 31.69
N GLN K 549 5.82 -20.02 31.57
CA GLN K 549 6.04 -20.84 32.76
C GLN K 549 7.36 -20.52 33.43
N ASP K 550 8.41 -20.30 32.64
CA ASP K 550 9.73 -20.03 33.22
C ASP K 550 9.87 -18.61 33.74
N TYR K 551 9.19 -17.63 33.14
CA TYR K 551 9.55 -16.23 33.34
C TYR K 551 8.48 -15.35 33.97
N GLN K 552 7.21 -15.76 34.04
CA GLN K 552 6.17 -14.81 34.39
C GLN K 552 6.32 -14.32 35.84
N ASN K 553 6.38 -15.24 36.79
CA ASN K 553 6.51 -14.85 38.19
C ASN K 553 7.85 -14.16 38.45
N ARG K 554 8.90 -14.63 37.78
CA ARG K 554 10.20 -13.99 37.88
C ARG K 554 10.13 -12.52 37.47
N ASN K 555 9.52 -12.25 36.32
CA ASN K 555 9.40 -10.87 35.85
C ASN K 555 8.55 -10.04 36.80
N GLU K 556 7.43 -10.61 37.27
CA GLU K 556 6.57 -9.87 38.19
C GLU K 556 7.33 -9.46 39.45
N ILE K 557 8.09 -10.39 40.03
CA ILE K 557 8.79 -10.09 41.27
C ILE K 557 9.97 -9.15 41.02
N ILE K 558 10.65 -9.28 39.86
CA ILE K 558 11.71 -8.33 39.52
C ILE K 558 11.14 -6.93 39.40
N GLN K 559 9.95 -6.80 38.81
CA GLN K 559 9.34 -5.48 38.65
C GLN K 559 9.08 -4.83 40.00
N GLN K 560 8.66 -5.62 41.00
CA GLN K 560 8.34 -5.07 42.31
C GLN K 560 9.57 -4.73 43.13
N ASN K 561 10.75 -5.21 42.75
CA ASN K 561 11.94 -5.03 43.56
C ASN K 561 12.22 -3.54 43.76
N THR K 562 12.55 -3.17 45.00
CA THR K 562 12.55 -1.78 45.43
C THR K 562 13.91 -1.10 45.31
N ILE K 563 14.97 -1.84 45.04
CA ILE K 563 16.31 -1.25 44.92
C ILE K 563 16.88 -1.36 43.51
N LEU K 564 16.29 -2.16 42.64
CA LEU K 564 16.81 -2.32 41.29
C LEU K 564 16.60 -1.04 40.49
N THR K 565 17.64 -0.62 39.79
CA THR K 565 17.51 0.51 38.87
C THR K 565 16.74 0.08 37.63
N SER K 566 16.14 1.07 36.95
CA SER K 566 15.32 0.77 35.77
C SER K 566 16.14 0.10 34.68
N ASP K 567 17.42 0.46 34.54
CA ASP K 567 18.26 -0.20 33.56
C ASP K 567 18.39 -1.70 33.84
N GLU K 568 18.63 -2.04 35.11
CA GLU K 568 18.77 -3.45 35.48
C GLU K 568 17.45 -4.19 35.33
N LYS K 569 16.33 -3.56 35.71
CA LYS K 569 15.03 -4.18 35.49
C LYS K 569 14.79 -4.45 34.01
N GLU K 570 15.14 -3.49 33.15
CA GLU K 570 14.90 -3.65 31.73
C GLU K 570 15.79 -4.73 31.13
N ILE K 571 17.06 -4.83 31.55
CA ILE K 571 17.90 -5.90 31.02
C ILE K 571 17.60 -7.24 31.66
N LEU K 572 16.82 -7.27 32.74
CA LEU K 572 16.48 -8.53 33.39
C LEU K 572 15.08 -9.03 33.05
N ILE K 573 14.15 -8.14 32.70
CA ILE K 573 12.77 -8.55 32.43
C ILE K 573 12.71 -9.05 30.99
N VAL K 574 12.45 -10.34 30.83
CA VAL K 574 12.34 -10.97 29.52
C VAL K 574 10.87 -11.13 29.17
N SER K 575 10.46 -10.53 28.06
CA SER K 575 9.07 -10.61 27.63
C SER K 575 8.80 -12.03 27.13
N PRO K 576 7.82 -12.74 27.69
CA PRO K 576 7.61 -14.14 27.27
C PRO K 576 7.29 -14.31 25.80
N ALA K 577 6.51 -13.40 25.21
CA ALA K 577 6.05 -13.59 23.85
C ALA K 577 7.10 -13.14 22.83
N MET K 578 7.74 -12.00 23.07
CA MET K 578 8.73 -11.50 22.12
C MET K 578 9.95 -12.41 22.06
N ASP K 579 10.32 -13.04 23.17
CA ASP K 579 11.43 -13.98 23.14
C ASP K 579 11.10 -15.20 22.30
N ALA K 580 9.87 -15.70 22.40
CA ALA K 580 9.46 -16.82 21.55
C ALA K 580 9.43 -16.41 20.08
N ILE K 581 8.92 -15.22 19.79
CA ILE K 581 8.92 -14.72 18.41
C ILE K 581 10.34 -14.62 17.88
N HIS K 582 11.26 -14.10 18.70
CA HIS K 582 12.64 -13.96 18.26
C HIS K 582 13.30 -15.32 18.07
N THR K 583 12.97 -16.30 18.93
CA THR K 583 13.50 -17.64 18.74
C THR K 583 13.05 -18.24 17.43
N ILE K 584 11.75 -18.11 17.11
CA ILE K 584 11.25 -18.64 15.85
C ILE K 584 11.90 -17.91 14.68
N PHE K 585 12.06 -16.59 14.80
CA PHE K 585 12.68 -15.80 13.74
C PHE K 585 14.12 -16.23 13.49
N THR K 586 14.89 -16.43 14.56
CA THR K 586 16.28 -16.85 14.41
C THR K 586 16.39 -18.27 13.86
N ALA K 587 15.49 -19.17 14.28
CA ALA K 587 15.48 -20.51 13.71
C ALA K 587 15.23 -20.46 12.20
N LEU K 588 14.24 -19.66 11.79
CA LEU K 588 13.94 -19.53 10.36
C LEU K 588 15.12 -18.94 9.61
N GLN K 589 15.78 -17.94 10.19
CA GLN K 589 16.90 -17.32 9.50
C GLN K 589 18.08 -18.25 9.42
N PHE K 590 18.29 -19.09 10.43
CA PHE K 590 19.33 -20.11 10.34
C PHE K 590 19.03 -21.10 9.23
N ILE K 591 17.76 -21.51 9.10
CA ILE K 591 17.39 -22.41 8.01
C ILE K 591 17.67 -21.77 6.67
N HIS K 592 17.29 -20.50 6.52
CA HIS K 592 17.51 -19.80 5.24
C HIS K 592 19.01 -19.63 4.97
N PHE K 593 19.79 -19.33 5.99
CA PHE K 593 21.23 -19.13 5.83
C PHE K 593 21.91 -20.43 5.43
N ILE K 594 21.44 -21.56 5.96
CA ILE K 594 21.99 -22.85 5.54
C ILE K 594 21.57 -23.17 4.11
N ASN K 595 20.30 -22.91 3.76
CA ASN K 595 19.78 -23.36 2.48
C ASN K 595 20.33 -22.57 1.31
N TYR K 596 20.36 -21.25 1.41
CA TYR K 596 20.54 -20.39 0.25
C TYR K 596 22.02 -20.29 -0.12
N ASN K 597 22.35 -20.63 -1.36
CA ASN K 597 23.69 -20.46 -1.88
C ASN K 597 23.76 -19.23 -2.78
N LYS K 598 24.94 -18.61 -2.82
CA LYS K 598 25.11 -17.36 -3.55
C LYS K 598 24.98 -17.49 -5.06
N ASP K 599 24.67 -18.68 -5.57
CA ASP K 599 24.48 -18.87 -7.01
C ASP K 599 23.35 -18.01 -7.54
PG ATP L . 26.30 -24.23 37.45
O1G ATP L . 27.30 -23.19 37.11
O2G ATP L . 25.32 -24.54 36.31
O3G ATP L . 25.50 -23.92 38.72
PB ATP L . 28.13 -26.22 38.72
O1B ATP L . 28.53 -25.26 39.76
O2B ATP L . 27.60 -27.57 39.23
O3B ATP L . 27.03 -25.62 37.75
PA ATP L . 30.89 -26.64 37.77
O1A ATP L . 31.44 -25.76 38.82
O2A ATP L . 31.43 -26.42 36.36
O3A ATP L . 29.31 -26.52 37.69
O5' ATP L . 31.11 -28.16 38.16
C5' ATP L . 32.28 -28.59 38.88
C4' ATP L . 31.89 -29.74 39.77
O4' ATP L . 32.05 -30.97 39.03
C3' ATP L . 32.73 -29.92 41.04
O3' ATP L . 32.04 -29.39 42.16
C2' ATP L . 32.94 -31.44 41.16
O2' ATP L . 32.44 -31.94 42.39
C1' ATP L . 32.13 -32.01 39.98
N9 ATP L . 32.73 -33.17 39.35
C8 ATP L . 33.70 -33.18 38.39
N7 ATP L . 34.06 -34.39 38.00
C5 ATP L . 33.25 -35.22 38.75
C6 ATP L . 33.14 -36.62 38.82
N6 ATP L . 33.86 -37.46 38.08
N1 ATP L . 32.24 -37.14 39.69
C2 ATP L . 31.51 -36.30 40.44
N3 ATP L . 31.53 -34.97 40.46
C4 ATP L . 32.43 -34.48 39.60
N SAM M . 39.22 -24.50 37.17
CA SAM M . 38.91 -23.59 38.25
C SAM M . 40.20 -23.06 38.92
O SAM M . 40.08 -22.37 39.94
OXT SAM M . 41.27 -23.37 38.34
CB SAM M . 38.03 -24.25 39.32
CG SAM M . 36.63 -24.63 38.87
SD SAM M . 36.34 -26.41 39.15
CE SAM M . 37.97 -27.12 38.95
C5' SAM M . 35.51 -26.89 37.60
C4' SAM M . 35.80 -25.99 36.41
O4' SAM M . 37.18 -25.94 36.12
C3' SAM M . 35.14 -26.56 35.15
O3' SAM M . 33.81 -26.16 35.09
C2' SAM M . 36.05 -26.02 34.04
O2' SAM M . 35.60 -24.73 33.70
C1' SAM M . 37.42 -25.93 34.73
N9 SAM M . 38.37 -26.97 34.41
C8 SAM M . 38.59 -28.07 35.19
N7 SAM M . 39.48 -28.88 34.73
C5 SAM M . 39.91 -28.29 33.56
C6 SAM M . 40.87 -28.66 32.61
N6 SAM M . 41.58 -29.79 32.71
N1 SAM M . 41.05 -27.87 31.56
C2 SAM M . 40.34 -26.76 31.47
N3 SAM M . 39.42 -26.29 32.30
C4 SAM M . 39.23 -27.10 33.34
MN MN N . 32.16 -27.39 34.63
#